data_7UUW
#
_entry.id   7UUW
#
_cell.length_a   1.00
_cell.length_b   1.00
_cell.length_c   1.00
_cell.angle_alpha   90.00
_cell.angle_beta   90.00
_cell.angle_gamma   90.00
#
_symmetry.space_group_name_H-M   'P 1'
#
loop_
_entity.id
_entity.type
_entity.pdbx_description
1 polymer 'Actin, alpha skeletal muscle'
2 polymer 'Alpha-catenin-like protein hmp-1'
3 non-polymer "ADENOSINE-5'-DIPHOSPHATE"
4 non-polymer 'MAGNESIUM ION'
#
loop_
_entity_poly.entity_id
_entity_poly.type
_entity_poly.pdbx_seq_one_letter_code
_entity_poly.pdbx_strand_id
1 'polypeptide(L)'
;MCDEDETTALVCDNGSGLVKAGFAGDDAPRAVFPSIVGRPRHQGVMVGMGQKDSYVGDEAQSKRGILTLKYPIE(HIC)G
IITNWDDMEKIWHHTFYNELRVAPEEHPTLLTEAPLNPKANREKMTQIMFETFNVPAMYVAIQAVLSLYASGRTTGIVLD
SGDGVTHNVPIYEGYALPHAIMRLDLAGRDLTDYLMKILTERGYSFVTTAEREIVRDIKEKLCYVALDFENEMATAASSS
SLEKSYELPDGQVITIGNERFRCPETLFQPSFIGMESAGIHETTYNSIMKCDIDIRKDLYANNVMSGGTTMYPGIADRMQ
KEITALAPSTMKIKIIAPPERKYSVWIGGSILASLSTFQQMWITKQEYDEAGPSIVHRKCF
;
A,B,C,D,E,F
2 'polypeptide(L)'
;NLMRRLPEEEKKKIQAQIDIFKVTQTRFEREVAKWDETGNDIISLANNMCKIMMSMTEFTRGCGPLKTTMDVIRAAQEIS
LNGSKLNALARQIGEESADSQTKKDLLAYLSQITLYCQQLNICSKVKADVTQVGNELVVSALDSAMSLIQTARNLLTAVV
QTVKAAYIASTKFRRPNANSVRVEWRMAPPKKQPLIRPQKNNAIIRRASERRPLQPAKVLAEFTRNEIETGRDSDDEELD
RRHQQRINGRL
;
G,H,I,K,L,Z
#
loop_
_chem_comp.id
_chem_comp.type
_chem_comp.name
_chem_comp.formula
ADP non-polymer ADENOSINE-5'-DIPHOSPHATE 'C10 H15 N5 O10 P2'
MG non-polymer 'MAGNESIUM ION' 'Mg 2'
#
# COMPACT_ATOMS: atom_id res chain seq x y z
N THR A 7 31.13 -60.74 54.34
CA THR A 7 30.55 -60.92 53.01
C THR A 7 31.64 -60.78 51.94
N THR A 8 31.28 -60.19 50.80
CA THR A 8 32.19 -59.95 49.71
C THR A 8 32.54 -58.47 49.66
N ALA A 9 33.83 -58.17 49.53
CA ALA A 9 34.30 -56.81 49.67
C ALA A 9 34.18 -56.04 48.36
N LEU A 10 33.88 -54.76 48.46
CA LEU A 10 33.87 -53.86 47.32
C LEU A 10 35.27 -53.34 47.06
N VAL A 11 35.54 -52.99 45.81
CA VAL A 11 36.82 -52.42 45.42
C VAL A 11 36.51 -51.21 44.53
N CYS A 12 36.47 -50.03 45.12
CA CYS A 12 36.12 -48.80 44.41
C CYS A 12 37.40 -48.01 44.17
N ASP A 13 37.86 -47.99 42.91
CA ASP A 13 39.08 -47.27 42.53
C ASP A 13 38.68 -45.93 41.94
N ASN A 14 38.34 -44.99 42.81
CA ASN A 14 37.88 -43.67 42.38
C ASN A 14 39.07 -42.87 41.89
N GLY A 15 39.37 -43.00 40.61
CA GLY A 15 40.44 -42.24 40.02
C GLY A 15 40.05 -40.79 39.87
N SER A 16 40.95 -40.03 39.23
CA SER A 16 40.67 -38.62 39.00
C SER A 16 39.77 -38.40 37.79
N GLY A 17 39.72 -39.35 36.87
CA GLY A 17 38.93 -39.19 35.67
C GLY A 17 37.85 -40.22 35.46
N LEU A 18 38.05 -41.43 35.99
CA LEU A 18 37.09 -42.51 35.86
C LEU A 18 36.92 -43.21 37.19
N VAL A 19 35.71 -43.66 37.46
CA VAL A 19 35.40 -44.45 38.66
C VAL A 19 35.20 -45.88 38.22
N LYS A 20 35.95 -46.80 38.83
CA LYS A 20 35.95 -48.20 38.45
C LYS A 20 35.68 -49.03 39.71
N ALA A 21 34.45 -49.52 39.86
CA ALA A 21 34.05 -50.26 41.04
C ALA A 21 33.73 -51.70 40.67
N GLY A 22 33.64 -52.54 41.69
CA GLY A 22 33.39 -53.95 41.47
C GLY A 22 33.40 -54.69 42.78
N PHE A 23 33.42 -56.01 42.69
CA PHE A 23 33.45 -56.87 43.86
C PHE A 23 34.81 -57.56 43.96
N ALA A 24 35.32 -57.68 45.17
CA ALA A 24 36.62 -58.31 45.37
C ALA A 24 36.54 -59.78 44.99
N GLY A 25 37.61 -60.28 44.38
CA GLY A 25 37.68 -61.64 43.91
C GLY A 25 37.39 -61.79 42.43
N ASP A 26 36.75 -60.80 41.82
CA ASP A 26 36.46 -60.85 40.39
C ASP A 26 37.72 -60.51 39.61
N ASP A 27 37.58 -60.34 38.30
CA ASP A 27 38.69 -59.96 37.44
C ASP A 27 38.36 -58.79 36.53
N ALA A 28 37.24 -58.10 36.77
CA ALA A 28 36.86 -56.97 35.94
C ALA A 28 35.83 -56.15 36.70
N PRO A 29 35.87 -54.83 36.56
CA PRO A 29 34.91 -53.99 37.28
C PRO A 29 33.51 -54.13 36.72
N ARG A 30 32.51 -53.89 37.58
CA ARG A 30 31.13 -53.88 37.13
C ARG A 30 30.74 -52.52 36.58
N ALA A 31 31.14 -51.46 37.27
CA ALA A 31 30.80 -50.09 36.89
C ALA A 31 32.06 -49.35 36.48
N VAL A 32 32.05 -48.80 35.26
CA VAL A 32 33.13 -47.95 34.79
C VAL A 32 32.51 -46.72 34.13
N PHE A 33 32.43 -45.61 34.87
CA PHE A 33 31.79 -44.41 34.37
C PHE A 33 32.67 -43.21 34.70
N PRO A 34 32.57 -42.13 33.93
CA PRO A 34 33.37 -40.94 34.22
C PRO A 34 32.97 -40.32 35.55
N SER A 35 33.94 -39.65 36.17
CA SER A 35 33.73 -39.03 37.47
C SER A 35 33.42 -37.56 37.30
N ILE A 36 32.23 -37.29 36.76
CA ILE A 36 31.76 -35.93 36.51
C ILE A 36 30.39 -35.75 37.13
N VAL A 37 30.06 -34.50 37.44
CA VAL A 37 28.74 -34.15 37.97
C VAL A 37 28.22 -32.93 37.25
N GLY A 38 27.39 -33.14 36.23
CA GLY A 38 26.86 -32.03 35.48
C GLY A 38 25.64 -31.41 36.15
N ARG A 39 25.46 -30.12 35.91
CA ARG A 39 24.30 -29.38 36.39
C ARG A 39 23.79 -28.51 35.24
N PRO A 40 22.50 -28.54 34.95
CA PRO A 40 22.00 -27.78 33.80
C PRO A 40 22.20 -26.30 33.98
N ARG A 41 22.50 -25.62 32.87
CA ARG A 41 22.77 -24.18 32.90
C ARG A 41 21.79 -23.35 32.08
N HIS A 42 21.08 -23.95 31.13
CA HIS A 42 20.13 -23.21 30.31
C HIS A 42 18.82 -23.06 31.07
N GLN A 43 17.78 -22.60 30.38
CA GLN A 43 16.48 -22.35 30.99
C GLN A 43 15.49 -23.43 30.59
N GLY A 44 14.82 -24.02 31.57
CA GLY A 44 13.83 -25.03 31.31
C GLY A 44 12.48 -24.40 31.03
N VAL A 45 11.84 -24.87 29.96
CA VAL A 45 10.57 -24.30 29.53
C VAL A 45 9.41 -25.30 29.56
N MET A 46 9.67 -26.60 29.58
CA MET A 46 8.60 -27.59 29.63
C MET A 46 8.43 -28.07 31.07
N VAL A 47 7.18 -28.04 31.54
CA VAL A 47 6.90 -28.36 32.93
C VAL A 47 7.10 -29.84 33.18
N GLY A 48 7.80 -30.17 34.26
CA GLY A 48 8.12 -31.53 34.60
C GLY A 48 9.48 -31.98 34.12
N MET A 49 10.06 -31.31 33.14
CA MET A 49 11.41 -31.57 32.68
C MET A 49 12.33 -30.50 33.25
N GLY A 50 13.34 -30.93 34.00
CA GLY A 50 14.19 -30.01 34.73
C GLY A 50 14.06 -30.10 36.23
N GLN A 51 13.36 -31.11 36.75
CA GLN A 51 13.27 -31.27 38.20
C GLN A 51 14.58 -31.79 38.78
N LYS A 52 15.37 -32.51 38.00
CA LYS A 52 16.60 -33.11 38.48
C LYS A 52 17.71 -32.06 38.45
N ASP A 53 18.29 -31.77 39.61
CA ASP A 53 19.26 -30.69 39.72
C ASP A 53 20.63 -31.06 39.19
N SER A 54 21.03 -32.33 39.27
CA SER A 54 22.38 -32.70 38.89
C SER A 54 22.40 -34.12 38.34
N TYR A 55 23.12 -34.30 37.25
CA TYR A 55 23.29 -35.60 36.62
C TYR A 55 24.73 -36.06 36.87
N VAL A 56 24.88 -37.34 37.21
CA VAL A 56 26.14 -37.87 37.71
C VAL A 56 26.61 -39.00 36.80
N GLY A 57 27.87 -38.95 36.40
CA GLY A 57 28.46 -40.07 35.70
C GLY A 57 28.01 -40.22 34.26
N ASP A 58 27.42 -41.37 33.93
CA ASP A 58 27.08 -41.64 32.53
C ASP A 58 25.86 -40.87 32.07
N GLU A 59 24.96 -40.48 32.97
CA GLU A 59 23.81 -39.69 32.56
C GLU A 59 24.13 -38.22 32.37
N ALA A 60 25.30 -37.77 32.81
CA ALA A 60 25.78 -36.43 32.51
C ALA A 60 26.71 -36.39 31.33
N GLN A 61 27.08 -37.56 30.79
CA GLN A 61 27.90 -37.61 29.59
C GLN A 61 27.01 -37.69 28.35
N SER A 62 25.80 -38.23 28.50
CA SER A 62 24.83 -38.22 27.41
C SER A 62 24.19 -36.86 27.24
N LYS A 63 23.83 -36.22 28.35
CA LYS A 63 23.16 -34.91 28.32
C LYS A 63 24.13 -33.75 28.39
N ARG A 64 25.38 -33.94 27.97
CA ARG A 64 26.39 -32.90 28.19
C ARG A 64 26.14 -31.66 27.36
N GLY A 65 25.20 -31.70 26.41
CA GLY A 65 24.95 -30.53 25.59
C GLY A 65 24.36 -29.37 26.38
N ILE A 66 23.75 -29.64 27.52
CA ILE A 66 23.07 -28.61 28.30
C ILE A 66 23.56 -28.60 29.74
N LEU A 67 24.81 -29.02 29.97
CA LEU A 67 25.35 -29.13 31.32
C LEU A 67 26.75 -28.54 31.37
N THR A 68 27.18 -28.22 32.58
CA THR A 68 28.55 -27.80 32.88
C THR A 68 29.18 -28.91 33.70
N LEU A 69 29.87 -29.83 33.04
CA LEU A 69 30.49 -30.95 33.73
C LEU A 69 31.64 -30.47 34.60
N LYS A 70 31.69 -30.95 35.84
CA LYS A 70 32.71 -30.55 36.80
C LYS A 70 33.25 -31.78 37.51
N TYR A 71 34.53 -32.06 37.33
CA TYR A 71 35.16 -33.18 37.99
C TYR A 71 35.37 -32.86 39.47
N PRO A 72 34.87 -33.67 40.39
CA PRO A 72 35.12 -33.39 41.81
C PRO A 72 36.55 -33.66 42.24
N ILE A 73 37.21 -34.67 41.68
CA ILE A 73 38.60 -34.99 42.01
C ILE A 73 39.49 -34.28 41.01
N GLU A 74 40.51 -33.57 41.52
CA GLU A 74 41.33 -32.72 40.67
C GLU A 74 42.80 -32.78 41.05
N HIC A 75 43.55 -33.62 40.35
CA HIC A 75 44.96 -33.89 40.60
C HIC A 75 45.08 -34.89 41.74
O HIC A 75 45.98 -34.88 42.56
CB HIC A 75 45.87 -32.70 40.97
CG HIC A 75 46.24 -31.84 39.84
ND1 HIC A 75 46.55 -32.28 38.56
CD2 HIC A 75 46.34 -30.44 39.90
CE1 HIC A 75 46.83 -31.16 37.84
NE2 HIC A 75 46.71 -30.01 38.64
CZ HIC A 75 46.92 -28.67 38.23
N GLY A 76 44.12 -35.79 41.78
CA GLY A 76 44.10 -36.85 42.77
C GLY A 76 43.59 -36.42 44.13
N ILE A 77 43.31 -35.12 44.27
CA ILE A 77 42.87 -34.53 45.53
C ILE A 77 41.42 -34.11 45.36
N ILE A 78 40.56 -34.55 46.27
CA ILE A 78 39.12 -34.32 46.15
C ILE A 78 38.84 -32.87 46.54
N THR A 79 38.66 -32.00 45.56
CA THR A 79 38.42 -30.59 45.83
C THR A 79 37.00 -30.34 46.30
N ASN A 80 36.02 -31.04 45.73
CA ASN A 80 34.61 -30.87 46.06
C ASN A 80 34.13 -32.12 46.76
N TRP A 81 33.56 -31.95 47.95
CA TRP A 81 33.16 -33.10 48.75
C TRP A 81 31.69 -33.47 48.61
N ASP A 82 30.80 -32.49 48.42
CA ASP A 82 29.41 -32.81 48.15
C ASP A 82 29.26 -33.57 46.83
N ASP A 83 29.96 -33.10 45.80
CA ASP A 83 29.92 -33.81 44.52
C ASP A 83 30.50 -35.20 44.64
N MET A 84 31.51 -35.39 45.49
CA MET A 84 32.10 -36.71 45.60
C MET A 84 31.22 -37.64 46.43
N GLU A 85 30.48 -37.10 47.39
CA GLU A 85 29.41 -37.88 48.01
C GLU A 85 28.38 -38.29 46.97
N LYS A 86 28.03 -37.40 46.05
CA LYS A 86 27.11 -37.77 44.98
C LYS A 86 27.67 -38.90 44.13
N ILE A 87 28.96 -38.82 43.79
CA ILE A 87 29.58 -39.86 42.97
C ILE A 87 29.59 -41.19 43.69
N TRP A 88 29.94 -41.19 44.98
CA TRP A 88 29.97 -42.44 45.73
C TRP A 88 28.57 -43.02 45.90
N HIS A 89 27.57 -42.18 46.14
CA HIS A 89 26.20 -42.66 46.23
C HIS A 89 25.77 -43.29 44.92
N HIS A 90 26.07 -42.64 43.79
CA HIS A 90 25.79 -43.22 42.49
C HIS A 90 26.45 -44.59 42.37
N THR A 91 27.74 -44.67 42.66
CA THR A 91 28.48 -45.92 42.51
C THR A 91 27.87 -47.03 43.35
N PHE A 92 27.55 -46.75 44.60
CA PHE A 92 27.07 -47.80 45.49
C PHE A 92 25.66 -48.24 45.11
N TYR A 93 24.75 -47.30 44.89
CA TYR A 93 23.35 -47.67 44.75
C TYR A 93 22.90 -47.83 43.30
N ASN A 94 23.20 -46.88 42.42
CA ASN A 94 22.61 -46.93 41.09
C ASN A 94 23.41 -47.75 40.10
N GLU A 95 24.71 -47.94 40.30
CA GLU A 95 25.54 -48.70 39.37
C GLU A 95 25.84 -50.11 39.84
N LEU A 96 26.44 -50.26 41.02
CA LEU A 96 26.68 -51.58 41.57
C LEU A 96 25.43 -52.21 42.15
N ARG A 97 24.54 -51.39 42.71
CA ARG A 97 23.29 -51.83 43.30
C ARG A 97 23.54 -52.75 44.50
N VAL A 98 24.29 -52.23 45.46
CA VAL A 98 24.55 -52.92 46.72
C VAL A 98 24.37 -51.94 47.86
N ALA A 99 23.82 -52.44 48.96
CA ALA A 99 23.79 -51.64 50.17
C ALA A 99 25.18 -51.60 50.77
N PRO A 100 25.76 -50.42 51.00
CA PRO A 100 27.12 -50.38 51.53
C PRO A 100 27.25 -50.95 52.93
N GLU A 101 26.15 -51.05 53.68
CA GLU A 101 26.23 -51.50 55.06
C GLU A 101 26.75 -52.92 55.18
N GLU A 102 26.73 -53.69 54.10
CA GLU A 102 27.07 -55.10 54.17
C GLU A 102 28.36 -55.46 53.46
N HIS A 103 29.12 -54.47 52.97
CA HIS A 103 30.33 -54.74 52.21
C HIS A 103 31.48 -53.87 52.69
N PRO A 104 32.63 -54.43 53.00
CA PRO A 104 33.83 -53.61 53.17
C PRO A 104 34.24 -53.00 51.84
N THR A 105 34.86 -51.82 51.91
CA THR A 105 35.23 -51.07 50.71
C THR A 105 36.72 -50.81 50.71
N LEU A 106 37.38 -51.12 49.60
CA LEU A 106 38.81 -50.87 49.41
C LEU A 106 38.98 -49.71 48.45
N LEU A 107 39.30 -48.54 48.99
CA LEU A 107 39.53 -47.35 48.19
C LEU A 107 41.00 -47.22 47.84
N THR A 108 41.28 -46.49 46.76
CA THR A 108 42.64 -46.30 46.29
C THR A 108 42.98 -44.82 46.34
N GLU A 109 44.28 -44.53 46.41
CA GLU A 109 44.75 -43.15 46.53
C GLU A 109 46.19 -43.05 46.08
N ALA A 110 46.50 -41.96 45.37
CA ALA A 110 47.87 -41.71 44.94
C ALA A 110 48.75 -41.42 46.14
N PRO A 111 50.06 -41.64 46.03
CA PRO A 111 50.95 -41.32 47.13
C PRO A 111 51.16 -39.82 47.26
N LEU A 112 51.60 -39.41 48.45
CA LEU A 112 51.98 -38.02 48.72
C LEU A 112 50.81 -37.06 48.60
N ASN A 113 49.59 -37.53 48.84
CA ASN A 113 48.43 -36.64 48.90
C ASN A 113 48.31 -36.05 50.30
N PRO A 114 47.48 -35.01 50.46
CA PRO A 114 47.23 -34.48 51.79
C PRO A 114 46.63 -35.53 52.72
N LYS A 115 46.87 -35.35 54.02
CA LYS A 115 46.33 -36.28 54.99
C LYS A 115 44.84 -36.07 55.22
N ALA A 116 44.38 -34.83 55.06
CA ALA A 116 42.95 -34.57 55.18
C ALA A 116 42.16 -35.35 54.15
N ASN A 117 42.78 -35.70 53.03
CA ASN A 117 42.11 -36.48 52.01
C ASN A 117 41.72 -37.87 52.54
N ARG A 118 42.68 -38.60 53.10
CA ARG A 118 42.35 -39.89 53.70
C ARG A 118 41.41 -39.74 54.88
N GLU A 119 41.65 -38.74 55.74
CA GLU A 119 40.79 -38.57 56.90
C GLU A 119 39.34 -38.33 56.52
N LYS A 120 39.07 -37.51 55.51
CA LYS A 120 37.70 -37.28 55.09
C LYS A 120 37.10 -38.41 54.26
N MET A 121 37.89 -39.14 53.46
CA MET A 121 37.32 -40.34 52.85
C MET A 121 36.89 -41.35 53.90
N THR A 122 37.71 -41.57 54.94
CA THR A 122 37.35 -42.47 56.02
C THR A 122 36.11 -41.99 56.75
N GLN A 123 36.05 -40.70 57.08
CA GLN A 123 34.90 -40.18 57.81
C GLN A 123 33.62 -40.31 57.00
N ILE A 124 33.68 -40.02 55.70
CA ILE A 124 32.48 -40.13 54.87
C ILE A 124 32.02 -41.57 54.75
N MET A 125 32.95 -42.50 54.55
CA MET A 125 32.55 -43.90 54.46
C MET A 125 31.96 -44.40 55.77
N PHE A 126 32.52 -44.01 56.91
CA PHE A 126 32.04 -44.56 58.17
C PHE A 126 30.86 -43.82 58.76
N GLU A 127 30.55 -42.62 58.29
CA GLU A 127 29.45 -41.85 58.86
C GLU A 127 28.29 -41.62 57.90
N THR A 128 28.55 -41.55 56.61
CA THR A 128 27.48 -41.35 55.64
C THR A 128 27.02 -42.66 55.01
N PHE A 129 27.94 -43.54 54.66
CA PHE A 129 27.58 -44.80 54.02
C PHE A 129 27.57 -45.99 54.98
N ASN A 130 28.10 -45.83 56.19
CA ASN A 130 28.01 -46.85 57.24
C ASN A 130 28.59 -48.19 56.80
N VAL A 131 29.72 -48.17 56.11
CA VAL A 131 30.38 -49.40 55.72
C VAL A 131 30.89 -50.09 56.97
N PRO A 132 30.97 -51.44 56.99
CA PRO A 132 31.49 -52.10 58.19
C PRO A 132 33.00 -52.07 58.31
N ALA A 133 33.72 -51.85 57.21
CA ALA A 133 35.17 -51.78 57.23
C ALA A 133 35.64 -51.10 55.96
N MET A 134 36.88 -50.65 55.96
CA MET A 134 37.45 -50.03 54.77
C MET A 134 38.96 -50.12 54.83
N TYR A 135 39.60 -49.60 53.78
CA TYR A 135 41.05 -49.59 53.65
C TYR A 135 41.40 -48.72 52.46
N VAL A 136 42.49 -47.95 52.59
CA VAL A 136 42.95 -47.05 51.55
C VAL A 136 44.34 -47.50 51.13
N ALA A 137 44.50 -47.87 49.86
CA ALA A 137 45.74 -48.46 49.36
C ALA A 137 46.34 -47.59 48.27
N ILE A 138 47.66 -47.44 48.30
CA ILE A 138 48.34 -46.70 47.25
C ILE A 138 48.16 -47.42 45.92
N GLN A 139 48.03 -46.65 44.85
CA GLN A 139 47.63 -47.23 43.57
C GLN A 139 48.75 -48.03 42.92
N ALA A 140 50.00 -47.58 43.03
CA ALA A 140 51.07 -48.31 42.36
C ALA A 140 51.37 -49.63 43.04
N VAL A 141 51.15 -49.72 44.36
CA VAL A 141 51.27 -51.01 45.03
C VAL A 141 50.27 -51.99 44.46
N LEU A 142 49.03 -51.56 44.26
CA LEU A 142 48.02 -52.44 43.69
C LEU A 142 48.35 -52.79 42.24
N SER A 143 48.92 -51.85 41.51
CA SER A 143 49.34 -52.18 40.14
C SER A 143 50.41 -53.24 40.13
N LEU A 144 51.32 -53.21 41.11
CA LEU A 144 52.33 -54.26 41.19
C LEU A 144 51.73 -55.58 41.65
N TYR A 145 50.72 -55.54 42.52
CA TYR A 145 49.95 -56.74 42.82
C TYR A 145 49.41 -57.37 41.55
N ALA A 146 48.72 -56.58 40.74
CA ALA A 146 48.06 -57.10 39.55
C ALA A 146 49.01 -57.41 38.42
N SER A 147 50.25 -56.94 38.49
CA SER A 147 51.23 -57.27 37.47
C SER A 147 51.83 -58.64 37.66
N GLY A 148 51.53 -59.33 38.75
CA GLY A 148 52.03 -60.67 38.96
C GLY A 148 53.46 -60.75 39.44
N ARG A 149 53.98 -59.70 40.05
CA ARG A 149 55.37 -59.69 40.52
C ARG A 149 55.41 -59.15 41.95
N THR A 150 56.62 -59.06 42.48
CA THR A 150 56.87 -58.39 43.74
C THR A 150 58.11 -57.51 43.70
N THR A 151 58.69 -57.26 42.53
CA THR A 151 59.91 -56.49 42.38
C THR A 151 59.82 -55.68 41.09
N GLY A 152 59.55 -54.40 41.21
CA GLY A 152 59.47 -53.56 40.03
C GLY A 152 59.32 -52.11 40.42
N ILE A 153 59.36 -51.25 39.43
CA ILE A 153 59.13 -49.82 39.60
C ILE A 153 57.90 -49.46 38.77
N VAL A 154 56.86 -48.99 39.44
CA VAL A 154 55.52 -48.91 38.84
C VAL A 154 55.27 -47.47 38.40
N LEU A 155 55.45 -47.20 37.12
CA LEU A 155 54.97 -45.94 36.55
C LEU A 155 53.47 -46.03 36.41
N ASP A 156 52.74 -45.12 37.06
CA ASP A 156 51.28 -45.17 37.09
C ASP A 156 50.73 -43.81 36.67
N SER A 157 50.58 -43.60 35.38
CA SER A 157 49.94 -42.38 34.91
C SER A 157 48.44 -42.46 35.17
N GLY A 158 47.71 -41.47 34.66
CA GLY A 158 46.29 -41.42 34.89
C GLY A 158 45.68 -40.15 34.35
N ASP A 159 44.64 -39.66 35.00
CA ASP A 159 44.07 -38.39 34.62
C ASP A 159 44.48 -37.28 35.58
N GLY A 160 44.78 -37.62 36.83
CA GLY A 160 45.20 -36.63 37.80
C GLY A 160 46.70 -36.47 37.95
N VAL A 161 47.41 -37.56 38.27
CA VAL A 161 48.82 -37.53 38.62
C VAL A 161 49.56 -38.64 37.91
N THR A 162 50.88 -38.58 37.98
CA THR A 162 51.77 -39.61 37.43
C THR A 162 52.85 -39.86 38.46
N HIS A 163 52.88 -41.06 39.04
CA HIS A 163 53.76 -41.30 40.17
C HIS A 163 54.45 -42.65 40.02
N ASN A 164 55.65 -42.74 40.57
CA ASN A 164 56.44 -43.97 40.61
C ASN A 164 56.49 -44.49 42.04
N VAL A 165 56.52 -45.81 42.18
CA VAL A 165 56.74 -46.44 43.48
C VAL A 165 57.70 -47.60 43.27
N PRO A 166 58.98 -47.47 43.64
CA PRO A 166 59.92 -48.58 43.45
C PRO A 166 59.81 -49.56 44.61
N ILE A 167 59.63 -50.84 44.27
CA ILE A 167 59.42 -51.89 45.25
C ILE A 167 60.41 -53.01 44.94
N TYR A 168 61.06 -53.52 45.98
CA TYR A 168 61.95 -54.66 45.83
C TYR A 168 61.53 -55.75 46.81
N GLU A 169 60.92 -56.80 46.29
CA GLU A 169 60.56 -57.98 47.07
C GLU A 169 59.64 -57.62 48.24
N GLY A 170 58.60 -56.85 47.93
CA GLY A 170 57.59 -56.50 48.91
C GLY A 170 57.97 -55.41 49.86
N TYR A 171 59.11 -54.74 49.67
CA TYR A 171 59.58 -53.71 50.58
C TYR A 171 59.70 -52.40 49.79
N ALA A 172 58.67 -51.57 49.87
CA ALA A 172 58.67 -50.31 49.14
C ALA A 172 59.68 -49.35 49.75
N LEU A 173 60.23 -48.49 48.90
CA LEU A 173 61.24 -47.52 49.28
C LEU A 173 60.62 -46.13 49.31
N PRO A 174 60.09 -45.68 50.45
CA PRO A 174 59.31 -44.44 50.46
C PRO A 174 60.10 -43.19 50.12
N HIS A 175 61.43 -43.22 50.18
CA HIS A 175 62.21 -42.04 49.83
C HIS A 175 62.45 -41.90 48.35
N ALA A 176 62.09 -42.90 47.54
CA ALA A 176 62.27 -42.86 46.10
C ALA A 176 60.94 -42.77 45.35
N ILE A 177 59.86 -42.43 46.05
CA ILE A 177 58.57 -42.23 45.41
C ILE A 177 58.55 -40.84 44.80
N MET A 178 58.35 -40.75 43.49
CA MET A 178 58.41 -39.51 42.75
C MET A 178 57.07 -39.23 42.12
N ARG A 179 56.31 -38.31 42.72
CA ARG A 179 54.98 -37.97 42.23
C ARG A 179 55.06 -36.73 41.36
N LEU A 180 54.59 -36.86 40.13
CA LEU A 180 54.55 -35.77 39.17
C LEU A 180 53.09 -35.45 38.86
N ASP A 181 52.75 -34.17 38.82
CA ASP A 181 51.38 -33.74 38.63
C ASP A 181 51.02 -33.50 37.17
N LEU A 182 51.66 -34.20 36.26
CA LEU A 182 51.36 -34.12 34.84
C LEU A 182 50.69 -35.42 34.40
N ALA A 183 49.50 -35.31 33.81
CA ALA A 183 48.69 -36.50 33.59
C ALA A 183 47.77 -36.23 32.40
N GLY A 184 46.73 -37.05 32.27
CA GLY A 184 45.90 -37.00 31.07
C GLY A 184 45.18 -35.69 30.87
N ARG A 185 44.72 -35.07 31.96
CA ARG A 185 43.94 -33.84 31.80
C ARG A 185 44.80 -32.69 31.29
N ASP A 186 46.06 -32.62 31.73
CA ASP A 186 46.95 -31.62 31.19
C ASP A 186 47.22 -31.86 29.71
N LEU A 187 47.28 -33.12 29.29
CA LEU A 187 47.44 -33.42 27.87
C LEU A 187 46.20 -33.03 27.09
N THR A 188 45.01 -33.19 27.67
CA THR A 188 43.79 -32.75 27.01
C THR A 188 43.78 -31.24 26.82
N ASP A 189 44.15 -30.50 27.86
CA ASP A 189 44.19 -29.04 27.75
C ASP A 189 45.24 -28.58 26.75
N TYR A 190 46.41 -29.23 26.74
CA TYR A 190 47.41 -28.89 25.74
C TYR A 190 46.94 -29.24 24.34
N LEU A 191 46.18 -30.32 24.18
CA LEU A 191 45.66 -30.64 22.85
C LEU A 191 44.66 -29.59 22.40
N MET A 192 43.84 -29.08 23.31
CA MET A 192 42.94 -27.97 22.97
C MET A 192 43.74 -26.75 22.51
N LYS A 193 44.79 -26.42 23.27
CA LYS A 193 45.64 -25.29 22.92
C LYS A 193 46.24 -25.43 21.53
N ILE A 194 46.87 -26.58 21.24
CA ILE A 194 47.51 -26.73 19.93
C ILE A 194 46.49 -26.98 18.83
N LEU A 195 45.27 -27.37 19.18
CA LEU A 195 44.21 -27.48 18.18
C LEU A 195 43.75 -26.12 17.72
N THR A 196 43.87 -25.10 18.59
CA THR A 196 43.53 -23.75 18.15
C THR A 196 44.37 -23.29 16.96
N GLU A 197 45.53 -23.90 16.73
CA GLU A 197 46.37 -23.50 15.59
C GLU A 197 45.70 -23.79 14.26
N ARG A 198 45.09 -24.97 14.13
CA ARG A 198 44.50 -25.34 12.84
C ARG A 198 43.23 -24.55 12.55
N GLY A 199 42.63 -23.95 13.55
CA GLY A 199 41.39 -23.21 13.40
C GLY A 199 40.28 -23.70 14.30
N TYR A 200 40.37 -24.90 14.84
CA TYR A 200 39.32 -25.47 15.66
C TYR A 200 39.44 -24.94 17.09
N SER A 201 38.39 -24.32 17.58
CA SER A 201 38.38 -23.76 18.92
C SER A 201 37.34 -24.50 19.76
N PHE A 202 37.82 -25.34 20.67
CA PHE A 202 36.98 -25.99 21.67
C PHE A 202 37.16 -25.25 22.98
N VAL A 203 36.08 -24.73 23.55
CA VAL A 203 36.21 -23.90 24.74
C VAL A 203 35.39 -24.41 25.92
N THR A 204 34.27 -25.08 25.66
CA THR A 204 33.40 -25.47 26.75
C THR A 204 33.84 -26.80 27.35
N THR A 205 33.12 -27.25 28.37
CA THR A 205 33.45 -28.51 29.03
C THR A 205 33.05 -29.71 28.17
N ALA A 206 31.87 -29.68 27.57
CA ALA A 206 31.50 -30.72 26.63
C ALA A 206 32.52 -30.81 25.50
N GLU A 207 33.05 -29.67 25.07
CA GLU A 207 34.10 -29.69 24.07
C GLU A 207 35.43 -30.16 24.63
N ARG A 208 35.68 -30.01 25.93
CA ARG A 208 36.79 -30.73 26.53
C ARG A 208 36.63 -32.24 26.38
N GLU A 209 35.43 -32.75 26.60
CA GLU A 209 35.19 -34.18 26.39
C GLU A 209 35.35 -34.60 24.95
N ILE A 210 34.95 -33.76 23.99
CA ILE A 210 35.21 -34.07 22.59
C ILE A 210 36.72 -34.13 22.32
N VAL A 211 37.48 -33.18 22.87
CA VAL A 211 38.93 -33.19 22.66
C VAL A 211 39.57 -34.39 23.35
N ARG A 212 39.05 -34.79 24.49
CA ARG A 212 39.55 -36.00 25.14
C ARG A 212 39.36 -37.21 24.24
N ASP A 213 38.20 -37.30 23.59
CA ASP A 213 37.97 -38.42 22.68
C ASP A 213 38.89 -38.35 21.47
N ILE A 214 39.16 -37.14 20.96
CA ILE A 214 40.13 -37.01 19.87
C ILE A 214 41.48 -37.52 20.32
N LYS A 215 41.90 -37.15 21.53
CA LYS A 215 43.20 -37.57 22.05
C LYS A 215 43.27 -39.09 22.18
N GLU A 216 42.20 -39.70 22.68
CA GLU A 216 42.21 -41.15 22.83
C GLU A 216 42.26 -41.84 21.46
N LYS A 217 41.47 -41.37 20.50
CA LYS A 217 41.39 -42.06 19.22
C LYS A 217 42.66 -41.89 18.40
N LEU A 218 43.16 -40.67 18.28
CA LEU A 218 44.17 -40.36 17.28
C LEU A 218 45.58 -40.22 17.81
N CYS A 219 45.77 -39.57 18.95
CA CYS A 219 47.12 -39.24 19.40
C CYS A 219 47.93 -40.48 19.72
N TYR A 220 49.24 -40.40 19.42
CA TYR A 220 50.19 -41.47 19.70
C TYR A 220 51.51 -40.82 20.10
N VAL A 221 52.49 -41.64 20.46
CA VAL A 221 53.79 -41.16 20.91
C VAL A 221 54.83 -41.48 19.86
N ALA A 222 55.62 -40.49 19.48
CA ALA A 222 56.66 -40.67 18.48
C ALA A 222 57.89 -41.29 19.11
N LEU A 223 58.53 -42.20 18.37
CA LEU A 223 59.78 -42.80 18.86
C LEU A 223 60.91 -41.78 18.84
N ASP A 224 61.05 -41.06 17.74
CA ASP A 224 62.02 -39.98 17.62
C ASP A 224 61.27 -38.72 17.25
N PHE A 225 61.30 -37.71 18.12
CA PHE A 225 60.44 -36.55 17.96
C PHE A 225 60.86 -35.71 16.75
N GLU A 226 62.15 -35.41 16.63
CA GLU A 226 62.61 -34.55 15.54
C GLU A 226 62.37 -35.20 14.19
N ASN A 227 62.66 -36.49 14.05
CA ASN A 227 62.42 -37.18 12.79
C ASN A 227 60.95 -37.18 12.45
N GLU A 228 60.08 -37.34 13.44
CA GLU A 228 58.65 -37.36 13.17
C GLU A 228 58.14 -35.97 12.80
N MET A 229 58.67 -34.92 13.42
CA MET A 229 58.31 -33.57 12.99
C MET A 229 58.76 -33.31 11.56
N ALA A 230 59.96 -33.76 11.20
CA ALA A 230 60.42 -33.62 9.82
C ALA A 230 59.52 -34.37 8.85
N THR A 231 59.14 -35.60 9.20
CA THR A 231 58.25 -36.38 8.35
C THR A 231 56.88 -35.72 8.21
N ALA A 232 56.35 -35.19 9.31
CA ALA A 232 55.04 -34.56 9.26
C ALA A 232 55.06 -33.26 8.47
N ALA A 233 56.17 -32.53 8.51
CA ALA A 233 56.26 -31.30 7.72
C ALA A 233 56.50 -31.60 6.24
N SER A 234 57.25 -32.66 5.94
CA SER A 234 57.58 -32.93 4.54
C SER A 234 56.37 -33.45 3.76
N SER A 235 55.61 -34.36 4.35
CA SER A 235 54.51 -35.01 3.65
C SER A 235 53.27 -35.03 4.53
N SER A 236 52.13 -35.27 3.89
CA SER A 236 50.84 -35.37 4.58
C SER A 236 50.44 -36.80 4.83
N SER A 237 51.39 -37.69 5.09
CA SER A 237 51.07 -39.08 5.37
C SER A 237 50.63 -39.31 6.80
N LEU A 238 50.81 -38.33 7.69
CA LEU A 238 50.47 -38.49 9.10
C LEU A 238 49.12 -37.89 9.46
N GLU A 239 48.41 -37.28 8.52
CA GLU A 239 47.15 -36.61 8.82
C GLU A 239 46.02 -37.63 8.91
N LYS A 240 45.25 -37.56 10.00
CA LYS A 240 44.09 -38.40 10.18
C LYS A 240 42.90 -37.52 10.56
N SER A 241 41.73 -37.90 10.07
CA SER A 241 40.53 -37.09 10.22
C SER A 241 39.61 -37.66 11.28
N TYR A 242 38.90 -36.77 11.96
CA TYR A 242 37.95 -37.11 13.01
C TYR A 242 36.67 -36.34 12.74
N GLU A 243 35.52 -36.96 13.05
CA GLU A 243 34.22 -36.37 12.74
C GLU A 243 33.52 -35.96 14.03
N LEU A 244 33.25 -34.67 14.16
CA LEU A 244 32.68 -34.10 15.37
C LEU A 244 31.22 -34.51 15.51
N PRO A 245 30.63 -34.35 16.69
CA PRO A 245 29.24 -34.79 16.91
C PRO A 245 28.21 -34.04 16.08
N ASP A 246 28.57 -32.99 15.34
CA ASP A 246 27.60 -32.30 14.49
C ASP A 246 27.88 -32.48 13.01
N GLY A 247 28.70 -33.46 12.65
CA GLY A 247 28.97 -33.78 11.26
C GLY A 247 30.21 -33.15 10.68
N GLN A 248 30.79 -32.16 11.36
CA GLN A 248 32.00 -31.54 10.85
C GLN A 248 33.18 -32.50 10.95
N VAL A 249 34.13 -32.35 10.04
CA VAL A 249 35.31 -33.20 9.97
C VAL A 249 36.53 -32.33 10.25
N ILE A 250 37.36 -32.75 11.19
CA ILE A 250 38.60 -32.06 11.49
C ILE A 250 39.74 -32.89 10.93
N THR A 251 40.95 -32.33 10.95
CA THR A 251 42.12 -33.04 10.43
C THR A 251 43.34 -32.58 11.19
N ILE A 252 43.95 -33.47 11.95
CA ILE A 252 45.13 -33.16 12.76
C ILE A 252 46.28 -34.06 12.29
N GLY A 253 47.34 -33.45 11.80
CA GLY A 253 48.48 -34.22 11.35
C GLY A 253 49.67 -34.15 12.28
N ASN A 254 49.99 -32.93 12.73
CA ASN A 254 51.16 -32.70 13.56
C ASN A 254 50.84 -32.68 15.04
N GLU A 255 49.57 -32.49 15.40
CA GLU A 255 49.16 -32.46 16.78
C GLU A 255 49.02 -33.87 17.37
N ARG A 256 49.25 -34.91 16.57
CA ARG A 256 49.00 -36.26 17.04
C ARG A 256 50.06 -36.70 18.05
N PHE A 257 51.33 -36.44 17.76
CA PHE A 257 52.40 -36.81 18.67
C PHE A 257 52.93 -35.63 19.47
N ARG A 258 52.44 -34.43 19.22
CA ARG A 258 52.83 -33.29 20.05
C ARG A 258 52.11 -33.26 21.38
N CYS A 259 50.85 -33.72 21.41
CA CYS A 259 50.13 -33.79 22.69
C CYS A 259 50.75 -34.76 23.68
N PRO A 260 51.06 -36.01 23.31
CA PRO A 260 51.65 -36.91 24.31
C PRO A 260 53.13 -36.73 24.52
N GLU A 261 53.79 -35.91 23.71
CA GLU A 261 55.18 -35.54 23.97
C GLU A 261 55.32 -34.65 25.19
N THR A 262 54.23 -34.07 25.69
CA THR A 262 54.30 -33.30 26.91
C THR A 262 54.80 -34.14 28.08
N LEU A 263 54.53 -35.44 28.05
CA LEU A 263 54.98 -36.30 29.14
C LEU A 263 56.50 -36.37 29.19
N PHE A 264 57.15 -36.47 28.04
CA PHE A 264 58.60 -36.59 28.01
C PHE A 264 59.30 -35.24 27.97
N GLN A 265 58.60 -34.16 27.66
CA GLN A 265 59.14 -32.81 27.77
C GLN A 265 58.08 -31.93 28.42
N PRO A 266 58.02 -31.93 29.75
CA PRO A 266 56.96 -31.15 30.42
C PRO A 266 57.17 -29.66 30.30
N SER A 267 58.18 -29.24 29.55
CA SER A 267 58.36 -27.82 29.27
C SER A 267 57.44 -27.32 28.18
N PHE A 268 56.71 -28.21 27.52
CA PHE A 268 55.73 -27.79 26.53
C PHE A 268 54.60 -27.00 27.17
N ILE A 269 54.16 -27.41 28.35
CA ILE A 269 53.08 -26.74 29.06
C ILE A 269 53.62 -25.85 30.19
N GLY A 270 54.88 -25.47 30.12
CA GLY A 270 55.44 -24.54 31.08
C GLY A 270 55.93 -25.15 32.36
N MET A 271 55.80 -26.46 32.55
CA MET A 271 56.31 -27.11 33.73
C MET A 271 57.81 -27.29 33.65
N GLU A 272 58.48 -27.22 34.79
CA GLU A 272 59.93 -27.31 34.85
C GLU A 272 60.42 -28.76 34.94
N SER A 273 59.67 -29.60 35.65
CA SER A 273 60.14 -30.93 36.01
C SER A 273 60.53 -31.75 34.79
N ALA A 274 61.32 -32.79 35.03
CA ALA A 274 61.79 -33.65 33.96
C ALA A 274 60.69 -34.61 33.51
N GLY A 275 60.88 -35.16 32.32
CA GLY A 275 59.89 -36.06 31.74
C GLY A 275 59.68 -37.31 32.56
N ILE A 276 58.82 -38.22 32.08
CA ILE A 276 58.58 -39.43 32.84
C ILE A 276 59.75 -40.40 32.75
N HIS A 277 60.55 -40.32 31.68
CA HIS A 277 61.72 -41.18 31.58
C HIS A 277 62.79 -40.78 32.58
N GLU A 278 63.08 -39.49 32.68
CA GLU A 278 64.06 -39.04 33.68
C GLU A 278 63.52 -39.20 35.09
N THR A 279 62.21 -39.04 35.29
CA THR A 279 61.65 -39.29 36.60
C THR A 279 61.81 -40.75 37.01
N THR A 280 61.54 -41.68 36.09
CA THR A 280 61.73 -43.09 36.41
C THR A 280 63.19 -43.40 36.67
N TYR A 281 64.11 -42.86 35.87
CA TYR A 281 65.52 -43.15 36.08
C TYR A 281 66.02 -42.55 37.39
N ASN A 282 65.58 -41.34 37.73
CA ASN A 282 65.96 -40.74 39.01
C ASN A 282 65.39 -41.53 40.17
N SER A 283 64.18 -42.06 40.03
CA SER A 283 63.63 -42.90 41.08
C SER A 283 64.40 -44.20 41.21
N ILE A 284 64.93 -44.71 40.10
CA ILE A 284 65.73 -45.93 40.17
C ILE A 284 67.05 -45.66 40.89
N MET A 285 67.76 -44.59 40.50
CA MET A 285 69.04 -44.32 41.14
C MET A 285 68.91 -43.57 42.47
N LYS A 286 67.74 -43.55 43.07
CA LYS A 286 67.64 -43.21 44.49
C LYS A 286 67.55 -44.43 45.36
N CYS A 287 67.34 -45.61 44.78
CA CYS A 287 67.26 -46.85 45.51
C CYS A 287 68.66 -47.42 45.75
N ASP A 288 68.72 -48.43 46.61
CA ASP A 288 70.00 -49.03 46.97
C ASP A 288 70.64 -49.69 45.74
N ILE A 289 71.97 -49.70 45.73
CA ILE A 289 72.72 -50.07 44.54
C ILE A 289 72.45 -51.50 44.11
N ASP A 290 72.14 -52.38 45.05
CA ASP A 290 72.04 -53.80 44.73
C ASP A 290 70.74 -54.14 44.01
N ILE A 291 69.71 -53.29 44.13
CA ILE A 291 68.40 -53.60 43.57
C ILE A 291 68.11 -52.83 42.29
N ARG A 292 69.05 -52.01 41.83
CA ARG A 292 68.81 -51.26 40.60
C ARG A 292 68.75 -52.17 39.39
N LYS A 293 69.50 -53.29 39.41
CA LYS A 293 69.44 -54.21 38.28
C LYS A 293 68.08 -54.89 38.19
N ASP A 294 67.48 -55.20 39.33
CA ASP A 294 66.16 -55.82 39.32
C ASP A 294 65.06 -54.81 39.04
N LEU A 295 65.26 -53.55 39.42
CA LEU A 295 64.29 -52.51 39.07
C LEU A 295 64.36 -52.12 37.61
N TYR A 296 65.54 -52.21 36.99
CA TYR A 296 65.66 -51.86 35.57
C TYR A 296 64.83 -52.81 34.70
N ALA A 297 64.82 -54.09 35.05
CA ALA A 297 64.19 -55.10 34.20
C ALA A 297 62.69 -55.23 34.43
N ASN A 298 62.12 -54.59 35.45
CA ASN A 298 60.68 -54.65 35.73
C ASN A 298 60.15 -53.23 35.86
N ASN A 299 59.81 -52.62 34.73
CA ASN A 299 59.20 -51.29 34.70
C ASN A 299 57.72 -51.45 34.40
N VAL A 300 56.93 -51.72 35.43
CA VAL A 300 55.50 -51.92 35.23
C VAL A 300 54.86 -50.57 34.94
N MET A 301 54.16 -50.47 33.82
CA MET A 301 53.42 -49.27 33.47
C MET A 301 51.93 -49.51 33.64
N SER A 302 51.26 -48.57 34.29
CA SER A 302 49.83 -48.71 34.57
C SER A 302 49.07 -47.46 34.17
N GLY A 303 47.80 -47.38 34.55
CA GLY A 303 47.03 -46.18 34.33
C GLY A 303 46.63 -45.96 32.89
N GLY A 304 45.61 -45.13 32.68
CA GLY A 304 45.08 -44.94 31.34
C GLY A 304 46.06 -44.24 30.41
N THR A 305 46.71 -43.18 30.89
CA THR A 305 47.53 -42.33 30.05
C THR A 305 48.72 -43.05 29.46
N THR A 306 49.11 -44.20 30.00
CA THR A 306 50.21 -44.97 29.45
C THR A 306 49.77 -45.91 28.35
N MET A 307 48.65 -45.62 27.69
CA MET A 307 48.14 -46.48 26.63
C MET A 307 48.28 -45.86 25.25
N TYR A 308 49.07 -44.81 25.10
CA TYR A 308 49.31 -44.25 23.78
C TYR A 308 50.06 -45.26 22.93
N PRO A 309 49.70 -45.40 21.66
CA PRO A 309 50.43 -46.34 20.81
C PRO A 309 51.88 -45.95 20.64
N GLY A 310 52.79 -46.73 21.19
CA GLY A 310 54.21 -46.47 21.07
C GLY A 310 54.87 -45.85 22.28
N ILE A 311 54.24 -45.93 23.46
CA ILE A 311 54.86 -45.34 24.64
C ILE A 311 55.87 -46.29 25.26
N ALA A 312 55.65 -47.61 25.16
CA ALA A 312 56.60 -48.55 25.73
C ALA A 312 57.92 -48.52 24.99
N ASP A 313 57.88 -48.51 23.66
CA ASP A 313 59.11 -48.47 22.88
C ASP A 313 59.87 -47.18 23.12
N ARG A 314 59.16 -46.05 23.12
CA ARG A 314 59.81 -44.77 23.34
C ARG A 314 60.40 -44.68 24.73
N MET A 315 59.69 -45.16 25.74
CA MET A 315 60.22 -45.09 27.10
C MET A 315 61.41 -46.00 27.27
N GLN A 316 61.39 -47.18 26.64
CA GLN A 316 62.57 -48.05 26.68
C GLN A 316 63.76 -47.39 26.01
N LYS A 317 63.54 -46.72 24.87
CA LYS A 317 64.63 -46.03 24.20
C LYS A 317 65.18 -44.91 25.07
N GLU A 318 64.30 -44.18 25.76
CA GLU A 318 64.74 -43.05 26.55
C GLU A 318 65.49 -43.49 27.80
N ILE A 319 65.04 -44.57 28.45
CA ILE A 319 65.73 -45.04 29.65
C ILE A 319 67.03 -45.72 29.29
N THR A 320 67.04 -46.52 28.21
CA THR A 320 68.26 -47.22 27.82
C THR A 320 69.39 -46.26 27.53
N ALA A 321 69.08 -45.05 27.08
CA ALA A 321 70.12 -44.06 26.85
C ALA A 321 70.64 -43.46 28.14
N LEU A 322 69.94 -43.65 29.26
CA LEU A 322 70.38 -43.15 30.55
C LEU A 322 71.06 -44.22 31.40
N ALA A 323 70.53 -45.43 31.39
CA ALA A 323 71.07 -46.51 32.19
C ALA A 323 72.42 -46.97 31.63
N PRO A 324 73.24 -47.63 32.44
CA PRO A 324 74.51 -48.13 31.94
C PRO A 324 74.30 -49.12 30.80
N SER A 325 75.27 -49.18 29.91
CA SER A 325 75.14 -49.96 28.69
C SER A 325 74.96 -51.45 28.95
N THR A 326 75.32 -51.92 30.14
CA THR A 326 75.25 -53.35 30.44
C THR A 326 73.86 -53.78 30.84
N MET A 327 73.15 -52.97 31.63
CA MET A 327 71.87 -53.41 32.19
C MET A 327 70.78 -53.59 31.15
N LYS A 328 69.91 -54.55 31.44
CA LYS A 328 68.82 -54.97 30.57
C LYS A 328 67.55 -54.22 30.95
N ILE A 329 67.11 -53.32 30.07
CA ILE A 329 65.91 -52.51 30.30
C ILE A 329 64.77 -53.14 29.51
N LYS A 330 63.65 -53.39 30.18
CA LYS A 330 62.46 -53.82 29.47
C LYS A 330 61.22 -53.32 30.20
N ILE A 331 60.32 -52.71 29.44
CA ILE A 331 59.13 -52.07 29.99
C ILE A 331 57.97 -53.04 29.88
N ILE A 332 57.27 -53.26 30.98
CA ILE A 332 56.17 -54.21 31.04
C ILE A 332 54.88 -53.42 30.87
N ALA A 333 54.18 -53.68 29.76
CA ALA A 333 52.96 -52.96 29.42
C ALA A 333 51.87 -53.98 29.11
N PRO A 334 51.15 -54.43 30.13
CA PRO A 334 50.08 -55.39 29.89
C PRO A 334 48.97 -54.75 29.07
N PRO A 335 48.30 -55.54 28.23
CA PRO A 335 47.22 -54.98 27.41
C PRO A 335 46.05 -54.45 28.23
N GLU A 336 45.89 -54.89 29.48
CA GLU A 336 44.79 -54.46 30.33
C GLU A 336 45.22 -53.37 31.30
N ARG A 337 46.33 -52.70 31.05
CA ARG A 337 46.95 -51.84 32.05
C ARG A 337 46.05 -50.70 32.50
N LYS A 338 44.99 -50.39 31.76
CA LYS A 338 44.05 -49.39 32.22
C LYS A 338 43.37 -49.82 33.52
N TYR A 339 43.14 -51.12 33.70
CA TYR A 339 42.47 -51.64 34.88
C TYR A 339 43.41 -52.36 35.82
N SER A 340 44.72 -52.09 35.74
CA SER A 340 45.67 -52.82 36.59
C SER A 340 45.47 -52.48 38.05
N VAL A 341 45.16 -51.22 38.37
CA VAL A 341 44.98 -50.86 39.77
C VAL A 341 43.79 -51.58 40.36
N TRP A 342 42.69 -51.67 39.62
CA TRP A 342 41.52 -52.34 40.17
C TRP A 342 41.74 -53.84 40.30
N ILE A 343 42.41 -54.47 39.33
CA ILE A 343 42.69 -55.90 39.47
C ILE A 343 43.57 -56.15 40.67
N GLY A 344 44.51 -55.25 40.93
CA GLY A 344 45.29 -55.34 42.16
C GLY A 344 44.43 -55.18 43.39
N GLY A 345 43.41 -54.33 43.33
CA GLY A 345 42.49 -54.22 44.45
C GLY A 345 41.71 -55.50 44.68
N SER A 346 41.34 -56.18 43.59
CA SER A 346 40.68 -57.48 43.72
C SER A 346 41.60 -58.51 44.34
N ILE A 347 42.87 -58.53 43.93
CA ILE A 347 43.82 -59.47 44.50
C ILE A 347 44.04 -59.19 45.98
N LEU A 348 44.16 -57.91 46.35
CA LEU A 348 44.47 -57.58 47.73
C LEU A 348 43.28 -57.79 48.65
N ALA A 349 42.09 -57.35 48.23
CA ALA A 349 40.93 -57.39 49.13
C ALA A 349 40.42 -58.80 49.37
N SER A 350 40.70 -59.74 48.47
CA SER A 350 40.20 -61.10 48.59
C SER A 350 41.21 -62.04 49.21
N LEU A 351 42.33 -61.54 49.71
CA LEU A 351 43.34 -62.39 50.29
C LEU A 351 42.91 -62.91 51.65
N SER A 352 43.35 -64.13 51.97
CA SER A 352 43.10 -64.68 53.30
C SER A 352 43.89 -63.92 54.36
N THR A 353 45.12 -63.53 54.04
CA THR A 353 45.97 -62.83 55.00
C THR A 353 45.44 -61.44 55.31
N PHE A 354 44.79 -60.79 54.34
CA PHE A 354 44.45 -59.39 54.43
C PHE A 354 43.30 -59.10 55.38
N GLN A 355 42.45 -60.09 55.67
CA GLN A 355 41.21 -59.82 56.39
C GLN A 355 41.40 -59.37 57.82
N GLN A 356 42.62 -59.28 58.31
CA GLN A 356 42.88 -58.70 59.62
C GLN A 356 43.33 -57.25 59.53
N MET A 357 43.38 -56.68 58.33
CA MET A 357 43.90 -55.35 58.11
C MET A 357 42.85 -54.33 57.75
N TRP A 358 41.58 -54.73 57.68
CA TRP A 358 40.51 -53.76 57.49
C TRP A 358 40.43 -52.83 58.70
N ILE A 359 40.03 -51.59 58.44
CA ILE A 359 39.75 -50.64 59.52
C ILE A 359 38.30 -50.86 59.92
N THR A 360 38.08 -51.66 60.95
CA THR A 360 36.72 -51.97 61.37
C THR A 360 36.04 -50.73 61.95
N LYS A 361 34.71 -50.75 61.94
CA LYS A 361 33.95 -49.61 62.42
C LYS A 361 34.20 -49.36 63.90
N GLN A 362 34.40 -50.42 64.69
CA GLN A 362 34.66 -50.25 66.11
C GLN A 362 35.97 -49.51 66.35
N GLU A 363 36.99 -49.81 65.55
CA GLU A 363 38.25 -49.08 65.66
C GLU A 363 38.07 -47.61 65.31
N TYR A 364 37.27 -47.32 64.28
CA TYR A 364 37.02 -45.92 63.93
C TYR A 364 36.27 -45.21 65.05
N ASP A 365 35.32 -45.88 65.68
CA ASP A 365 34.61 -45.28 66.81
C ASP A 365 35.57 -44.98 67.96
N GLU A 366 36.49 -45.90 68.22
CA GLU A 366 37.46 -45.68 69.30
C GLU A 366 38.39 -44.52 68.99
N ALA A 367 39.01 -44.52 67.81
CA ALA A 367 40.17 -43.68 67.54
C ALA A 367 39.90 -42.51 66.60
N GLY A 368 38.72 -42.41 66.01
CA GLY A 368 38.42 -41.31 65.13
C GLY A 368 39.04 -41.49 63.76
N PRO A 369 38.92 -40.47 62.90
CA PRO A 369 39.39 -40.62 61.51
C PRO A 369 40.90 -40.63 61.37
N SER A 370 41.65 -40.50 62.45
CA SER A 370 43.10 -40.54 62.40
C SER A 370 43.64 -41.97 62.48
N ILE A 371 42.76 -42.97 62.52
CA ILE A 371 43.19 -44.36 62.50
C ILE A 371 43.73 -44.75 61.13
N VAL A 372 43.31 -44.07 60.06
CA VAL A 372 43.71 -44.46 58.72
C VAL A 372 45.20 -44.23 58.52
N HIS A 373 45.79 -43.31 59.28
CA HIS A 373 47.23 -43.08 59.15
C HIS A 373 48.03 -44.19 59.79
N ARG A 374 47.52 -44.76 60.89
CA ARG A 374 48.21 -45.88 61.51
C ARG A 374 48.02 -47.16 60.70
N LYS A 375 46.79 -47.45 60.29
CA LYS A 375 46.50 -48.71 59.64
C LYS A 375 47.08 -48.77 58.23
N CYS A 376 46.90 -47.70 57.46
CA CYS A 376 47.30 -47.69 56.06
C CYS A 376 48.69 -47.10 55.88
N THR B 7 63.97 3.32 4.87
CA THR B 7 63.10 4.48 5.00
C THR B 7 62.41 4.52 6.34
N THR B 8 61.16 4.98 6.36
CA THR B 8 60.35 5.04 7.57
C THR B 8 59.31 3.94 7.51
N ALA B 9 59.15 3.21 8.61
CA ALA B 9 58.33 2.02 8.61
C ALA B 9 56.87 2.36 8.87
N LEU B 10 55.98 1.60 8.24
CA LEU B 10 54.56 1.71 8.48
C LEU B 10 54.18 0.85 9.68
N VAL B 11 53.10 1.24 10.36
CA VAL B 11 52.57 0.48 11.49
C VAL B 11 51.07 0.38 11.28
N CYS B 12 50.61 -0.72 10.70
CA CYS B 12 49.20 -0.93 10.38
C CYS B 12 48.63 -1.91 11.39
N ASP B 13 47.82 -1.40 12.32
CA ASP B 13 47.19 -2.23 13.36
C ASP B 13 45.77 -2.55 12.92
N ASN B 14 45.65 -3.52 12.02
CA ASN B 14 44.35 -3.88 11.46
C ASN B 14 43.58 -4.69 12.49
N GLY B 15 42.84 -3.99 13.34
CA GLY B 15 42.02 -4.65 14.32
C GLY B 15 40.82 -5.32 13.68
N SER B 16 39.95 -5.86 14.52
CA SER B 16 38.74 -6.50 14.03
C SER B 16 37.65 -5.50 13.71
N GLY B 17 37.71 -4.31 14.30
CA GLY B 17 36.66 -3.33 14.09
C GLY B 17 37.13 -2.02 13.48
N LEU B 18 38.38 -1.64 13.75
CA LEU B 18 38.95 -0.40 13.25
C LEU B 18 40.35 -0.66 12.72
N VAL B 19 40.70 0.06 11.65
CA VAL B 19 42.04 0.00 11.08
C VAL B 19 42.76 1.29 11.46
N LYS B 20 43.92 1.16 12.08
CA LYS B 20 44.68 2.30 12.60
C LYS B 20 46.10 2.21 12.04
N ALA B 21 46.39 3.03 11.04
CA ALA B 21 47.68 3.01 10.38
C ALA B 21 48.43 4.32 10.63
N GLY B 22 49.72 4.29 10.33
CA GLY B 22 50.55 5.46 10.56
C GLY B 22 51.98 5.16 10.20
N PHE B 23 52.87 6.05 10.61
CA PHE B 23 54.29 5.90 10.35
C PHE B 23 55.02 5.64 11.66
N ALA B 24 56.00 4.75 11.62
CA ALA B 24 56.75 4.43 12.82
C ALA B 24 57.54 5.64 13.30
N GLY B 25 57.61 5.81 14.61
CA GLY B 25 58.27 6.93 15.21
C GLY B 25 57.34 8.05 15.63
N ASP B 26 56.13 8.09 15.09
CA ASP B 26 55.15 9.09 15.45
C ASP B 26 54.52 8.73 16.79
N ASP B 27 53.49 9.47 17.17
CA ASP B 27 52.76 9.21 18.41
C ASP B 27 51.26 9.14 18.21
N ALA B 28 50.79 9.08 16.96
CA ALA B 28 49.35 9.03 16.69
C ALA B 28 49.16 8.53 15.28
N PRO B 29 48.12 7.74 15.03
CA PRO B 29 47.90 7.23 13.67
C PRO B 29 47.44 8.33 12.73
N ARG B 30 47.73 8.14 11.44
CA ARG B 30 47.25 9.06 10.43
C ARG B 30 45.85 8.69 9.96
N ALA B 31 45.60 7.40 9.75
CA ALA B 31 44.32 6.92 9.28
C ALA B 31 43.66 6.08 10.35
N VAL B 32 42.44 6.43 10.73
CA VAL B 32 41.62 5.65 11.65
C VAL B 32 40.22 5.53 11.08
N PHE B 33 39.92 4.43 10.40
CA PHE B 33 38.63 4.25 9.76
C PHE B 33 38.11 2.86 10.06
N PRO B 34 36.79 2.67 10.04
CA PRO B 34 36.25 1.34 10.31
C PRO B 34 36.65 0.34 9.24
N SER B 35 36.73 -0.92 9.64
CA SER B 35 37.15 -2.00 8.76
C SER B 35 35.92 -2.71 8.17
N ILE B 36 35.21 -1.98 7.30
CA ILE B 36 34.02 -2.50 6.66
C ILE B 36 34.14 -2.32 5.16
N VAL B 37 33.41 -3.15 4.42
CA VAL B 37 33.38 -3.07 2.96
C VAL B 37 31.93 -3.17 2.50
N GLY B 38 31.28 -2.04 2.26
CA GLY B 38 29.90 -2.07 1.84
C GLY B 38 29.77 -2.28 0.35
N ARG B 39 28.65 -2.90 -0.05
CA ARG B 39 28.31 -3.08 -1.45
C ARG B 39 26.84 -2.74 -1.62
N PRO B 40 26.49 -1.92 -2.61
CA PRO B 40 25.10 -1.49 -2.76
C PRO B 40 24.18 -2.67 -3.03
N ARG B 41 22.97 -2.58 -2.48
CA ARG B 41 21.99 -3.65 -2.62
C ARG B 41 20.72 -3.24 -3.33
N HIS B 42 20.41 -1.95 -3.39
CA HIS B 42 19.19 -1.49 -4.06
C HIS B 42 19.44 -1.41 -5.56
N GLN B 43 18.51 -0.80 -6.29
CA GLN B 43 18.60 -0.70 -7.74
C GLN B 43 18.96 0.71 -8.16
N GLY B 44 19.99 0.82 -9.00
CA GLY B 44 20.42 2.12 -9.50
C GLY B 44 19.60 2.52 -10.71
N VAL B 45 19.13 3.77 -10.70
CA VAL B 45 18.26 4.26 -11.76
C VAL B 45 18.85 5.44 -12.52
N MET B 46 19.83 6.15 -11.97
CA MET B 46 20.45 7.27 -12.67
C MET B 46 21.75 6.81 -13.32
N VAL B 47 21.91 7.12 -14.61
CA VAL B 47 23.05 6.64 -15.37
C VAL B 47 24.32 7.35 -14.92
N GLY B 48 25.37 6.58 -14.68
CA GLY B 48 26.62 7.11 -14.20
C GLY B 48 26.79 7.04 -12.70
N MET B 49 25.70 6.91 -11.96
CA MET B 49 25.75 6.70 -10.52
C MET B 49 25.48 5.23 -10.22
N GLY B 50 26.42 4.58 -9.56
CA GLY B 50 26.37 3.15 -9.38
C GLY B 50 27.44 2.37 -10.10
N GLN B 51 28.45 3.05 -10.66
CA GLN B 51 29.54 2.34 -11.31
C GLN B 51 30.48 1.71 -10.29
N LYS B 52 30.54 2.26 -9.09
CA LYS B 52 31.47 1.77 -8.08
C LYS B 52 30.83 0.59 -7.36
N ASP B 53 31.48 -0.57 -7.43
CA ASP B 53 30.90 -1.80 -6.91
C ASP B 53 30.98 -1.90 -5.39
N SER B 54 32.00 -1.32 -4.75
CA SER B 54 32.17 -1.51 -3.33
C SER B 54 32.82 -0.27 -2.72
N TYR B 55 32.27 0.16 -1.58
CA TYR B 55 32.81 1.28 -0.82
C TYR B 55 33.48 0.75 0.42
N VAL B 56 34.65 1.29 0.74
CA VAL B 56 35.54 0.74 1.76
C VAL B 56 35.79 1.78 2.83
N GLY B 57 35.63 1.39 4.09
CA GLY B 57 36.02 2.25 5.18
C GLY B 57 35.09 3.41 5.44
N ASP B 58 35.61 4.63 5.36
CA ASP B 58 34.81 5.80 5.73
C ASP B 58 33.78 6.16 4.67
N GLU B 59 34.02 5.80 3.41
CA GLU B 59 33.03 6.09 2.38
C GLU B 59 31.89 5.10 2.36
N ALA B 60 32.00 3.99 3.09
CA ALA B 60 30.89 3.07 3.28
C ALA B 60 30.18 3.29 4.60
N GLN B 61 30.69 4.19 5.43
CA GLN B 61 30.00 4.54 6.66
C GLN B 61 29.10 5.75 6.44
N SER B 62 29.44 6.59 5.45
CA SER B 62 28.57 7.70 5.09
C SER B 62 27.40 7.23 4.24
N LYS B 63 27.64 6.33 3.30
CA LYS B 63 26.61 5.81 2.40
C LYS B 63 25.95 4.56 2.92
N ARG B 64 25.94 4.32 4.23
CA ARG B 64 25.47 3.04 4.74
C ARG B 64 23.98 2.85 4.56
N GLY B 65 23.24 3.89 4.16
CA GLY B 65 21.82 3.74 3.99
C GLY B 65 21.44 2.80 2.86
N ILE B 66 22.36 2.59 1.91
CA ILE B 66 22.06 1.79 0.73
C ILE B 66 23.10 0.69 0.54
N LEU B 67 23.71 0.24 1.63
CA LEU B 67 24.78 -0.75 1.55
C LEU B 67 24.57 -1.84 2.59
N THR B 68 25.22 -2.97 2.38
CA THR B 68 25.30 -4.06 3.34
C THR B 68 26.74 -4.15 3.81
N LEU B 69 27.03 -3.49 4.94
CA LEU B 69 28.38 -3.47 5.47
C LEU B 69 28.77 -4.85 5.97
N LYS B 70 29.98 -5.29 5.61
CA LYS B 70 30.47 -6.61 5.99
C LYS B 70 31.90 -6.50 6.46
N TYR B 71 32.13 -6.81 7.72
CA TYR B 71 33.48 -6.79 8.28
C TYR B 71 34.28 -7.97 7.76
N PRO B 72 35.44 -7.75 7.14
CA PRO B 72 36.24 -8.89 6.69
C PRO B 72 36.90 -9.66 7.81
N ILE B 73 37.33 -8.98 8.89
CA ILE B 73 37.95 -9.64 10.02
C ILE B 73 36.87 -9.94 11.05
N GLU B 74 36.83 -11.17 11.52
CA GLU B 74 35.74 -11.62 12.39
C GLU B 74 36.22 -12.52 13.52
N HIC B 75 36.45 -11.91 14.69
CA HIC B 75 36.99 -12.56 15.88
C HIC B 75 38.48 -12.65 15.75
O HIC B 75 39.16 -13.58 16.19
CB HIC B 75 36.50 -13.99 16.20
CG HIC B 75 35.15 -14.06 16.79
ND1 HIC B 75 34.61 -13.16 17.71
CD2 HIC B 75 34.19 -15.06 16.48
CE1 HIC B 75 33.36 -13.59 17.97
NE2 HIC B 75 33.06 -14.75 17.24
CZ HIC B 75 31.84 -15.48 17.26
N GLY B 76 39.05 -11.62 15.13
CA GLY B 76 40.49 -11.52 14.97
C GLY B 76 41.05 -12.36 13.84
N ILE B 77 40.18 -13.16 13.20
CA ILE B 77 40.56 -14.07 12.13
C ILE B 77 39.96 -13.55 10.83
N ILE B 78 40.79 -13.38 9.81
CA ILE B 78 40.36 -12.78 8.55
C ILE B 78 39.57 -13.82 7.78
N THR B 79 38.24 -13.71 7.82
CA THR B 79 37.39 -14.67 7.13
C THR B 79 37.36 -14.43 5.62
N ASN B 80 37.33 -13.17 5.20
CA ASN B 80 37.27 -12.80 3.80
C ASN B 80 38.60 -12.18 3.40
N TRP B 81 39.22 -12.71 2.35
CA TRP B 81 40.54 -12.25 1.96
C TRP B 81 40.53 -11.22 0.84
N ASP B 82 39.58 -11.32 -0.10
CA ASP B 82 39.46 -10.28 -1.12
C ASP B 82 39.08 -8.95 -0.49
N ASP B 83 38.13 -8.96 0.44
CA ASP B 83 37.76 -7.74 1.11
C ASP B 83 38.91 -7.18 1.93
N MET B 84 39.75 -8.05 2.49
CA MET B 84 40.84 -7.54 3.30
C MET B 84 41.97 -7.01 2.43
N GLU B 85 42.15 -7.57 1.23
CA GLU B 85 43.00 -6.91 0.24
C GLU B 85 42.46 -5.54 -0.11
N LYS B 86 41.15 -5.41 -0.26
CA LYS B 86 40.56 -4.09 -0.51
C LYS B 86 40.87 -3.13 0.63
N ILE B 87 40.73 -3.59 1.87
CA ILE B 87 40.99 -2.73 3.02
C ILE B 87 42.45 -2.30 3.07
N TRP B 88 43.37 -3.23 2.83
CA TRP B 88 44.79 -2.88 2.84
C TRP B 88 45.14 -1.93 1.72
N HIS B 89 44.57 -2.15 0.53
CA HIS B 89 44.81 -1.22 -0.58
C HIS B 89 44.31 0.16 -0.24
N HIS B 90 43.12 0.25 0.34
CA HIS B 90 42.62 1.54 0.79
C HIS B 90 43.58 2.19 1.76
N THR B 91 44.01 1.44 2.78
CA THR B 91 44.88 1.99 3.81
C THR B 91 46.18 2.52 3.21
N PHE B 92 46.81 1.73 2.33
CA PHE B 92 48.11 2.12 1.80
C PHE B 92 48.00 3.30 0.85
N TYR B 93 47.06 3.25 -0.09
CA TYR B 93 47.04 4.26 -1.16
C TYR B 93 46.13 5.43 -0.88
N ASN B 94 44.88 5.20 -0.49
CA ASN B 94 43.91 6.29 -0.43
C ASN B 94 43.93 7.03 0.90
N GLU B 95 44.37 6.41 1.99
CA GLU B 95 44.36 7.06 3.29
C GLU B 95 45.75 7.56 3.71
N LEU B 96 46.74 6.66 3.77
CA LEU B 96 48.10 7.08 4.10
C LEU B 96 48.78 7.74 2.91
N ARG B 97 48.45 7.30 1.70
CA ARG B 97 49.04 7.84 0.48
C ARG B 97 50.55 7.61 0.42
N VAL B 98 50.92 6.34 0.52
CA VAL B 98 52.31 5.92 0.40
C VAL B 98 52.37 4.70 -0.50
N ALA B 99 53.40 4.63 -1.31
CA ALA B 99 53.66 3.41 -2.06
C ALA B 99 54.22 2.37 -1.11
N PRO B 100 53.61 1.19 -1.01
CA PRO B 100 54.11 0.18 -0.05
C PRO B 100 55.49 -0.34 -0.39
N GLU B 101 55.94 -0.18 -1.64
CA GLU B 101 57.22 -0.76 -2.04
C GLU B 101 58.38 -0.15 -1.28
N GLU B 102 58.19 0.99 -0.64
CA GLU B 102 59.29 1.71 -0.01
C GLU B 102 59.23 1.73 1.50
N HIS B 103 58.28 1.02 2.11
CA HIS B 103 58.11 1.08 3.55
C HIS B 103 57.93 -0.32 4.13
N PRO B 104 58.70 -0.70 5.14
CA PRO B 104 58.37 -1.91 5.90
C PRO B 104 57.07 -1.72 6.67
N THR B 105 56.36 -2.81 6.88
CA THR B 105 55.04 -2.77 7.50
C THR B 105 55.03 -3.65 8.74
N LEU B 106 54.57 -3.10 9.86
CA LEU B 106 54.45 -3.83 11.12
C LEU B 106 52.98 -4.10 11.37
N LEU B 107 52.54 -5.34 11.13
CA LEU B 107 51.17 -5.74 11.37
C LEU B 107 51.01 -6.33 12.76
N THR B 108 49.79 -6.28 13.28
CA THR B 108 49.50 -6.79 14.60
C THR B 108 48.52 -7.94 14.51
N GLU B 109 48.51 -8.78 15.54
CA GLU B 109 47.67 -9.97 15.53
C GLU B 109 47.46 -10.46 16.96
N ALA B 110 46.24 -10.90 17.25
CA ALA B 110 45.93 -11.46 18.55
C ALA B 110 46.65 -12.79 18.74
N PRO B 111 46.89 -13.20 19.98
CA PRO B 111 47.53 -14.50 20.22
C PRO B 111 46.57 -15.64 19.95
N LEU B 112 47.13 -16.82 19.73
CA LEU B 112 46.38 -18.06 19.59
C LEU B 112 45.45 -18.05 18.37
N ASN B 113 45.81 -17.31 17.33
CA ASN B 113 45.08 -17.37 16.07
C ASN B 113 45.59 -18.52 15.22
N PRO B 114 44.85 -18.89 14.17
CA PRO B 114 45.36 -19.90 13.25
C PRO B 114 46.67 -19.48 12.61
N LYS B 115 47.45 -20.48 12.22
CA LYS B 115 48.73 -20.20 11.58
C LYS B 115 48.54 -19.75 10.13
N ALA B 116 47.49 -20.24 9.48
CA ALA B 116 47.21 -19.80 8.12
C ALA B 116 46.96 -18.30 8.06
N ASN B 117 46.53 -17.71 9.17
CA ASN B 117 46.31 -16.27 9.22
C ASN B 117 47.61 -15.51 9.01
N ARG B 118 48.64 -15.83 9.79
CA ARG B 118 49.94 -15.19 9.58
C ARG B 118 50.53 -15.54 8.23
N GLU B 119 50.42 -16.80 7.81
CA GLU B 119 51.00 -17.20 6.53
C GLU B 119 50.38 -16.43 5.37
N LYS B 120 49.07 -16.23 5.36
CA LYS B 120 48.44 -15.48 4.29
C LYS B 120 48.62 -13.97 4.40
N MET B 121 48.69 -13.39 5.62
CA MET B 121 49.06 -11.99 5.68
C MET B 121 50.46 -11.75 5.12
N THR B 122 51.42 -12.61 5.46
CA THR B 122 52.76 -12.49 4.91
C THR B 122 52.77 -12.65 3.40
N GLN B 123 52.05 -13.65 2.88
CA GLN B 123 52.04 -13.87 1.44
C GLN B 123 51.41 -12.68 0.70
N ILE B 124 50.32 -12.13 1.23
CA ILE B 124 49.68 -11.00 0.56
C ILE B 124 50.59 -9.77 0.59
N MET B 125 51.24 -9.50 1.72
CA MET B 125 52.13 -8.34 1.76
C MET B 125 53.32 -8.52 0.82
N PHE B 126 53.87 -9.71 0.73
CA PHE B 126 55.09 -9.87 -0.08
C PHE B 126 54.82 -10.13 -1.55
N GLU B 127 53.59 -10.49 -1.93
CA GLU B 127 53.29 -10.80 -3.32
C GLU B 127 52.33 -9.83 -3.97
N THR B 128 51.42 -9.22 -3.21
CA THR B 128 50.48 -8.27 -3.79
C THR B 128 50.92 -6.83 -3.60
N PHE B 129 51.44 -6.48 -2.42
CA PHE B 129 51.86 -5.11 -2.14
C PHE B 129 53.36 -4.91 -2.25
N ASN B 130 54.14 -5.98 -2.34
CA ASN B 130 55.59 -5.91 -2.61
C ASN B 130 56.33 -5.06 -1.58
N VAL B 131 55.97 -5.20 -0.31
CA VAL B 131 56.67 -4.49 0.75
C VAL B 131 58.09 -5.03 0.84
N PRO B 132 59.08 -4.22 1.24
CA PRO B 132 60.44 -4.73 1.35
C PRO B 132 60.68 -5.55 2.60
N ALA B 133 59.87 -5.39 3.65
CA ALA B 133 60.01 -6.15 4.87
C ALA B 133 58.71 -6.05 5.65
N MET B 134 58.54 -6.93 6.62
CA MET B 134 57.34 -6.90 7.45
C MET B 134 57.64 -7.61 8.77
N TYR B 135 56.63 -7.63 9.64
CA TYR B 135 56.71 -8.25 10.95
C TYR B 135 55.32 -8.29 11.54
N VAL B 136 54.99 -9.38 12.22
CA VAL B 136 53.67 -9.56 12.84
C VAL B 136 53.89 -9.69 14.35
N ALA B 137 53.30 -8.77 15.11
CA ALA B 137 53.53 -8.70 16.54
C ALA B 137 52.24 -8.89 17.31
N ILE B 138 52.32 -9.64 18.41
CA ILE B 138 51.15 -9.83 19.27
C ILE B 138 50.74 -8.49 19.84
N GLN B 139 49.43 -8.29 20.00
CA GLN B 139 48.92 -6.97 20.34
C GLN B 139 49.19 -6.59 21.79
N ALA B 140 49.10 -7.55 22.71
CA ALA B 140 49.29 -7.20 24.12
C ALA B 140 50.75 -6.89 24.43
N VAL B 141 51.68 -7.50 23.71
CA VAL B 141 53.08 -7.13 23.84
C VAL B 141 53.29 -5.67 23.47
N LEU B 142 52.68 -5.24 22.36
CA LEU B 142 52.80 -3.84 21.95
C LEU B 142 52.10 -2.92 22.94
N SER B 143 50.98 -3.36 23.52
CA SER B 143 50.34 -2.54 24.53
C SER B 143 51.23 -2.36 25.74
N LEU B 144 51.99 -3.40 26.10
CA LEU B 144 52.92 -3.25 27.22
C LEU B 144 54.12 -2.38 26.84
N TYR B 145 54.55 -2.44 25.59
CA TYR B 145 55.53 -1.46 25.10
C TYR B 145 55.04 -0.05 25.32
N ALA B 146 53.83 0.25 24.87
CA ALA B 146 53.31 1.61 24.93
C ALA B 146 52.87 2.01 26.32
N SER B 147 52.74 1.07 27.24
CA SER B 147 52.39 1.43 28.61
C SER B 147 53.58 1.92 29.42
N GLY B 148 54.79 1.87 28.85
CA GLY B 148 55.96 2.36 29.54
C GLY B 148 56.53 1.45 30.60
N ARG B 149 56.25 0.15 30.53
CA ARG B 149 56.74 -0.79 31.53
C ARG B 149 57.33 -2.00 30.83
N THR B 150 57.78 -2.96 31.64
CA THR B 150 58.19 -4.26 31.14
C THR B 150 57.68 -5.40 32.01
N THR B 151 56.78 -5.14 32.95
CA THR B 151 56.27 -6.15 33.87
C THR B 151 54.80 -5.86 34.14
N GLY B 152 53.92 -6.63 33.52
CA GLY B 152 52.50 -6.44 33.75
C GLY B 152 51.72 -7.54 33.08
N ILE B 153 50.42 -7.53 33.31
CA ILE B 153 49.49 -8.44 32.67
C ILE B 153 48.51 -7.59 31.87
N VAL B 154 48.50 -7.79 30.55
CA VAL B 154 47.86 -6.86 29.63
C VAL B 154 46.50 -7.40 29.23
N LEU B 155 45.44 -6.91 29.86
CA LEU B 155 44.10 -7.16 29.37
C LEU B 155 43.88 -6.29 28.14
N ASP B 156 43.58 -6.92 27.00
CA ASP B 156 43.45 -6.20 25.74
C ASP B 156 42.13 -6.58 25.08
N SER B 157 41.06 -5.88 25.44
CA SER B 157 39.79 -6.08 24.78
C SER B 157 39.84 -5.47 23.38
N GLY B 158 38.69 -5.46 22.72
CA GLY B 158 38.63 -4.94 21.37
C GLY B 158 37.28 -5.15 20.75
N ASP B 159 37.26 -5.35 19.44
CA ASP B 159 36.00 -5.68 18.78
C ASP B 159 35.92 -7.16 18.44
N GLY B 160 37.06 -7.83 18.26
CA GLY B 160 37.06 -9.24 17.97
C GLY B 160 37.25 -10.16 19.16
N VAL B 161 38.32 -9.97 19.93
CA VAL B 161 38.71 -10.89 20.99
C VAL B 161 39.11 -10.09 22.23
N THR B 162 39.29 -10.81 23.33
CA THR B 162 39.75 -10.24 24.59
C THR B 162 40.78 -11.21 25.17
N HIS B 163 42.04 -10.79 25.24
CA HIS B 163 43.10 -11.72 25.61
C HIS B 163 44.05 -11.09 26.61
N ASN B 164 44.65 -11.93 27.44
CA ASN B 164 45.65 -11.55 28.41
C ASN B 164 47.01 -12.08 27.99
N VAL B 165 48.06 -11.32 28.29
CA VAL B 165 49.42 -11.79 28.09
C VAL B 165 50.23 -11.37 29.31
N PRO B 166 50.54 -12.28 30.23
CA PRO B 166 51.33 -11.90 31.40
C PRO B 166 52.81 -11.91 31.08
N ILE B 167 53.47 -10.80 31.39
CA ILE B 167 54.87 -10.59 31.06
C ILE B 167 55.59 -10.16 32.33
N TYR B 168 56.75 -10.75 32.59
CA TYR B 168 57.58 -10.35 33.73
C TYR B 168 58.97 -10.03 33.22
N GLU B 169 59.30 -8.74 33.17
CA GLU B 169 60.63 -8.26 32.83
C GLU B 169 61.06 -8.76 31.44
N GLY B 170 60.17 -8.57 30.48
CA GLY B 170 60.46 -8.90 29.09
C GLY B 170 60.39 -10.36 28.74
N TYR B 171 59.91 -11.21 29.64
CA TYR B 171 59.84 -12.66 29.40
C TYR B 171 58.39 -13.09 29.51
N ALA B 172 57.72 -13.18 28.36
CA ALA B 172 56.32 -13.56 28.36
C ALA B 172 56.16 -15.02 28.73
N LEU B 173 55.05 -15.34 29.35
CA LEU B 173 54.72 -16.69 29.82
C LEU B 173 53.67 -17.30 28.90
N PRO B 174 54.06 -18.01 27.86
CA PRO B 174 53.08 -18.45 26.85
C PRO B 174 52.05 -19.43 27.37
N HIS B 175 52.28 -20.09 28.51
CA HIS B 175 51.29 -21.02 29.03
C HIS B 175 50.20 -20.35 29.84
N ALA B 176 50.33 -19.05 30.11
CA ALA B 176 49.33 -18.31 30.86
C ALA B 176 48.60 -17.29 30.01
N ILE B 177 48.68 -17.40 28.69
CA ILE B 177 47.95 -16.53 27.78
C ILE B 177 46.52 -17.07 27.67
N MET B 178 45.55 -16.24 28.03
CA MET B 178 44.14 -16.64 28.09
C MET B 178 43.35 -15.80 27.11
N ARG B 179 43.01 -16.39 25.96
CA ARG B 179 42.27 -15.70 24.92
C ARG B 179 40.79 -16.02 25.05
N LEU B 180 39.98 -14.98 25.19
CA LEU B 180 38.53 -15.10 25.29
C LEU B 180 37.91 -14.42 24.08
N ASP B 181 36.92 -15.06 23.48
CA ASP B 181 36.32 -14.57 22.24
C ASP B 181 35.10 -13.69 22.49
N LEU B 182 35.05 -13.00 23.62
CA LEU B 182 33.98 -12.06 23.93
C LEU B 182 34.53 -10.65 23.87
N ALA B 183 33.92 -9.80 23.07
CA ALA B 183 34.50 -8.51 22.75
C ALA B 183 33.40 -7.54 22.39
N GLY B 184 33.76 -6.43 21.75
CA GLY B 184 32.81 -5.36 21.53
C GLY B 184 31.64 -5.74 20.65
N ARG B 185 31.87 -6.56 19.63
CA ARG B 185 30.79 -6.89 18.71
C ARG B 185 29.72 -7.74 19.38
N ASP B 186 30.13 -8.65 20.26
CA ASP B 186 29.15 -9.41 21.02
C ASP B 186 28.34 -8.50 21.93
N LEU B 187 28.97 -7.47 22.49
CA LEU B 187 28.23 -6.51 23.30
C LEU B 187 27.26 -5.70 22.46
N THR B 188 27.63 -5.37 21.22
CA THR B 188 26.71 -4.68 20.33
C THR B 188 25.49 -5.55 20.02
N ASP B 189 25.72 -6.83 19.71
CA ASP B 189 24.60 -7.72 19.41
C ASP B 189 23.71 -7.92 20.64
N TYR B 190 24.32 -8.06 21.82
CA TYR B 190 23.51 -8.18 23.03
C TYR B 190 22.74 -6.89 23.30
N LEU B 191 23.31 -5.73 22.99
CA LEU B 191 22.57 -4.49 23.17
C LEU B 191 21.38 -4.43 22.23
N MET B 192 21.54 -4.90 21.00
CA MET B 192 20.41 -4.99 20.09
C MET B 192 19.32 -5.89 20.66
N LYS B 193 19.72 -7.06 21.17
CA LYS B 193 18.78 -7.98 21.77
C LYS B 193 18.00 -7.36 22.92
N ILE B 194 18.70 -6.75 23.88
CA ILE B 194 18.00 -6.17 25.02
C ILE B 194 17.29 -4.87 24.67
N LEU B 195 17.66 -4.24 23.56
CA LEU B 195 16.92 -3.07 23.10
C LEU B 195 15.58 -3.47 22.54
N THR B 196 15.46 -4.69 22.02
CA THR B 196 14.14 -5.14 21.57
C THR B 196 13.10 -5.13 22.68
N GLU B 197 13.52 -5.17 23.94
CA GLU B 197 12.56 -5.15 25.05
C GLU B 197 11.78 -3.85 25.11
N ARG B 198 12.46 -2.72 24.94
CA ARG B 198 11.78 -1.43 25.06
C ARG B 198 10.84 -1.16 23.89
N GLY B 199 11.02 -1.86 22.78
CA GLY B 199 10.24 -1.65 21.58
C GLY B 199 11.06 -1.34 20.35
N TYR B 200 12.31 -0.92 20.52
CA TYR B 200 13.16 -0.55 19.40
C TYR B 200 13.76 -1.79 18.77
N SER B 201 13.53 -1.98 17.48
CA SER B 201 14.04 -3.13 16.75
C SER B 201 15.02 -2.66 15.70
N PHE B 202 16.32 -2.87 15.94
CA PHE B 202 17.36 -2.64 14.95
C PHE B 202 17.74 -3.99 14.37
N VAL B 203 17.62 -4.14 13.05
CA VAL B 203 17.86 -5.44 12.44
C VAL B 203 18.94 -5.43 11.37
N THR B 204 19.09 -4.30 10.67
CA THR B 204 20.01 -4.27 9.55
C THR B 204 21.43 -3.99 10.03
N THR B 205 22.38 -3.94 9.08
CA THR B 205 23.77 -3.67 9.40
C THR B 205 23.99 -2.21 9.74
N ALA B 206 23.41 -1.30 8.95
CA ALA B 206 23.47 0.12 9.29
C ALA B 206 22.88 0.35 10.68
N GLU B 207 21.85 -0.39 11.04
CA GLU B 207 21.30 -0.29 12.38
C GLU B 207 22.19 -0.96 13.42
N ARG B 208 23.00 -1.95 13.04
CA ARG B 208 24.06 -2.36 13.93
C ARG B 208 25.02 -1.21 14.24
N GLU B 209 25.40 -0.44 13.23
CA GLU B 209 26.25 0.72 13.47
C GLU B 209 25.57 1.78 14.34
N ILE B 210 24.27 1.99 14.18
CA ILE B 210 23.57 2.89 15.09
C ILE B 210 23.61 2.36 16.53
N VAL B 211 23.40 1.06 16.71
CA VAL B 211 23.44 0.50 18.06
C VAL B 211 24.84 0.55 18.64
N ARG B 212 25.86 0.39 17.80
CA ARG B 212 27.23 0.55 18.27
C ARG B 212 27.46 1.96 18.79
N ASP B 213 26.94 2.96 18.09
CA ASP B 213 27.09 4.34 18.55
C ASP B 213 26.33 4.57 19.85
N ILE B 214 25.15 3.96 19.99
CA ILE B 214 24.43 4.04 21.25
C ILE B 214 25.27 3.46 22.38
N LYS B 215 25.87 2.30 22.13
CA LYS B 215 26.70 1.65 23.15
C LYS B 215 27.88 2.52 23.54
N GLU B 216 28.53 3.13 22.55
CA GLU B 216 29.68 3.99 22.87
C GLU B 216 29.24 5.22 23.67
N LYS B 217 28.15 5.86 23.28
CA LYS B 217 27.77 7.11 23.92
C LYS B 217 27.24 6.88 25.33
N LEU B 218 26.34 5.91 25.50
CA LEU B 218 25.55 5.83 26.73
C LEU B 218 26.00 4.75 27.69
N CYS B 219 26.33 3.56 27.21
CA CYS B 219 26.57 2.42 28.10
C CYS B 219 27.78 2.65 29.00
N TYR B 220 27.68 2.15 30.23
CA TYR B 220 28.74 2.22 31.21
C TYR B 220 28.72 0.94 32.03
N VAL B 221 29.68 0.78 32.93
CA VAL B 221 29.80 -0.43 33.75
C VAL B 221 29.44 -0.09 35.18
N ALA B 222 28.57 -0.89 35.78
CA ALA B 222 28.15 -0.67 37.15
C ALA B 222 29.17 -1.23 38.11
N LEU B 223 29.40 -0.51 39.21
CA LEU B 223 30.32 -1.01 40.23
C LEU B 223 29.72 -2.20 40.97
N ASP B 224 28.46 -2.08 41.38
CA ASP B 224 27.72 -3.18 42.00
C ASP B 224 26.47 -3.41 41.18
N PHE B 225 26.35 -4.61 40.58
CA PHE B 225 25.29 -4.84 39.61
C PHE B 225 23.92 -4.87 40.27
N GLU B 226 23.78 -5.61 41.37
CA GLU B 226 22.48 -5.75 42.00
C GLU B 226 21.97 -4.41 42.53
N ASN B 227 22.85 -3.63 43.17
CA ASN B 227 22.45 -2.33 43.68
C ASN B 227 22.03 -1.42 42.54
N GLU B 228 22.72 -1.48 41.40
CA GLU B 228 22.37 -0.63 40.29
C GLU B 228 21.06 -1.06 39.64
N MET B 229 20.79 -2.37 39.58
CA MET B 229 19.49 -2.81 39.10
C MET B 229 18.38 -2.34 40.04
N ALA B 230 18.60 -2.42 41.35
CA ALA B 230 17.61 -1.92 42.29
C ALA B 230 17.38 -0.42 42.12
N THR B 231 18.46 0.35 41.94
CA THR B 231 18.32 1.79 41.73
C THR B 231 17.58 2.10 40.44
N ALA B 232 17.89 1.36 39.37
CA ALA B 232 17.24 1.60 38.09
C ALA B 232 15.77 1.23 38.11
N ALA B 233 15.41 0.20 38.88
CA ALA B 233 14.00 -0.17 38.98
C ALA B 233 13.23 0.77 39.88
N SER B 234 13.88 1.29 40.93
CA SER B 234 13.15 2.13 41.89
C SER B 234 12.84 3.50 41.30
N SER B 235 13.80 4.11 40.62
CA SER B 235 13.66 5.48 40.13
C SER B 235 14.11 5.56 38.68
N SER B 236 13.71 6.65 38.02
CA SER B 236 14.09 6.91 36.63
C SER B 236 15.25 7.90 36.55
N SER B 237 16.18 7.85 37.49
CA SER B 237 17.33 8.74 37.45
C SER B 237 18.42 8.26 36.51
N LEU B 238 18.35 7.01 36.05
CA LEU B 238 19.38 6.43 35.19
C LEU B 238 19.04 6.48 33.71
N GLU B 239 17.87 6.99 33.34
CA GLU B 239 17.44 6.98 31.95
C GLU B 239 18.09 8.12 31.19
N LYS B 240 18.69 7.80 30.04
CA LYS B 240 19.27 8.79 29.16
C LYS B 240 18.76 8.57 27.74
N SER B 241 18.55 9.66 27.03
CA SER B 241 17.92 9.64 25.72
C SER B 241 18.94 9.81 24.62
N TYR B 242 18.68 9.18 23.48
CA TYR B 242 19.53 9.23 22.30
C TYR B 242 18.64 9.50 21.10
N GLU B 243 19.15 10.26 20.13
CA GLU B 243 18.35 10.69 19.00
C GLU B 243 18.85 10.00 17.73
N LEU B 244 17.98 9.21 17.11
CA LEU B 244 18.33 8.41 15.95
C LEU B 244 18.54 9.29 14.73
N PRO B 245 19.17 8.76 13.68
CA PRO B 245 19.44 9.58 12.49
C PRO B 245 18.22 10.08 11.75
N ASP B 246 17.01 9.67 12.11
CA ASP B 246 15.81 10.20 11.45
C ASP B 246 14.97 11.05 12.37
N GLY B 247 15.52 11.51 13.49
CA GLY B 247 14.83 12.40 14.39
C GLY B 247 14.13 11.75 15.55
N GLN B 248 13.96 10.43 15.52
CA GLN B 248 13.31 9.75 16.63
C GLN B 248 14.22 9.75 17.85
N VAL B 249 13.60 9.73 19.03
CA VAL B 249 14.31 9.75 20.30
C VAL B 249 14.03 8.44 21.01
N ILE B 250 15.08 7.76 21.45
CA ILE B 250 14.95 6.55 22.22
C ILE B 250 15.29 6.87 23.67
N THR B 251 15.06 5.91 24.56
CA THR B 251 15.35 6.12 25.98
C THR B 251 15.69 4.79 26.60
N ILE B 252 16.94 4.62 27.05
CA ILE B 252 17.41 3.39 27.65
C ILE B 252 17.87 3.68 29.06
N GLY B 253 17.22 3.07 30.04
CA GLY B 253 17.61 3.29 31.41
C GLY B 253 18.34 2.12 32.04
N ASN B 254 17.82 0.92 31.82
CA ASN B 254 18.37 -0.29 32.43
C ASN B 254 19.33 -1.02 31.51
N GLU B 255 19.28 -0.76 30.21
CA GLU B 255 20.16 -1.39 29.25
C GLU B 255 21.55 -0.77 29.25
N ARG B 256 21.78 0.27 30.05
CA ARG B 256 23.04 0.99 29.98
C ARG B 256 24.18 0.17 30.58
N PHE B 257 23.95 -0.43 31.74
CA PHE B 257 24.97 -1.25 32.38
C PHE B 257 24.75 -2.73 32.20
N ARG B 258 23.64 -3.14 31.56
CA ARG B 258 23.44 -4.55 31.27
C ARG B 258 24.24 -5.01 30.08
N CYS B 259 24.44 -4.13 29.09
CA CYS B 259 25.27 -4.49 27.94
C CYS B 259 26.73 -4.74 28.30
N PRO B 260 27.43 -3.87 29.05
CA PRO B 260 28.82 -4.16 29.37
C PRO B 260 29.01 -5.11 30.52
N GLU B 261 27.94 -5.49 31.22
CA GLU B 261 28.03 -6.53 32.22
C GLU B 261 28.25 -7.91 31.61
N THR B 262 28.04 -8.05 30.30
CA THR B 262 28.33 -9.31 29.64
C THR B 262 29.79 -9.70 29.80
N LEU B 263 30.69 -8.71 29.90
CA LEU B 263 32.11 -9.01 30.05
C LEU B 263 32.37 -9.72 31.37
N PHE B 264 31.73 -9.29 32.45
CA PHE B 264 31.97 -9.89 33.75
C PHE B 264 31.07 -11.08 34.05
N GLN B 265 30.00 -11.26 33.28
CA GLN B 265 29.16 -12.46 33.36
C GLN B 265 28.85 -12.91 31.95
N PRO B 266 29.74 -13.67 31.32
CA PRO B 266 29.53 -14.05 29.93
C PRO B 266 28.40 -15.06 29.77
N SER B 267 27.69 -15.36 30.86
CA SER B 267 26.52 -16.21 30.78
C SER B 267 25.29 -15.44 30.31
N PHE B 268 25.39 -14.12 30.18
CA PHE B 268 24.29 -13.34 29.64
C PHE B 268 24.02 -13.69 28.18
N ILE B 269 25.08 -13.91 27.41
CA ILE B 269 24.94 -14.25 26.00
C ILE B 269 25.15 -15.75 25.77
N GLY B 270 24.98 -16.57 26.80
CA GLY B 270 25.05 -18.00 26.64
C GLY B 270 26.43 -18.60 26.67
N MET B 271 27.47 -17.79 26.82
CA MET B 271 28.82 -18.32 26.91
C MET B 271 29.07 -18.88 28.31
N GLU B 272 29.89 -19.92 28.38
CA GLU B 272 30.16 -20.58 29.64
C GLU B 272 31.32 -19.94 30.39
N SER B 273 32.32 -19.46 29.67
CA SER B 273 33.59 -19.04 30.26
C SER B 273 33.38 -17.96 31.32
N ALA B 274 34.39 -17.81 32.17
CA ALA B 274 34.34 -16.85 33.25
C ALA B 274 34.59 -15.43 32.74
N GLY B 275 34.20 -14.46 33.55
CA GLY B 275 34.31 -13.07 33.17
C GLY B 275 35.75 -12.63 32.94
N ILE B 276 35.96 -11.35 32.63
CA ILE B 276 37.33 -10.91 32.42
C ILE B 276 38.10 -10.79 33.71
N HIS B 277 37.42 -10.59 34.84
CA HIS B 277 38.11 -10.52 36.13
C HIS B 277 38.64 -11.90 36.53
N GLU B 278 37.81 -12.94 36.41
CA GLU B 278 38.29 -14.28 36.72
C GLU B 278 39.30 -14.75 35.70
N THR B 279 39.17 -14.34 34.44
CA THR B 279 40.19 -14.70 33.44
C THR B 279 41.53 -14.06 33.79
N THR B 280 41.53 -12.79 34.18
CA THR B 280 42.78 -12.15 34.57
C THR B 280 43.38 -12.81 35.81
N TYR B 281 42.55 -13.12 36.80
CA TYR B 281 43.07 -13.74 38.02
C TYR B 281 43.60 -15.15 37.74
N ASN B 282 42.91 -15.92 36.90
CA ASN B 282 43.41 -17.25 36.54
C ASN B 282 44.70 -17.15 35.76
N SER B 283 44.83 -16.14 34.90
CA SER B 283 46.09 -15.96 34.18
C SER B 283 47.20 -15.56 35.14
N ILE B 284 46.87 -14.82 36.20
CA ILE B 284 47.90 -14.47 37.18
C ILE B 284 48.35 -15.70 37.95
N MET B 285 47.41 -16.49 38.46
CA MET B 285 47.82 -17.67 39.23
C MET B 285 48.17 -18.87 38.37
N LYS B 286 48.42 -18.69 37.08
CA LYS B 286 49.13 -19.70 36.30
C LYS B 286 50.61 -19.39 36.17
N CYS B 287 51.02 -18.17 36.53
CA CYS B 287 52.41 -17.76 36.48
C CYS B 287 53.15 -18.20 37.73
N ASP B 288 54.47 -18.10 37.69
CA ASP B 288 55.30 -18.52 38.80
C ASP B 288 55.03 -17.68 40.04
N ILE B 289 55.19 -18.30 41.20
CA ILE B 289 54.72 -17.72 42.46
C ILE B 289 55.43 -16.40 42.76
N ASP B 290 56.67 -16.25 42.33
CA ASP B 290 57.45 -15.09 42.73
C ASP B 290 57.04 -13.82 42.00
N ILE B 291 56.38 -13.94 40.84
CA ILE B 291 56.07 -12.79 40.02
C ILE B 291 54.61 -12.39 40.11
N ARG B 292 53.81 -13.10 40.90
CA ARG B 292 52.40 -12.74 41.03
C ARG B 292 52.23 -11.41 41.73
N LYS B 293 53.12 -11.05 42.65
CA LYS B 293 53.01 -9.77 43.32
C LYS B 293 53.26 -8.62 42.35
N ASP B 294 54.19 -8.79 41.42
CA ASP B 294 54.47 -7.76 40.43
C ASP B 294 53.41 -7.72 39.34
N LEU B 295 52.79 -8.86 39.03
CA LEU B 295 51.69 -8.86 38.07
C LEU B 295 50.42 -8.27 38.65
N TYR B 296 50.20 -8.42 39.96
CA TYR B 296 49.00 -7.86 40.58
C TYR B 296 48.98 -6.34 40.46
N ALA B 297 50.14 -5.71 40.64
CA ALA B 297 50.20 -4.25 40.70
C ALA B 297 50.27 -3.58 39.34
N ASN B 298 50.44 -4.34 38.24
CA ASN B 298 50.50 -3.76 36.90
C ASN B 298 49.49 -4.51 36.02
N ASN B 299 48.23 -4.07 36.05
CA ASN B 299 47.18 -4.63 35.19
C ASN B 299 46.92 -3.63 34.08
N VAL B 300 47.73 -3.68 33.03
CA VAL B 300 47.56 -2.76 31.91
C VAL B 300 46.31 -3.15 31.13
N MET B 301 45.38 -2.22 30.97
CA MET B 301 44.18 -2.43 30.17
C MET B 301 44.29 -1.66 28.87
N SER B 302 43.98 -2.34 27.76
CA SER B 302 44.09 -1.73 26.45
C SER B 302 42.82 -1.93 25.64
N GLY B 303 42.86 -1.60 24.35
CA GLY B 303 41.76 -1.88 23.47
C GLY B 303 40.57 -0.98 23.66
N GLY B 304 39.70 -0.90 22.65
CA GLY B 304 38.58 0.01 22.73
C GLY B 304 37.57 -0.35 23.79
N THR B 305 37.22 -1.63 23.87
CA THR B 305 36.13 -2.08 24.73
C THR B 305 36.39 -1.82 26.21
N THR B 306 37.63 -1.60 26.60
CA THR B 306 37.95 -1.30 27.99
C THR B 306 37.81 0.18 28.31
N MET B 307 37.01 0.91 27.55
CA MET B 307 36.84 2.34 27.77
C MET B 307 35.46 2.69 28.32
N TYR B 308 34.71 1.72 28.80
CA TYR B 308 33.43 2.03 29.43
C TYR B 308 33.67 2.83 30.70
N PRO B 309 32.86 3.84 30.95
CA PRO B 309 33.04 4.61 32.19
C PRO B 309 32.82 3.75 33.42
N GLY B 310 33.88 3.50 34.18
CA GLY B 310 33.77 2.72 35.40
C GLY B 310 34.25 1.30 35.30
N ILE B 311 35.03 0.94 34.28
CA ILE B 311 35.49 -0.44 34.17
C ILE B 311 36.73 -0.67 35.01
N ALA B 312 37.57 0.34 35.21
CA ALA B 312 38.76 0.17 36.02
C ALA B 312 38.39 -0.06 37.49
N ASP B 313 37.47 0.75 38.01
CA ASP B 313 37.06 0.60 39.41
C ASP B 313 36.38 -0.74 39.63
N ARG B 314 35.50 -1.13 38.72
CA ARG B 314 34.80 -2.41 38.87
C ARG B 314 35.77 -3.57 38.77
N MET B 315 36.72 -3.52 37.85
CA MET B 315 37.66 -4.63 37.71
C MET B 315 38.59 -4.71 38.92
N GLN B 316 38.99 -3.56 39.47
CA GLN B 316 39.78 -3.58 40.69
C GLN B 316 39.00 -4.18 41.84
N LYS B 317 37.71 -3.83 41.96
CA LYS B 317 36.90 -4.41 43.02
C LYS B 317 36.75 -5.92 42.83
N GLU B 318 36.59 -6.37 41.59
CA GLU B 318 36.37 -7.79 41.36
C GLU B 318 37.64 -8.60 41.59
N ILE B 319 38.80 -8.07 41.20
CA ILE B 319 40.05 -8.81 41.41
C ILE B 319 40.45 -8.77 42.87
N THR B 320 40.29 -7.62 43.53
CA THR B 320 40.68 -7.52 44.93
C THR B 320 39.93 -8.52 45.81
N ALA B 321 38.71 -8.88 45.42
CA ALA B 321 37.97 -9.89 46.16
C ALA B 321 38.49 -11.30 45.91
N LEU B 322 39.31 -11.50 44.89
CA LEU B 322 39.88 -12.80 44.59
C LEU B 322 41.32 -12.93 45.10
N ALA B 323 42.12 -11.88 44.94
CA ALA B 323 43.51 -11.92 45.35
C ALA B 323 43.62 -11.93 46.88
N PRO B 324 44.75 -12.38 47.41
CA PRO B 324 44.93 -12.36 48.86
C PRO B 324 44.83 -10.95 49.41
N SER B 325 44.38 -10.85 50.65
CA SER B 325 44.09 -9.55 51.25
C SER B 325 45.31 -8.67 51.36
N THR B 326 46.51 -9.23 51.29
CA THR B 326 47.72 -8.45 51.47
C THR B 326 48.15 -7.75 50.19
N MET B 327 48.01 -8.40 49.04
CA MET B 327 48.56 -7.84 47.81
C MET B 327 47.85 -6.58 47.34
N LYS B 328 48.62 -5.72 46.70
CA LYS B 328 48.19 -4.41 46.24
C LYS B 328 47.76 -4.50 44.78
N ILE B 329 46.46 -4.36 44.53
CA ILE B 329 45.89 -4.43 43.20
C ILE B 329 45.65 -3.02 42.70
N LYS B 330 46.15 -2.72 41.51
CA LYS B 330 45.83 -1.44 40.88
C LYS B 330 45.81 -1.61 39.38
N ILE B 331 44.74 -1.13 38.75
CA ILE B 331 44.52 -1.29 37.32
C ILE B 331 44.99 -0.04 36.62
N ILE B 332 45.82 -0.22 35.59
CA ILE B 332 46.41 0.88 34.84
C ILE B 332 45.56 1.10 33.60
N ALA B 333 44.91 2.25 33.53
CA ALA B 333 44.00 2.58 32.43
C ALA B 333 44.39 3.94 31.87
N PRO B 334 45.33 3.97 30.93
CA PRO B 334 45.71 5.25 30.34
C PRO B 334 44.56 5.86 29.57
N PRO B 335 44.46 7.19 29.54
CA PRO B 335 43.36 7.82 28.80
C PRO B 335 43.40 7.55 27.32
N GLU B 336 44.56 7.18 26.76
CA GLU B 336 44.69 6.92 25.33
C GLU B 336 44.63 5.44 25.01
N ARG B 337 44.10 4.61 25.92
CA ARG B 337 44.26 3.17 25.80
C ARG B 337 43.63 2.61 24.54
N LYS B 338 42.78 3.35 23.86
CA LYS B 338 42.26 2.87 22.58
C LYS B 338 43.37 2.71 21.56
N TYR B 339 44.40 3.55 21.61
CA TYR B 339 45.50 3.52 20.66
C TYR B 339 46.78 2.97 21.27
N SER B 340 46.69 2.22 22.37
CA SER B 340 47.91 1.73 23.02
C SER B 340 48.65 0.74 22.14
N VAL B 341 47.93 -0.11 21.42
CA VAL B 341 48.59 -1.10 20.57
C VAL B 341 49.38 -0.40 19.47
N TRP B 342 48.80 0.62 18.86
CA TRP B 342 49.51 1.30 17.77
C TRP B 342 50.72 2.08 18.30
N ILE B 343 50.58 2.74 19.45
CA ILE B 343 51.73 3.46 19.99
C ILE B 343 52.85 2.48 20.31
N GLY B 344 52.49 1.29 20.79
CA GLY B 344 53.49 0.25 20.97
C GLY B 344 54.12 -0.18 19.65
N GLY B 345 53.33 -0.20 18.58
CA GLY B 345 53.91 -0.49 17.28
C GLY B 345 54.89 0.58 16.83
N SER B 346 54.59 1.84 17.14
CA SER B 346 55.52 2.91 16.84
C SER B 346 56.80 2.78 17.64
N ILE B 347 56.69 2.42 18.93
CA ILE B 347 57.88 2.24 19.75
C ILE B 347 58.71 1.07 19.24
N LEU B 348 58.07 -0.02 18.87
CA LEU B 348 58.81 -1.22 18.46
C LEU B 348 59.45 -1.04 17.10
N ALA B 349 58.70 -0.51 16.13
CA ALA B 349 59.21 -0.47 14.76
C ALA B 349 60.32 0.55 14.56
N SER B 350 60.40 1.56 15.43
CA SER B 350 61.40 2.61 15.29
C SER B 350 62.64 2.37 16.14
N LEU B 351 62.74 1.20 16.78
CA LEU B 351 63.88 0.93 17.62
C LEU B 351 65.14 0.67 16.81
N SER B 352 66.28 1.06 17.37
CA SER B 352 67.55 0.74 16.73
C SER B 352 67.84 -0.75 16.77
N THR B 353 67.49 -1.41 17.87
CA THR B 353 67.75 -2.84 18.02
C THR B 353 66.90 -3.67 17.08
N PHE B 354 65.68 -3.20 16.77
CA PHE B 354 64.70 -4.01 16.07
C PHE B 354 65.00 -4.20 14.59
N GLN B 355 65.80 -3.33 13.98
CA GLN B 355 65.95 -3.32 12.53
C GLN B 355 66.64 -4.56 11.97
N GLN B 356 67.06 -5.50 12.81
CA GLN B 356 67.56 -6.77 12.32
C GLN B 356 66.52 -7.87 12.38
N MET B 357 65.30 -7.55 12.80
CA MET B 357 64.25 -8.54 13.01
C MET B 357 63.14 -8.48 11.97
N TRP B 358 63.22 -7.57 11.01
CA TRP B 358 62.26 -7.57 9.92
C TRP B 358 62.42 -8.84 9.09
N ILE B 359 61.31 -9.31 8.54
CA ILE B 359 61.33 -10.42 7.60
C ILE B 359 61.58 -9.82 6.23
N THR B 360 62.84 -9.82 5.79
CA THR B 360 63.17 -9.21 4.52
C THR B 360 62.60 -10.03 3.37
N LYS B 361 62.44 -9.36 2.22
CA LYS B 361 61.86 -10.04 1.05
C LYS B 361 62.72 -11.19 0.58
N GLN B 362 64.04 -11.06 0.69
CA GLN B 362 64.94 -12.15 0.28
C GLN B 362 64.72 -13.39 1.13
N GLU B 363 64.51 -13.22 2.43
CA GLU B 363 64.23 -14.36 3.29
C GLU B 363 62.91 -15.02 2.90
N TYR B 364 61.90 -14.22 2.58
CA TYR B 364 60.62 -14.79 2.15
C TYR B 364 60.78 -15.56 0.85
N ASP B 365 61.59 -15.04 -0.08
CA ASP B 365 61.83 -15.76 -1.32
C ASP B 365 62.52 -17.09 -1.05
N GLU B 366 63.48 -17.09 -0.13
CA GLU B 366 64.18 -18.34 0.19
C GLU B 366 63.25 -19.36 0.84
N ALA B 367 62.51 -18.95 1.87
CA ALA B 367 61.87 -19.89 2.77
C ALA B 367 60.36 -19.95 2.66
N GLY B 368 59.73 -19.11 1.85
CA GLY B 368 58.29 -19.16 1.68
C GLY B 368 57.57 -18.52 2.85
N PRO B 369 56.24 -18.62 2.85
CA PRO B 369 55.45 -17.93 3.88
C PRO B 369 55.54 -18.56 5.26
N SER B 370 56.29 -19.64 5.41
CA SER B 370 56.46 -20.28 6.71
C SER B 370 57.61 -19.66 7.51
N ILE B 371 58.24 -18.61 6.98
CA ILE B 371 59.28 -17.91 7.72
C ILE B 371 58.69 -17.09 8.87
N VAL B 372 57.42 -16.72 8.78
CA VAL B 372 56.82 -15.86 9.80
C VAL B 372 56.70 -16.60 11.11
N HIS B 373 56.64 -17.93 11.08
CA HIS B 373 56.55 -18.69 12.33
C HIS B 373 57.91 -18.74 13.03
N ARG B 374 59.00 -18.77 12.27
CA ARG B 374 60.32 -18.74 12.90
C ARG B 374 60.66 -17.35 13.40
N LYS B 375 60.42 -16.33 12.57
CA LYS B 375 60.86 -14.98 12.93
C LYS B 375 60.00 -14.39 14.03
N CYS B 376 58.68 -14.54 13.93
CA CYS B 376 57.77 -13.90 14.87
C CYS B 376 57.39 -14.84 16.01
N THR C 7 -11.88 -24.59 38.03
CA THR C 7 -12.74 -25.01 36.93
C THR C 7 -11.93 -25.50 35.75
N THR C 8 -12.40 -25.21 34.54
CA THR C 8 -11.71 -25.58 33.32
C THR C 8 -11.09 -24.32 32.71
N ALA C 9 -9.84 -24.43 32.30
CA ALA C 9 -9.08 -23.26 31.88
C ALA C 9 -9.33 -22.94 30.42
N LEU C 10 -9.33 -21.65 30.11
CA LEU C 10 -9.42 -21.18 28.73
C LEU C 10 -8.02 -21.15 28.11
N VAL C 11 -7.96 -21.29 26.80
CA VAL C 11 -6.72 -21.21 26.05
C VAL C 11 -6.97 -20.30 24.86
N CYS C 12 -6.63 -19.03 24.99
CA CYS C 12 -6.88 -18.04 23.95
C CYS C 12 -5.56 -17.72 23.27
N ASP C 13 -5.38 -18.22 22.04
CA ASP C 13 -4.16 -18.00 21.27
C ASP C 13 -4.40 -16.85 20.30
N ASN C 14 -4.34 -15.63 20.83
CA ASN C 14 -4.62 -14.43 20.03
C ASN C 14 -3.43 -14.16 19.13
N GLY C 15 -3.44 -14.76 17.95
CA GLY C 15 -2.40 -14.51 16.98
C GLY C 15 -2.51 -13.13 16.39
N SER C 16 -1.64 -12.87 15.41
CA SER C 16 -1.68 -11.57 14.74
C SER C 16 -2.75 -11.52 13.66
N GLY C 17 -3.19 -12.66 13.16
CA GLY C 17 -4.17 -12.67 12.09
C GLY C 17 -5.46 -13.38 12.43
N LEU C 18 -5.40 -14.38 13.29
CA LEU C 18 -6.56 -15.16 13.69
C LEU C 18 -6.57 -15.35 15.20
N VAL C 19 -7.76 -15.36 15.78
CA VAL C 19 -7.95 -15.62 17.19
C VAL C 19 -8.53 -17.02 17.33
N LYS C 20 -7.85 -17.87 18.10
CA LYS C 20 -8.23 -19.28 18.25
C LYS C 20 -8.38 -19.57 19.73
N ALA C 21 -9.61 -19.65 20.22
CA ALA C 21 -9.89 -19.86 21.62
C ALA C 21 -10.57 -21.20 21.83
N GLY C 22 -10.60 -21.64 23.09
CA GLY C 22 -11.17 -22.92 23.41
C GLY C 22 -11.02 -23.20 24.89
N PHE C 23 -11.28 -24.45 25.26
CA PHE C 23 -11.17 -24.88 26.65
C PHE C 23 -9.99 -25.84 26.78
N ALA C 24 -9.26 -25.70 27.88
CA ALA C 24 -8.12 -26.57 28.11
C ALA C 24 -8.56 -28.01 28.28
N GLY C 25 -7.77 -28.93 27.74
CA GLY C 25 -8.08 -30.33 27.77
C GLY C 25 -8.72 -30.86 26.50
N ASP C 26 -9.26 -29.97 25.67
CA ASP C 26 -9.86 -30.38 24.41
C ASP C 26 -8.76 -30.64 23.39
N ASP C 27 -9.15 -30.85 22.13
CA ASP C 27 -8.20 -31.06 21.06
C ASP C 27 -8.48 -30.18 19.85
N ALA C 28 -9.36 -29.18 19.98
CA ALA C 28 -9.68 -28.30 18.88
C ALA C 28 -10.32 -27.05 19.42
N PRO C 29 -10.05 -25.89 18.83
CA PRO C 29 -10.64 -24.65 19.33
C PRO C 29 -12.13 -24.58 19.06
N ARG C 30 -12.84 -23.84 19.91
CA ARG C 30 -14.26 -23.61 19.69
C ARG C 30 -14.48 -22.42 18.76
N ALA C 31 -13.74 -21.34 18.96
CA ALA C 31 -13.87 -20.13 18.17
C ALA C 31 -12.60 -19.90 17.36
N VAL C 32 -12.77 -19.77 16.04
CA VAL C 32 -11.66 -19.41 15.15
C VAL C 32 -12.15 -18.33 14.19
N PHE C 33 -11.85 -17.09 14.50
CA PHE C 33 -12.33 -15.96 13.71
C PHE C 33 -11.19 -14.99 13.47
N PRO C 34 -11.23 -14.22 12.40
CA PRO C 34 -10.16 -13.26 12.14
C PRO C 34 -10.12 -12.17 13.20
N SER C 35 -8.93 -11.63 13.41
CA SER C 35 -8.71 -10.60 14.43
C SER C 35 -8.76 -9.22 13.80
N ILE C 36 -9.96 -8.83 13.37
CA ILE C 36 -10.19 -7.54 12.72
C ILE C 36 -11.32 -6.82 13.42
N VAL C 37 -11.32 -5.50 13.32
CA VAL C 37 -12.39 -4.67 13.87
C VAL C 37 -12.80 -3.64 12.85
N GLY C 38 -13.86 -3.92 12.09
CA GLY C 38 -14.31 -3.00 11.08
C GLY C 38 -15.19 -1.91 11.65
N ARG C 39 -15.16 -0.74 11.00
CA ARG C 39 -16.01 0.37 11.35
C ARG C 39 -16.58 0.95 10.06
N PRO C 40 -17.88 1.18 9.97
CA PRO C 40 -18.46 1.65 8.71
C PRO C 40 -17.92 3.01 8.32
N ARG C 41 -17.75 3.21 7.02
CA ARG C 41 -17.20 4.45 6.51
C ARG C 41 -18.14 5.23 5.59
N HIS C 42 -19.15 4.57 5.01
CA HIS C 42 -20.08 5.24 4.12
C HIS C 42 -21.14 5.97 4.96
N GLN C 43 -22.20 6.45 4.30
CA GLN C 43 -23.24 7.21 4.96
C GLN C 43 -24.50 6.36 5.10
N GLY C 44 -25.04 6.30 6.32
CA GLY C 44 -26.25 5.55 6.57
C GLY C 44 -27.47 6.38 6.27
N VAL C 45 -28.42 5.80 5.54
CA VAL C 45 -29.61 6.53 5.11
C VAL C 45 -30.90 5.93 5.64
N MET C 46 -30.92 4.68 6.09
CA MET C 46 -32.12 4.07 6.64
C MET C 46 -32.08 4.12 8.16
N VAL C 47 -33.15 4.61 8.76
CA VAL C 47 -33.19 4.83 10.20
C VAL C 47 -33.24 3.49 10.92
N GLY C 48 -32.40 3.35 11.93
CA GLY C 48 -32.28 2.12 12.68
C GLY C 48 -31.19 1.19 12.20
N MET C 49 -30.72 1.37 10.99
CA MET C 49 -29.57 0.63 10.47
C MET C 49 -28.36 1.54 10.49
N GLY C 50 -27.31 1.11 11.19
CA GLY C 50 -26.17 1.95 11.43
C GLY C 50 -25.98 2.37 12.87
N GLN C 51 -26.72 1.78 13.81
CA GLN C 51 -26.53 2.10 15.22
C GLN C 51 -25.25 1.46 15.75
N LYS C 52 -24.83 0.36 15.17
CA LYS C 52 -23.65 -0.37 15.66
C LYS C 52 -22.40 0.28 15.11
N ASP C 53 -21.53 0.75 16.01
CA ASP C 53 -20.37 1.53 15.59
C ASP C 53 -19.25 0.66 15.03
N SER C 54 -19.10 -0.57 15.51
CA SER C 54 -17.97 -1.39 15.10
C SER C 54 -18.35 -2.86 15.09
N TYR C 55 -17.95 -3.55 14.02
CA TYR C 55 -18.17 -4.98 13.87
C TYR C 55 -16.84 -5.70 14.08
N VAL C 56 -16.89 -6.80 14.82
CA VAL C 56 -15.67 -7.47 15.30
C VAL C 56 -15.66 -8.90 14.80
N GLY C 57 -14.54 -9.32 14.22
CA GLY C 57 -14.35 -10.71 13.88
C GLY C 57 -15.12 -11.17 12.66
N ASP C 58 -15.99 -12.16 12.84
CA ASP C 58 -16.67 -12.76 11.69
C ASP C 58 -17.79 -11.87 11.15
N GLU C 59 -18.37 -11.00 11.99
CA GLU C 59 -19.40 -10.11 11.49
C GLU C 59 -18.84 -8.90 10.75
N ALA C 60 -17.53 -8.67 10.83
CA ALA C 60 -16.88 -7.65 10.02
C ALA C 60 -16.22 -8.24 8.78
N GLN C 61 -16.23 -9.55 8.65
CA GLN C 61 -15.73 -10.18 7.44
C GLN C 61 -16.85 -10.40 6.44
N SER C 62 -18.09 -10.53 6.94
CA SER C 62 -19.25 -10.61 6.06
C SER C 62 -19.64 -9.24 5.51
N LYS C 63 -19.61 -8.22 6.36
CA LYS C 63 -19.98 -6.87 5.97
C LYS C 63 -18.80 -6.04 5.50
N ARG C 64 -17.73 -6.67 5.00
CA ARG C 64 -16.53 -5.91 4.70
C ARG C 64 -16.70 -4.96 3.53
N GLY C 65 -17.80 -5.05 2.80
CA GLY C 65 -17.99 -4.16 1.67
C GLY C 65 -18.15 -2.71 2.06
N ILE C 66 -18.52 -2.45 3.30
CA ILE C 66 -18.80 -1.09 3.76
C ILE C 66 -18.01 -0.76 5.02
N LEU C 67 -16.87 -1.40 5.20
CA LEU C 67 -16.08 -1.22 6.42
C LEU C 67 -14.61 -1.04 6.06
N THR C 68 -13.87 -0.48 7.02
CA THR C 68 -12.42 -0.38 6.96
C THR C 68 -11.85 -1.30 8.02
N LEU C 69 -11.52 -2.52 7.63
CA LEU C 69 -11.01 -3.51 8.58
C LEU C 69 -9.62 -3.10 9.06
N LYS C 70 -9.40 -3.17 10.37
CA LYS C 70 -8.13 -2.78 10.97
C LYS C 70 -7.71 -3.82 11.99
N TYR C 71 -6.58 -4.48 11.73
CA TYR C 71 -6.06 -5.47 12.67
C TYR C 71 -5.47 -4.77 13.88
N PRO C 72 -5.91 -5.11 15.10
CA PRO C 72 -5.31 -4.48 16.28
C PRO C 72 -3.90 -4.97 16.57
N ILE C 73 -3.59 -6.24 16.31
CA ILE C 73 -2.26 -6.79 16.54
C ILE C 73 -1.48 -6.68 15.24
N GLU C 74 -0.27 -6.15 15.32
CA GLU C 74 0.51 -5.85 14.13
C GLU C 74 1.98 -6.16 14.29
N HIC C 75 2.38 -7.35 13.84
CA HIC C 75 3.73 -7.90 13.97
C HIC C 75 3.89 -8.48 15.35
O HIC C 75 4.94 -8.46 16.00
CB HIC C 75 4.91 -6.93 13.77
CG HIC C 75 5.19 -6.58 12.37
ND1 HIC C 75 5.12 -7.45 11.29
CD2 HIC C 75 5.58 -5.31 11.93
CE1 HIC C 75 5.45 -6.73 10.20
NE2 HIC C 75 5.75 -5.40 10.55
CZ HIC C 75 6.13 -4.36 9.67
N GLY C 76 2.80 -9.06 15.83
CA GLY C 76 2.79 -9.70 17.13
C GLY C 76 2.69 -8.76 18.30
N ILE C 77 2.71 -7.45 18.03
CA ILE C 77 2.67 -6.42 19.05
C ILE C 77 1.34 -5.69 18.95
N ILE C 78 0.63 -5.60 20.06
CA ILE C 78 -0.72 -5.03 20.07
C ILE C 78 -0.61 -3.52 19.97
N THR C 79 -0.82 -2.99 18.77
CA THR C 79 -0.71 -1.55 18.56
C THR C 79 -1.91 -0.79 19.12
N ASN C 80 -3.11 -1.35 18.95
CA ASN C 80 -4.35 -0.73 19.40
C ASN C 80 -4.92 -1.53 20.56
N TRP C 81 -5.16 -0.86 21.68
CA TRP C 81 -5.60 -1.56 22.88
C TRP C 81 -7.11 -1.55 23.07
N ASP C 82 -7.80 -0.49 22.68
CA ASP C 82 -9.25 -0.50 22.74
C ASP C 82 -9.83 -1.55 21.80
N ASP C 83 -9.31 -1.63 20.58
CA ASP C 83 -9.76 -2.66 19.65
C ASP C 83 -9.46 -4.05 20.18
N MET C 84 -8.34 -4.22 20.89
CA MET C 84 -8.02 -5.56 21.37
C MET C 84 -8.86 -5.92 22.58
N GLU C 85 -9.27 -4.93 23.38
CA GLU C 85 -10.30 -5.19 24.38
C GLU C 85 -11.60 -5.61 23.71
N LYS C 86 -11.95 -4.97 22.59
CA LYS C 86 -13.14 -5.40 21.86
C LYS C 86 -13.01 -6.84 21.39
N ILE C 87 -11.85 -7.22 20.87
CA ILE C 87 -11.64 -8.58 20.38
C ILE C 87 -11.74 -9.58 21.52
N TRP C 88 -11.13 -9.28 22.66
CA TRP C 88 -11.19 -10.19 23.79
C TRP C 88 -12.60 -10.31 24.35
N HIS C 89 -13.33 -9.20 24.41
CA HIS C 89 -14.72 -9.26 24.86
C HIS C 89 -15.55 -10.11 23.92
N HIS C 90 -15.37 -9.95 22.61
CA HIS C 90 -16.05 -10.81 21.65
C HIS C 90 -15.72 -12.26 21.92
N THR C 91 -14.43 -12.59 22.05
CA THR C 91 -14.01 -13.97 22.23
C THR C 91 -14.64 -14.57 23.49
N PHE C 92 -14.61 -13.84 24.60
CA PHE C 92 -15.08 -14.41 25.85
C PHE C 92 -16.60 -14.56 25.85
N TYR C 93 -17.33 -13.52 25.45
CA TYR C 93 -18.77 -13.52 25.64
C TYR C 93 -19.55 -14.01 24.41
N ASN C 94 -19.27 -13.49 23.22
CA ASN C 94 -20.13 -13.78 22.09
C ASN C 94 -19.75 -15.06 21.35
N GLU C 95 -18.50 -15.51 21.43
CA GLU C 95 -18.07 -16.70 20.71
C GLU C 95 -17.97 -17.93 21.60
N LEU C 96 -17.16 -17.85 22.67
CA LEU C 96 -17.07 -18.97 23.60
C LEU C 96 -18.27 -19.03 24.54
N ARG C 97 -18.82 -17.88 24.88
CA ARG C 97 -19.99 -17.77 25.77
C ARG C 97 -19.67 -18.31 27.16
N VAL C 98 -18.64 -17.73 27.77
CA VAL C 98 -18.25 -18.06 29.13
C VAL C 98 -17.99 -16.76 29.88
N ALA C 99 -18.36 -16.73 31.14
CA ALA C 99 -17.97 -15.61 31.98
C ALA C 99 -16.50 -15.76 32.34
N PRO C 100 -15.65 -14.77 32.06
CA PRO C 100 -14.22 -14.92 32.35
C PRO C 100 -13.92 -15.05 33.82
N GLU C 101 -14.82 -14.63 34.71
CA GLU C 101 -14.53 -14.62 36.14
C GLU C 101 -14.30 -16.03 36.68
N GLU C 102 -14.71 -17.06 35.94
CA GLU C 102 -14.65 -18.42 36.46
C GLU C 102 -13.65 -19.30 35.74
N HIS C 103 -12.83 -18.75 34.84
CA HIS C 103 -11.90 -19.55 34.06
C HIS C 103 -10.52 -18.90 34.04
N PRO C 104 -9.46 -19.62 34.37
CA PRO C 104 -8.11 -19.14 34.07
C PRO C 104 -7.89 -19.10 32.56
N THR C 105 -7.05 -18.17 32.13
CA THR C 105 -6.81 -17.93 30.71
C THR C 105 -5.33 -18.09 30.40
N LEU C 106 -5.01 -18.89 29.39
CA LEU C 106 -3.64 -19.10 28.94
C LEU C 106 -3.45 -18.37 27.62
N LEU C 107 -2.79 -17.22 27.67
CA LEU C 107 -2.51 -16.44 26.47
C LEU C 107 -1.15 -16.82 25.89
N THR C 108 -0.98 -16.56 24.60
CA THR C 108 0.25 -16.89 23.91
C THR C 108 0.89 -15.60 23.39
N GLU C 109 2.21 -15.66 23.18
CA GLU C 109 2.95 -14.49 22.74
C GLU C 109 4.26 -14.91 22.08
N ALA C 110 4.62 -14.23 21.01
CA ALA C 110 5.87 -14.48 20.33
C ALA C 110 7.05 -14.07 21.22
N PRO C 111 8.22 -14.66 21.00
CA PRO C 111 9.38 -14.25 21.79
C PRO C 111 9.91 -12.90 21.35
N LEU C 112 10.67 -12.28 22.25
CA LEU C 112 11.37 -11.03 21.97
C LEU C 112 10.42 -9.88 21.68
N ASN C 113 9.22 -9.90 22.23
CA ASN C 113 8.30 -8.78 22.14
C ASN C 113 8.61 -7.77 23.25
N PRO C 114 8.07 -6.56 23.14
CA PRO C 114 8.23 -5.59 24.23
C PRO C 114 7.64 -6.11 25.53
N LYS C 115 8.20 -5.62 26.64
CA LYS C 115 7.70 -6.02 27.95
C LYS C 115 6.37 -5.36 28.28
N ALA C 116 6.14 -4.16 27.77
CA ALA C 116 4.86 -3.50 27.99
C ALA C 116 3.72 -4.33 27.42
N ASN C 117 4.01 -5.16 26.42
CA ASN C 117 2.97 -6.01 25.84
C ASN C 117 2.44 -7.00 26.87
N ARG C 118 3.33 -7.76 27.52
CA ARG C 118 2.90 -8.67 28.57
C ARG C 118 2.29 -7.92 29.74
N GLU C 119 2.90 -6.81 30.15
CA GLU C 119 2.37 -6.07 31.29
C GLU C 119 0.95 -5.59 31.05
N LYS C 120 0.63 -5.08 29.86
CA LYS C 120 -0.72 -4.63 29.58
C LYS C 120 -1.69 -5.77 29.30
N MET C 121 -1.27 -6.88 28.70
CA MET C 121 -2.18 -8.02 28.64
C MET C 121 -2.57 -8.51 30.03
N THR C 122 -1.60 -8.60 30.95
CA THR C 122 -1.90 -9.00 32.31
C THR C 122 -2.81 -8.01 33.00
N GLN C 123 -2.55 -6.72 32.86
CA GLN C 123 -3.38 -5.71 33.51
C GLN C 123 -4.80 -5.74 32.98
N ILE C 124 -4.98 -5.90 31.66
CA ILE C 124 -6.32 -5.93 31.09
C ILE C 124 -7.08 -7.17 31.56
N MET C 125 -6.42 -8.32 31.58
CA MET C 125 -7.10 -9.53 32.04
C MET C 125 -7.48 -9.43 33.51
N PHE C 126 -6.62 -8.86 34.34
CA PHE C 126 -6.90 -8.85 35.78
C PHE C 126 -7.77 -7.69 36.23
N GLU C 127 -7.92 -6.65 35.41
CA GLU C 127 -8.69 -5.48 35.83
C GLU C 127 -9.95 -5.26 35.01
N THR C 128 -9.97 -5.67 33.76
CA THR C 128 -11.17 -5.49 32.93
C THR C 128 -12.02 -6.76 32.87
N PHE C 129 -11.39 -7.93 32.73
CA PHE C 129 -12.13 -9.18 32.63
C PHE C 129 -12.17 -9.97 33.93
N ASN C 130 -11.37 -9.59 34.93
CA ASN C 130 -11.43 -10.17 36.27
C ASN C 130 -11.24 -11.68 36.26
N VAL C 131 -10.30 -12.17 35.45
CA VAL C 131 -10.01 -13.60 35.42
C VAL C 131 -9.38 -13.98 36.77
N PRO C 132 -9.58 -15.22 37.25
CA PRO C 132 -8.95 -15.60 38.51
C PRO C 132 -7.47 -15.93 38.40
N ALA C 133 -6.98 -16.26 37.22
CA ALA C 133 -5.58 -16.57 37.02
C ALA C 133 -5.28 -16.47 35.52
N MET C 134 -4.00 -16.39 35.19
CA MET C 134 -3.59 -16.33 33.79
C MET C 134 -2.15 -16.79 33.67
N TYR C 135 -1.67 -16.81 32.43
CA TYR C 135 -0.31 -17.22 32.10
C TYR C 135 -0.05 -16.87 30.64
N VAL C 136 1.16 -16.42 30.35
CA VAL C 136 1.55 -16.04 29.00
C VAL C 136 2.70 -16.94 28.58
N ALA C 137 2.50 -17.71 27.51
CA ALA C 137 3.45 -18.73 27.09
C ALA C 137 3.96 -18.43 25.69
N ILE C 138 5.26 -18.63 25.48
CA ILE C 138 5.84 -18.46 24.15
C ILE C 138 5.22 -19.47 23.20
N GLN C 139 5.02 -19.07 21.95
CA GLN C 139 4.24 -19.88 21.03
C GLN C 139 5.00 -21.11 20.54
N ALA C 140 6.31 -21.00 20.32
CA ALA C 140 7.05 -22.14 19.81
C ALA C 140 7.22 -23.22 20.86
N VAL C 141 7.27 -22.85 22.14
CA VAL C 141 7.28 -23.85 23.21
C VAL C 141 5.99 -24.67 23.17
N LEU C 142 4.86 -23.99 22.99
CA LEU C 142 3.58 -24.71 22.91
C LEU C 142 3.52 -25.56 21.65
N SER C 143 4.09 -25.09 20.55
CA SER C 143 4.12 -25.91 19.36
C SER C 143 4.94 -27.17 19.57
N LEU C 144 6.02 -27.07 20.34
CA LEU C 144 6.79 -28.28 20.64
C LEU C 144 6.06 -29.19 21.61
N TYR C 145 5.29 -28.62 22.54
CA TYR C 145 4.38 -29.42 23.35
C TYR C 145 3.45 -30.25 22.47
N ALA C 146 2.78 -29.59 21.54
CA ALA C 146 1.78 -30.26 20.71
C ALA C 146 2.39 -31.14 19.63
N SER C 147 3.69 -31.01 19.37
CA SER C 147 4.32 -31.88 18.40
C SER C 147 4.67 -33.24 18.97
N GLY C 148 4.47 -33.45 20.27
CA GLY C 148 4.72 -34.75 20.86
C GLY C 148 6.18 -35.06 21.14
N ARG C 149 7.03 -34.05 21.27
CA ARG C 149 8.46 -34.25 21.51
C ARG C 149 8.91 -33.34 22.63
N THR C 150 10.21 -33.41 22.93
CA THR C 150 10.86 -32.47 23.82
C THR C 150 12.21 -32.00 23.30
N THR C 151 12.56 -32.29 22.06
CA THR C 151 13.85 -31.94 21.48
C THR C 151 13.65 -31.59 20.01
N GLY C 152 13.66 -30.30 19.70
CA GLY C 152 13.51 -29.88 18.33
C GLY C 152 13.74 -28.39 18.22
N ILE C 153 13.72 -27.92 16.98
CA ILE C 153 13.83 -26.50 16.66
C ILE C 153 12.54 -26.10 15.95
N VAL C 154 11.79 -25.19 16.53
CA VAL C 154 10.41 -24.94 16.14
C VAL C 154 10.35 -23.71 15.27
N LEU C 155 10.30 -23.90 13.96
CA LEU C 155 9.98 -22.80 13.07
C LEU C 155 8.49 -22.52 13.17
N ASP C 156 8.12 -21.30 13.55
CA ASP C 156 6.72 -20.94 13.79
C ASP C 156 6.39 -19.69 13.01
N SER C 157 5.99 -19.85 11.75
CA SER C 157 5.52 -18.71 10.99
C SER C 157 4.13 -18.31 11.46
N GLY C 158 3.53 -17.38 10.74
CA GLY C 158 2.23 -16.88 11.13
C GLY C 158 1.79 -15.73 10.28
N ASP C 159 1.03 -14.81 10.85
CA ASP C 159 0.66 -13.60 10.13
C ASP C 159 1.48 -12.40 10.57
N GLY C 160 1.98 -12.41 11.82
CA GLY C 160 2.79 -11.32 12.30
C GLY C 160 4.29 -11.52 12.19
N VAL C 161 4.81 -12.61 12.76
CA VAL C 161 6.25 -12.83 12.88
C VAL C 161 6.57 -14.28 12.51
N THR C 162 7.86 -14.55 12.37
CA THR C 162 8.38 -15.89 12.10
C THR C 162 9.59 -16.09 12.99
N HIS C 163 9.50 -17.00 13.94
CA HIS C 163 10.54 -17.13 14.95
C HIS C 163 10.90 -18.58 15.19
N ASN C 164 12.15 -18.82 15.57
CA ASN C 164 12.66 -20.13 15.93
C ASN C 164 12.92 -20.18 17.43
N VAL C 165 12.71 -21.35 18.02
CA VAL C 165 13.08 -21.58 19.41
C VAL C 165 13.72 -22.96 19.49
N PRO C 166 15.04 -23.07 19.60
CA PRO C 166 15.67 -24.39 19.69
C PRO C 166 15.63 -24.90 21.12
N ILE C 167 15.13 -26.12 21.28
CA ILE C 167 14.93 -26.73 22.59
C ILE C 167 15.58 -28.11 22.56
N TYR C 168 16.32 -28.44 23.61
CA TYR C 168 16.91 -29.75 23.75
C TYR C 168 16.51 -30.34 25.10
N GLU C 169 15.60 -31.30 25.06
CA GLU C 169 15.18 -32.04 26.25
C GLU C 169 14.65 -31.11 27.33
N GLY C 170 13.73 -30.23 26.92
CA GLY C 170 13.05 -29.35 27.84
C GLY C 170 13.85 -28.14 28.30
N TYR C 171 15.03 -27.90 27.73
CA TYR C 171 15.89 -26.80 28.13
C TYR C 171 16.09 -25.88 26.94
N ALA C 172 15.29 -24.83 26.86
CA ALA C 172 15.39 -23.89 25.74
C ALA C 172 16.67 -23.09 25.83
N LEU C 173 17.19 -22.72 24.67
CA LEU C 173 18.43 -21.97 24.54
C LEU C 173 18.12 -20.53 24.16
N PRO C 174 17.96 -19.63 25.13
CA PRO C 174 17.46 -18.29 24.82
C PRO C 174 18.39 -17.46 23.95
N HIS C 175 19.67 -17.82 23.83
CA HIS C 175 20.58 -17.05 23.00
C HIS C 175 20.51 -17.45 21.53
N ALA C 176 19.78 -18.51 21.19
CA ALA C 176 19.65 -18.95 19.82
C ALA C 176 18.24 -18.76 19.28
N ILE C 177 17.43 -17.95 19.94
CA ILE C 177 16.09 -17.62 19.46
C ILE C 177 16.22 -16.53 18.42
N MET C 178 15.76 -16.81 17.20
CA MET C 178 15.91 -15.91 16.07
C MET C 178 14.54 -15.49 15.57
N ARG C 179 14.13 -14.27 15.90
CA ARG C 179 12.83 -13.75 15.53
C ARG C 179 12.96 -12.90 14.27
N LEU C 180 12.22 -13.28 13.24
CA LEU C 180 12.19 -12.58 11.97
C LEU C 180 10.79 -12.00 11.78
N ASP C 181 10.72 -10.75 11.33
CA ASP C 181 9.44 -10.04 11.20
C ASP C 181 8.84 -10.17 9.82
N LEU C 182 9.10 -11.27 9.12
CA LEU C 182 8.52 -11.55 7.82
C LEU C 182 7.53 -12.70 7.96
N ALA C 183 6.29 -12.47 7.55
CA ALA C 183 5.23 -13.41 7.87
C ALA C 183 4.14 -13.29 6.81
N GLY C 184 2.96 -13.81 7.11
CA GLY C 184 1.91 -13.91 6.11
C GLY C 184 1.44 -12.58 5.56
N ARG C 185 1.37 -11.56 6.41
CA ARG C 185 0.83 -10.28 5.95
C ARG C 185 1.78 -9.62 4.95
N ASP C 186 3.08 -9.75 5.16
CA ASP C 186 4.03 -9.22 4.18
C ASP C 186 3.90 -9.97 2.85
N LEU C 187 3.61 -11.27 2.90
CA LEU C 187 3.40 -12.02 1.68
C LEU C 187 2.12 -11.58 0.98
N THR C 188 1.08 -11.24 1.74
CA THR C 188 -0.15 -10.72 1.14
C THR C 188 0.12 -9.39 0.44
N ASP C 189 0.84 -8.49 1.09
CA ASP C 189 1.15 -7.20 0.48
C ASP C 189 2.02 -7.37 -0.76
N TYR C 190 3.01 -8.27 -0.70
CA TYR C 190 3.81 -8.53 -1.89
C TYR C 190 2.99 -9.15 -3.00
N LEU C 191 2.01 -9.99 -2.67
CA LEU C 191 1.16 -10.55 -3.71
C LEU C 191 0.32 -9.47 -4.36
N MET C 192 -0.16 -8.50 -3.58
CA MET C 192 -0.87 -7.36 -4.15
C MET C 192 0.03 -6.60 -5.12
N LYS C 193 1.28 -6.33 -4.68
CA LYS C 193 2.24 -5.63 -5.52
C LYS C 193 2.47 -6.35 -6.84
N ILE C 194 2.78 -7.65 -6.80
CA ILE C 194 3.07 -8.36 -8.03
C ILE C 194 1.80 -8.66 -8.83
N LEU C 195 0.63 -8.59 -8.20
CA LEU C 195 -0.61 -8.72 -8.95
C LEU C 195 -0.87 -7.48 -9.77
N THR C 196 -0.36 -6.33 -9.35
CA THR C 196 -0.52 -5.14 -10.18
C THR C 196 0.11 -5.30 -11.56
N GLU C 197 1.05 -6.23 -11.73
CA GLU C 197 1.68 -6.43 -13.04
C GLU C 197 0.69 -6.94 -14.08
N ARG C 198 -0.16 -7.91 -13.70
CA ARG C 198 -1.07 -8.48 -14.67
C ARG C 198 -2.18 -7.52 -15.05
N GLY C 199 -2.43 -6.49 -14.25
CA GLY C 199 -3.49 -5.54 -14.48
C GLY C 199 -4.46 -5.41 -13.32
N TYR C 200 -4.49 -6.37 -12.41
CA TYR C 200 -5.42 -6.37 -11.29
C TYR C 200 -4.89 -5.47 -10.18
N SER C 201 -5.67 -4.48 -9.79
CA SER C 201 -5.27 -3.54 -8.75
C SER C 201 -6.22 -3.70 -7.57
N PHE C 202 -5.74 -4.32 -6.50
CA PHE C 202 -6.45 -4.39 -5.23
C PHE C 202 -5.84 -3.34 -4.30
N VAL C 203 -6.65 -2.41 -3.81
CA VAL C 203 -6.10 -1.32 -3.02
C VAL C 203 -6.71 -1.21 -1.63
N THR C 204 -7.98 -1.61 -1.49
CA THR C 204 -8.66 -1.40 -0.22
C THR C 204 -8.36 -2.55 0.75
N THR C 205 -8.93 -2.46 1.94
CA THR C 205 -8.72 -3.50 2.95
C THR C 205 -9.52 -4.75 2.64
N ALA C 206 -10.79 -4.60 2.24
CA ALA C 206 -11.55 -5.74 1.77
C ALA C 206 -10.84 -6.44 0.63
N GLU C 207 -10.20 -5.67 -0.24
CA GLU C 207 -9.42 -6.27 -1.31
C GLU C 207 -8.11 -6.87 -0.81
N ARG C 208 -7.56 -6.40 0.31
CA ARG C 208 -6.52 -7.18 0.96
C ARG C 208 -7.01 -8.55 1.36
N GLU C 209 -8.22 -8.64 1.93
CA GLU C 209 -8.78 -9.94 2.26
C GLU C 209 -9.02 -10.82 1.05
N ILE C 210 -9.44 -10.24 -0.07
CA ILE C 210 -9.56 -11.03 -1.29
C ILE C 210 -8.19 -11.55 -1.74
N VAL C 211 -7.15 -10.72 -1.66
CA VAL C 211 -5.82 -11.17 -2.05
C VAL C 211 -5.29 -12.22 -1.10
N ARG C 212 -5.63 -12.11 0.19
CA ARG C 212 -5.25 -13.15 1.14
C ARG C 212 -5.87 -14.48 0.75
N ASP C 213 -7.14 -14.46 0.34
CA ASP C 213 -7.79 -15.69 -0.08
C ASP C 213 -7.15 -16.25 -1.34
N ILE C 214 -6.78 -15.37 -2.27
CA ILE C 214 -6.05 -15.83 -3.46
C ILE C 214 -4.76 -16.53 -3.06
N LYS C 215 -4.02 -15.92 -2.13
CA LYS C 215 -2.76 -16.49 -1.68
C LYS C 215 -2.97 -17.85 -1.04
N GLU C 216 -3.99 -17.98 -0.21
CA GLU C 216 -4.26 -19.26 0.43
C GLU C 216 -4.64 -20.33 -0.58
N LYS C 217 -5.51 -19.99 -1.55
CA LYS C 217 -6.01 -21.00 -2.47
C LYS C 217 -4.94 -21.43 -3.47
N LEU C 218 -4.24 -20.47 -4.07
CA LEU C 218 -3.45 -20.76 -5.26
C LEU C 218 -1.95 -20.85 -5.01
N CYS C 219 -1.38 -19.95 -4.20
CA CYS C 219 0.07 -19.85 -4.09
C CYS C 219 0.67 -21.11 -3.47
N TYR C 220 1.86 -21.48 -3.95
CA TYR C 220 2.61 -22.62 -3.46
C TYR C 220 4.09 -22.25 -3.50
N VAL C 221 4.94 -23.15 -3.00
CA VAL C 221 6.38 -22.90 -2.93
C VAL C 221 7.08 -23.81 -3.94
N ALA C 222 7.96 -23.22 -4.75
CA ALA C 222 8.68 -23.97 -5.76
C ALA C 222 9.88 -24.66 -5.13
N LEU C 223 10.15 -25.90 -5.58
CA LEU C 223 11.31 -26.61 -5.09
C LEU C 223 12.60 -25.99 -5.62
N ASP C 224 12.64 -25.70 -6.92
CA ASP C 224 13.76 -25.00 -7.55
C ASP C 224 13.21 -23.77 -8.22
N PHE C 225 13.64 -22.59 -7.77
CA PHE C 225 13.02 -21.35 -8.22
C PHE C 225 13.33 -21.06 -9.68
N GLU C 226 14.60 -21.17 -10.08
CA GLU C 226 14.96 -20.83 -11.45
C GLU C 226 14.30 -21.77 -12.45
N ASN C 227 14.29 -23.07 -12.15
CA ASN C 227 13.64 -24.02 -13.05
C ASN C 227 12.15 -23.75 -13.16
N GLU C 228 11.52 -23.36 -12.06
CA GLU C 228 10.09 -23.08 -12.12
C GLU C 228 9.80 -21.80 -12.88
N MET C 229 10.66 -20.78 -12.74
CA MET C 229 10.50 -19.59 -13.57
C MET C 229 10.65 -19.92 -15.04
N ALA C 230 11.63 -20.75 -15.38
CA ALA C 230 11.81 -21.16 -16.77
C ALA C 230 10.59 -21.91 -17.28
N THR C 231 10.04 -22.83 -16.47
CA THR C 231 8.86 -23.57 -16.87
C THR C 231 7.65 -22.66 -17.04
N ALA C 232 7.48 -21.69 -16.13
CA ALA C 232 6.35 -20.78 -16.21
C ALA C 232 6.46 -19.84 -17.40
N ALA C 233 7.67 -19.45 -17.78
CA ALA C 233 7.83 -18.60 -18.95
C ALA C 233 7.68 -19.38 -20.24
N SER C 234 8.11 -20.64 -20.26
CA SER C 234 8.07 -21.41 -21.51
C SER C 234 6.65 -21.80 -21.88
N SER C 235 5.86 -22.26 -20.91
CA SER C 235 4.53 -22.78 -21.18
C SER C 235 3.53 -22.20 -20.19
N SER C 236 2.26 -22.32 -20.54
CA SER C 236 1.16 -21.85 -19.69
C SER C 236 0.54 -22.98 -18.89
N SER C 237 1.33 -23.96 -18.47
CA SER C 237 0.81 -25.07 -17.68
C SER C 237 0.64 -24.72 -16.21
N LEU C 238 1.21 -23.61 -15.76
CA LEU C 238 1.16 -23.22 -14.36
C LEU C 238 0.07 -22.21 -14.05
N GLU C 239 -0.69 -21.75 -15.04
CA GLU C 239 -1.68 -20.72 -14.81
C GLU C 239 -2.94 -21.32 -14.21
N LYS C 240 -3.44 -20.72 -13.13
CA LYS C 240 -4.68 -21.13 -12.51
C LYS C 240 -5.55 -19.90 -12.29
N SER C 241 -6.85 -20.08 -12.45
CA SER C 241 -7.81 -18.99 -12.44
C SER C 241 -8.56 -18.94 -11.12
N TYR C 242 -8.92 -17.73 -10.71
CA TYR C 242 -9.66 -17.47 -9.49
C TYR C 242 -10.79 -16.52 -9.82
N GLU C 243 -11.93 -16.67 -9.17
CA GLU C 243 -13.12 -15.89 -9.48
C GLU C 243 -13.43 -14.94 -8.33
N LEU C 244 -13.41 -13.64 -8.63
CA LEU C 244 -13.58 -12.61 -7.63
C LEU C 244 -15.02 -12.55 -7.15
N PRO C 245 -15.28 -11.88 -6.03
CA PRO C 245 -16.65 -11.85 -5.49
C PRO C 245 -17.67 -11.15 -6.37
N ASP C 246 -17.28 -10.51 -7.47
CA ASP C 246 -18.24 -9.89 -8.36
C ASP C 246 -18.34 -10.58 -9.71
N GLY C 247 -17.83 -11.81 -9.82
CA GLY C 247 -17.94 -12.59 -11.02
C GLY C 247 -16.75 -12.52 -11.96
N GLN C 248 -15.85 -11.56 -11.76
CA GLN C 248 -14.68 -11.47 -12.62
C GLN C 248 -13.74 -12.63 -12.35
N VAL C 249 -12.99 -13.01 -13.37
CA VAL C 249 -12.05 -14.12 -13.31
C VAL C 249 -10.65 -13.56 -13.52
N ILE C 250 -9.74 -13.88 -12.61
CA ILE C 250 -8.36 -13.49 -12.75
C ILE C 250 -7.55 -14.72 -13.15
N THR C 251 -6.28 -14.51 -13.48
CA THR C 251 -5.43 -15.63 -13.88
C THR C 251 -3.99 -15.30 -13.50
N ILE C 252 -3.43 -16.05 -12.57
CA ILE C 252 -2.06 -15.82 -12.10
C ILE C 252 -1.25 -17.08 -12.37
N GLY C 253 -0.22 -16.96 -13.19
CA GLY C 253 0.62 -18.10 -13.50
C GLY C 253 1.97 -18.06 -12.83
N ASN C 254 2.62 -16.89 -12.88
CA ASN C 254 3.97 -16.74 -12.35
C ASN C 254 3.98 -16.18 -10.94
N GLU C 255 2.89 -15.56 -10.51
CA GLU C 255 2.80 -15.01 -9.16
C GLU C 255 2.52 -16.07 -8.12
N ARG C 256 2.35 -17.33 -8.52
CA ARG C 256 1.95 -18.36 -7.58
C ARG C 256 3.09 -18.72 -6.63
N PHE C 257 4.29 -18.91 -7.17
CA PHE C 257 5.44 -19.26 -6.35
C PHE C 257 6.36 -18.07 -6.09
N ARG C 258 6.07 -16.91 -6.67
CA ARG C 258 6.86 -15.73 -6.37
C ARG C 258 6.47 -15.10 -5.05
N CYS C 259 5.19 -15.18 -4.67
CA CYS C 259 4.76 -14.65 -3.38
C CYS C 259 5.37 -15.41 -2.21
N PRO C 260 5.34 -16.75 -2.14
CA PRO C 260 5.94 -17.42 -0.98
C PRO C 260 7.44 -17.58 -1.06
N GLU C 261 8.05 -17.24 -2.20
CA GLU C 261 9.51 -17.19 -2.27
C GLU C 261 10.10 -16.05 -1.47
N THR C 262 9.28 -15.08 -1.06
CA THR C 262 9.77 -14.01 -0.21
C THR C 262 10.33 -14.56 1.09
N LEU C 263 9.79 -15.68 1.57
CA LEU C 263 10.30 -16.25 2.82
C LEU C 263 11.74 -16.70 2.68
N PHE C 264 12.09 -17.31 1.55
CA PHE C 264 13.44 -17.81 1.36
C PHE C 264 14.39 -16.78 0.76
N GLN C 265 13.86 -15.70 0.20
CA GLN C 265 14.67 -14.57 -0.26
C GLN C 265 13.99 -13.29 0.18
N PRO C 266 14.21 -12.86 1.42
CA PRO C 266 13.51 -11.67 1.92
C PRO C 266 13.98 -10.39 1.26
N SER C 267 14.86 -10.51 0.26
CA SER C 267 15.27 -9.35 -0.51
C SER C 267 14.25 -8.98 -1.57
N PHE C 268 13.22 -9.80 -1.76
CA PHE C 268 12.15 -9.46 -2.69
C PHE C 268 11.38 -8.25 -2.22
N ILE C 269 11.13 -8.15 -0.92
CA ILE C 269 10.40 -7.03 -0.35
C ILE C 269 11.33 -6.02 0.31
N GLY C 270 12.60 -6.02 -0.07
CA GLY C 270 13.53 -5.03 0.42
C GLY C 270 14.15 -5.32 1.76
N MET C 271 13.80 -6.43 2.40
CA MET C 271 14.42 -6.78 3.67
C MET C 271 15.81 -7.38 3.43
N GLU C 272 16.71 -7.12 4.38
CA GLU C 272 18.07 -7.58 4.25
C GLU C 272 18.27 -8.99 4.79
N SER C 273 17.55 -9.36 5.84
CA SER C 273 17.81 -10.58 6.58
C SER C 273 17.74 -11.81 5.68
N ALA C 274 18.34 -12.91 6.16
CA ALA C 274 18.39 -14.14 5.41
C ALA C 274 17.05 -14.87 5.47
N GLY C 275 16.85 -15.80 4.54
CA GLY C 275 15.60 -16.52 4.45
C GLY C 275 15.33 -17.36 5.68
N ILE C 276 14.22 -18.11 5.68
CA ILE C 276 13.92 -18.92 6.84
C ILE C 276 14.82 -20.14 6.93
N HIS C 277 15.37 -20.60 5.81
CA HIS C 277 16.29 -21.74 5.85
C HIS C 277 17.62 -21.35 6.49
N GLU C 278 18.17 -20.21 6.09
CA GLU C 278 19.41 -19.75 6.72
C GLU C 278 19.17 -19.32 8.15
N THR C 279 18.00 -18.78 8.47
CA THR C 279 17.70 -18.45 9.86
C THR C 279 17.65 -19.70 10.72
N THR C 280 17.00 -20.76 10.23
CA THR C 280 16.96 -22.00 10.98
C THR C 280 18.36 -22.60 11.15
N TYR C 281 19.16 -22.59 10.09
CA TYR C 281 20.50 -23.16 10.18
C TYR C 281 21.39 -22.33 11.11
N ASN C 282 21.28 -21.00 11.08
CA ASN C 282 22.05 -20.17 11.99
C ASN C 282 21.60 -20.39 13.42
N SER C 283 20.30 -20.59 13.64
CA SER C 283 19.84 -20.90 14.99
C SER C 283 20.34 -22.25 15.46
N ILE C 284 20.50 -23.20 14.54
CA ILE C 284 21.04 -24.50 14.92
C ILE C 284 22.51 -24.38 15.30
N MET C 285 23.32 -23.71 14.47
CA MET C 285 24.73 -23.60 14.79
C MET C 285 25.05 -22.47 15.78
N LYS C 286 24.07 -21.96 16.50
CA LYS C 286 24.35 -21.18 17.69
C LYS C 286 24.22 -22.02 18.95
N CYS C 287 23.65 -23.21 18.85
CA CYS C 287 23.48 -24.11 19.97
C CYS C 287 24.76 -24.93 20.20
N ASP C 288 24.80 -25.59 21.34
CA ASP C 288 25.98 -26.38 21.71
C ASP C 288 26.18 -27.52 20.72
N ILE C 289 27.46 -27.88 20.53
CA ILE C 289 27.84 -28.78 19.44
C ILE C 289 27.19 -30.15 19.59
N ASP C 290 26.94 -30.59 20.82
CA ASP C 290 26.47 -31.95 21.03
C ASP C 290 25.01 -32.15 20.65
N ILE C 291 24.22 -31.07 20.62
CA ILE C 291 22.79 -31.18 20.39
C ILE C 291 22.39 -30.79 18.98
N ARG C 292 23.35 -30.42 18.13
CA ARG C 292 23.00 -30.05 16.77
C ARG C 292 22.50 -31.25 15.97
N LYS C 293 22.99 -32.45 16.26
CA LYS C 293 22.51 -33.63 15.56
C LYS C 293 21.05 -33.92 15.89
N ASP C 294 20.67 -33.70 17.15
CA ASP C 294 19.27 -33.92 17.54
C ASP C 294 18.37 -32.80 17.08
N LEU C 295 18.89 -31.57 16.95
CA LEU C 295 18.10 -30.48 16.40
C LEU C 295 17.93 -30.59 14.90
N TYR C 296 18.90 -31.17 14.19
CA TYR C 296 18.77 -31.32 12.75
C TYR C 296 17.61 -32.23 12.39
N ALA C 297 17.41 -33.30 13.17
CA ALA C 297 16.42 -34.31 12.82
C ALA C 297 15.01 -33.97 13.29
N ASN C 298 14.82 -32.91 14.09
CA ASN C 298 13.50 -32.51 14.56
C ASN C 298 13.30 -31.03 14.25
N ASN C 299 12.85 -30.73 13.04
CA ASN C 299 12.54 -29.36 12.63
C ASN C 299 11.02 -29.21 12.62
N VAL C 300 10.44 -28.94 13.78
CA VAL C 300 8.99 -28.80 13.86
C VAL C 300 8.59 -27.49 13.21
N MET C 301 7.68 -27.56 12.23
CA MET C 301 7.15 -26.38 11.59
C MET C 301 5.72 -26.15 12.04
N SER C 302 5.40 -24.91 12.41
CA SER C 302 4.07 -24.58 12.91
C SER C 302 3.51 -23.36 12.20
N GLY C 303 2.40 -22.84 12.70
CA GLY C 303 1.86 -21.60 12.18
C GLY C 303 1.20 -21.73 10.83
N GLY C 304 0.34 -20.77 10.48
CA GLY C 304 -0.41 -20.87 9.25
C GLY C 304 0.46 -20.78 8.01
N THR C 305 1.40 -19.83 8.00
CA THR C 305 2.17 -19.52 6.81
C THR C 305 3.03 -20.69 6.34
N THR C 306 3.30 -21.67 7.19
CA THR C 306 4.07 -22.84 6.81
C THR C 306 3.22 -23.91 6.17
N MET C 307 2.06 -23.55 5.61
CA MET C 307 1.17 -24.54 5.00
C MET C 307 1.12 -24.42 3.49
N TYR C 308 2.05 -23.72 2.88
CA TYR C 308 2.11 -23.67 1.43
C TYR C 308 2.44 -25.06 0.89
N PRO C 309 1.79 -25.48 -0.18
CA PRO C 309 2.11 -26.80 -0.75
C PRO C 309 3.54 -26.86 -1.25
N GLY C 310 4.37 -27.66 -0.59
CA GLY C 310 5.74 -27.83 -0.99
C GLY C 310 6.76 -27.06 -0.17
N ILE C 311 6.41 -26.61 1.03
CA ILE C 311 7.38 -25.87 1.83
C ILE C 311 8.29 -26.81 2.60
N ALA C 312 7.79 -27.99 3.00
CA ALA C 312 8.63 -28.92 3.73
C ALA C 312 9.75 -29.47 2.85
N ASP C 313 9.42 -29.87 1.62
CA ASP C 313 10.42 -30.40 0.71
C ASP C 313 11.46 -29.34 0.37
N ARG C 314 11.00 -28.12 0.09
CA ARG C 314 11.94 -27.05 -0.26
C ARG C 314 12.83 -26.69 0.92
N MET C 315 12.27 -26.64 2.13
CA MET C 315 13.09 -26.30 3.28
C MET C 315 14.08 -27.39 3.60
N GLN C 316 13.69 -28.66 3.42
CA GLN C 316 14.64 -29.75 3.60
C GLN C 316 15.77 -29.67 2.58
N LYS C 317 15.43 -29.35 1.33
CA LYS C 317 16.48 -29.21 0.32
C LYS C 317 17.41 -28.06 0.65
N GLU C 318 16.87 -26.95 1.15
CA GLU C 318 17.69 -25.79 1.43
C GLU C 318 18.60 -26.01 2.64
N ILE C 319 18.09 -26.67 3.68
CA ILE C 319 18.91 -26.91 4.86
C ILE C 319 19.94 -28.00 4.58
N THR C 320 19.55 -29.06 3.87
CA THR C 320 20.49 -30.14 3.59
C THR C 320 21.71 -29.65 2.82
N ALA C 321 21.55 -28.60 2.02
CA ALA C 321 22.69 -28.03 1.32
C ALA C 321 23.59 -27.23 2.24
N LEU C 322 23.13 -26.87 3.43
CA LEU C 322 23.94 -26.13 4.39
C LEU C 322 24.55 -27.03 5.45
N ALA C 323 23.80 -28.00 5.95
CA ALA C 323 24.27 -28.89 6.99
C ALA C 323 25.34 -29.83 6.45
N PRO C 324 26.18 -30.40 7.32
CA PRO C 324 27.18 -31.35 6.86
C PRO C 324 26.52 -32.55 6.18
N SER C 325 27.26 -33.13 5.23
CA SER C 325 26.69 -34.19 4.39
C SER C 325 26.29 -35.42 5.19
N THR C 326 26.80 -35.59 6.40
CA THR C 326 26.51 -36.77 7.18
C THR C 326 25.18 -36.69 7.92
N MET C 327 24.83 -35.52 8.45
CA MET C 327 23.65 -35.41 9.30
C MET C 327 22.34 -35.60 8.56
N LYS C 328 21.38 -36.15 9.28
CA LYS C 328 20.07 -36.53 8.77
C LYS C 328 19.09 -35.40 9.03
N ILE C 329 18.66 -34.72 7.97
CA ILE C 329 17.73 -33.61 8.07
C ILE C 329 16.34 -34.11 7.70
N LYS C 330 15.37 -33.84 8.57
CA LYS C 330 13.99 -34.14 8.23
C LYS C 330 13.07 -33.14 8.89
N ILE C 331 12.17 -32.57 8.10
CA ILE C 331 11.28 -31.51 8.55
C ILE C 331 9.95 -32.13 8.95
N ILE C 332 9.48 -31.80 10.15
CA ILE C 332 8.25 -32.35 10.69
C ILE C 332 7.13 -31.36 10.43
N ALA C 333 6.18 -31.75 9.60
CA ALA C 333 5.08 -30.87 9.19
C ALA C 333 3.77 -31.61 9.42
N PRO C 334 3.21 -31.53 10.63
CA PRO C 334 1.94 -32.19 10.89
C PRO C 334 0.83 -31.57 10.05
N PRO C 335 -0.15 -32.38 9.64
CA PRO C 335 -1.25 -31.82 8.85
C PRO C 335 -2.07 -30.78 9.57
N GLU C 336 -2.05 -30.76 10.90
CA GLU C 336 -2.81 -29.81 11.69
C GLU C 336 -1.98 -28.63 12.16
N ARG C 337 -0.84 -28.38 11.52
CA ARG C 337 0.14 -27.46 12.08
C ARG C 337 -0.39 -26.04 12.21
N LYS C 338 -1.50 -25.71 11.56
CA LYS C 338 -2.10 -24.40 11.77
C LYS C 338 -2.54 -24.22 13.21
N TYR C 339 -2.99 -25.28 13.87
CA TYR C 339 -3.49 -25.23 15.24
C TYR C 339 -2.51 -25.86 16.24
N SER C 340 -1.23 -25.97 15.89
CA SER C 340 -0.29 -26.62 16.80
C SER C 340 -0.08 -25.81 18.06
N VAL C 341 -0.06 -24.49 17.96
CA VAL C 341 0.15 -23.67 19.15
C VAL C 341 -1.00 -23.84 20.12
N TRP C 342 -2.23 -23.87 19.61
CA TRP C 342 -3.37 -24.00 20.51
C TRP C 342 -3.42 -25.38 21.14
N ILE C 343 -3.13 -26.44 20.37
CA ILE C 343 -3.12 -27.78 20.95
C ILE C 343 -2.07 -27.87 22.04
N GLY C 344 -0.92 -27.21 21.84
CA GLY C 344 0.06 -27.12 22.89
C GLY C 344 -0.45 -26.37 24.10
N GLY C 345 -1.28 -25.34 23.88
CA GLY C 345 -1.89 -24.65 25.00
C GLY C 345 -2.83 -25.55 25.78
N SER C 346 -3.56 -26.41 25.06
CA SER C 346 -4.43 -27.38 25.72
C SER C 346 -3.62 -28.38 26.54
N ILE C 347 -2.50 -28.85 25.99
CA ILE C 347 -1.66 -29.79 26.71
C ILE C 347 -1.07 -29.13 27.95
N LEU C 348 -0.61 -27.89 27.83
CA LEU C 348 0.05 -27.24 28.95
C LEU C 348 -0.93 -26.84 30.04
N ALA C 349 -2.07 -26.25 29.67
CA ALA C 349 -2.97 -25.71 30.67
C ALA C 349 -3.69 -26.79 31.46
N SER C 350 -3.82 -28.00 30.92
CA SER C 350 -4.55 -29.07 31.57
C SER C 350 -3.64 -30.01 32.35
N LEU C 351 -2.35 -29.69 32.46
CA LEU C 351 -1.43 -30.56 33.16
C LEU C 351 -1.65 -30.50 34.67
N SER C 352 -1.40 -31.63 35.33
CA SER C 352 -1.46 -31.67 36.79
C SER C 352 -0.33 -30.86 37.39
N THR C 353 0.86 -30.91 36.79
CA THR C 353 2.01 -30.20 37.33
C THR C 353 1.86 -28.70 37.19
N PHE C 354 1.17 -28.24 36.15
CA PHE C 354 1.14 -26.83 35.80
C PHE C 354 0.31 -25.97 36.73
N GLN C 355 -0.65 -26.56 37.47
CA GLN C 355 -1.63 -25.77 38.21
C GLN C 355 -1.03 -24.97 39.35
N GLN C 356 0.26 -25.06 39.60
CA GLN C 356 0.91 -24.19 40.58
C GLN C 356 1.61 -23.01 39.92
N MET C 357 1.51 -22.87 38.61
CA MET C 357 2.23 -21.86 37.86
C MET C 357 1.35 -20.76 37.32
N TRP C 358 0.05 -20.81 37.57
CA TRP C 358 -0.82 -19.71 37.19
C TRP C 358 -0.45 -18.47 38.00
N ILE C 359 -0.63 -17.30 37.39
CA ILE C 359 -0.48 -16.03 38.09
C ILE C 359 -1.82 -15.73 38.74
N THR C 360 -1.96 -16.08 40.01
CA THR C 360 -3.24 -15.88 40.68
C THR C 360 -3.51 -14.40 40.89
N LYS C 361 -4.79 -14.07 41.06
CA LYS C 361 -5.18 -12.67 41.22
C LYS C 361 -4.56 -12.05 42.47
N GLN C 362 -4.41 -12.83 43.54
CA GLN C 362 -3.82 -12.32 44.76
C GLN C 362 -2.36 -11.91 44.54
N GLU C 363 -1.62 -12.70 43.77
CA GLU C 363 -0.25 -12.33 43.43
C GLU C 363 -0.20 -11.04 42.63
N TYR C 364 -1.13 -10.88 41.68
CA TYR C 364 -1.17 -9.65 40.90
C TYR C 364 -1.49 -8.45 41.79
N ASP C 365 -2.40 -8.62 42.75
CA ASP C 365 -2.71 -7.54 43.67
C ASP C 365 -1.49 -7.17 44.49
N GLU C 366 -0.72 -8.17 44.93
CA GLU C 366 0.47 -7.88 45.72
C GLU C 366 1.53 -7.17 44.90
N ALA C 367 1.86 -7.69 43.72
CA ALA C 367 3.07 -7.31 43.02
C ALA C 367 2.86 -6.46 41.77
N GLY C 368 1.61 -6.24 41.35
CA GLY C 368 1.35 -5.42 40.19
C GLY C 368 1.61 -6.17 38.91
N PRO C 369 1.51 -5.48 37.77
CA PRO C 369 1.63 -6.16 36.47
C PRO C 369 3.04 -6.61 36.12
N SER C 370 4.01 -6.36 36.98
CA SER C 370 5.38 -6.80 36.76
C SER C 370 5.63 -8.22 37.25
N ILE C 371 4.59 -8.89 37.76
CA ILE C 371 4.73 -10.28 38.16
C ILE C 371 4.86 -11.20 36.96
N VAL C 372 4.37 -10.78 35.80
CA VAL C 372 4.38 -11.66 34.63
C VAL C 372 5.79 -11.90 34.16
N HIS C 373 6.72 -10.98 34.46
CA HIS C 373 8.10 -11.19 34.05
C HIS C 373 8.79 -12.23 34.94
N ARG C 374 8.43 -12.28 36.22
CA ARG C 374 9.00 -13.30 37.10
C ARG C 374 8.38 -14.67 36.81
N LYS C 375 7.05 -14.72 36.70
CA LYS C 375 6.39 -16.01 36.59
C LYS C 375 6.61 -16.64 35.22
N CYS C 376 6.49 -15.85 34.16
CA CYS C 376 6.57 -16.39 32.81
C CYS C 376 7.98 -16.27 32.23
N THR D 7 21.50 10.20 -34.80
CA THR D 7 20.94 11.53 -34.99
C THR D 7 20.59 12.16 -33.65
N THR D 8 19.49 12.92 -33.62
CA THR D 8 19.00 13.55 -32.41
C THR D 8 17.76 12.79 -31.93
N ALA D 9 17.71 12.50 -30.64
CA ALA D 9 16.69 11.64 -30.11
C ALA D 9 15.42 12.42 -29.79
N LEU D 10 14.28 11.76 -29.98
CA LEU D 10 12.99 12.31 -29.60
C LEU D 10 12.72 12.00 -28.13
N VAL D 11 11.92 12.83 -27.48
CA VAL D 11 11.51 12.64 -26.10
C VAL D 11 10.02 12.87 -26.05
N CYS D 12 9.23 11.80 -26.14
CA CYS D 12 7.78 11.89 -26.16
C CYS D 12 7.24 11.46 -24.80
N ASP D 13 6.77 12.42 -24.01
CA ASP D 13 6.24 12.15 -22.67
C ASP D 13 4.72 12.09 -22.76
N ASN D 14 4.22 10.96 -23.24
CA ASN D 14 2.78 10.80 -23.45
C ASN D 14 2.10 10.58 -22.10
N GLY D 15 1.72 11.67 -21.47
CA GLY D 15 1.03 11.60 -20.21
C GLY D 15 -0.39 11.10 -20.40
N SER D 16 -1.14 11.09 -19.31
CA SER D 16 -2.53 10.66 -19.38
C SER D 16 -3.45 11.78 -19.87
N GLY D 17 -3.03 13.03 -19.75
CA GLY D 17 -3.87 14.14 -20.15
C GLY D 17 -3.30 15.03 -21.23
N LEU D 18 -1.97 15.13 -21.29
CA LEU D 18 -1.28 15.95 -22.27
C LEU D 18 -0.12 15.18 -22.87
N VAL D 19 0.14 15.42 -24.14
CA VAL D 19 1.28 14.84 -24.84
C VAL D 19 2.29 15.94 -25.04
N LYS D 20 3.52 15.71 -24.57
CA LYS D 20 4.58 16.72 -24.61
C LYS D 20 5.80 16.10 -25.29
N ALA D 21 6.02 16.46 -26.55
CA ALA D 21 7.11 15.90 -27.33
C ALA D 21 8.13 16.96 -27.66
N GLY D 22 9.30 16.52 -28.11
CA GLY D 22 10.37 17.43 -28.42
C GLY D 22 11.61 16.67 -28.84
N PHE D 23 12.73 17.38 -28.91
CA PHE D 23 14.00 16.80 -29.29
C PHE D 23 14.92 16.77 -28.08
N ALA D 24 15.68 15.68 -27.94
CA ALA D 24 16.59 15.56 -26.82
C ALA D 24 17.68 16.60 -26.92
N GLY D 25 18.08 17.13 -25.78
CA GLY D 25 19.07 18.17 -25.69
C GLY D 25 18.50 19.57 -25.57
N ASP D 26 17.22 19.75 -25.92
CA ASP D 26 16.58 21.04 -25.80
C ASP D 26 16.20 21.29 -24.35
N ASP D 27 15.44 22.36 -24.10
CA ASP D 27 14.97 22.68 -22.76
C ASP D 27 13.48 22.96 -22.72
N ALA D 28 12.75 22.65 -23.78
CA ALA D 28 11.31 22.89 -23.83
C ALA D 28 10.71 22.06 -24.94
N PRO D 29 9.50 21.53 -24.74
CA PRO D 29 8.89 20.71 -25.80
C PRO D 29 8.46 21.55 -26.99
N ARG D 30 8.43 20.90 -28.15
CA ARG D 30 7.93 21.56 -29.35
C ARG D 30 6.41 21.46 -29.45
N ALA D 31 5.87 20.27 -29.17
CA ALA D 31 4.44 20.01 -29.26
C ALA D 31 3.88 19.75 -27.87
N VAL D 32 2.86 20.51 -27.48
CA VAL D 32 2.14 20.29 -26.24
C VAL D 32 0.65 20.39 -26.54
N PHE D 33 -0.01 19.24 -26.72
CA PHE D 33 -1.41 19.22 -27.08
C PHE D 33 -2.12 18.18 -26.24
N PRO D 34 -3.42 18.34 -26.01
CA PRO D 34 -4.16 17.35 -25.22
C PRO D 34 -4.21 16.00 -25.92
N SER D 35 -4.30 14.96 -25.11
CA SER D 35 -4.32 13.59 -25.61
C SER D 35 -5.75 13.09 -25.74
N ILE D 36 -6.47 13.67 -26.70
CA ILE D 36 -7.86 13.32 -26.95
C ILE D 36 -8.04 12.98 -28.42
N VAL D 37 -9.06 12.19 -28.71
CA VAL D 37 -9.41 11.84 -30.08
C VAL D 37 -10.90 11.97 -30.27
N GLY D 38 -11.35 13.11 -30.79
CA GLY D 38 -12.76 13.32 -30.99
C GLY D 38 -13.26 12.70 -32.29
N ARG D 39 -14.53 12.31 -32.27
CA ARG D 39 -15.21 11.80 -33.45
C ARG D 39 -16.58 12.46 -33.54
N PRO D 40 -16.96 12.99 -34.70
CA PRO D 40 -18.24 13.71 -34.78
C PRO D 40 -19.41 12.79 -34.49
N ARG D 41 -20.43 13.35 -33.84
CA ARG D 41 -21.61 12.58 -33.46
C ARG D 41 -22.89 13.08 -34.09
N HIS D 42 -22.96 14.32 -34.56
CA HIS D 42 -24.16 14.86 -35.16
C HIS D 42 -24.24 14.41 -36.62
N GLN D 43 -25.15 14.99 -37.38
CA GLN D 43 -25.38 14.62 -38.77
C GLN D 43 -24.83 15.67 -39.70
N GLY D 44 -24.03 15.26 -40.66
CA GLY D 44 -23.46 16.17 -41.64
C GLY D 44 -24.43 16.39 -42.78
N VAL D 45 -24.62 17.65 -43.15
CA VAL D 45 -25.59 18.00 -44.19
C VAL D 45 -24.95 18.70 -45.39
N MET D 46 -23.75 19.26 -45.26
CA MET D 46 -23.09 19.90 -46.39
C MET D 46 -22.08 18.95 -47.01
N VAL D 47 -22.15 18.79 -48.32
CA VAL D 47 -21.32 17.81 -49.01
C VAL D 47 -19.88 18.28 -49.03
N GLY D 48 -18.97 17.36 -48.69
CA GLY D 48 -17.56 17.66 -48.60
C GLY D 48 -17.09 18.02 -47.21
N MET D 49 -17.99 18.41 -46.32
CA MET D 49 -17.67 18.64 -44.93
C MET D 49 -18.17 17.46 -44.10
N GLY D 50 -17.25 16.82 -43.39
CA GLY D 50 -17.54 15.59 -42.71
C GLY D 50 -16.83 14.37 -43.26
N GLN D 51 -15.86 14.55 -44.16
CA GLN D 51 -15.11 13.42 -44.66
C GLN D 51 -14.12 12.90 -43.63
N LYS D 52 -13.68 13.77 -42.72
CA LYS D 52 -12.67 13.37 -41.73
C LYS D 52 -13.36 12.68 -40.57
N ASP D 53 -12.98 11.43 -40.31
CA ASP D 53 -13.68 10.62 -39.33
C ASP D 53 -13.29 10.98 -37.89
N SER D 54 -12.06 11.43 -37.65
CA SER D 54 -11.62 11.65 -36.29
C SER D 54 -10.62 12.80 -36.24
N TYR D 55 -10.80 13.68 -35.26
CA TYR D 55 -9.90 14.80 -35.03
C TYR D 55 -9.08 14.52 -33.78
N VAL D 56 -7.79 14.80 -33.84
CA VAL D 56 -6.83 14.38 -32.83
C VAL D 56 -6.15 15.60 -32.24
N GLY D 57 -6.10 15.66 -30.91
CA GLY D 57 -5.31 16.68 -30.25
C GLY D 57 -5.91 18.06 -30.29
N ASP D 58 -5.19 19.03 -30.87
CA ASP D 58 -5.64 20.41 -30.82
C ASP D 58 -6.78 20.70 -31.79
N GLU D 59 -6.90 19.91 -32.86
CA GLU D 59 -8.02 20.13 -33.78
C GLU D 59 -9.31 19.51 -33.28
N ALA D 60 -9.26 18.68 -32.25
CA ALA D 60 -10.46 18.19 -31.58
C ALA D 60 -10.82 19.00 -30.35
N GLN D 61 -9.97 19.93 -29.96
CA GLN D 61 -10.28 20.81 -28.85
C GLN D 61 -10.94 22.09 -29.35
N SER D 62 -10.66 22.47 -30.60
CA SER D 62 -11.36 23.60 -31.22
C SER D 62 -12.76 23.22 -31.67
N LYS D 63 -12.91 22.04 -32.27
CA LYS D 63 -14.20 21.56 -32.77
C LYS D 63 -14.97 20.75 -31.76
N ARG D 64 -14.72 20.94 -30.46
CA ARG D 64 -15.32 20.05 -29.47
C ARG D 64 -16.82 20.21 -29.37
N GLY D 65 -17.40 21.23 -30.00
CA GLY D 65 -18.84 21.41 -29.91
C GLY D 65 -19.63 20.30 -30.57
N ILE D 66 -19.01 19.58 -31.50
CA ILE D 66 -19.71 18.57 -32.29
C ILE D 66 -18.98 17.24 -32.22
N LEU D 67 -18.25 16.99 -31.14
CA LEU D 67 -17.45 15.78 -31.00
C LEU D 67 -17.65 15.17 -29.62
N THR D 68 -17.30 13.89 -29.54
CA THR D 68 -17.24 13.16 -28.26
C THR D 68 -15.76 12.86 -27.99
N LEU D 69 -15.12 13.73 -27.22
CA LEU D 69 -13.70 13.55 -26.93
C LEU D 69 -13.49 12.34 -26.04
N LYS D 70 -12.51 11.51 -26.37
CA LYS D 70 -12.22 10.29 -25.62
C LYS D 70 -10.73 10.16 -25.43
N TYR D 71 -10.30 10.19 -24.18
CA TYR D 71 -8.88 10.04 -23.87
C TYR D 71 -8.47 8.59 -24.05
N PRO D 72 -7.46 8.29 -24.86
CA PRO D 72 -7.01 6.89 -24.99
C PRO D 72 -6.29 6.36 -23.77
N ILE D 73 -5.52 7.19 -23.08
CA ILE D 73 -4.80 6.78 -21.87
C ILE D 73 -5.68 7.11 -20.67
N GLU D 74 -5.86 6.12 -19.79
CA GLU D 74 -6.79 6.28 -18.68
C GLU D 74 -6.27 5.67 -17.39
N HIC D 75 -5.68 6.52 -16.55
CA HIC D 75 -5.03 6.15 -15.29
C HIC D 75 -3.64 5.63 -15.59
O HIC D 75 -3.09 4.74 -14.95
CB HIC D 75 -5.72 5.07 -14.43
CG HIC D 75 -6.88 5.54 -13.67
ND1 HIC D 75 -7.01 6.79 -13.06
CD2 HIC D 75 -8.06 4.79 -13.48
CE1 HIC D 75 -8.24 6.80 -12.49
NE2 HIC D 75 -8.91 5.60 -12.73
CZ HIC D 75 -10.22 5.26 -12.29
N GLY D 76 -3.04 6.24 -16.60
CA GLY D 76 -1.68 5.90 -16.99
C GLY D 76 -1.57 4.64 -17.82
N ILE D 77 -2.68 3.94 -18.01
CA ILE D 77 -2.74 2.69 -18.74
C ILE D 77 -3.50 2.92 -20.04
N ILE D 78 -2.89 2.53 -21.16
CA ILE D 78 -3.45 2.82 -22.47
C ILE D 78 -4.59 1.84 -22.72
N THR D 79 -5.84 2.30 -22.54
CA THR D 79 -7.00 1.44 -22.72
C THR D 79 -7.30 1.21 -24.19
N ASN D 80 -7.16 2.24 -25.02
CA ASN D 80 -7.46 2.16 -26.44
C ASN D 80 -6.15 2.26 -27.22
N TRP D 81 -5.90 1.29 -28.08
CA TRP D 81 -4.63 1.24 -28.79
C TRP D 81 -4.69 1.84 -30.18
N ASP D 82 -5.81 1.71 -30.89
CA ASP D 82 -5.93 2.37 -32.18
C ASP D 82 -5.90 3.89 -32.02
N ASP D 83 -6.61 4.41 -31.02
CA ASP D 83 -6.56 5.84 -30.76
C ASP D 83 -5.17 6.29 -30.37
N MET D 84 -4.42 5.44 -29.65
CA MET D 84 -3.10 5.88 -29.24
C MET D 84 -2.11 5.80 -30.39
N GLU D 85 -2.31 4.87 -31.33
CA GLU D 85 -1.58 4.95 -32.59
C GLU D 85 -1.90 6.23 -33.33
N LYS D 86 -3.16 6.66 -33.32
CA LYS D 86 -3.51 7.94 -33.94
C LYS D 86 -2.78 9.09 -33.26
N ILE D 87 -2.72 9.08 -31.93
CA ILE D 87 -2.06 10.15 -31.20
C ILE D 87 -0.56 10.18 -31.51
N TRP D 88 0.07 9.01 -31.54
CA TRP D 88 1.50 8.97 -31.84
C TRP D 88 1.78 9.39 -33.28
N HIS D 89 0.94 8.98 -34.22
CA HIS D 89 1.12 9.41 -35.60
C HIS D 89 1.00 10.93 -35.70
N HIS D 90 0.00 11.51 -35.03
CA HIS D 90 -0.13 12.95 -34.99
C HIS D 90 1.15 13.59 -34.45
N THR D 91 1.61 13.10 -33.30
CA THR D 91 2.79 13.70 -32.67
C THR D 91 4.00 13.64 -33.59
N PHE D 92 4.25 12.49 -34.21
CA PHE D 92 5.45 12.34 -35.03
C PHE D 92 5.37 13.16 -36.29
N TYR D 93 4.26 13.08 -37.03
CA TYR D 93 4.21 13.67 -38.36
C TYR D 93 3.63 15.07 -38.40
N ASN D 94 2.48 15.31 -37.77
CA ASN D 94 1.80 16.58 -37.97
C ASN D 94 2.26 17.67 -37.00
N GLU D 95 2.79 17.31 -35.83
CA GLU D 95 3.21 18.31 -34.86
C GLU D 95 4.71 18.52 -34.83
N LEU D 96 5.49 17.46 -34.60
CA LEU D 96 6.94 17.58 -34.63
C LEU D 96 7.47 17.64 -36.06
N ARG D 97 6.81 16.96 -36.98
CA ARG D 97 7.20 16.92 -38.39
C ARG D 97 8.58 16.30 -38.57
N VAL D 98 8.71 15.07 -38.08
CA VAL D 98 9.93 14.28 -38.24
C VAL D 98 9.54 12.87 -38.66
N ALA D 99 10.33 12.29 -39.52
CA ALA D 99 10.16 10.88 -39.82
C ALA D 99 10.69 10.06 -38.66
N PRO D 100 9.90 9.18 -38.06
CA PRO D 100 10.39 8.42 -36.90
C PRO D 100 11.52 7.49 -37.23
N GLU D 101 11.71 7.11 -38.50
CA GLU D 101 12.72 6.13 -38.84
C GLU D 101 14.13 6.61 -38.52
N GLU D 102 14.32 7.91 -38.30
CA GLU D 102 15.65 8.46 -38.12
C GLU D 102 15.92 8.97 -36.72
N HIS D 103 15.01 8.76 -35.77
CA HIS D 103 15.17 9.29 -34.42
C HIS D 103 14.85 8.23 -33.38
N PRO D 104 15.73 7.99 -32.42
CA PRO D 104 15.34 7.21 -31.24
C PRO D 104 14.32 7.96 -30.43
N THR D 105 13.45 7.21 -29.74
CA THR D 105 12.34 7.79 -29.00
C THR D 105 12.41 7.37 -27.54
N LEU D 106 12.34 8.34 -26.63
CA LEU D 106 12.35 8.08 -25.19
C LEU D 106 10.95 8.29 -24.66
N LEU D 107 10.23 7.21 -24.39
CA LEU D 107 8.89 7.28 -23.84
C LEU D 107 8.94 7.20 -22.32
N THR D 108 7.89 7.72 -21.68
CA THR D 108 7.80 7.75 -20.23
C THR D 108 6.61 6.92 -19.79
N GLU D 109 6.66 6.47 -18.53
CA GLU D 109 5.62 5.60 -18.01
C GLU D 109 5.63 5.65 -16.49
N ALA D 110 4.44 5.65 -15.89
CA ALA D 110 4.32 5.63 -14.45
C ALA D 110 4.78 4.27 -13.91
N PRO D 111 5.20 4.22 -12.65
CA PRO D 111 5.60 2.93 -12.07
C PRO D 111 4.39 2.06 -11.78
N LEU D 112 4.65 0.76 -11.65
CA LEU D 112 3.65 -0.22 -11.24
C LEU D 112 2.50 -0.33 -12.24
N ASN D 113 2.75 -0.07 -13.52
CA ASN D 113 1.77 -0.32 -14.55
C ASN D 113 1.84 -1.76 -15.02
N PRO D 114 0.83 -2.23 -15.76
CA PRO D 114 0.90 -3.57 -16.33
C PRO D 114 2.10 -3.73 -17.25
N LYS D 115 2.57 -4.97 -17.37
CA LYS D 115 3.71 -5.25 -18.25
C LYS D 115 3.29 -5.23 -19.71
N ALA D 116 2.05 -5.60 -20.00
CA ALA D 116 1.56 -5.54 -21.37
C ALA D 116 1.63 -4.13 -21.91
N ASN D 117 1.57 -3.13 -21.03
CA ASN D 117 1.66 -1.74 -21.46
C ASN D 117 3.01 -1.45 -22.11
N ARG D 118 4.11 -1.77 -21.42
CA ARG D 118 5.42 -1.59 -22.01
C ARG D 118 5.61 -2.49 -23.23
N GLU D 119 5.17 -3.74 -23.15
CA GLU D 119 5.35 -4.64 -24.28
C GLU D 119 4.68 -4.13 -25.54
N LYS D 120 3.46 -3.60 -25.44
CA LYS D 120 2.77 -3.08 -26.61
C LYS D 120 3.27 -1.71 -27.05
N MET D 121 3.72 -0.83 -26.14
CA MET D 121 4.37 0.37 -26.63
C MET D 121 5.63 0.05 -27.42
N THR D 122 6.45 -0.89 -26.94
CA THR D 122 7.64 -1.29 -27.68
C THR D 122 7.28 -1.91 -29.03
N GLN D 123 6.29 -2.79 -29.05
CA GLN D 123 5.91 -3.43 -30.31
C GLN D 123 5.38 -2.42 -31.32
N ILE D 124 4.57 -1.45 -30.87
CA ILE D 124 4.05 -0.46 -31.79
C ILE D 124 5.16 0.43 -32.33
N MET D 125 6.08 0.86 -31.47
CA MET D 125 7.18 1.69 -31.96
C MET D 125 8.07 0.94 -32.93
N PHE D 126 8.35 -0.34 -32.68
CA PHE D 126 9.28 -1.04 -33.54
C PHE D 126 8.65 -1.66 -34.76
N GLU D 127 7.33 -1.77 -34.82
CA GLU D 127 6.68 -2.41 -35.96
C GLU D 127 5.81 -1.46 -36.78
N THR D 128 5.23 -0.44 -36.16
CA THR D 128 4.40 0.49 -36.90
C THR D 128 5.15 1.76 -37.28
N PHE D 129 5.98 2.30 -36.38
CA PHE D 129 6.71 3.52 -36.67
C PHE D 129 8.16 3.28 -37.05
N ASN D 130 8.67 2.07 -36.87
CA ASN D 130 10.00 1.68 -37.34
C ASN D 130 11.11 2.57 -36.79
N VAL D 131 11.02 2.92 -35.50
CA VAL D 131 12.07 3.72 -34.88
C VAL D 131 13.33 2.88 -34.80
N PRO D 132 14.52 3.48 -34.85
CA PRO D 132 15.75 2.69 -34.75
C PRO D 132 16.09 2.26 -33.35
N ALA D 133 15.57 2.94 -32.33
CA ALA D 133 15.83 2.59 -30.94
C ALA D 133 14.77 3.26 -30.08
N MET D 134 14.65 2.79 -28.84
CA MET D 134 13.69 3.39 -27.92
C MET D 134 14.12 3.07 -26.49
N TYR D 135 13.35 3.58 -25.54
CA TYR D 135 13.59 3.39 -24.11
C TYR D 135 12.37 3.90 -23.36
N VAL D 136 11.99 3.20 -22.30
CA VAL D 136 10.84 3.57 -21.48
C VAL D 136 11.35 3.86 -20.08
N ALA D 137 11.14 5.08 -19.60
CA ALA D 137 11.70 5.53 -18.33
C ALA D 137 10.58 5.93 -17.38
N ILE D 138 10.75 5.56 -16.10
CA ILE D 138 9.78 5.96 -15.09
C ILE D 138 9.79 7.47 -14.96
N GLN D 139 8.62 8.05 -14.71
CA GLN D 139 8.47 9.49 -14.79
C GLN D 139 9.12 10.21 -13.61
N ALA D 140 9.05 9.64 -12.41
CA ALA D 140 9.61 10.34 -11.26
C ALA D 140 11.12 10.34 -11.28
N VAL D 141 11.74 9.31 -11.87
CA VAL D 141 13.18 9.32 -12.05
C VAL D 141 13.58 10.49 -12.95
N LEU D 142 12.85 10.70 -14.04
CA LEU D 142 13.14 11.82 -14.92
C LEU D 142 12.89 13.15 -14.24
N SER D 143 11.86 13.22 -13.39
CA SER D 143 11.64 14.45 -12.65
C SER D 143 12.79 14.75 -11.71
N LEU D 144 13.39 13.71 -11.12
CA LEU D 144 14.55 13.95 -10.26
C LEU D 144 15.78 14.31 -11.09
N TYR D 145 15.91 13.76 -12.29
CA TYR D 145 16.92 14.24 -13.22
C TYR D 145 16.81 15.74 -13.44
N ALA D 146 15.60 16.19 -13.80
CA ALA D 146 15.39 17.59 -14.15
C ALA D 146 15.36 18.50 -12.94
N SER D 147 15.25 17.95 -11.73
CA SER D 147 15.30 18.79 -10.54
C SER D 147 16.70 19.17 -10.14
N GLY D 148 17.72 18.63 -10.81
CA GLY D 148 19.09 19.00 -10.51
C GLY D 148 19.68 18.34 -9.28
N ARG D 149 19.14 17.20 -8.85
CA ARG D 149 19.63 16.51 -7.67
C ARG D 149 19.80 15.03 -7.98
N THR D 150 20.22 14.29 -6.96
CA THR D 150 20.23 12.83 -7.01
C THR D 150 19.71 12.19 -5.74
N THR D 151 19.11 12.95 -4.84
CA THR D 151 18.63 12.45 -3.56
C THR D 151 17.34 13.18 -3.21
N GLY D 152 16.21 12.52 -3.39
CA GLY D 152 14.94 13.14 -3.05
C GLY D 152 13.82 12.13 -3.18
N ILE D 153 12.63 12.56 -2.78
CA ILE D 153 11.42 11.78 -2.92
C ILE D 153 10.48 12.56 -3.83
N VAL D 154 10.14 11.98 -4.97
CA VAL D 154 9.52 12.71 -6.07
C VAL D 154 8.02 12.46 -6.06
N LEU D 155 7.26 13.38 -5.50
CA LEU D 155 5.81 13.35 -5.68
C LEU D 155 5.50 13.82 -7.10
N ASP D 156 4.85 12.98 -7.89
CA ASP D 156 4.59 13.28 -9.29
C ASP D 156 3.10 13.09 -9.58
N SER D 157 2.31 14.13 -9.34
CA SER D 157 0.90 14.06 -9.71
C SER D 157 0.77 14.19 -11.22
N GLY D 158 -0.46 14.30 -11.69
CA GLY D 158 -0.71 14.37 -13.10
C GLY D 158 -2.18 14.34 -13.42
N ASP D 159 -2.54 13.77 -14.56
CA ASP D 159 -3.95 13.59 -14.88
C ASP D 159 -4.40 12.16 -14.66
N GLY D 160 -3.48 11.20 -14.76
CA GLY D 160 -3.83 9.81 -14.53
C GLY D 160 -3.57 9.29 -13.13
N VAL D 161 -2.34 9.41 -12.64
CA VAL D 161 -1.92 8.79 -11.38
C VAL D 161 -1.11 9.79 -10.58
N THR D 162 -0.84 9.43 -9.32
CA THR D 162 -0.01 10.21 -8.42
C THR D 162 0.90 9.23 -7.69
N HIS D 163 2.21 9.30 -7.95
CA HIS D 163 3.11 8.29 -7.43
C HIS D 163 4.37 8.93 -6.85
N ASN D 164 4.95 8.25 -5.87
CA ASN D 164 6.19 8.64 -5.25
C ASN D 164 7.29 7.67 -5.65
N VAL D 165 8.51 8.17 -5.78
CA VAL D 165 9.68 7.32 -5.99
C VAL D 165 10.80 7.86 -5.12
N PRO D 166 11.12 7.23 -3.99
CA PRO D 166 12.21 7.73 -3.14
C PRO D 166 13.55 7.24 -3.65
N ILE D 167 14.47 8.18 -3.84
CA ILE D 167 15.78 7.89 -4.42
C ILE D 167 16.83 8.48 -3.49
N TYR D 168 17.88 7.72 -3.21
CA TYR D 168 18.99 8.21 -2.41
C TYR D 168 20.27 7.99 -3.18
N GLU D 169 20.84 9.06 -3.72
CA GLU D 169 22.13 9.05 -4.39
C GLU D 169 22.14 8.06 -5.55
N GLY D 170 21.11 8.17 -6.39
CA GLY D 170 21.02 7.37 -7.60
C GLY D 170 20.57 5.94 -7.42
N TYR D 171 20.16 5.56 -6.21
CA TYR D 171 19.75 4.19 -5.92
C TYR D 171 18.29 4.21 -5.47
N ALA D 172 17.38 3.95 -6.39
CA ALA D 172 15.97 3.96 -6.08
C ALA D 172 15.60 2.78 -5.20
N LEU D 173 14.60 2.98 -4.36
CA LEU D 173 14.13 1.98 -3.41
C LEU D 173 12.81 1.42 -3.89
N PRO D 174 12.80 0.33 -4.67
CA PRO D 174 11.56 -0.12 -5.31
C PRO D 174 10.49 -0.59 -4.34
N HIS D 175 10.83 -0.90 -3.09
CA HIS D 175 9.82 -1.33 -2.14
C HIS D 175 9.09 -0.18 -1.48
N ALA D 176 9.52 1.06 -1.69
CA ALA D 176 8.89 2.23 -1.12
C ALA D 176 8.21 3.10 -2.16
N ILE D 177 7.98 2.57 -3.36
CA ILE D 177 7.25 3.28 -4.40
C ILE D 177 5.76 3.13 -4.12
N MET D 178 5.08 4.25 -3.94
CA MET D 178 3.67 4.27 -3.55
C MET D 178 2.86 4.95 -4.64
N ARG D 179 2.16 4.16 -5.44
CA ARG D 179 1.37 4.66 -6.55
C ARG D 179 -0.08 4.80 -6.12
N LEU D 180 -0.62 6.00 -6.24
CA LEU D 180 -1.99 6.31 -5.89
C LEU D 180 -2.71 6.72 -7.18
N ASP D 181 -3.93 6.21 -7.37
CA ASP D 181 -4.68 6.44 -8.61
C ASP D 181 -5.61 7.64 -8.51
N LEU D 182 -5.26 8.63 -7.71
CA LEU D 182 -6.03 9.86 -7.59
C LEU D 182 -5.23 11.00 -8.22
N ALA D 183 -5.83 11.69 -9.18
CA ALA D 183 -5.07 12.61 -10.00
C ALA D 183 -6.01 13.69 -10.52
N GLY D 184 -5.58 14.41 -11.55
CA GLY D 184 -6.32 15.57 -12.00
C GLY D 184 -7.71 15.26 -12.52
N ARG D 185 -7.88 14.13 -13.21
CA ARG D 185 -9.18 13.84 -13.79
C ARG D 185 -10.22 13.54 -12.74
N ASP D 186 -9.83 12.87 -11.65
CA ASP D 186 -10.75 12.67 -10.55
C ASP D 186 -11.14 13.99 -9.90
N LEU D 187 -10.21 14.94 -9.84
CA LEU D 187 -10.54 16.27 -9.32
C LEU D 187 -11.49 17.00 -10.25
N THR D 188 -11.34 16.83 -11.56
CA THR D 188 -12.28 17.43 -12.50
C THR D 188 -13.68 16.87 -12.32
N ASP D 189 -13.79 15.54 -12.19
CA ASP D 189 -15.10 14.93 -11.99
C ASP D 189 -15.72 15.34 -10.67
N TYR D 190 -14.91 15.42 -9.61
CA TYR D 190 -15.44 15.90 -8.34
C TYR D 190 -15.85 17.37 -8.41
N LEU D 191 -15.15 18.18 -9.20
CA LEU D 191 -15.57 19.57 -9.36
C LEU D 191 -16.89 19.65 -10.09
N MET D 192 -17.10 18.80 -11.08
CA MET D 192 -18.41 18.74 -11.74
C MET D 192 -19.50 18.37 -10.74
N LYS D 193 -19.23 17.36 -9.91
CA LYS D 193 -20.20 16.94 -8.91
C LYS D 193 -20.55 18.07 -7.95
N ILE D 194 -19.55 18.74 -7.37
CA ILE D 194 -19.86 19.80 -6.42
C ILE D 194 -20.35 21.06 -7.11
N LEU D 195 -20.11 21.21 -8.41
CA LEU D 195 -20.68 22.33 -9.13
C LEU D 195 -22.17 22.15 -9.33
N THR D 196 -22.64 20.90 -9.36
CA THR D 196 -24.09 20.69 -9.45
C THR D 196 -24.84 21.32 -8.28
N GLU D 197 -24.16 21.57 -7.15
CA GLU D 197 -24.85 22.17 -6.00
C GLU D 197 -25.31 23.59 -6.29
N ARG D 198 -24.47 24.40 -6.94
CA ARG D 198 -24.83 25.79 -7.18
C ARG D 198 -25.92 25.92 -8.22
N GLY D 199 -26.13 24.90 -9.04
CA GLY D 199 -27.11 24.92 -10.11
C GLY D 199 -26.54 24.62 -11.47
N TYR D 200 -25.22 24.72 -11.64
CA TYR D 200 -24.58 24.50 -12.93
C TYR D 200 -24.39 23.02 -13.15
N SER D 201 -24.94 22.50 -14.26
CA SER D 201 -24.84 21.08 -14.59
C SER D 201 -24.04 20.94 -15.87
N PHE D 202 -22.80 20.48 -15.75
CA PHE D 202 -21.97 20.12 -16.90
C PHE D 202 -22.00 18.60 -17.02
N VAL D 203 -22.44 18.09 -18.17
CA VAL D 203 -22.61 16.65 -18.30
C VAL D 203 -21.81 16.05 -19.46
N THR D 204 -21.59 16.83 -20.52
CA THR D 204 -20.95 16.27 -21.70
C THR D 204 -19.43 16.30 -21.55
N THR D 205 -18.75 15.80 -22.58
CA THR D 205 -17.28 15.78 -22.56
C THR D 205 -16.69 17.17 -22.80
N ALA D 206 -17.24 17.90 -23.77
CA ALA D 206 -16.83 19.29 -23.95
C ALA D 206 -17.03 20.08 -22.67
N GLU D 207 -18.09 19.80 -21.94
CA GLU D 207 -18.29 20.43 -20.66
C GLU D 207 -17.36 19.90 -19.58
N ARG D 208 -16.86 18.67 -19.70
CA ARG D 208 -15.73 18.30 -18.87
C ARG D 208 -14.53 19.18 -19.12
N GLU D 209 -14.23 19.49 -20.38
CA GLU D 209 -13.13 20.40 -20.68
C GLU D 209 -13.37 21.80 -20.15
N ILE D 210 -14.61 22.29 -20.19
CA ILE D 210 -14.90 23.58 -19.58
C ILE D 210 -14.65 23.53 -18.07
N VAL D 211 -15.07 22.45 -17.40
CA VAL D 211 -14.85 22.33 -15.97
C VAL D 211 -13.37 22.20 -15.64
N ARG D 212 -12.62 21.52 -16.51
CA ARG D 212 -11.17 21.45 -16.32
C ARG D 212 -10.55 22.83 -16.36
N ASP D 213 -11.01 23.68 -17.28
CA ASP D 213 -10.49 25.04 -17.36
C ASP D 213 -10.89 25.84 -16.13
N ILE D 214 -12.10 25.64 -15.63
CA ILE D 214 -12.50 26.30 -14.38
C ILE D 214 -11.56 25.89 -13.25
N LYS D 215 -11.27 24.59 -13.16
CA LYS D 215 -10.39 24.09 -12.10
C LYS D 215 -9.00 24.70 -12.21
N GLU D 216 -8.46 24.78 -13.42
CA GLU D 216 -7.14 25.36 -13.59
C GLU D 216 -7.13 26.83 -13.23
N LYS D 217 -8.14 27.59 -13.67
CA LYS D 217 -8.10 29.04 -13.45
C LYS D 217 -8.34 29.40 -11.99
N LEU D 218 -9.36 28.80 -11.37
CA LEU D 218 -9.86 29.31 -10.09
C LEU D 218 -9.44 28.49 -8.88
N CYS D 219 -9.47 27.17 -8.96
CA CYS D 219 -9.27 26.34 -7.77
C CYS D 219 -7.88 26.51 -7.19
N TYR D 220 -7.80 26.46 -5.87
CA TYR D 220 -6.55 26.55 -5.11
C TYR D 220 -6.66 25.63 -3.92
N VAL D 221 -5.57 25.51 -3.15
CA VAL D 221 -5.52 24.62 -1.99
C VAL D 221 -5.48 25.46 -0.73
N ALA D 222 -6.34 25.14 0.22
CA ALA D 222 -6.40 25.87 1.47
C ALA D 222 -5.32 25.38 2.42
N LEU D 223 -4.71 26.31 3.15
CA LEU D 223 -3.72 25.93 4.14
C LEU D 223 -4.38 25.23 5.33
N ASP D 224 -5.46 25.79 5.85
CA ASP D 224 -6.25 25.18 6.91
C ASP D 224 -7.68 25.04 6.40
N PHE D 225 -8.15 23.80 6.28
CA PHE D 225 -9.43 23.56 5.61
C PHE D 225 -10.60 24.10 6.42
N GLU D 226 -10.63 23.79 7.72
CA GLU D 226 -11.77 24.21 8.54
C GLU D 226 -11.87 25.73 8.63
N ASN D 227 -10.74 26.40 8.83
CA ASN D 227 -10.74 27.85 8.90
C ASN D 227 -11.20 28.46 7.58
N GLU D 228 -10.81 27.86 6.45
CA GLU D 228 -11.22 28.39 5.16
C GLU D 228 -12.69 28.14 4.91
N MET D 229 -13.23 27.00 5.34
CA MET D 229 -14.67 26.79 5.24
C MET D 229 -15.42 27.80 6.09
N ALA D 230 -14.94 28.07 7.30
CA ALA D 230 -15.58 29.08 8.14
C ALA D 230 -15.54 30.46 7.49
N THR D 231 -14.40 30.83 6.90
CA THR D 231 -14.28 32.11 6.23
C THR D 231 -15.20 32.19 5.02
N ALA D 232 -15.30 31.11 4.25
CA ALA D 232 -16.14 31.10 3.06
C ALA D 232 -17.62 31.16 3.42
N ALA D 233 -18.00 30.55 4.54
CA ALA D 233 -19.40 30.61 4.95
C ALA D 233 -19.75 31.96 5.57
N SER D 234 -18.80 32.58 6.28
CA SER D 234 -19.11 33.83 6.97
C SER D 234 -19.26 34.99 5.99
N SER D 235 -18.37 35.09 5.01
CA SER D 235 -18.33 36.23 4.10
C SER D 235 -18.21 35.74 2.66
N SER D 236 -18.52 36.63 1.73
CA SER D 236 -18.41 36.35 0.30
C SER D 236 -17.13 36.92 -0.29
N SER D 237 -16.03 36.92 0.47
CA SER D 237 -14.76 37.42 -0.03
C SER D 237 -14.03 36.40 -0.89
N LEU D 238 -14.44 35.14 -0.88
CA LEU D 238 -13.77 34.08 -1.61
C LEU D 238 -14.41 33.77 -2.96
N GLU D 239 -15.51 34.42 -3.30
CA GLU D 239 -16.22 34.09 -4.52
C GLU D 239 -15.54 34.73 -5.72
N LYS D 240 -15.29 33.94 -6.76
CA LYS D 240 -14.72 34.43 -8.00
C LYS D 240 -15.57 33.92 -9.17
N SER D 241 -15.71 34.75 -10.19
CA SER D 241 -16.60 34.50 -11.29
C SER D 241 -15.83 34.05 -12.52
N TYR D 242 -16.46 33.18 -13.31
CA TYR D 242 -15.89 32.66 -14.54
C TYR D 242 -16.96 32.77 -15.63
N GLU D 243 -16.53 33.03 -16.86
CA GLU D 243 -17.45 33.29 -17.96
C GLU D 243 -17.39 32.14 -18.95
N LEU D 244 -18.52 31.46 -19.13
CA LEU D 244 -18.60 30.28 -19.97
C LEU D 244 -18.49 30.65 -21.45
N PRO D 245 -18.23 29.68 -22.32
CA PRO D 245 -18.05 29.99 -23.75
C PRO D 245 -19.28 30.55 -24.44
N ASP D 246 -20.45 30.60 -23.79
CA ASP D 246 -21.63 31.19 -24.42
C ASP D 246 -22.07 32.47 -23.74
N GLY D 247 -21.20 33.08 -22.94
CA GLY D 247 -21.48 34.37 -22.33
C GLY D 247 -22.02 34.30 -20.93
N GLN D 248 -22.46 33.14 -20.47
CA GLN D 248 -22.97 33.03 -19.12
C GLN D 248 -21.84 33.16 -18.12
N VAL D 249 -22.18 33.67 -16.93
CA VAL D 249 -21.21 33.89 -15.86
C VAL D 249 -21.59 32.99 -14.69
N ILE D 250 -20.63 32.22 -14.21
CA ILE D 250 -20.83 31.39 -13.04
C ILE D 250 -20.11 32.02 -11.86
N THR D 251 -20.33 31.48 -10.67
CA THR D 251 -19.71 32.03 -9.47
C THR D 251 -19.51 30.90 -8.46
N ILE D 252 -18.26 30.57 -8.18
CA ILE D 252 -17.92 29.50 -7.25
C ILE D 252 -17.11 30.08 -6.12
N GLY D 253 -17.63 30.00 -4.90
CA GLY D 253 -16.91 30.51 -3.75
C GLY D 253 -16.32 29.45 -2.87
N ASN D 254 -17.11 28.41 -2.58
CA ASN D 254 -16.70 27.35 -1.68
C ASN D 254 -16.13 26.15 -2.40
N GLU D 255 -16.41 26.01 -3.69
CA GLU D 255 -15.90 24.90 -4.47
C GLU D 255 -14.45 25.11 -4.90
N ARG D 256 -13.85 26.24 -4.55
CA ARG D 256 -12.51 26.54 -5.04
C ARG D 256 -11.46 25.67 -4.36
N PHE D 257 -11.55 25.54 -3.04
CA PHE D 257 -10.60 24.72 -2.30
C PHE D 257 -11.15 23.36 -1.91
N ARG D 258 -12.41 23.09 -2.20
CA ARG D 258 -12.97 21.77 -1.96
C ARG D 258 -12.56 20.76 -3.02
N CYS D 259 -12.40 21.21 -4.27
CA CYS D 259 -11.94 20.31 -5.31
C CYS D 259 -10.52 19.81 -5.09
N PRO D 260 -9.52 20.64 -4.81
CA PRO D 260 -8.17 20.12 -4.60
C PRO D 260 -7.93 19.54 -3.23
N GLU D 261 -8.86 19.71 -2.31
CA GLU D 261 -8.77 19.02 -1.02
C GLU D 261 -8.97 17.53 -1.13
N THR D 262 -9.49 17.05 -2.27
CA THR D 262 -9.61 15.62 -2.47
C THR D 262 -8.26 14.93 -2.41
N LEU D 263 -7.19 15.62 -2.78
CA LEU D 263 -5.86 15.03 -2.73
C LEU D 263 -5.45 14.71 -1.30
N PHE D 264 -5.75 15.60 -0.36
CA PHE D 264 -5.35 15.39 1.02
C PHE D 264 -6.38 14.63 1.83
N GLN D 265 -7.61 14.51 1.34
CA GLN D 265 -8.63 13.66 1.95
C GLN D 265 -9.34 12.89 0.84
N PRO D 266 -8.77 11.78 0.40
CA PRO D 266 -9.37 11.05 -0.72
C PRO D 266 -10.68 10.38 -0.36
N SER D 267 -11.17 10.62 0.86
CA SER D 267 -12.48 10.14 1.25
C SER D 267 -13.60 11.01 0.71
N PHE D 268 -13.27 12.16 0.11
CA PHE D 268 -14.28 13.00 -0.51
C PHE D 268 -14.92 12.30 -1.69
N ILE D 269 -14.13 11.59 -2.48
CA ILE D 269 -14.63 10.88 -3.65
C ILE D 269 -14.80 9.39 -3.37
N GLY D 270 -14.90 9.00 -2.11
CA GLY D 270 -15.16 7.62 -1.76
C GLY D 270 -13.96 6.71 -1.71
N MET D 271 -12.76 7.22 -2.00
CA MET D 271 -11.56 6.41 -1.92
C MET D 271 -11.13 6.26 -0.47
N GLU D 272 -10.55 5.12 -0.15
CA GLU D 272 -10.13 4.82 1.22
C GLU D 272 -8.73 5.33 1.53
N SER D 273 -7.83 5.30 0.54
CA SER D 273 -6.42 5.53 0.76
C SER D 273 -6.17 6.89 1.40
N ALA D 274 -4.98 7.03 1.99
CA ALA D 274 -4.60 8.25 2.68
C ALA D 274 -4.20 9.32 1.67
N GLY D 275 -4.19 10.56 2.12
CA GLY D 275 -3.88 11.69 1.27
C GLY D 275 -2.49 11.64 0.71
N ILE D 276 -2.09 12.66 -0.05
CA ILE D 276 -0.74 12.64 -0.61
C ILE D 276 0.31 12.94 0.45
N HIS D 277 -0.06 13.65 1.52
CA HIS D 277 0.90 13.92 2.59
C HIS D 277 1.22 12.65 3.37
N GLU D 278 0.20 11.88 3.74
CA GLU D 278 0.45 10.62 4.42
C GLU D 278 1.10 9.61 3.50
N THR D 279 0.78 9.63 2.21
CA THR D 279 1.45 8.74 1.28
C THR D 279 2.94 9.06 1.18
N THR D 280 3.28 10.35 1.10
CA THR D 280 4.69 10.72 1.07
C THR D 280 5.40 10.34 2.36
N TYR D 281 4.76 10.58 3.51
CA TYR D 281 5.40 10.25 4.77
C TYR D 281 5.57 8.74 4.95
N ASN D 282 4.57 7.96 4.53
CA ASN D 282 4.70 6.51 4.59
C ASN D 282 5.78 6.01 3.66
N SER D 283 5.91 6.63 2.49
CA SER D 283 6.99 6.26 1.59
C SER D 283 8.35 6.62 2.17
N ILE D 284 8.42 7.70 2.95
CA ILE D 284 9.69 8.05 3.58
C ILE D 284 10.04 7.05 4.66
N MET D 285 9.09 6.72 5.54
CA MET D 285 9.41 5.78 6.61
C MET D 285 9.32 4.32 6.19
N LYS D 286 9.31 4.03 4.89
CA LYS D 286 9.61 2.68 4.43
C LYS D 286 11.06 2.54 4.00
N CYS D 287 11.77 3.65 3.85
CA CYS D 287 13.17 3.65 3.45
C CYS D 287 14.06 3.43 4.68
N ASP D 288 15.34 3.17 4.41
CA ASP D 288 16.29 2.90 5.47
C ASP D 288 16.47 4.12 6.37
N ILE D 289 16.74 3.86 7.64
CA ILE D 289 16.70 4.91 8.66
C ILE D 289 17.71 6.01 8.39
N ASP D 290 18.83 5.69 7.75
CA ASP D 290 19.89 6.67 7.61
C ASP D 290 19.59 7.72 6.55
N ILE D 291 18.69 7.42 5.60
CA ILE D 291 18.44 8.31 4.49
C ILE D 291 17.15 9.09 4.64
N ARG D 292 16.41 8.90 5.74
CA ARG D 292 15.17 9.63 5.92
C ARG D 292 15.43 11.11 6.12
N LYS D 293 16.56 11.48 6.73
CA LYS D 293 16.86 12.90 6.91
C LYS D 293 17.11 13.58 5.57
N ASP D 294 17.77 12.89 4.65
CA ASP D 294 18.02 13.46 3.34
C ASP D 294 16.77 13.44 2.45
N LEU D 295 15.89 12.47 2.66
CA LEU D 295 14.63 12.46 1.91
C LEU D 295 13.65 13.51 2.44
N TYR D 296 13.71 13.84 3.72
CA TYR D 296 12.81 14.85 4.26
C TYR D 296 13.08 16.21 3.64
N ALA D 297 14.34 16.53 3.41
CA ALA D 297 14.71 17.87 2.95
C ALA D 297 14.61 18.05 1.44
N ASN D 298 14.38 16.98 0.67
CA ASN D 298 14.25 17.07 -0.79
C ASN D 298 12.95 16.40 -1.21
N ASN D 299 11.85 17.13 -1.16
CA ASN D 299 10.54 16.64 -1.60
C ASN D 299 10.25 17.28 -2.95
N VAL D 300 10.78 16.69 -4.02
CA VAL D 300 10.55 17.25 -5.35
C VAL D 300 9.11 16.97 -5.76
N MET D 301 8.39 18.03 -6.10
CA MET D 301 7.02 17.90 -6.60
C MET D 301 6.99 18.18 -8.10
N SER D 302 6.32 17.31 -8.84
CA SER D 302 6.25 17.42 -10.29
C SER D 302 4.82 17.33 -10.80
N GLY D 303 4.66 17.22 -12.11
CA GLY D 303 3.34 16.99 -12.67
C GLY D 303 2.43 18.19 -12.63
N GLY D 304 1.40 18.17 -13.48
CA GLY D 304 0.53 19.34 -13.58
C GLY D 304 -0.27 19.59 -12.33
N THR D 305 -0.85 18.54 -11.75
CA THR D 305 -1.79 18.68 -10.65
C THR D 305 -1.17 19.29 -9.40
N THR D 306 0.16 19.30 -9.29
CA THR D 306 0.82 19.91 -8.16
C THR D 306 1.05 21.39 -8.35
N MET D 307 0.27 22.04 -9.21
CA MET D 307 0.45 23.46 -9.48
C MET D 307 -0.68 24.32 -8.90
N TYR D 308 -1.49 23.77 -8.02
CA TYR D 308 -2.51 24.57 -7.36
C TYR D 308 -1.85 25.64 -6.49
N PRO D 309 -2.36 26.86 -6.50
CA PRO D 309 -1.76 27.89 -5.64
C PRO D 309 -1.87 27.55 -4.18
N GLY D 310 -0.75 27.27 -3.53
CA GLY D 310 -0.73 26.96 -2.12
C GLY D 310 -0.59 25.50 -1.77
N ILE D 311 -0.14 24.66 -2.71
CA ILE D 311 0.01 23.24 -2.39
C ILE D 311 1.32 22.96 -1.70
N ALA D 312 2.37 23.72 -1.99
CA ALA D 312 3.65 23.50 -1.34
C ALA D 312 3.58 23.84 0.15
N ASP D 313 2.97 24.99 0.48
CA ASP D 313 2.86 25.38 1.88
C ASP D 313 2.00 24.40 2.66
N ARG D 314 0.87 24.00 2.07
CA ARG D 314 -0.02 23.05 2.75
C ARG D 314 0.65 21.70 2.94
N MET D 315 1.36 21.22 1.92
CA MET D 315 2.01 19.93 2.06
C MET D 315 3.14 19.97 3.07
N GLN D 316 3.88 21.08 3.12
CA GLN D 316 4.90 21.23 4.15
C GLN D 316 4.28 21.24 5.54
N LYS D 317 3.15 21.94 5.70
CA LYS D 317 2.49 21.94 7.01
C LYS D 317 2.01 20.55 7.38
N GLU D 318 1.49 19.80 6.42
CA GLU D 318 0.95 18.48 6.72
C GLU D 318 2.04 17.48 7.03
N ILE D 319 3.17 17.54 6.33
CA ILE D 319 4.26 16.60 6.61
C ILE D 319 4.97 16.97 7.90
N THR D 320 5.19 18.27 8.13
CA THR D 320 5.89 18.70 9.34
C THR D 320 5.17 18.24 10.60
N ALA D 321 3.84 18.11 10.53
CA ALA D 321 3.10 17.61 11.69
C ALA D 321 3.27 16.11 11.87
N LEU D 322 3.77 15.40 10.87
CA LEU D 322 3.99 13.97 10.97
C LEU D 322 5.45 13.63 11.29
N ALA D 323 6.39 14.32 10.66
CA ALA D 323 7.80 14.05 10.87
C ALA D 323 8.24 14.48 12.27
N PRO D 324 9.34 13.93 12.77
CA PRO D 324 9.84 14.34 14.08
C PRO D 324 10.15 15.82 14.11
N SER D 325 10.00 16.43 15.29
CA SER D 325 10.12 17.87 15.42
C SER D 325 11.50 18.39 15.05
N THR D 326 12.51 17.53 15.02
CA THR D 326 13.87 17.98 14.74
C THR D 326 14.14 18.12 13.25
N MET D 327 13.62 17.21 12.43
CA MET D 327 13.99 17.21 11.02
C MET D 327 13.45 18.40 10.24
N LYS D 328 14.22 18.79 9.24
CA LYS D 328 13.97 19.96 8.41
C LYS D 328 13.22 19.54 7.15
N ILE D 329 11.95 19.94 7.06
CA ILE D 329 11.11 19.61 5.93
C ILE D 329 11.05 20.81 5.01
N LYS D 330 11.33 20.59 3.72
CA LYS D 330 11.14 21.65 2.74
C LYS D 330 10.76 21.04 1.41
N ILE D 331 9.70 21.57 0.81
CA ILE D 331 9.14 21.04 -0.43
C ILE D 331 9.69 21.85 -1.59
N ILE D 332 10.22 21.15 -2.59
CA ILE D 332 10.84 21.77 -3.75
C ILE D 332 9.80 21.83 -4.86
N ALA D 333 9.39 23.02 -5.24
CA ALA D 333 8.35 23.23 -6.24
C ALA D 333 8.88 24.20 -7.29
N PRO D 334 9.57 23.69 -8.31
CA PRO D 334 10.07 24.58 -9.35
C PRO D 334 8.91 25.20 -10.11
N PRO D 335 9.09 26.44 -10.60
CA PRO D 335 8.00 27.08 -11.35
C PRO D 335 7.65 26.36 -12.64
N GLU D 336 8.56 25.56 -13.19
CA GLU D 336 8.33 24.84 -14.43
C GLU D 336 7.90 23.40 -14.20
N ARG D 337 7.42 23.06 -13.01
CA ARG D 337 7.26 21.66 -12.63
C ARG D 337 6.27 20.93 -13.50
N LYS D 338 5.45 21.63 -14.29
CA LYS D 338 4.58 20.95 -15.23
C LYS D 338 5.38 20.18 -16.27
N TYR D 339 6.56 20.70 -16.66
CA TYR D 339 7.39 20.09 -17.68
C TYR D 339 8.64 19.43 -17.11
N SER D 340 8.64 19.11 -15.81
CA SER D 340 9.84 18.54 -15.22
C SER D 340 10.16 17.16 -15.78
N VAL D 341 9.13 16.36 -16.05
CA VAL D 341 9.40 15.02 -16.58
C VAL D 341 10.04 15.11 -17.95
N TRP D 342 9.55 16.02 -18.80
CA TRP D 342 10.14 16.11 -20.14
C TRP D 342 11.55 16.67 -20.10
N ILE D 343 11.81 17.66 -19.25
CA ILE D 343 13.18 18.18 -19.14
C ILE D 343 14.12 17.09 -18.66
N GLY D 344 13.64 16.24 -17.75
CA GLY D 344 14.43 15.08 -17.36
C GLY D 344 14.65 14.12 -18.52
N GLY D 345 13.66 13.99 -19.40
CA GLY D 345 13.86 13.16 -20.58
C GLY D 345 14.92 13.74 -21.50
N SER D 346 14.96 15.07 -21.61
CA SER D 346 15.99 15.73 -22.40
C SER D 346 17.37 15.50 -21.79
N ILE D 347 17.47 15.60 -20.47
CA ILE D 347 18.75 15.37 -19.80
C ILE D 347 19.20 13.93 -19.99
N LEU D 348 18.28 12.98 -19.84
CA LEU D 348 18.66 11.58 -19.91
C LEU D 348 19.00 11.15 -21.33
N ALA D 349 18.18 11.53 -22.30
CA ALA D 349 18.37 11.01 -23.66
C ALA D 349 19.60 11.59 -24.35
N SER D 350 20.07 12.76 -23.92
CA SER D 350 21.21 13.42 -24.56
C SER D 350 22.51 13.14 -23.85
N LEU D 351 22.53 12.24 -22.87
CA LEU D 351 23.75 11.94 -22.14
C LEU D 351 24.71 11.12 -22.99
N SER D 352 26.00 11.35 -22.76
CA SER D 352 27.01 10.53 -23.42
C SER D 352 27.00 9.11 -22.90
N THR D 353 26.77 8.93 -21.60
CA THR D 353 26.77 7.60 -21.00
C THR D 353 25.58 6.78 -21.46
N PHE D 354 24.46 7.43 -21.75
CA PHE D 354 23.19 6.74 -21.97
C PHE D 354 23.11 6.03 -23.32
N GLN D 355 23.92 6.43 -24.29
CA GLN D 355 23.75 5.96 -25.67
C GLN D 355 24.03 4.47 -25.84
N GLN D 356 24.43 3.75 -24.80
CA GLN D 356 24.55 2.31 -24.87
C GLN D 356 23.34 1.59 -24.29
N MET D 357 22.33 2.34 -23.84
CA MET D 357 21.17 1.77 -23.16
C MET D 357 19.90 1.80 -23.99
N TRP D 358 19.95 2.32 -25.21
CA TRP D 358 18.80 2.24 -26.09
C TRP D 358 18.50 0.78 -26.42
N ILE D 359 17.23 0.47 -26.62
CA ILE D 359 16.81 -0.84 -27.10
C ILE D 359 16.88 -0.78 -28.63
N THR D 360 17.98 -1.23 -29.19
CA THR D 360 18.15 -1.15 -30.63
C THR D 360 17.19 -2.11 -31.33
N LYS D 361 16.91 -1.81 -32.61
CA LYS D 361 15.97 -2.63 -33.37
C LYS D 361 16.45 -4.06 -33.52
N GLN D 362 17.76 -4.26 -33.65
CA GLN D 362 18.32 -5.60 -33.78
C GLN D 362 18.04 -6.43 -32.53
N GLU D 363 18.17 -5.81 -31.35
CA GLU D 363 17.85 -6.52 -30.12
C GLU D 363 16.38 -6.89 -30.06
N TYR D 364 15.49 -6.00 -30.50
CA TYR D 364 14.07 -6.32 -30.52
C TYR D 364 13.78 -7.46 -31.48
N ASP D 365 14.46 -7.48 -32.64
CA ASP D 365 14.27 -8.58 -33.56
C ASP D 365 14.72 -9.90 -32.95
N GLU D 366 15.84 -9.88 -32.23
CA GLU D 366 16.32 -11.10 -31.59
C GLU D 366 15.37 -11.59 -30.50
N ALA D 367 14.98 -10.70 -29.59
CA ALA D 367 14.37 -11.12 -28.33
C ALA D 367 12.89 -10.82 -28.20
N GLY D 368 12.28 -10.13 -29.17
CA GLY D 368 10.87 -9.85 -29.11
C GLY D 368 10.56 -8.72 -28.14
N PRO D 369 9.27 -8.44 -27.92
CA PRO D 369 8.88 -7.30 -27.10
C PRO D 369 9.14 -7.47 -25.62
N SER D 370 9.68 -8.61 -25.20
CA SER D 370 10.00 -8.85 -23.79
C SER D 370 11.39 -8.34 -23.43
N ILE D 371 12.09 -7.71 -24.38
CA ILE D 371 13.38 -7.11 -24.08
C ILE D 371 13.25 -5.86 -23.22
N VAL D 372 12.08 -5.21 -23.27
CA VAL D 372 11.91 -3.96 -22.54
C VAL D 372 11.94 -4.20 -21.04
N HIS D 373 11.60 -5.41 -20.60
CA HIS D 373 11.64 -5.70 -19.16
C HIS D 373 13.07 -5.88 -18.69
N ARG D 374 13.94 -6.43 -19.53
CA ARG D 374 15.34 -6.57 -19.15
C ARG D 374 16.06 -5.22 -19.21
N LYS D 375 15.86 -4.48 -20.30
CA LYS D 375 16.63 -3.25 -20.51
C LYS D 375 16.16 -2.15 -19.57
N CYS D 376 14.86 -1.97 -19.43
CA CYS D 376 14.32 -0.86 -18.65
C CYS D 376 14.02 -1.28 -17.21
N THR E 7 -49.25 14.79 16.21
CA THR E 7 -50.40 14.30 15.47
C THR E 7 -49.97 13.28 14.42
N THR E 8 -50.64 13.29 13.27
CA THR E 8 -50.32 12.40 12.16
C THR E 8 -49.61 13.20 11.08
N ALA E 9 -48.52 12.65 10.56
CA ALA E 9 -47.66 13.39 9.66
C ALA E 9 -48.15 13.30 8.22
N LEU E 10 -47.96 14.39 7.49
CA LEU E 10 -48.24 14.41 6.07
C LEU E 10 -47.04 13.88 5.29
N VAL E 11 -47.30 13.34 4.11
CA VAL E 11 -46.26 12.86 3.22
C VAL E 11 -46.58 13.39 1.84
N CYS E 12 -45.98 14.51 1.46
CA CYS E 12 -46.23 15.17 0.18
C CYS E 12 -45.05 14.90 -0.74
N ASP E 13 -45.25 14.03 -1.73
CA ASP E 13 -44.21 13.66 -2.69
C ASP E 13 -44.42 14.48 -3.96
N ASN E 14 -44.00 15.74 -3.91
CA ASN E 14 -44.21 16.67 -5.02
C ASN E 14 -43.21 16.33 -6.12
N GLY E 15 -43.60 15.43 -7.00
CA GLY E 15 -42.77 15.08 -8.13
C GLY E 15 -42.72 16.19 -9.15
N SER E 16 -42.05 15.90 -10.26
CA SER E 16 -41.98 16.89 -11.33
C SER E 16 -43.22 16.90 -12.20
N GLY E 17 -43.99 15.81 -12.21
CA GLY E 17 -45.16 15.74 -13.06
C GLY E 17 -46.46 15.53 -12.32
N LEU E 18 -46.41 14.86 -11.16
CA LEU E 18 -47.59 14.57 -10.38
C LEU E 18 -47.31 14.86 -8.91
N VAL E 19 -48.32 15.34 -8.20
CA VAL E 19 -48.25 15.59 -6.77
C VAL E 19 -49.05 14.50 -6.08
N LYS E 20 -48.42 13.79 -5.16
CA LYS E 20 -49.02 12.65 -4.48
C LYS E 20 -48.90 12.86 -2.98
N ALA E 21 -49.98 13.27 -2.34
CA ALA E 21 -49.98 13.58 -0.92
C ALA E 21 -50.85 12.58 -0.16
N GLY E 22 -50.70 12.58 1.15
CA GLY E 22 -51.43 11.66 1.98
C GLY E 22 -51.02 11.82 3.43
N PHE E 23 -51.44 10.86 4.25
CA PHE E 23 -51.12 10.85 5.66
C PHE E 23 -50.16 9.71 5.96
N ALA E 24 -49.20 9.97 6.83
CA ALA E 24 -48.22 8.95 7.19
C ALA E 24 -48.91 7.80 7.92
N GLY E 25 -48.45 6.59 7.63
CA GLY E 25 -49.03 5.39 8.19
C GLY E 25 -50.02 4.70 7.29
N ASP E 26 -50.54 5.39 6.28
CA ASP E 26 -51.47 4.80 5.34
C ASP E 26 -50.69 3.96 4.33
N ASP E 27 -51.38 3.48 3.29
CA ASP E 27 -50.76 2.71 2.24
C ASP E 27 -51.11 3.22 0.85
N ALA E 28 -51.72 4.40 0.74
CA ALA E 28 -52.09 4.96 -0.55
C ALA E 28 -52.32 6.44 -0.39
N PRO E 29 -51.96 7.25 -1.38
CA PRO E 29 -52.17 8.69 -1.27
C PRO E 29 -53.64 9.07 -1.34
N ARG E 30 -53.98 10.19 -0.71
CA ARG E 30 -55.34 10.71 -0.81
C ARG E 30 -55.51 11.57 -2.05
N ALA E 31 -54.54 12.43 -2.33
CA ALA E 31 -54.59 13.33 -3.47
C ALA E 31 -53.52 12.95 -4.49
N VAL E 32 -53.94 12.72 -5.72
CA VAL E 32 -53.01 12.47 -6.82
C VAL E 32 -53.46 13.30 -8.02
N PHE E 33 -52.85 14.47 -8.22
CA PHE E 33 -53.25 15.37 -9.28
C PHE E 33 -52.02 15.88 -9.99
N PRO E 34 -52.14 16.27 -11.26
CA PRO E 34 -50.98 16.80 -11.97
C PRO E 34 -50.50 18.11 -11.38
N SER E 35 -49.20 18.35 -11.53
CA SER E 35 -48.56 19.53 -10.99
C SER E 35 -48.46 20.63 -12.05
N ILE E 36 -49.62 21.17 -12.41
CA ILE E 36 -49.72 22.20 -13.43
C ILE E 36 -50.51 23.37 -12.87
N VAL E 37 -50.27 24.55 -13.44
CA VAL E 37 -50.99 25.76 -13.06
C VAL E 37 -51.41 26.51 -14.32
N GLY E 38 -52.63 26.29 -14.77
CA GLY E 38 -53.09 26.95 -15.97
C GLY E 38 -53.60 28.35 -15.70
N ARG E 39 -53.47 29.21 -16.71
CA ARG E 39 -53.99 30.56 -16.66
C ARG E 39 -54.69 30.85 -17.99
N PRO E 40 -55.91 31.37 -17.97
CA PRO E 40 -56.65 31.57 -19.22
C PRO E 40 -55.94 32.56 -20.12
N ARG E 41 -56.01 32.29 -21.43
CA ARG E 41 -55.35 33.14 -22.41
C ARG E 41 -56.30 33.80 -23.40
N HIS E 42 -57.52 33.30 -23.56
CA HIS E 42 -58.47 33.89 -24.49
C HIS E 42 -59.15 35.08 -23.83
N GLN E 43 -60.20 35.59 -24.45
CA GLN E 43 -60.91 36.77 -23.97
C GLN E 43 -62.24 36.36 -23.37
N GLY E 44 -62.51 36.83 -22.14
CA GLY E 44 -63.76 36.54 -21.48
C GLY E 44 -64.82 37.53 -21.89
N VAL E 45 -66.00 37.03 -22.23
CA VAL E 45 -67.08 37.87 -22.71
C VAL E 45 -68.32 37.83 -21.83
N MET E 46 -68.49 36.82 -20.98
CA MET E 46 -69.64 36.75 -20.09
C MET E 46 -69.26 37.25 -18.71
N VAL E 47 -70.07 38.17 -18.18
CA VAL E 47 -69.74 38.82 -16.91
C VAL E 47 -69.89 37.83 -15.76
N GLY E 48 -68.90 37.79 -14.89
CA GLY E 48 -68.88 36.86 -13.79
C GLY E 48 -68.12 35.58 -14.05
N MET E 49 -67.90 35.24 -15.31
CA MET E 49 -67.07 34.10 -15.69
C MET E 49 -65.73 34.62 -16.16
N GLY E 50 -64.67 34.18 -15.50
CA GLY E 50 -63.35 34.71 -15.73
C GLY E 50 -62.76 35.48 -14.57
N GLN E 51 -63.39 35.43 -13.40
CA GLN E 51 -62.83 36.10 -12.24
C GLN E 51 -61.62 35.35 -11.68
N LYS E 52 -61.57 34.04 -11.90
CA LYS E 52 -60.50 33.22 -11.35
C LYS E 52 -59.27 33.32 -12.27
N ASP E 53 -58.16 33.80 -11.72
CA ASP E 53 -56.99 34.06 -12.54
C ASP E 53 -56.22 32.80 -12.91
N SER E 54 -56.22 31.79 -12.05
CA SER E 54 -55.39 30.61 -12.30
C SER E 54 -56.05 29.37 -11.75
N TYR E 55 -56.04 28.31 -12.54
CA TYR E 55 -56.57 27.01 -12.15
C TYR E 55 -55.42 26.06 -11.90
N VAL E 56 -55.51 25.29 -10.82
CA VAL E 56 -54.38 24.51 -10.31
C VAL E 56 -54.76 23.04 -10.28
N GLY E 57 -53.90 22.19 -10.83
CA GLY E 57 -54.09 20.77 -10.68
C GLY E 57 -55.18 20.18 -11.54
N ASP E 58 -56.18 19.54 -10.91
CA ASP E 58 -57.20 18.83 -11.66
C ASP E 58 -58.20 19.77 -12.33
N GLU E 59 -58.39 20.97 -11.77
CA GLU E 59 -59.31 21.92 -12.40
C GLU E 59 -58.69 22.64 -13.59
N ALA E 60 -57.38 22.54 -13.77
CA ALA E 60 -56.72 23.04 -14.97
C ALA E 60 -56.49 21.96 -16.00
N GLN E 61 -56.79 20.71 -15.67
CA GLN E 61 -56.71 19.64 -16.64
C GLN E 61 -58.04 19.42 -17.33
N SER E 62 -59.13 19.79 -16.66
CA SER E 62 -60.46 19.75 -17.28
C SER E 62 -60.67 20.93 -18.21
N LYS E 63 -60.25 22.13 -17.79
CA LYS E 63 -60.41 23.35 -18.57
C LYS E 63 -59.22 23.65 -19.46
N ARG E 64 -58.44 22.64 -19.85
CA ARG E 64 -57.20 22.92 -20.56
C ARG E 64 -57.43 23.47 -21.95
N GLY E 65 -58.66 23.46 -22.45
CA GLY E 65 -58.91 23.98 -23.78
C GLY E 65 -58.67 25.47 -23.90
N ILE E 66 -58.72 26.19 -22.79
CA ILE E 66 -58.61 27.64 -22.80
C ILE E 66 -57.52 28.12 -21.86
N LEU E 67 -56.50 27.29 -21.62
CA LEU E 67 -55.45 27.61 -20.68
C LEU E 67 -54.09 27.29 -21.27
N THR E 68 -53.06 27.89 -20.68
CA THR E 68 -51.67 27.59 -20.97
C THR E 68 -51.08 26.92 -19.73
N LEU E 69 -51.10 25.59 -19.71
CA LEU E 69 -50.60 24.85 -18.57
C LEU E 69 -49.09 25.00 -18.46
N LYS E 70 -48.60 25.27 -17.25
CA LYS E 70 -47.19 25.48 -17.00
C LYS E 70 -46.77 24.72 -15.75
N TYR E 71 -45.88 23.76 -15.91
CA TYR E 71 -45.38 23.00 -14.78
C TYR E 71 -44.41 23.85 -13.98
N PRO E 72 -44.63 24.03 -12.67
CA PRO E 72 -43.67 24.81 -11.88
C PRO E 72 -42.36 24.08 -11.64
N ILE E 73 -42.39 22.76 -11.47
CA ILE E 73 -41.17 21.97 -11.24
C ILE E 73 -40.69 21.47 -12.60
N GLU E 74 -39.40 21.67 -12.88
CA GLU E 74 -38.87 21.36 -14.20
C GLU E 74 -37.49 20.74 -14.14
N HIC E 75 -37.45 19.40 -14.20
CA HIC E 75 -36.24 18.59 -14.07
C HIC E 75 -35.90 18.43 -12.61
O HIC E 75 -34.75 18.38 -12.17
CB HIC E 75 -34.96 19.11 -14.76
CG HIC E 75 -34.92 18.92 -16.22
ND1 HIC E 75 -35.41 17.81 -16.91
CD2 HIC E 75 -34.39 19.85 -17.13
CE1 HIC E 75 -35.19 18.06 -18.21
NE2 HIC E 75 -34.56 19.29 -18.40
CZ HIC E 75 -34.18 19.89 -19.63
N GLY E 76 -36.95 18.36 -11.81
CA GLY E 76 -36.81 18.15 -10.38
C GLY E 76 -36.46 19.41 -9.61
N ILE E 77 -36.23 20.50 -10.32
CA ILE E 77 -35.84 21.78 -9.75
C ILE E 77 -36.98 22.76 -9.91
N ILE E 78 -37.40 23.37 -8.80
CA ILE E 78 -38.57 24.24 -8.81
C ILE E 78 -38.19 25.57 -9.45
N THR E 79 -38.55 25.75 -10.72
CA THR E 79 -38.19 26.98 -11.42
C THR E 79 -39.07 28.16 -11.01
N ASN E 80 -40.35 27.91 -10.80
CA ASN E 80 -41.32 28.94 -10.43
C ASN E 80 -41.76 28.71 -8.99
N TRP E 81 -41.62 29.73 -8.16
CA TRP E 81 -41.92 29.57 -6.74
C TRP E 81 -43.31 30.04 -6.35
N ASP E 82 -43.84 31.07 -7.00
CA ASP E 82 -45.22 31.47 -6.73
C ASP E 82 -46.19 30.37 -7.16
N ASP E 83 -45.96 29.78 -8.33
CA ASP E 83 -46.81 28.69 -8.77
C ASP E 83 -46.69 27.49 -7.84
N MET E 84 -45.51 27.26 -7.28
CA MET E 84 -45.37 26.09 -6.42
C MET E 84 -45.98 26.36 -5.04
N GLU E 85 -45.98 27.61 -4.59
CA GLU E 85 -46.80 27.96 -3.43
C GLU E 85 -48.28 27.71 -3.72
N LYS E 86 -48.73 28.03 -4.93
CA LYS E 86 -50.11 27.74 -5.31
C LYS E 86 -50.39 26.24 -5.25
N ILE E 87 -49.46 25.44 -5.77
CA ILE E 87 -49.65 23.98 -5.77
C ILE E 87 -49.70 23.44 -4.35
N TRP E 88 -48.80 23.91 -3.48
CA TRP E 88 -48.80 23.43 -2.10
C TRP E 88 -50.05 23.87 -1.35
N HIS E 89 -50.50 25.10 -1.59
CA HIS E 89 -51.74 25.55 -0.97
C HIS E 89 -52.92 24.69 -1.41
N HIS E 90 -52.99 24.40 -2.71
CA HIS E 90 -54.03 23.49 -3.21
C HIS E 90 -53.95 22.15 -2.49
N THR E 91 -52.76 21.55 -2.44
CA THR E 91 -52.60 20.24 -1.84
C THR E 91 -53.04 20.24 -0.38
N PHE E 92 -52.62 21.24 0.38
CA PHE E 92 -52.91 21.23 1.82
C PHE E 92 -54.39 21.49 2.08
N TYR E 93 -54.97 22.51 1.44
CA TYR E 93 -56.30 22.94 1.82
C TYR E 93 -57.41 22.33 0.96
N ASN E 94 -57.30 22.37 -0.36
CA ASN E 94 -58.42 21.98 -1.19
C ASN E 94 -58.49 20.49 -1.49
N GLU E 95 -57.36 19.77 -1.43
CA GLU E 95 -57.35 18.34 -1.74
C GLU E 95 -57.31 17.46 -0.49
N LEU E 96 -56.30 17.65 0.35
CA LEU E 96 -56.22 16.89 1.59
C LEU E 96 -57.17 17.44 2.65
N ARG E 97 -57.41 18.74 2.65
CA ARG E 97 -58.29 19.42 3.59
C ARG E 97 -57.80 19.26 5.02
N VAL E 98 -56.57 19.71 5.24
CA VAL E 98 -55.95 19.73 6.56
C VAL E 98 -55.28 21.07 6.76
N ALA E 99 -55.35 21.59 7.98
CA ALA E 99 -54.58 22.76 8.32
C ALA E 99 -53.13 22.34 8.49
N PRO E 100 -52.18 22.94 7.77
CA PRO E 100 -50.78 22.51 7.90
C PRO E 100 -50.18 22.77 9.26
N GLU E 101 -50.78 23.67 10.05
CA GLU E 101 -50.18 24.02 11.34
C GLU E 101 -50.13 22.85 12.29
N GLU E 102 -50.88 21.79 12.04
CA GLU E 102 -51.00 20.69 12.98
C GLU E 102 -50.37 19.39 12.49
N HIS E 103 -49.68 19.41 11.35
CA HIS E 103 -49.12 18.19 10.78
C HIS E 103 -47.68 18.42 10.33
N PRO E 104 -46.73 17.57 10.75
CA PRO E 104 -45.43 17.57 10.11
C PRO E 104 -45.53 17.09 8.68
N THR E 105 -44.63 17.59 7.83
CA THR E 105 -44.68 17.30 6.40
C THR E 105 -43.35 16.68 5.96
N LEU E 106 -43.43 15.55 5.27
CA LEU E 106 -42.26 14.86 4.73
C LEU E 106 -42.22 15.07 3.23
N LEU E 107 -41.35 15.96 2.77
CA LEU E 107 -41.19 16.24 1.35
C LEU E 107 -40.10 15.36 0.76
N THR E 108 -40.16 15.15 -0.54
CA THR E 108 -39.20 14.33 -1.25
C THR E 108 -38.44 15.17 -2.26
N GLU E 109 -37.25 14.70 -2.62
CA GLU E 109 -36.39 15.44 -3.54
C GLU E 109 -35.38 14.51 -4.18
N ALA E 110 -35.13 14.73 -5.47
CA ALA E 110 -34.13 13.95 -6.18
C ALA E 110 -32.74 14.29 -5.67
N PRO E 111 -31.78 13.37 -5.81
CA PRO E 111 -30.41 13.67 -5.39
C PRO E 111 -29.74 14.64 -6.34
N LEU E 112 -28.69 15.28 -5.83
CA LEU E 112 -27.82 16.15 -6.62
C LEU E 112 -28.56 17.38 -7.17
N ASN E 113 -29.60 17.83 -6.48
CA ASN E 113 -30.26 19.09 -6.83
C ASN E 113 -29.53 20.26 -6.20
N PRO E 114 -29.82 21.48 -6.64
CA PRO E 114 -29.24 22.65 -6.00
C PRO E 114 -29.61 22.73 -4.53
N LYS E 115 -28.74 23.38 -3.75
CA LYS E 115 -29.01 23.53 -2.33
C LYS E 115 -30.07 24.58 -2.07
N ALA E 116 -30.16 25.59 -2.93
CA ALA E 116 -31.20 26.60 -2.78
C ALA E 116 -32.59 25.97 -2.86
N ASN E 117 -32.71 24.83 -3.53
CA ASN E 117 -33.98 24.14 -3.63
C ASN E 117 -34.46 23.69 -2.25
N ARG E 118 -33.62 22.97 -1.52
CA ARG E 118 -34.00 22.56 -0.16
C ARG E 118 -34.17 23.77 0.74
N GLU E 119 -33.27 24.75 0.65
CA GLU E 119 -33.38 25.91 1.52
C GLU E 119 -34.68 26.66 1.33
N LYS E 120 -35.15 26.84 0.10
CA LYS E 120 -36.41 27.52 -0.14
C LYS E 120 -37.63 26.66 0.13
N MET E 121 -37.59 25.34 -0.09
CA MET E 121 -38.70 24.52 0.38
C MET E 121 -38.86 24.60 1.89
N THR E 122 -37.76 24.54 2.64
CA THR E 122 -37.83 24.67 4.09
C THR E 122 -38.35 26.03 4.51
N GLN E 123 -37.86 27.10 3.88
CA GLN E 123 -38.31 28.43 4.24
C GLN E 123 -39.79 28.62 3.96
N ILE E 124 -40.27 28.12 2.82
CA ILE E 124 -41.69 28.28 2.49
C ILE E 124 -42.56 27.49 3.46
N MET E 125 -42.16 26.26 3.80
CA MET E 125 -42.96 25.48 4.74
C MET E 125 -42.98 26.12 6.12
N PHE E 126 -41.85 26.67 6.57
CA PHE E 126 -41.82 27.19 7.93
C PHE E 126 -42.30 28.61 8.06
N GLU E 127 -42.42 29.36 6.98
CA GLU E 127 -42.83 30.76 7.05
C GLU E 127 -44.17 31.04 6.40
N THR E 128 -44.55 30.29 5.37
CA THR E 128 -45.83 30.52 4.72
C THR E 128 -46.90 29.56 5.22
N PHE E 129 -46.58 28.29 5.42
CA PHE E 129 -47.55 27.31 5.86
C PHE E 129 -47.47 26.99 7.34
N ASN E 130 -46.41 27.43 8.03
CA ASN E 130 -46.29 27.32 9.49
C ASN E 130 -46.42 25.89 9.98
N VAL E 131 -45.81 24.95 9.27
CA VAL E 131 -45.81 23.55 9.70
C VAL E 131 -45.00 23.45 10.99
N PRO E 132 -45.33 22.52 11.89
CA PRO E 132 -44.54 22.39 13.11
C PRO E 132 -43.21 21.66 12.92
N ALA E 133 -43.07 20.87 11.86
CA ALA E 133 -41.83 20.15 11.59
C ALA E 133 -41.85 19.72 10.14
N MET E 134 -40.69 19.35 9.62
CA MET E 134 -40.60 18.87 8.26
C MET E 134 -39.34 18.03 8.10
N TYR E 135 -39.16 17.51 6.89
CA TYR E 135 -38.01 16.67 6.54
C TYR E 135 -38.02 16.48 5.04
N VAL E 136 -36.84 16.48 4.43
CA VAL E 136 -36.68 16.31 2.99
C VAL E 136 -35.85 15.04 2.77
N ALA E 137 -36.44 14.08 2.07
CA ALA E 137 -35.82 12.77 1.90
C ALA E 137 -35.58 12.48 0.43
N ILE E 138 -34.43 11.89 0.13
CA ILE E 138 -34.13 11.49 -1.24
C ILE E 138 -35.13 10.42 -1.69
N GLN E 139 -35.51 10.48 -2.96
CA GLN E 139 -36.63 9.65 -3.41
C GLN E 139 -36.25 8.18 -3.53
N ALA E 140 -35.03 7.87 -3.97
CA ALA E 140 -34.67 6.46 -4.15
C ALA E 140 -34.50 5.76 -2.82
N VAL E 141 -34.09 6.48 -1.78
CA VAL E 141 -34.05 5.89 -0.44
C VAL E 141 -35.45 5.46 -0.01
N LEU E 142 -36.44 6.33 -0.24
CA LEU E 142 -37.82 5.98 0.11
C LEU E 142 -38.33 4.84 -0.75
N SER E 143 -37.92 4.79 -2.02
CA SER E 143 -38.33 3.66 -2.85
C SER E 143 -37.75 2.35 -2.32
N LEU E 144 -36.53 2.39 -1.79
CA LEU E 144 -35.98 1.17 -1.19
C LEU E 144 -36.64 0.83 0.13
N TYR E 145 -37.07 1.85 0.89
CA TYR E 145 -37.92 1.59 2.05
C TYR E 145 -39.15 0.81 1.65
N ALA E 146 -39.87 1.31 0.65
CA ALA E 146 -41.14 0.71 0.25
C ALA E 146 -40.98 -0.59 -0.52
N SER E 147 -39.77 -0.89 -0.99
CA SER E 147 -39.56 -2.15 -1.67
C SER E 147 -39.37 -3.32 -0.72
N GLY E 148 -39.32 -3.06 0.59
CA GLY E 148 -39.21 -4.13 1.56
C GLY E 148 -37.82 -4.71 1.73
N ARG E 149 -36.78 -3.98 1.37
CA ARG E 149 -35.40 -4.46 1.46
C ARG E 149 -34.54 -3.40 2.12
N THR E 150 -33.25 -3.72 2.25
CA THR E 150 -32.24 -2.75 2.65
C THR E 150 -30.97 -2.84 1.82
N THR E 151 -30.97 -3.58 0.71
CA THR E 151 -29.80 -3.79 -0.12
C THR E 151 -30.24 -3.84 -1.57
N GLY E 152 -30.03 -2.77 -2.31
CA GLY E 152 -30.40 -2.76 -3.71
C GLY E 152 -29.90 -1.50 -4.37
N ILE E 153 -30.08 -1.44 -5.68
CA ILE E 153 -29.77 -0.26 -6.47
C ILE E 153 -31.07 0.21 -7.11
N VAL E 154 -31.48 1.43 -6.77
CA VAL E 154 -32.83 1.90 -7.03
C VAL E 154 -32.83 2.78 -8.27
N LEU E 155 -33.20 2.22 -9.41
CA LEU E 155 -33.48 3.04 -10.57
C LEU E 155 -34.83 3.72 -10.37
N ASP E 156 -34.85 5.04 -10.39
CA ASP E 156 -36.06 5.81 -10.09
C ASP E 156 -36.30 6.81 -11.21
N SER E 157 -36.98 6.39 -12.26
CA SER E 157 -37.36 7.32 -13.31
C SER E 157 -38.51 8.19 -12.82
N GLY E 158 -39.06 8.99 -13.73
CA GLY E 158 -40.11 9.90 -13.36
C GLY E 158 -40.48 10.81 -14.50
N ASP E 159 -40.90 12.02 -14.18
CA ASP E 159 -41.16 13.01 -15.21
C ASP E 159 -40.04 14.03 -15.33
N GLY E 160 -39.30 14.27 -14.25
CA GLY E 160 -38.19 15.20 -14.29
C GLY E 160 -36.83 14.58 -14.53
N VAL E 161 -36.42 13.62 -13.70
CA VAL E 161 -35.07 13.08 -13.70
C VAL E 161 -35.14 11.56 -13.60
N THR E 162 -33.99 10.93 -13.80
CA THR E 162 -33.83 9.48 -13.67
C THR E 162 -32.51 9.25 -12.93
N HIS E 163 -32.58 8.73 -11.71
CA HIS E 163 -31.38 8.64 -10.89
C HIS E 163 -31.29 7.29 -10.21
N ASN E 164 -30.05 6.87 -9.94
CA ASN E 164 -29.76 5.65 -9.22
C ASN E 164 -29.20 5.99 -7.85
N VAL E 165 -29.50 5.15 -6.87
CA VAL E 165 -28.89 5.27 -5.55
C VAL E 165 -28.54 3.86 -5.08
N PRO E 166 -27.27 3.45 -5.12
CA PRO E 166 -26.92 2.11 -4.67
C PRO E 166 -26.75 2.09 -3.16
N ILE E 167 -27.44 1.14 -2.51
CA ILE E 167 -27.47 1.04 -1.06
C ILE E 167 -27.13 -0.39 -0.69
N TYR E 168 -26.26 -0.57 0.29
CA TYR E 168 -25.93 -1.90 0.80
C TYR E 168 -26.14 -1.91 2.30
N GLU E 169 -27.21 -2.55 2.73
CA GLU E 169 -27.50 -2.77 4.15
C GLU E 169 -27.59 -1.44 4.89
N GLY E 170 -28.37 -0.51 4.35
CA GLY E 170 -28.63 0.74 4.98
C GLY E 170 -27.54 1.78 4.88
N TYR E 171 -26.49 1.52 4.10
CA TYR E 171 -25.35 2.42 3.97
C TYR E 171 -25.24 2.84 2.51
N ALA E 172 -25.80 4.00 2.18
CA ALA E 172 -25.77 4.49 0.81
C ALA E 172 -24.36 4.91 0.43
N LEU E 173 -24.05 4.75 -0.85
CA LEU E 173 -22.74 5.07 -1.41
C LEU E 173 -22.83 6.36 -2.21
N PRO E 174 -22.58 7.51 -1.61
CA PRO E 174 -22.85 8.78 -2.30
C PRO E 174 -21.99 9.03 -3.52
N HIS E 175 -20.87 8.33 -3.67
CA HIS E 175 -20.03 8.54 -4.84
C HIS E 175 -20.49 7.74 -6.05
N ALA E 176 -21.47 6.86 -5.89
CA ALA E 176 -22.00 6.06 -7.00
C ALA E 176 -23.42 6.45 -7.36
N ILE E 177 -23.89 7.62 -6.92
CA ILE E 177 -25.20 8.11 -7.30
C ILE E 177 -25.08 8.76 -8.67
N MET E 178 -25.85 8.26 -9.63
CA MET E 178 -25.77 8.69 -11.01
C MET E 178 -27.11 9.29 -11.43
N ARG E 179 -27.17 10.61 -11.50
CA ARG E 179 -28.39 11.32 -11.84
C ARG E 179 -28.37 11.66 -13.33
N LEU E 180 -29.38 11.21 -14.05
CA LEU E 180 -29.54 11.47 -15.46
C LEU E 180 -30.80 12.31 -15.65
N ASP E 181 -30.72 13.34 -16.49
CA ASP E 181 -31.82 14.28 -16.68
C ASP E 181 -32.74 13.88 -17.84
N LEU E 182 -32.85 12.60 -18.13
CA LEU E 182 -33.75 12.10 -19.16
C LEU E 182 -34.89 11.36 -18.49
N ALA E 183 -36.12 11.77 -18.78
CA ALA E 183 -37.26 11.29 -18.01
C ALA E 183 -38.50 11.36 -18.88
N GLY E 184 -39.68 11.29 -18.26
CA GLY E 184 -40.91 11.16 -19.00
C GLY E 184 -41.21 12.34 -19.91
N ARG E 185 -40.89 13.55 -19.48
CA ARG E 185 -41.24 14.72 -20.28
C ARG E 185 -40.43 14.78 -21.57
N ASP E 186 -39.16 14.39 -21.51
CA ASP E 186 -38.37 14.30 -22.73
C ASP E 186 -38.93 13.26 -23.68
N LEU E 187 -39.45 12.15 -23.14
CA LEU E 187 -40.08 11.16 -23.99
C LEU E 187 -41.37 11.68 -24.61
N THR E 188 -42.12 12.50 -23.88
CA THR E 188 -43.31 13.12 -24.44
C THR E 188 -42.96 14.04 -25.60
N ASP E 189 -41.93 14.87 -25.40
CA ASP E 189 -41.52 15.79 -26.47
C ASP E 189 -40.98 15.02 -27.67
N TYR E 190 -40.21 13.96 -27.45
CA TYR E 190 -39.75 13.15 -28.56
C TYR E 190 -40.91 12.45 -29.26
N LEU E 191 -41.93 12.05 -28.52
CA LEU E 191 -43.09 11.45 -29.17
C LEU E 191 -43.81 12.46 -30.04
N MET E 192 -43.91 13.70 -29.59
CA MET E 192 -44.49 14.76 -30.42
C MET E 192 -43.68 14.93 -31.71
N LYS E 193 -42.34 14.97 -31.57
CA LYS E 193 -41.47 15.10 -32.72
C LYS E 193 -41.68 13.98 -33.73
N ILE E 194 -41.64 12.72 -33.27
CA ILE E 194 -41.78 11.62 -34.21
C ILE E 194 -43.21 11.44 -34.67
N LEU E 195 -44.19 12.00 -33.94
CA LEU E 195 -45.56 11.98 -34.42
C LEU E 195 -45.75 12.93 -35.59
N THR E 196 -44.93 13.98 -35.66
CA THR E 196 -45.02 14.86 -36.83
C THR E 196 -44.75 14.11 -38.14
N GLU E 197 -44.08 12.97 -38.10
CA GLU E 197 -43.80 12.22 -39.34
C GLU E 197 -45.08 11.70 -39.98
N ARG E 198 -46.00 11.16 -39.18
CA ARG E 198 -47.21 10.57 -39.75
C ARG E 198 -48.16 11.63 -40.29
N GLY E 199 -48.01 12.88 -39.86
CA GLY E 199 -48.88 13.96 -40.26
C GLY E 199 -49.52 14.69 -39.10
N TYR E 200 -49.54 14.09 -37.91
CA TYR E 200 -50.19 14.69 -36.76
C TYR E 200 -49.26 15.69 -36.11
N SER E 201 -49.71 16.94 -36.00
CA SER E 201 -48.91 18.01 -35.41
C SER E 201 -49.60 18.48 -34.13
N PHE E 202 -49.03 18.11 -32.99
CA PHE E 202 -49.44 18.62 -31.69
C PHE E 202 -48.45 19.70 -31.27
N VAL E 203 -48.93 20.92 -31.03
CA VAL E 203 -48.00 22.01 -30.75
C VAL E 203 -48.28 22.69 -29.42
N THR E 204 -49.53 22.71 -28.98
CA THR E 204 -49.85 23.47 -27.78
C THR E 204 -49.59 22.63 -26.53
N THR E 205 -49.85 23.24 -25.37
CA THR E 205 -49.64 22.53 -24.10
C THR E 205 -50.73 21.50 -23.84
N ALA E 206 -51.99 21.86 -24.09
CA ALA E 206 -53.06 20.86 -24.01
C ALA E 206 -52.78 19.69 -24.93
N GLU E 207 -52.20 19.96 -26.10
CA GLU E 207 -51.80 18.87 -26.98
C GLU E 207 -50.56 18.14 -26.49
N ARG E 208 -49.70 18.77 -25.70
CA ARG E 208 -48.72 17.98 -24.96
C ARG E 208 -49.38 16.98 -24.04
N GLU E 209 -50.43 17.38 -23.33
CA GLU E 209 -51.15 16.44 -22.48
C GLU E 209 -51.83 15.33 -23.26
N ILE E 210 -52.36 15.63 -24.45
CA ILE E 210 -52.90 14.57 -25.30
C ILE E 210 -51.80 13.59 -25.71
N VAL E 211 -50.62 14.10 -26.07
CA VAL E 211 -49.52 13.22 -26.47
C VAL E 211 -49.02 12.41 -25.28
N ARG E 212 -49.04 13.00 -24.09
CA ARG E 212 -48.67 12.23 -22.89
C ARG E 212 -49.62 11.07 -22.70
N ASP E 213 -50.92 11.29 -22.91
CA ASP E 213 -51.88 10.20 -22.77
C ASP E 213 -51.67 9.15 -23.85
N ILE E 214 -51.33 9.56 -25.07
CA ILE E 214 -51.00 8.58 -26.10
C ILE E 214 -49.81 7.73 -25.67
N LYS E 215 -48.78 8.38 -25.11
CA LYS E 215 -47.59 7.66 -24.68
C LYS E 215 -47.93 6.67 -23.58
N GLU E 216 -48.75 7.07 -22.61
CA GLU E 216 -49.12 6.16 -21.54
C GLU E 216 -49.93 4.98 -22.07
N LYS E 217 -50.89 5.22 -22.95
CA LYS E 217 -51.78 4.15 -23.39
C LYS E 217 -51.07 3.17 -24.30
N LEU E 218 -50.34 3.68 -25.30
CA LEU E 218 -49.89 2.83 -26.41
C LEU E 218 -48.42 2.44 -26.34
N CYS E 219 -47.52 3.35 -26.00
CA CYS E 219 -46.10 3.10 -26.12
C CYS E 219 -45.64 1.98 -25.20
N TYR E 220 -44.69 1.19 -25.68
CA TYR E 220 -44.09 0.10 -24.93
C TYR E 220 -42.61 0.03 -25.30
N VAL E 221 -41.88 -0.87 -24.65
CA VAL E 221 -40.44 -1.00 -24.87
C VAL E 221 -40.17 -2.31 -25.58
N ALA E 222 -39.40 -2.26 -26.66
CA ALA E 222 -39.08 -3.45 -27.43
C ALA E 222 -37.93 -4.21 -26.77
N LEU E 223 -38.03 -5.54 -26.78
CA LEU E 223 -36.94 -6.36 -26.25
C LEU E 223 -35.72 -6.28 -27.14
N ASP E 224 -35.90 -6.43 -28.44
CA ASP E 224 -34.83 -6.28 -29.42
C ASP E 224 -35.25 -5.21 -30.41
N PHE E 225 -34.50 -4.11 -30.46
CA PHE E 225 -34.94 -2.95 -31.22
C PHE E 225 -34.91 -3.21 -32.72
N GLU E 226 -33.81 -3.77 -33.23
CA GLU E 226 -33.69 -3.97 -34.67
C GLU E 226 -34.73 -4.96 -35.17
N ASN E 227 -34.94 -6.06 -34.44
CA ASN E 227 -35.94 -7.04 -34.85
C ASN E 227 -37.33 -6.43 -34.84
N GLU E 228 -37.62 -5.56 -33.87
CA GLU E 228 -38.94 -4.95 -33.82
C GLU E 228 -39.12 -3.93 -34.93
N MET E 229 -38.07 -3.19 -35.28
CA MET E 229 -38.16 -2.30 -36.44
C MET E 229 -38.40 -3.10 -37.72
N ALA E 230 -37.71 -4.23 -37.88
CA ALA E 230 -37.93 -5.07 -39.05
C ALA E 230 -39.37 -5.59 -39.09
N THR E 231 -39.89 -6.03 -37.94
CA THR E 231 -41.26 -6.53 -37.89
C THR E 231 -42.26 -5.42 -38.20
N ALA E 232 -42.02 -4.21 -37.67
CA ALA E 232 -42.94 -3.11 -37.91
C ALA E 232 -42.91 -2.64 -39.35
N ALA E 233 -41.76 -2.73 -40.01
CA ALA E 233 -41.68 -2.34 -41.41
C ALA E 233 -42.27 -3.41 -42.32
N SER E 234 -42.12 -4.69 -41.96
CA SER E 234 -42.58 -5.75 -42.84
C SER E 234 -44.10 -5.85 -42.85
N SER E 235 -44.74 -5.77 -41.68
CA SER E 235 -46.17 -5.97 -41.56
C SER E 235 -46.79 -4.88 -40.71
N SER E 236 -48.11 -4.75 -40.81
CA SER E 236 -48.88 -3.78 -40.04
C SER E 236 -49.53 -4.42 -38.82
N SER E 237 -48.87 -5.38 -38.20
CA SER E 237 -49.42 -6.02 -37.01
C SER E 237 -49.19 -5.21 -35.75
N LEU E 238 -48.32 -4.20 -35.79
CA LEU E 238 -47.98 -3.41 -34.62
C LEU E 238 -48.75 -2.10 -34.53
N GLU E 239 -49.60 -1.77 -35.51
CA GLU E 239 -50.29 -0.50 -35.52
C GLU E 239 -51.49 -0.54 -34.58
N LYS E 240 -51.59 0.46 -33.72
CA LYS E 240 -52.73 0.62 -32.82
C LYS E 240 -53.26 2.03 -32.93
N SER E 241 -54.58 2.17 -32.84
CA SER E 241 -55.27 3.43 -33.08
C SER E 241 -55.70 4.07 -31.77
N TYR E 242 -55.69 5.39 -31.76
CA TYR E 242 -56.08 6.20 -30.62
C TYR E 242 -57.04 7.27 -31.10
N GLU E 243 -58.02 7.62 -30.28
CA GLU E 243 -59.07 8.55 -30.68
C GLU E 243 -58.92 9.86 -29.92
N LEU E 244 -58.70 10.95 -30.64
CA LEU E 244 -58.43 12.25 -30.05
C LEU E 244 -59.70 12.83 -29.43
N PRO E 245 -59.56 13.85 -28.59
CA PRO E 245 -60.74 14.40 -27.91
C PRO E 245 -61.77 15.05 -28.83
N ASP E 246 -61.51 15.18 -30.13
CA ASP E 246 -62.51 15.75 -31.03
C ASP E 246 -63.02 14.72 -32.03
N GLY E 247 -62.80 13.43 -31.77
CA GLY E 247 -63.34 12.38 -32.60
C GLY E 247 -62.40 11.85 -33.65
N GLN E 248 -61.30 12.54 -33.93
CA GLN E 248 -60.35 12.06 -34.92
C GLN E 248 -59.63 10.83 -34.40
N VAL E 249 -59.22 9.96 -35.32
CA VAL E 249 -58.52 8.73 -34.99
C VAL E 249 -57.12 8.80 -35.58
N ILE E 250 -56.11 8.55 -34.76
CA ILE E 250 -54.76 8.50 -35.22
C ILE E 250 -54.31 7.04 -35.26
N THR E 251 -53.13 6.79 -35.81
CA THR E 251 -52.63 5.42 -35.91
C THR E 251 -51.11 5.46 -35.88
N ILE E 252 -50.52 4.92 -34.83
CA ILE E 252 -49.08 4.90 -34.66
C ILE E 252 -48.61 3.45 -34.59
N GLY E 253 -47.78 3.05 -35.54
CA GLY E 253 -47.28 1.69 -35.53
C GLY E 253 -45.83 1.57 -35.11
N ASN E 254 -44.99 2.45 -35.65
CA ASN E 254 -43.56 2.39 -35.41
C ASN E 254 -43.12 3.33 -34.31
N GLU E 255 -43.93 4.32 -33.96
CA GLU E 255 -43.62 5.26 -32.91
C GLU E 255 -43.88 4.69 -31.52
N ARG E 256 -44.38 3.46 -31.44
CA ARG E 256 -44.76 2.91 -30.15
C ARG E 256 -43.54 2.56 -29.30
N PHE E 257 -42.55 1.90 -29.90
CA PHE E 257 -41.34 1.54 -29.18
C PHE E 257 -40.17 2.46 -29.48
N ARG E 258 -40.33 3.42 -30.38
CA ARG E 258 -39.27 4.39 -30.62
C ARG E 258 -39.24 5.47 -29.55
N CYS E 259 -40.40 5.85 -29.01
CA CYS E 259 -40.42 6.83 -27.93
C CYS E 259 -39.73 6.35 -26.68
N PRO E 260 -40.01 5.15 -26.14
CA PRO E 260 -39.33 4.72 -24.91
C PRO E 260 -37.94 4.17 -25.14
N GLU E 261 -37.54 3.97 -26.39
CA GLU E 261 -36.15 3.60 -26.68
C GLU E 261 -35.19 4.73 -26.42
N THR E 262 -35.68 5.96 -26.26
CA THR E 262 -34.81 7.07 -25.92
C THR E 262 -34.10 6.83 -24.60
N LEU E 263 -34.73 6.09 -23.68
CA LEU E 263 -34.10 5.81 -22.40
C LEU E 263 -32.84 4.98 -22.57
N PHE E 264 -32.88 3.98 -23.46
CA PHE E 264 -31.73 3.11 -23.65
C PHE E 264 -30.75 3.62 -24.69
N GLN E 265 -31.16 4.58 -25.52
CA GLN E 265 -30.26 5.25 -26.44
C GLN E 265 -30.56 6.74 -26.39
N PRO E 266 -29.98 7.45 -25.43
CA PRO E 266 -30.30 8.87 -25.28
C PRO E 266 -29.74 9.72 -26.40
N SER E 267 -29.14 9.08 -27.40
CA SER E 267 -28.69 9.80 -28.58
C SER E 267 -29.82 10.08 -29.56
N PHE E 268 -31.01 9.53 -29.30
CA PHE E 268 -32.16 9.84 -30.14
C PHE E 268 -32.55 11.31 -30.01
N ILE E 269 -32.48 11.86 -28.81
CA ILE E 269 -32.83 13.25 -28.58
C ILE E 269 -31.59 14.13 -28.45
N GLY E 270 -30.46 13.69 -28.98
CA GLY E 270 -29.27 14.50 -28.99
C GLY E 270 -28.43 14.48 -27.73
N MET E 271 -28.85 13.75 -26.71
CA MET E 271 -28.07 13.64 -25.49
C MET E 271 -26.91 12.67 -25.70
N GLU E 272 -25.80 12.95 -25.03
CA GLU E 272 -24.60 12.13 -25.17
C GLU E 272 -24.58 10.95 -24.21
N SER E 273 -25.13 11.12 -23.01
CA SER E 273 -24.96 10.16 -21.94
C SER E 273 -25.47 8.78 -22.33
N ALA E 274 -25.01 7.78 -21.59
CA ALA E 274 -25.38 6.40 -21.86
C ALA E 274 -26.79 6.11 -21.36
N GLY E 275 -27.37 5.03 -21.87
CA GLY E 275 -28.72 4.66 -21.52
C GLY E 275 -28.90 4.35 -20.06
N ILE E 276 -30.10 3.95 -19.65
CA ILE E 276 -30.31 3.64 -18.23
C ILE E 276 -29.66 2.31 -17.86
N HIS E 277 -29.48 1.40 -18.81
CA HIS E 277 -28.83 0.13 -18.50
C HIS E 277 -27.34 0.34 -18.23
N GLU E 278 -26.66 1.12 -19.08
CA GLU E 278 -25.26 1.40 -18.83
C GLU E 278 -25.08 2.29 -17.61
N THR E 279 -26.02 3.20 -17.35
CA THR E 279 -25.93 4.00 -16.13
C THR E 279 -26.05 3.13 -14.90
N THR E 280 -26.99 2.18 -14.88
CA THR E 280 -27.10 1.29 -13.74
C THR E 280 -25.86 0.42 -13.58
N TYR E 281 -25.33 -0.10 -14.68
CA TYR E 281 -24.14 -0.95 -14.58
C TYR E 281 -22.92 -0.15 -14.12
N ASN E 282 -22.77 1.08 -14.61
CA ASN E 282 -21.67 1.93 -14.16
C ASN E 282 -21.82 2.28 -12.69
N SER E 283 -23.05 2.51 -12.23
CA SER E 283 -23.27 2.77 -10.81
C SER E 283 -22.96 1.54 -9.98
N ILE E 284 -23.19 0.34 -10.52
CA ILE E 284 -22.86 -0.87 -9.79
C ILE E 284 -21.35 -1.03 -9.68
N MET E 285 -20.62 -0.89 -10.79
CA MET E 285 -19.18 -1.06 -10.73
C MET E 285 -18.43 0.19 -10.25
N LYS E 286 -19.11 1.14 -9.64
CA LYS E 286 -18.43 2.14 -8.83
C LYS E 286 -18.44 1.80 -7.35
N CYS E 287 -19.25 0.82 -6.96
CA CYS E 287 -19.34 0.38 -5.58
C CYS E 287 -18.25 -0.63 -5.27
N ASP E 288 -18.08 -0.90 -3.98
CA ASP E 288 -17.04 -1.82 -3.53
C ASP E 288 -17.29 -3.22 -4.06
N ILE E 289 -16.20 -3.94 -4.30
CA ILE E 289 -16.24 -5.21 -5.04
C ILE E 289 -17.11 -6.25 -4.33
N ASP E 290 -17.17 -6.20 -3.01
CA ASP E 290 -17.84 -7.26 -2.28
C ASP E 290 -19.36 -7.17 -2.36
N ILE E 291 -19.90 -5.98 -2.66
CA ILE E 291 -21.34 -5.77 -2.63
C ILE E 291 -21.95 -5.75 -4.02
N ARG E 292 -21.15 -5.91 -5.07
CA ARG E 292 -21.71 -5.91 -6.42
C ARG E 292 -22.60 -7.11 -6.66
N LYS E 293 -22.31 -8.25 -6.03
CA LYS E 293 -23.16 -9.41 -6.21
C LYS E 293 -24.54 -9.20 -5.60
N ASP E 294 -24.59 -8.51 -4.46
CA ASP E 294 -25.88 -8.22 -3.83
C ASP E 294 -26.62 -7.09 -4.53
N LEU E 295 -25.89 -6.15 -5.13
CA LEU E 295 -26.55 -5.11 -5.91
C LEU E 295 -27.07 -5.63 -7.25
N TYR E 296 -26.41 -6.63 -7.84
CA TYR E 296 -26.88 -7.17 -9.11
C TYR E 296 -28.25 -7.81 -8.95
N ALA E 297 -28.49 -8.50 -7.84
CA ALA E 297 -29.71 -9.26 -7.67
C ALA E 297 -30.88 -8.44 -7.16
N ASN E 298 -30.68 -7.18 -6.77
CA ASN E 298 -31.76 -6.32 -6.27
C ASN E 298 -31.73 -5.01 -7.05
N ASN E 299 -32.35 -4.98 -8.22
CA ASN E 299 -32.46 -3.78 -9.04
C ASN E 299 -33.88 -3.25 -8.89
N VAL E 300 -34.13 -2.50 -7.82
CA VAL E 300 -35.47 -1.95 -7.60
C VAL E 300 -35.73 -0.84 -8.61
N MET E 301 -36.81 -0.97 -9.36
CA MET E 301 -37.23 0.07 -10.30
C MET E 301 -38.45 0.78 -9.76
N SER E 302 -38.42 2.11 -9.81
CA SER E 302 -39.51 2.91 -9.28
C SER E 302 -39.97 3.96 -10.29
N GLY E 303 -40.80 4.89 -9.85
CA GLY E 303 -41.19 6.01 -10.68
C GLY E 303 -42.14 5.64 -11.80
N GLY E 304 -42.83 6.65 -12.33
CA GLY E 304 -43.84 6.37 -13.34
C GLY E 304 -43.27 5.85 -14.65
N THR E 305 -42.19 6.46 -15.12
CA THR E 305 -41.65 6.17 -16.44
C THR E 305 -41.16 4.74 -16.58
N THR E 306 -40.91 4.04 -15.48
CA THR E 306 -40.50 2.65 -15.55
C THR E 306 -41.67 1.69 -15.64
N MET E 307 -42.82 2.15 -16.12
CA MET E 307 -44.00 1.31 -16.22
C MET E 307 -44.36 0.96 -17.65
N TYR E 308 -43.46 1.17 -18.61
CA TYR E 308 -43.71 0.76 -19.97
C TYR E 308 -43.81 -0.77 -20.03
N PRO E 309 -44.74 -1.31 -20.78
CA PRO E 309 -44.83 -2.77 -20.89
C PRO E 309 -43.58 -3.36 -21.53
N GLY E 310 -42.81 -4.10 -20.75
CA GLY E 310 -41.62 -4.74 -21.25
C GLY E 310 -40.32 -4.07 -20.91
N ILE E 311 -40.29 -3.19 -19.91
CA ILE E 311 -39.04 -2.52 -19.55
C ILE E 311 -38.20 -3.39 -18.62
N ALA E 312 -38.82 -4.21 -17.79
CA ALA E 312 -38.05 -5.08 -16.89
C ALA E 312 -37.29 -6.13 -17.68
N ASP E 313 -37.95 -6.78 -18.63
CA ASP E 313 -37.29 -7.82 -19.43
C ASP E 313 -36.16 -7.22 -20.26
N ARG E 314 -36.42 -6.07 -20.89
CA ARG E 314 -35.39 -5.44 -21.70
C ARG E 314 -34.21 -5.00 -20.86
N MET E 315 -34.47 -4.43 -19.69
CA MET E 315 -33.36 -3.97 -18.85
C MET E 315 -32.56 -5.15 -18.31
N GLN E 316 -33.23 -6.25 -17.97
CA GLN E 316 -32.51 -7.44 -17.56
C GLN E 316 -31.64 -7.97 -18.69
N LYS E 317 -32.16 -7.99 -19.91
CA LYS E 317 -31.36 -8.44 -21.05
C LYS E 317 -30.16 -7.53 -21.27
N GLU E 318 -30.35 -6.22 -21.12
CA GLU E 318 -29.26 -5.29 -21.38
C GLU E 318 -28.18 -5.35 -20.30
N ILE E 319 -28.58 -5.51 -19.04
CA ILE E 319 -27.58 -5.59 -17.98
C ILE E 319 -26.87 -6.94 -17.99
N THR E 320 -27.62 -8.02 -18.23
CA THR E 320 -27.00 -9.35 -18.24
C THR E 320 -25.91 -9.45 -19.30
N ALA E 321 -26.02 -8.70 -20.38
CA ALA E 321 -24.98 -8.70 -21.39
C ALA E 321 -23.75 -7.92 -20.95
N LEU E 322 -23.86 -7.11 -19.90
CA LEU E 322 -22.73 -6.34 -19.38
C LEU E 322 -22.10 -7.01 -18.17
N ALA E 323 -22.91 -7.55 -17.27
CA ALA E 323 -22.40 -8.16 -16.05
C ALA E 323 -21.69 -9.47 -16.38
N PRO E 324 -20.81 -9.94 -15.48
CA PRO E 324 -20.15 -11.23 -15.72
C PRO E 324 -21.16 -12.35 -15.83
N SER E 325 -20.79 -13.37 -16.61
CA SER E 325 -21.72 -14.45 -16.94
C SER E 325 -22.19 -15.22 -15.72
N THR E 326 -21.47 -15.13 -14.61
CA THR E 326 -21.82 -15.91 -13.43
C THR E 326 -22.91 -15.25 -12.60
N MET E 327 -22.88 -13.93 -12.46
CA MET E 327 -23.79 -13.26 -11.54
C MET E 327 -25.25 -13.31 -11.99
N LYS E 328 -26.12 -13.35 -10.98
CA LYS E 328 -27.56 -13.50 -11.15
C LYS E 328 -28.21 -12.12 -11.17
N ILE E 329 -28.72 -11.72 -12.33
CA ILE E 329 -29.36 -10.42 -12.51
C ILE E 329 -30.87 -10.63 -12.47
N LYS E 330 -31.55 -9.86 -11.62
CA LYS E 330 -33.01 -9.89 -11.64
C LYS E 330 -33.53 -8.51 -11.26
N ILE E 331 -34.46 -8.00 -12.06
CA ILE E 331 -34.99 -6.65 -11.89
C ILE E 331 -36.30 -6.75 -11.13
N ILE E 332 -36.42 -5.96 -10.06
CA ILE E 332 -37.58 -5.98 -9.19
C ILE E 332 -38.51 -4.85 -9.63
N ALA E 333 -39.68 -5.21 -10.13
CA ALA E 333 -40.64 -4.25 -10.66
C ALA E 333 -41.99 -4.49 -10.01
N PRO E 334 -42.24 -3.91 -8.84
CA PRO E 334 -43.53 -4.11 -8.19
C PRO E 334 -44.65 -3.51 -9.04
N PRO E 335 -45.84 -4.11 -9.01
CA PRO E 335 -46.95 -3.54 -9.79
C PRO E 335 -47.37 -2.16 -9.36
N GLU E 336 -47.04 -1.74 -8.13
CA GLU E 336 -47.41 -0.43 -7.62
C GLU E 336 -46.28 0.57 -7.72
N ARG E 337 -45.28 0.31 -8.56
CA ARG E 337 -44.03 1.07 -8.50
C ARG E 337 -44.22 2.54 -8.80
N LYS E 338 -45.37 2.94 -9.36
CA LYS E 338 -45.63 4.36 -9.54
C LYS E 338 -45.70 5.09 -8.21
N TYR E 339 -46.18 4.42 -7.16
CA TYR E 339 -46.34 5.02 -5.84
C TYR E 339 -45.33 4.50 -4.84
N SER E 340 -44.21 3.95 -5.29
CA SER E 340 -43.24 3.39 -4.36
C SER E 340 -42.60 4.46 -3.50
N VAL E 341 -42.33 5.63 -4.06
CA VAL E 341 -41.71 6.68 -3.27
C VAL E 341 -42.63 7.13 -2.14
N TRP E 342 -43.93 7.28 -2.44
CA TRP E 342 -44.84 7.73 -1.41
C TRP E 342 -45.03 6.67 -0.33
N ILE E 343 -45.13 5.39 -0.71
CA ILE E 343 -45.27 4.35 0.28
C ILE E 343 -44.03 4.31 1.18
N GLY E 344 -42.86 4.55 0.60
CA GLY E 344 -41.68 4.70 1.41
C GLY E 344 -41.75 5.90 2.34
N GLY E 345 -42.37 6.98 1.90
CA GLY E 345 -42.57 8.11 2.78
C GLY E 345 -43.49 7.78 3.94
N SER E 346 -44.51 6.97 3.68
CA SER E 346 -45.39 6.51 4.75
C SER E 346 -44.65 5.63 5.74
N ILE E 347 -43.79 4.74 5.24
CA ILE E 347 -43.02 3.88 6.13
C ILE E 347 -42.05 4.70 6.96
N LEU E 348 -41.39 5.68 6.35
CA LEU E 348 -40.38 6.45 7.07
C LEU E 348 -41.00 7.39 8.08
N ALA E 349 -42.05 8.12 7.69
CA ALA E 349 -42.59 9.16 8.55
C ALA E 349 -43.32 8.60 9.76
N SER E 350 -43.80 7.37 9.69
CA SER E 350 -44.57 6.78 10.78
C SER E 350 -43.72 5.92 11.70
N LEU E 351 -42.40 5.92 11.52
CA LEU E 351 -41.55 5.09 12.35
C LEU E 351 -41.41 5.66 13.75
N SER E 352 -41.26 4.76 14.72
CA SER E 352 -41.01 5.19 16.09
C SER E 352 -39.63 5.82 16.21
N THR E 353 -38.63 5.27 15.51
CA THR E 353 -37.27 5.78 15.59
C THR E 353 -37.15 7.15 14.96
N PHE E 354 -37.95 7.44 13.94
CA PHE E 354 -37.76 8.62 13.12
C PHE E 354 -38.18 9.92 13.81
N GLN E 355 -39.05 9.85 14.82
CA GLN E 355 -39.66 11.05 15.37
C GLN E 355 -38.68 11.99 16.08
N GLN E 356 -37.41 11.64 16.16
CA GLN E 356 -36.40 12.55 16.66
C GLN E 356 -35.64 13.26 15.55
N MET E 357 -35.99 13.00 14.29
CA MET E 357 -35.26 13.52 13.15
C MET E 357 -36.00 14.59 12.39
N TRP E 358 -37.21 14.95 12.81
CA TRP E 358 -37.88 16.09 12.20
C TRP E 358 -37.11 17.37 12.46
N ILE E 359 -37.19 18.30 11.52
CA ILE E 359 -36.63 19.63 11.70
C ILE E 359 -37.70 20.46 12.38
N THR E 360 -37.64 20.56 13.70
CA THR E 360 -38.65 21.28 14.43
C THR E 360 -38.57 22.78 14.14
N LYS E 361 -39.69 23.48 14.37
CA LYS E 361 -39.74 24.90 14.08
C LYS E 361 -38.76 25.68 14.93
N GLN E 362 -38.55 25.26 16.17
CA GLN E 362 -37.60 25.95 17.05
C GLN E 362 -36.19 25.87 16.50
N GLU E 363 -35.80 24.71 15.95
CA GLU E 363 -34.49 24.60 15.33
C GLU E 363 -34.36 25.51 14.12
N TYR E 364 -35.42 25.62 13.32
CA TYR E 364 -35.38 26.51 12.16
C TYR E 364 -35.25 27.97 12.62
N ASP E 365 -35.94 28.34 13.69
CA ASP E 365 -35.82 29.69 14.21
C ASP E 365 -34.39 29.96 14.68
N GLU E 366 -33.78 28.98 15.33
CA GLU E 366 -32.40 29.16 15.80
C GLU E 366 -31.42 29.29 14.63
N ALA E 367 -31.47 28.36 13.68
CA ALA E 367 -30.39 28.19 12.73
C ALA E 367 -30.71 28.63 11.31
N GLY E 368 -31.94 29.04 11.01
CA GLY E 368 -32.27 29.50 9.69
C GLY E 368 -32.46 28.35 8.72
N PRO E 369 -32.66 28.66 7.44
CA PRO E 369 -32.97 27.61 6.45
C PRO E 369 -31.79 26.73 6.10
N SER E 370 -30.62 26.96 6.68
CA SER E 370 -29.46 26.12 6.42
C SER E 370 -29.40 24.92 7.34
N ILE E 371 -30.41 24.73 8.19
CA ILE E 371 -30.48 23.55 9.04
C ILE E 371 -30.80 22.30 8.24
N VAL E 372 -31.44 22.45 7.08
CA VAL E 372 -31.86 21.30 6.30
C VAL E 372 -30.66 20.56 5.74
N HIS E 373 -29.53 21.23 5.57
CA HIS E 373 -28.34 20.56 5.08
C HIS E 373 -27.70 19.70 6.16
N ARG E 374 -27.77 20.14 7.42
CA ARG E 374 -27.25 19.33 8.52
C ARG E 374 -28.17 18.16 8.81
N LYS E 375 -29.47 18.42 8.91
CA LYS E 375 -30.39 17.38 9.35
C LYS E 375 -30.60 16.33 8.27
N CYS E 376 -30.79 16.76 7.04
CA CYS E 376 -31.13 15.84 5.95
C CYS E 376 -29.88 15.40 5.19
N THR F 7 -26.32 15.53 -68.07
CA THR F 7 -26.64 16.85 -68.63
C THR F 7 -26.55 17.92 -67.56
N THR F 8 -27.44 18.92 -67.64
CA THR F 8 -27.52 19.99 -66.67
C THR F 8 -28.75 19.78 -65.80
N ALA F 9 -28.57 19.92 -64.49
CA ALA F 9 -29.61 19.56 -63.54
C ALA F 9 -30.59 20.71 -63.34
N LEU F 10 -31.85 20.34 -63.15
CA LEU F 10 -32.88 21.31 -62.80
C LEU F 10 -32.89 21.53 -61.30
N VAL F 11 -33.34 22.71 -60.88
CA VAL F 11 -33.47 23.05 -59.47
C VAL F 11 -34.84 23.69 -59.30
N CYS F 12 -35.82 22.88 -58.90
CA CYS F 12 -37.20 23.34 -58.75
C CYS F 12 -37.50 23.50 -57.26
N ASP F 13 -37.58 24.75 -56.79
CA ASP F 13 -37.85 25.05 -55.39
C ASP F 13 -39.33 25.37 -55.24
N ASN F 14 -40.15 24.32 -55.23
CA ASN F 14 -41.60 24.48 -55.17
C ASN F 14 -41.98 24.88 -53.75
N GLY F 15 -41.99 26.17 -53.48
CA GLY F 15 -42.39 26.66 -52.19
C GLY F 15 -43.90 26.53 -52.01
N SER F 16 -44.37 27.05 -50.88
CA SER F 16 -45.80 27.01 -50.60
C SER F 16 -46.56 28.12 -51.32
N GLY F 17 -45.88 29.19 -51.70
CA GLY F 17 -46.55 30.31 -52.34
C GLY F 17 -46.06 30.63 -53.74
N LEU F 18 -44.78 30.36 -54.01
CA LEU F 18 -44.17 30.64 -55.30
C LEU F 18 -43.35 29.44 -55.75
N VAL F 19 -43.33 29.20 -57.05
CA VAL F 19 -42.52 28.15 -57.65
C VAL F 19 -41.36 28.83 -58.36
N LYS F 20 -40.14 28.45 -58.02
CA LYS F 20 -38.93 29.07 -58.55
C LYS F 20 -38.04 27.98 -59.12
N ALA F 21 -38.03 27.87 -60.45
CA ALA F 21 -37.28 26.83 -61.13
C ALA F 21 -36.16 27.43 -61.96
N GLY F 22 -35.24 26.57 -62.37
CA GLY F 22 -34.08 27.04 -63.13
C GLY F 22 -33.16 25.88 -63.43
N PHE F 23 -31.97 26.22 -63.89
CA PHE F 23 -30.95 25.23 -64.22
C PHE F 23 -29.81 25.33 -63.22
N ALA F 24 -29.28 24.18 -62.81
CA ALA F 24 -28.19 24.17 -61.86
C ALA F 24 -26.95 24.81 -62.47
N GLY F 25 -26.22 25.54 -61.65
CA GLY F 25 -25.05 26.26 -62.07
C GLY F 25 -25.28 27.72 -62.37
N ASP F 26 -26.54 28.12 -62.58
CA ASP F 26 -26.87 29.51 -62.83
C ASP F 26 -26.86 30.28 -61.52
N ASP F 27 -27.32 31.53 -61.56
CA ASP F 27 -27.41 32.36 -60.36
C ASP F 27 -28.77 33.02 -60.22
N ALA F 28 -29.77 32.61 -61.00
CA ALA F 28 -31.09 33.20 -60.91
C ALA F 28 -32.08 32.25 -61.57
N PRO F 29 -33.29 32.14 -61.04
CA PRO F 29 -34.27 31.24 -61.64
C PRO F 29 -34.78 31.75 -62.98
N ARG F 30 -35.19 30.81 -63.83
CA ARG F 30 -35.80 31.17 -65.10
C ARG F 30 -37.29 31.45 -64.94
N ALA F 31 -37.98 30.60 -64.20
CA ALA F 31 -39.42 30.70 -63.99
C ALA F 31 -39.70 31.03 -62.53
N VAL F 32 -40.44 32.13 -62.30
CA VAL F 32 -40.90 32.48 -60.97
C VAL F 32 -42.36 32.88 -61.07
N PHE F 33 -43.26 31.96 -60.76
CA PHE F 33 -44.69 32.19 -60.88
C PHE F 33 -45.39 31.68 -59.64
N PRO F 34 -46.56 32.25 -59.31
CA PRO F 34 -47.28 31.78 -58.13
C PRO F 34 -47.75 30.34 -58.29
N SER F 35 -47.88 29.65 -57.17
CA SER F 35 -48.27 28.25 -57.16
C SER F 35 -49.77 28.13 -56.89
N ILE F 36 -50.55 28.56 -57.89
CA ILE F 36 -52.01 28.53 -57.80
C ILE F 36 -52.56 27.82 -59.02
N VAL F 37 -53.77 27.28 -58.87
CA VAL F 37 -54.47 26.62 -59.97
C VAL F 37 -55.91 27.09 -59.99
N GLY F 38 -56.22 28.09 -60.82
CA GLY F 38 -57.57 28.59 -60.87
C GLY F 38 -58.46 27.76 -61.78
N ARG F 39 -59.75 27.74 -61.46
CA ARG F 39 -60.75 27.09 -62.28
C ARG F 39 -61.95 28.02 -62.40
N PRO F 40 -62.46 28.27 -63.60
CA PRO F 40 -63.56 29.23 -63.77
C PRO F 40 -64.79 28.79 -63.02
N ARG F 41 -65.51 29.77 -62.46
CA ARG F 41 -66.70 29.50 -61.68
C ARG F 41 -67.97 30.10 -62.25
N HIS F 42 -67.87 31.11 -63.11
CA HIS F 42 -69.06 31.73 -63.70
C HIS F 42 -69.55 30.89 -64.88
N GLN F 43 -70.47 31.44 -65.66
CA GLN F 43 -71.06 30.73 -66.78
C GLN F 43 -70.53 31.27 -68.09
N GLY F 44 -70.05 30.38 -68.95
CA GLY F 44 -69.55 30.77 -70.26
C GLY F 44 -70.67 30.87 -71.26
N VAL F 45 -70.68 31.97 -72.00
CA VAL F 45 -71.75 32.23 -72.96
C VAL F 45 -71.27 32.33 -74.40
N MET F 46 -69.99 32.56 -74.65
CA MET F 46 -69.47 32.63 -76.02
C MET F 46 -68.83 31.30 -76.39
N VAL F 47 -69.22 30.78 -77.55
CA VAL F 47 -68.79 29.46 -77.97
C VAL F 47 -67.31 29.49 -78.34
N GLY F 48 -66.55 28.52 -77.83
CA GLY F 48 -65.13 28.45 -78.05
C GLY F 48 -64.31 29.08 -76.95
N MET F 49 -64.90 29.94 -76.14
CA MET F 49 -64.24 30.51 -74.96
C MET F 49 -64.77 29.80 -73.72
N GLY F 50 -63.86 29.19 -72.96
CA GLY F 50 -64.24 28.35 -71.86
C GLY F 50 -63.93 26.88 -72.05
N GLN F 51 -63.17 26.51 -73.08
CA GLN F 51 -62.78 25.12 -73.25
C GLN F 51 -61.72 24.70 -72.25
N LYS F 52 -60.92 25.65 -71.77
CA LYS F 52 -59.82 25.34 -70.86
C LYS F 52 -60.37 25.24 -69.44
N ASP F 53 -60.20 24.07 -68.82
CA ASP F 53 -60.81 23.82 -67.52
C ASP F 53 -60.06 24.48 -66.38
N SER F 54 -58.74 24.64 -66.48
CA SER F 54 -57.97 25.14 -65.36
C SER F 54 -56.79 25.94 -65.85
N TYR F 55 -56.56 27.09 -65.24
CA TYR F 55 -55.43 27.95 -65.53
C TYR F 55 -54.43 27.86 -64.39
N VAL F 56 -53.15 27.77 -64.72
CA VAL F 56 -52.10 27.43 -63.77
C VAL F 56 -51.07 28.55 -63.74
N GLY F 57 -50.72 29.00 -62.53
CA GLY F 57 -49.62 29.93 -62.41
C GLY F 57 -49.92 31.34 -62.83
N ASP F 58 -49.17 31.86 -63.80
CA ASP F 58 -49.30 33.25 -64.19
C ASP F 58 -50.54 33.51 -65.02
N GLU F 59 -51.06 32.51 -65.73
CA GLU F 59 -52.27 32.72 -66.50
C GLU F 59 -53.54 32.64 -65.64
N ALA F 60 -53.42 32.20 -64.39
CA ALA F 60 -54.52 32.26 -63.45
C ALA F 60 -54.43 33.46 -62.53
N GLN F 61 -53.34 34.22 -62.62
CA GLN F 61 -53.22 35.44 -61.85
C GLN F 61 -53.70 36.63 -62.67
N SER F 62 -53.64 36.53 -64.00
CA SER F 62 -54.20 37.55 -64.87
C SER F 62 -55.71 37.44 -64.96
N LYS F 63 -56.23 36.22 -65.07
CA LYS F 63 -57.66 35.97 -65.21
C LYS F 63 -58.35 35.74 -63.87
N ARG F 64 -57.79 36.24 -62.77
CA ARG F 64 -58.32 35.88 -61.47
C ARG F 64 -59.70 36.46 -61.21
N GLY F 65 -60.19 37.36 -62.07
CA GLY F 65 -61.50 37.93 -61.85
C GLY F 65 -62.63 36.92 -61.98
N ILE F 66 -62.39 35.82 -62.67
CA ILE F 66 -63.43 34.83 -62.94
C ILE F 66 -62.99 33.44 -62.51
N LEU F 67 -62.10 33.35 -61.52
CA LEU F 67 -61.56 32.08 -61.09
C LEU F 67 -61.56 31.98 -59.57
N THR F 68 -61.46 30.75 -59.09
CA THR F 68 -61.28 30.45 -57.67
C THR F 68 -59.87 29.87 -57.52
N LEU F 69 -58.91 30.73 -57.20
CA LEU F 69 -57.53 30.29 -57.06
C LEU F 69 -57.38 29.40 -55.83
N LYS F 70 -56.69 28.27 -56.00
CA LYS F 70 -56.50 27.31 -54.92
C LYS F 70 -55.06 26.86 -54.90
N TYR F 71 -54.35 27.15 -53.81
CA TYR F 71 -52.97 26.74 -53.66
C TYR F 71 -52.91 25.24 -53.38
N PRO F 72 -52.18 24.45 -54.17
CA PRO F 72 -52.07 23.02 -53.87
C PRO F 72 -51.22 22.72 -52.65
N ILE F 73 -50.16 23.49 -52.40
CA ILE F 73 -49.30 23.29 -51.25
C ILE F 73 -49.80 24.18 -50.12
N GLU F 74 -49.98 23.61 -48.94
CA GLU F 74 -50.60 24.32 -47.84
C GLU F 74 -49.95 24.03 -46.51
N HIC F 75 -49.02 24.91 -46.10
CA HIC F 75 -48.20 24.79 -44.90
C HIC F 75 -47.05 23.85 -45.19
O HIC F 75 -46.56 23.08 -44.37
CB HIC F 75 -48.88 24.24 -43.63
CG HIC F 75 -49.75 25.21 -42.93
ND1 HIC F 75 -49.47 26.57 -42.77
CD2 HIC F 75 -50.97 24.90 -42.32
CE1 HIC F 75 -50.52 27.08 -42.08
NE2 HIC F 75 -51.46 26.08 -41.78
CZ HIC F 75 -52.68 26.24 -41.07
N GLY F 76 -46.56 23.94 -46.42
CA GLY F 76 -45.43 23.15 -46.84
C GLY F 76 -45.76 21.72 -47.19
N ILE F 77 -47.01 21.32 -46.97
CA ILE F 77 -47.47 19.95 -47.19
C ILE F 77 -48.44 19.97 -48.38
N ILE F 78 -48.17 19.12 -49.37
CA ILE F 78 -48.94 19.13 -50.61
C ILE F 78 -50.29 18.46 -50.34
N THR F 79 -51.33 19.26 -50.15
CA THR F 79 -52.66 18.72 -49.86
C THR F 79 -53.32 18.14 -51.10
N ASN F 80 -53.16 18.79 -52.24
CA ASN F 80 -53.76 18.37 -53.50
C ASN F 80 -52.67 17.88 -54.43
N TRP F 81 -52.81 16.65 -54.93
CA TRP F 81 -51.76 16.06 -55.75
C TRP F 81 -52.00 16.19 -57.24
N ASP F 82 -53.26 16.16 -57.69
CA ASP F 82 -53.52 16.42 -59.11
C ASP F 82 -53.15 17.83 -59.49
N ASP F 83 -53.50 18.81 -58.64
CA ASP F 83 -53.12 20.18 -58.91
C ASP F 83 -51.61 20.35 -58.89
N MET F 84 -50.92 19.59 -58.05
CA MET F 84 -49.47 19.76 -57.99
C MET F 84 -48.79 19.08 -59.17
N GLU F 85 -49.37 18.00 -59.69
CA GLU F 85 -48.94 17.49 -60.99
C GLU F 85 -49.14 18.53 -62.08
N LYS F 86 -50.26 19.25 -62.04
CA LYS F 86 -50.47 20.32 -63.00
C LYS F 86 -49.40 21.39 -62.88
N ILE F 87 -49.05 21.77 -61.66
CA ILE F 87 -48.04 22.81 -61.44
C ILE F 87 -46.68 22.34 -61.96
N TRP F 88 -46.31 21.09 -61.66
CA TRP F 88 -45.02 20.58 -62.12
C TRP F 88 -44.98 20.46 -63.64
N HIS F 89 -46.08 20.02 -64.26
CA HIS F 89 -46.12 19.95 -65.70
C HIS F 89 -45.96 21.33 -66.31
N HIS F 90 -46.65 22.33 -65.76
CA HIS F 90 -46.47 23.70 -66.21
C HIS F 90 -45.00 24.11 -66.11
N THR F 91 -44.39 23.90 -64.93
CA THR F 91 -43.01 24.31 -64.72
C THR F 91 -42.07 23.67 -65.72
N PHE F 92 -42.21 22.36 -65.94
CA PHE F 92 -41.27 21.66 -66.79
C PHE F 92 -41.45 22.05 -68.26
N TYR F 93 -42.70 22.04 -68.75
CA TYR F 93 -42.90 22.18 -70.18
C TYR F 93 -43.19 23.61 -70.63
N ASN F 94 -44.11 24.32 -69.97
CA ASN F 94 -44.54 25.60 -70.50
C ASN F 94 -43.68 26.77 -70.04
N GLU F 95 -42.98 26.66 -68.91
CA GLU F 95 -42.17 27.76 -68.41
C GLU F 95 -40.68 27.57 -68.67
N LEU F 96 -40.10 26.46 -68.20
CA LEU F 96 -38.70 26.19 -68.47
C LEU F 96 -38.49 25.66 -69.88
N ARG F 97 -39.47 24.94 -70.41
CA ARG F 97 -39.41 24.36 -71.76
C ARG F 97 -38.25 23.37 -71.89
N VAL F 98 -38.27 22.37 -71.03
CA VAL F 98 -37.31 21.27 -71.07
C VAL F 98 -38.04 19.96 -70.91
N ALA F 99 -37.60 18.95 -71.62
CA ALA F 99 -38.12 17.61 -71.39
C ALA F 99 -37.51 17.08 -70.09
N PRO F 100 -38.33 16.67 -69.13
CA PRO F 100 -37.76 16.20 -67.85
C PRO F 100 -36.94 14.94 -67.98
N GLU F 101 -37.11 14.17 -69.05
CA GLU F 101 -36.42 12.89 -69.17
C GLU F 101 -34.91 13.06 -69.23
N GLU F 102 -34.42 14.26 -69.51
CA GLU F 102 -33.00 14.48 -69.73
C GLU F 102 -32.33 15.30 -68.64
N HIS F 103 -33.03 15.64 -67.56
CA HIS F 103 -32.48 16.49 -66.53
C HIS F 103 -32.77 15.92 -65.15
N PRO F 104 -31.76 15.76 -64.29
CA PRO F 104 -32.04 15.51 -62.87
C PRO F 104 -32.69 16.72 -62.24
N THR F 105 -33.51 16.48 -61.22
CA THR F 105 -34.29 17.52 -60.57
C THR F 105 -33.98 17.56 -59.08
N LEU F 106 -33.66 18.74 -58.57
CA LEU F 106 -33.38 18.94 -57.16
C LEU F 106 -34.57 19.67 -56.53
N LEU F 107 -35.40 18.95 -55.81
CA LEU F 107 -36.55 19.53 -55.14
C LEU F 107 -36.20 19.92 -53.71
N THR F 108 -36.95 20.87 -53.15
CA THR F 108 -36.72 21.35 -51.82
C THR F 108 -37.92 21.05 -50.94
N GLU F 109 -37.69 21.00 -49.63
CA GLU F 109 -38.75 20.65 -48.70
C GLU F 109 -38.39 21.14 -47.30
N ALA F 110 -39.39 21.66 -46.59
CA ALA F 110 -39.21 22.10 -45.23
C ALA F 110 -38.92 20.90 -44.31
N PRO F 111 -38.26 21.12 -43.19
CA PRO F 111 -38.00 20.02 -42.26
C PRO F 111 -39.26 19.63 -41.51
N LEU F 112 -39.26 18.41 -40.99
CA LEU F 112 -40.32 17.91 -40.12
C LEU F 112 -41.66 17.79 -40.85
N ASN F 113 -41.64 17.58 -42.15
CA ASN F 113 -42.86 17.30 -42.90
C ASN F 113 -43.19 15.81 -42.84
N PRO F 114 -44.40 15.43 -43.22
CA PRO F 114 -44.73 14.01 -43.27
C PRO F 114 -43.82 13.27 -44.25
N LYS F 115 -43.65 11.97 -43.99
CA LYS F 115 -42.82 11.16 -44.86
C LYS F 115 -43.52 10.82 -46.17
N ALA F 116 -44.86 10.73 -46.14
CA ALA F 116 -45.60 10.50 -47.37
C ALA F 116 -45.38 11.61 -48.36
N ASN F 117 -45.04 12.80 -47.89
CA ASN F 117 -44.76 13.92 -48.78
C ASN F 117 -43.55 13.63 -49.67
N ARG F 118 -42.42 13.26 -49.07
CA ARG F 118 -41.26 12.89 -49.86
C ARG F 118 -41.52 11.65 -50.70
N GLU F 119 -42.18 10.64 -50.14
CA GLU F 119 -42.43 9.43 -50.89
C GLU F 119 -43.26 9.69 -52.15
N LYS F 120 -44.29 10.52 -52.06
CA LYS F 120 -45.10 10.83 -53.24
C LYS F 120 -44.44 11.81 -54.20
N MET F 121 -43.64 12.78 -53.73
CA MET F 121 -42.87 13.56 -54.68
C MET F 121 -41.91 12.69 -55.47
N THR F 122 -41.22 11.76 -54.82
CA THR F 122 -40.33 10.85 -55.53
C THR F 122 -41.08 9.97 -56.51
N GLN F 123 -42.22 9.42 -56.09
CA GLN F 123 -42.98 8.55 -56.98
C GLN F 123 -43.49 9.31 -58.20
N ILE F 124 -43.98 10.54 -58.01
CA ILE F 124 -44.49 11.31 -59.14
C ILE F 124 -43.35 11.67 -60.10
N MET F 125 -42.20 12.07 -59.58
CA MET F 125 -41.10 12.40 -60.47
C MET F 125 -40.61 11.17 -61.24
N PHE F 126 -40.55 10.02 -60.60
CA PHE F 126 -39.98 8.85 -61.27
C PHE F 126 -40.99 8.09 -62.12
N GLU F 127 -42.29 8.31 -61.94
CA GLU F 127 -43.28 7.56 -62.69
C GLU F 127 -44.10 8.40 -63.65
N THR F 128 -44.31 9.67 -63.35
CA THR F 128 -45.07 10.54 -64.25
C THR F 128 -44.18 11.37 -65.15
N PHE F 129 -43.09 11.91 -64.62
CA PHE F 129 -42.21 12.76 -65.41
C PHE F 129 -40.95 12.04 -65.88
N ASN F 130 -40.67 10.85 -65.36
CA ASN F 130 -39.58 10.00 -65.85
C ASN F 130 -38.22 10.70 -65.81
N VAL F 131 -37.96 11.43 -64.72
CA VAL F 131 -36.66 12.07 -64.57
C VAL F 131 -35.60 10.99 -64.38
N PRO F 132 -34.36 11.21 -64.80
CA PRO F 132 -33.32 10.19 -64.61
C PRO F 132 -32.78 10.14 -63.19
N ALA F 133 -32.91 11.22 -62.41
CA ALA F 133 -32.44 11.25 -61.04
C ALA F 133 -33.12 12.40 -60.34
N MET F 134 -33.07 12.38 -59.00
CA MET F 134 -33.65 13.46 -58.22
C MET F 134 -32.99 13.49 -56.84
N TYR F 135 -33.43 14.46 -56.04
CA TYR F 135 -32.92 14.65 -54.69
C TYR F 135 -33.82 15.68 -54.00
N VAL F 136 -34.09 15.46 -52.73
CA VAL F 136 -34.93 16.35 -51.93
C VAL F 136 -34.08 16.91 -50.80
N ALA F 137 -33.93 18.22 -50.76
CA ALA F 137 -33.03 18.88 -49.82
C ALA F 137 -33.80 19.83 -48.92
N ILE F 138 -33.44 19.83 -47.62
CA ILE F 138 -34.06 20.76 -46.70
C ILE F 138 -33.71 22.18 -47.10
N GLN F 139 -34.67 23.09 -46.91
CA GLN F 139 -34.54 24.43 -47.47
C GLN F 139 -33.50 25.28 -46.72
N ALA F 140 -33.43 25.15 -45.39
CA ALA F 140 -32.50 25.99 -44.65
C ALA F 140 -31.06 25.57 -44.87
N VAL F 141 -30.81 24.30 -45.15
CA VAL F 141 -29.47 23.87 -45.53
C VAL F 141 -29.04 24.56 -46.81
N LEU F 142 -29.94 24.62 -47.80
CA LEU F 142 -29.62 25.30 -49.05
C LEU F 142 -29.46 26.79 -48.85
N SER F 143 -30.24 27.37 -47.94
CA SER F 143 -30.04 28.79 -47.66
C SER F 143 -28.67 29.05 -47.05
N LEU F 144 -28.18 28.12 -46.22
CA LEU F 144 -26.84 28.29 -45.68
C LEU F 144 -25.77 28.05 -46.73
N TYR F 145 -26.02 27.15 -47.68
CA TYR F 145 -25.15 27.03 -48.85
C TYR F 145 -25.02 28.36 -49.55
N ALA F 146 -26.15 28.98 -49.88
CA ALA F 146 -26.15 30.21 -50.66
C ALA F 146 -25.73 31.43 -49.85
N SER F 147 -25.68 31.32 -48.53
CA SER F 147 -25.21 32.44 -47.72
C SER F 147 -23.69 32.54 -47.67
N GLY F 148 -22.98 31.57 -48.25
CA GLY F 148 -21.54 31.63 -48.29
C GLY F 148 -20.84 31.25 -47.01
N ARG F 149 -21.48 30.49 -46.14
CA ARG F 149 -20.90 30.09 -44.87
C ARG F 149 -21.10 28.60 -44.65
N THR F 150 -20.63 28.11 -43.51
CA THR F 150 -20.92 26.76 -43.06
C THR F 150 -21.28 26.70 -41.58
N THR F 151 -21.50 27.84 -40.92
CA THR F 151 -21.78 27.90 -39.50
C THR F 151 -22.78 29.01 -39.25
N GLY F 152 -24.03 28.65 -39.03
CA GLY F 152 -25.05 29.65 -38.75
C GLY F 152 -26.35 28.98 -38.37
N ILE F 153 -27.30 29.81 -37.99
CA ILE F 153 -28.66 29.36 -37.67
C ILE F 153 -29.59 30.06 -38.66
N VAL F 154 -30.28 29.27 -39.46
CA VAL F 154 -30.96 29.77 -40.66
C VAL F 154 -32.45 29.93 -40.35
N LEU F 155 -32.87 31.15 -40.04
CA LEU F 155 -34.30 31.45 -40.01
C LEU F 155 -34.80 31.53 -41.44
N ASP F 156 -35.77 30.70 -41.78
CA ASP F 156 -36.27 30.61 -43.16
C ASP F 156 -37.78 30.73 -43.15
N SER F 157 -38.29 31.96 -43.19
CA SER F 157 -39.72 32.16 -43.31
C SER F 157 -40.15 31.85 -44.74
N GLY F 158 -41.41 32.14 -45.02
CA GLY F 158 -41.93 31.83 -46.34
C GLY F 158 -43.43 32.10 -46.41
N ASP F 159 -44.13 31.32 -47.22
CA ASP F 159 -45.57 31.43 -47.26
C ASP F 159 -46.25 30.30 -46.50
N GLY F 160 -45.60 29.15 -46.38
CA GLY F 160 -46.15 28.04 -45.64
C GLY F 160 -45.71 27.93 -44.19
N VAL F 161 -44.40 27.87 -43.95
CA VAL F 161 -43.84 27.57 -42.63
C VAL F 161 -42.69 28.52 -42.34
N THR F 162 -42.24 28.50 -41.09
CA THR F 162 -41.09 29.27 -40.65
C THR F 162 -40.26 28.36 -39.75
N HIS F 163 -39.05 28.00 -40.19
CA HIS F 163 -38.28 27.00 -39.48
C HIS F 163 -36.83 27.42 -39.35
N ASN F 164 -36.20 26.94 -38.28
CA ASN F 164 -34.79 27.16 -38.01
C ASN F 164 -34.02 25.86 -38.19
N VAL F 165 -32.78 25.97 -38.66
CA VAL F 165 -31.88 24.82 -38.71
C VAL F 165 -30.51 25.28 -38.26
N PRO F 166 -30.09 24.96 -37.03
CA PRO F 166 -28.77 25.39 -36.58
C PRO F 166 -27.70 24.44 -37.06
N ILE F 167 -26.67 24.99 -37.70
CA ILE F 167 -25.61 24.22 -38.31
C ILE F 167 -24.29 24.76 -37.80
N TYR F 168 -23.37 23.87 -37.42
CA TYR F 168 -22.04 24.27 -37.00
C TYR F 168 -21.02 23.49 -37.83
N GLU F 169 -20.39 24.16 -38.78
CA GLU F 169 -19.31 23.60 -39.57
C GLU F 169 -19.76 22.34 -40.31
N GLY F 170 -20.89 22.46 -40.98
CA GLY F 170 -21.40 21.39 -41.81
C GLY F 170 -22.08 20.25 -41.07
N TYR F 171 -22.30 20.38 -39.77
CA TYR F 171 -22.90 19.32 -38.96
C TYR F 171 -24.18 19.86 -38.34
N ALA F 172 -25.31 19.57 -38.99
CA ALA F 172 -26.58 20.06 -38.51
C ALA F 172 -26.98 19.34 -37.23
N LEU F 173 -27.70 20.04 -36.37
CA LEU F 173 -28.16 19.54 -35.09
C LEU F 173 -29.64 19.23 -35.15
N PRO F 174 -30.03 18.00 -35.49
CA PRO F 174 -31.45 17.73 -35.76
C PRO F 174 -32.35 17.87 -34.55
N HIS F 175 -31.82 17.88 -33.33
CA HIS F 175 -32.67 18.04 -32.16
C HIS F 175 -32.98 19.50 -31.84
N ALA F 176 -32.37 20.44 -32.54
CA ALA F 176 -32.61 21.85 -32.32
C ALA F 176 -33.31 22.51 -33.50
N ILE F 177 -33.89 21.72 -34.40
CA ILE F 177 -34.68 22.25 -35.50
C ILE F 177 -36.07 22.58 -34.98
N MET F 178 -36.45 23.85 -35.11
CA MET F 178 -37.71 24.36 -34.57
C MET F 178 -38.59 24.85 -35.70
N ARG F 179 -39.59 24.06 -36.07
CA ARG F 179 -40.48 24.40 -37.16
C ARG F 179 -41.74 25.04 -36.61
N LEU F 180 -42.03 26.26 -37.06
CA LEU F 180 -43.22 27.00 -36.67
C LEU F 180 -44.09 27.18 -37.90
N ASP F 181 -45.40 26.96 -37.73
CA ASP F 181 -46.35 27.00 -38.85
C ASP F 181 -46.97 28.37 -39.05
N LEU F 182 -46.27 29.43 -38.69
CA LEU F 182 -46.72 30.80 -38.91
C LEU F 182 -45.86 31.43 -40.00
N ALA F 183 -46.51 31.92 -41.06
CA ALA F 183 -45.78 32.33 -42.24
C ALA F 183 -46.58 33.40 -42.97
N GLY F 184 -46.24 33.63 -44.24
CA GLY F 184 -46.81 34.76 -44.96
C GLY F 184 -48.32 34.67 -45.13
N ARG F 185 -48.86 33.47 -45.35
CA ARG F 185 -50.28 33.37 -45.62
C ARG F 185 -51.11 33.70 -44.38
N ASP F 186 -50.63 33.31 -43.21
CA ASP F 186 -51.31 33.71 -41.98
C ASP F 186 -51.27 35.22 -41.80
N LEU F 187 -50.18 35.86 -42.20
CA LEU F 187 -50.11 37.31 -42.12
C LEU F 187 -51.07 37.96 -43.11
N THR F 188 -51.25 37.35 -44.29
CA THR F 188 -52.24 37.87 -45.24
C THR F 188 -53.64 37.78 -44.68
N ASP F 189 -53.99 36.64 -44.08
CA ASP F 189 -55.33 36.48 -43.51
C ASP F 189 -55.53 37.43 -42.33
N TYR F 190 -54.51 37.61 -41.49
CA TYR F 190 -54.64 38.58 -40.41
C TYR F 190 -54.77 40.00 -40.94
N LEU F 191 -54.09 40.32 -42.04
CA LEU F 191 -54.25 41.65 -42.62
C LEU F 191 -55.66 41.85 -43.14
N MET F 192 -56.25 40.82 -43.74
CA MET F 192 -57.65 40.91 -44.14
C MET F 192 -58.55 41.17 -42.94
N LYS F 193 -58.33 40.42 -41.85
CA LYS F 193 -59.11 40.60 -40.64
C LYS F 193 -59.01 42.03 -40.10
N ILE F 194 -57.80 42.55 -39.94
CA ILE F 194 -57.66 43.89 -39.38
C ILE F 194 -58.02 44.96 -40.39
N LEU F 195 -58.05 44.64 -41.68
CA LEU F 195 -58.52 45.60 -42.66
C LEU F 195 -60.03 45.76 -42.58
N THR F 196 -60.73 44.73 -42.11
CA THR F 196 -62.18 44.90 -41.92
C THR F 196 -62.51 46.03 -40.94
N GLU F 197 -61.57 46.42 -40.07
CA GLU F 197 -61.85 47.51 -39.13
C GLU F 197 -62.07 48.83 -39.83
N ARG F 198 -61.24 49.15 -40.82
CA ARG F 198 -61.37 50.45 -41.48
C ARG F 198 -62.61 50.54 -42.34
N GLY F 199 -63.20 49.41 -42.71
CA GLY F 199 -64.35 49.36 -43.59
C GLY F 199 -64.16 48.51 -44.82
N TYR F 200 -62.93 48.21 -45.19
CA TYR F 200 -62.64 47.45 -46.39
C TYR F 200 -62.81 45.97 -46.12
N SER F 201 -63.68 45.31 -46.88
CA SER F 201 -63.94 43.89 -46.71
C SER F 201 -63.49 43.15 -47.97
N PHE F 202 -62.37 42.44 -47.87
CA PHE F 202 -61.90 41.54 -48.90
C PHE F 202 -62.27 40.12 -48.49
N VAL F 203 -63.04 39.42 -49.32
CA VAL F 203 -63.52 38.11 -48.92
C VAL F 203 -63.13 37.00 -49.89
N THR F 204 -63.00 37.32 -51.17
CA THR F 204 -62.76 36.28 -52.15
C THR F 204 -61.27 35.96 -52.25
N THR F 205 -60.94 35.00 -53.12
CA THR F 205 -59.54 34.60 -53.30
C THR F 205 -58.76 35.64 -54.08
N ALA F 206 -59.34 36.16 -55.16
CA ALA F 206 -58.71 37.27 -55.87
C ALA F 206 -58.46 38.45 -54.93
N GLU F 207 -59.37 38.68 -54.00
CA GLU F 207 -59.15 39.72 -53.02
C GLU F 207 -58.13 39.31 -51.96
N ARG F 208 -57.94 38.01 -51.71
CA ARG F 208 -56.75 37.62 -50.96
C ARG F 208 -55.48 38.03 -51.68
N GLU F 209 -55.41 37.86 -52.99
CA GLU F 209 -54.24 38.31 -53.74
C GLU F 209 -54.08 39.82 -53.70
N ILE F 210 -55.16 40.58 -53.74
CA ILE F 210 -55.04 42.03 -53.58
C ILE F 210 -54.48 42.38 -52.20
N VAL F 211 -54.96 41.69 -51.15
CA VAL F 211 -54.46 41.97 -49.80
C VAL F 211 -53.00 41.56 -49.66
N ARG F 212 -52.60 40.48 -50.33
CA ARG F 212 -51.21 40.09 -50.33
C ARG F 212 -50.34 41.18 -50.94
N ASP F 213 -50.81 41.79 -52.03
CA ASP F 213 -50.05 42.87 -52.64
C ASP F 213 -50.00 44.09 -51.74
N ILE F 214 -51.10 44.38 -51.03
CA ILE F 214 -51.06 45.46 -50.05
C ILE F 214 -50.00 45.19 -48.99
N LYS F 215 -49.96 43.95 -48.49
CA LYS F 215 -49.00 43.59 -47.46
C LYS F 215 -47.57 43.74 -47.97
N GLU F 216 -47.31 43.30 -49.20
CA GLU F 216 -45.97 43.43 -49.74
C GLU F 216 -45.57 44.89 -49.92
N LYS F 217 -46.47 45.72 -50.44
CA LYS F 217 -46.10 47.10 -50.75
C LYS F 217 -45.95 47.94 -49.49
N LEU F 218 -46.90 47.85 -48.56
CA LEU F 218 -47.00 48.83 -47.49
C LEU F 218 -46.50 48.35 -46.14
N CYS F 219 -46.81 47.12 -45.75
CA CYS F 219 -46.54 46.68 -44.39
C CYS F 219 -45.03 46.63 -44.10
N TYR F 220 -44.68 46.98 -42.86
CA TYR F 220 -43.31 46.95 -42.37
C TYR F 220 -43.33 46.51 -40.92
N VAL F 221 -42.15 46.34 -40.32
CA VAL F 221 -42.03 45.87 -38.95
C VAL F 221 -41.54 47.02 -38.09
N ALA F 222 -42.23 47.24 -36.97
CA ALA F 222 -41.86 48.31 -36.05
C ALA F 222 -40.72 47.87 -35.15
N LEU F 223 -39.79 48.78 -34.89
CA LEU F 223 -38.71 48.47 -33.96
C LEU F 223 -39.21 48.37 -32.54
N ASP F 224 -40.01 49.32 -32.10
CA ASP F 224 -40.67 49.29 -30.79
C ASP F 224 -42.17 49.39 -31.02
N PHE F 225 -42.90 48.34 -30.62
CA PHE F 225 -44.31 48.25 -30.99
C PHE F 225 -45.14 49.30 -30.26
N GLU F 226 -44.95 49.44 -28.95
CA GLU F 226 -45.77 50.37 -28.18
C GLU F 226 -45.54 51.81 -28.61
N ASN F 227 -44.28 52.17 -28.82
CA ASN F 227 -43.98 53.53 -29.27
C ASN F 227 -44.58 53.80 -30.63
N GLU F 228 -44.58 52.80 -31.52
CA GLU F 228 -45.14 53.02 -32.85
C GLU F 228 -46.65 53.10 -32.79
N MET F 229 -47.31 52.32 -31.92
CA MET F 229 -48.74 52.48 -31.74
C MET F 229 -49.08 53.86 -31.20
N ALA F 230 -48.29 54.35 -30.24
CA ALA F 230 -48.52 55.70 -29.73
C ALA F 230 -48.34 56.75 -30.81
N THR F 231 -47.30 56.61 -31.64
CA THR F 231 -47.08 57.56 -32.74
C THR F 231 -48.21 57.50 -33.76
N ALA F 232 -48.68 56.30 -34.08
CA ALA F 232 -49.76 56.15 -35.05
C ALA F 232 -51.07 56.70 -34.53
N ALA F 233 -51.32 56.59 -33.23
CA ALA F 233 -52.55 57.14 -32.68
C ALA F 233 -52.48 58.65 -32.53
N SER F 234 -51.29 59.19 -32.22
CA SER F 234 -51.18 60.62 -31.98
C SER F 234 -51.31 61.43 -33.27
N SER F 235 -50.65 60.98 -34.34
CA SER F 235 -50.59 61.73 -35.58
C SER F 235 -50.87 60.81 -36.76
N SER F 236 -51.20 61.43 -37.90
CA SER F 236 -51.46 60.71 -39.14
C SER F 236 -50.25 60.71 -40.06
N SER F 237 -49.04 60.65 -39.50
CA SER F 237 -47.84 60.62 -40.32
C SER F 237 -47.53 59.24 -40.86
N LEU F 238 -48.18 58.20 -40.35
CA LEU F 238 -47.91 56.83 -40.76
C LEU F 238 -48.88 56.29 -41.79
N GLU F 239 -49.88 57.07 -42.21
CA GLU F 239 -50.89 56.59 -43.13
C GLU F 239 -50.37 56.62 -44.55
N LYS F 240 -50.51 55.51 -45.27
CA LYS F 240 -50.15 55.43 -46.67
C LYS F 240 -51.30 54.84 -47.45
N SER F 241 -51.50 55.33 -48.67
CA SER F 241 -52.65 55.00 -49.48
C SER F 241 -52.27 54.00 -50.57
N TYR F 242 -53.22 53.14 -50.91
CA TYR F 242 -53.06 52.13 -51.95
C TYR F 242 -54.28 52.18 -52.85
N GLU F 243 -54.09 51.93 -54.14
CA GLU F 243 -55.16 52.08 -55.11
C GLU F 243 -55.56 50.70 -55.64
N LEU F 244 -56.81 50.33 -55.42
CA LEU F 244 -57.31 49.01 -55.78
C LEU F 244 -57.45 48.87 -57.29
N PRO F 245 -57.59 47.64 -57.79
CA PRO F 245 -57.67 47.45 -59.24
C PRO F 245 -58.89 48.08 -59.91
N ASP F 246 -59.85 48.63 -59.17
CA ASP F 246 -60.99 49.28 -59.80
C ASP F 246 -61.00 50.78 -59.56
N GLY F 247 -59.87 51.37 -59.15
CA GLY F 247 -59.75 52.79 -59.00
C GLY F 247 -59.98 53.30 -57.60
N GLN F 248 -60.52 52.49 -56.69
CA GLN F 248 -60.73 52.94 -55.33
C GLN F 248 -59.40 53.07 -54.61
N VAL F 249 -59.37 53.98 -53.64
CA VAL F 249 -58.17 54.26 -52.86
C VAL F 249 -58.45 53.89 -51.42
N ILE F 250 -57.58 53.08 -50.82
CA ILE F 250 -57.69 52.73 -49.43
C ILE F 250 -56.63 53.49 -48.66
N THR F 251 -56.68 53.41 -47.34
CA THR F 251 -55.71 54.11 -46.50
C THR F 251 -55.53 53.34 -45.21
N ILE F 252 -54.33 52.79 -45.00
CA ILE F 252 -54.03 52.00 -43.81
C ILE F 252 -52.89 52.67 -43.07
N GLY F 253 -53.15 53.10 -41.84
CA GLY F 253 -52.10 53.73 -41.06
C GLY F 253 -51.55 52.87 -39.95
N ASN F 254 -52.44 52.22 -39.21
CA ASN F 254 -52.07 51.42 -38.06
C ASN F 254 -51.94 49.94 -38.39
N GLU F 255 -52.51 49.50 -39.49
CA GLU F 255 -52.42 48.11 -39.91
C GLU F 255 -51.10 47.79 -40.57
N ARG F 256 -50.21 48.76 -40.73
CA ARG F 256 -48.98 48.54 -41.48
C ARG F 256 -48.01 47.68 -40.68
N PHE F 257 -47.82 47.99 -39.40
CA PHE F 257 -46.92 47.21 -38.57
C PHE F 257 -47.64 46.24 -37.65
N ARG F 258 -48.97 46.23 -37.65
CA ARG F 258 -49.70 45.24 -36.89
C ARG F 258 -49.75 43.89 -37.58
N CYS F 259 -49.79 43.87 -38.91
CA CYS F 259 -49.76 42.61 -39.64
C CYS F 259 -48.46 41.84 -39.45
N PRO F 260 -47.26 42.44 -39.62
CA PRO F 260 -46.03 41.66 -39.44
C PRO F 260 -45.62 41.49 -37.99
N GLU F 261 -46.29 42.17 -37.05
CA GLU F 261 -46.04 41.92 -35.64
C GLU F 261 -46.57 40.56 -35.20
N THR F 262 -47.40 39.91 -36.02
CA THR F 262 -47.86 38.57 -35.69
C THR F 262 -46.69 37.60 -35.57
N LEU F 263 -45.61 37.85 -36.31
CA LEU F 263 -44.46 36.96 -36.24
C LEU F 263 -43.82 37.00 -34.86
N PHE F 264 -43.71 38.18 -34.26
CA PHE F 264 -43.07 38.31 -32.95
C PHE F 264 -44.04 38.13 -31.79
N GLN F 265 -45.34 38.19 -32.04
CA GLN F 265 -46.36 37.87 -31.04
C GLN F 265 -47.41 37.01 -31.70
N PRO F 266 -47.20 35.72 -31.80
CA PRO F 266 -48.16 34.86 -32.49
C PRO F 266 -49.46 34.70 -31.74
N SER F 267 -49.63 35.42 -30.64
CA SER F 267 -50.89 35.44 -29.93
C SER F 267 -51.90 36.38 -30.58
N PHE F 268 -51.48 37.15 -31.57
CA PHE F 268 -52.42 38.01 -32.30
C PHE F 268 -53.43 37.17 -33.07
N ILE F 269 -53.00 36.07 -33.66
CA ILE F 269 -53.87 35.20 -34.42
C ILE F 269 -54.27 33.96 -33.62
N GLY F 270 -54.17 34.02 -32.30
CA GLY F 270 -54.62 32.93 -31.46
C GLY F 270 -53.64 31.80 -31.27
N MET F 271 -52.46 31.86 -31.89
CA MET F 271 -51.46 30.83 -31.69
C MET F 271 -50.76 31.02 -30.35
N GLU F 272 -50.36 29.91 -29.73
CA GLU F 272 -49.73 29.95 -28.42
C GLU F 272 -48.22 30.15 -28.51
N SER F 273 -47.59 29.58 -29.53
CA SER F 273 -46.14 29.48 -29.60
C SER F 273 -45.48 30.85 -29.52
N ALA F 274 -44.20 30.85 -29.19
CA ALA F 274 -43.44 32.07 -29.04
C ALA F 274 -43.07 32.64 -30.40
N GLY F 275 -42.71 33.92 -30.41
CA GLY F 275 -42.37 34.61 -31.64
C GLY F 275 -41.16 34.02 -32.33
N ILE F 276 -40.74 34.61 -33.46
CA ILE F 276 -39.58 34.08 -34.15
C ILE F 276 -38.29 34.40 -33.42
N HIS F 277 -38.26 35.47 -32.62
CA HIS F 277 -37.06 35.79 -31.86
C HIS F 277 -36.84 34.78 -30.73
N GLU F 278 -37.89 34.46 -29.98
CA GLU F 278 -37.76 33.45 -28.94
C GLU F 278 -37.54 32.07 -29.54
N THR F 279 -38.13 31.78 -30.69
CA THR F 279 -37.87 30.50 -31.34
C THR F 279 -36.40 30.38 -31.74
N THR F 280 -35.84 31.44 -32.32
CA THR F 280 -34.42 31.40 -32.68
C THR F 280 -33.53 31.26 -31.44
N TYR F 281 -33.84 31.99 -30.38
CA TYR F 281 -33.02 31.92 -29.17
C TYR F 281 -33.14 30.55 -28.52
N ASN F 282 -34.33 29.96 -28.49
CA ASN F 282 -34.49 28.62 -27.94
C ASN F 282 -33.76 27.59 -28.79
N SER F 283 -33.77 27.77 -30.10
CA SER F 283 -33.01 26.86 -30.95
C SER F 283 -31.51 27.01 -30.73
N ILE F 284 -31.06 28.22 -30.40
CA ILE F 284 -29.64 28.42 -30.11
C ILE F 284 -29.27 27.72 -28.80
N MET F 285 -30.04 27.94 -27.75
CA MET F 285 -29.70 27.33 -26.47
C MET F 285 -30.18 25.88 -26.34
N LYS F 286 -30.52 25.22 -27.43
CA LYS F 286 -30.61 23.77 -27.43
C LYS F 286 -29.35 23.13 -27.98
N CYS F 287 -28.48 23.90 -28.61
CA CYS F 287 -27.23 23.42 -29.17
C CYS F 287 -26.16 23.35 -28.08
N ASP F 288 -25.05 22.70 -28.42
CA ASP F 288 -23.97 22.52 -27.47
C ASP F 288 -23.35 23.87 -27.10
N ILE F 289 -22.86 23.95 -25.86
CA ILE F 289 -22.46 25.23 -25.28
C ILE F 289 -21.35 25.90 -26.05
N ASP F 290 -20.47 25.11 -26.68
CA ASP F 290 -19.29 25.68 -27.31
C ASP F 290 -19.60 26.39 -28.62
N ILE F 291 -20.72 26.08 -29.26
CA ILE F 291 -21.04 26.62 -30.58
C ILE F 291 -22.08 27.71 -30.52
N ARG F 292 -22.58 28.06 -29.34
CA ARG F 292 -23.57 29.11 -29.26
C ARG F 292 -22.99 30.47 -29.61
N LYS F 293 -21.70 30.69 -29.34
CA LYS F 293 -21.08 31.96 -29.71
C LYS F 293 -21.01 32.12 -31.22
N ASP F 294 -20.72 31.03 -31.93
CA ASP F 294 -20.65 31.09 -33.39
C ASP F 294 -22.03 31.12 -34.01
N LEU F 295 -23.03 30.53 -33.37
CA LEU F 295 -24.40 30.63 -33.88
C LEU F 295 -25.01 32.00 -33.63
N TYR F 296 -24.61 32.68 -32.55
CA TYR F 296 -25.13 34.01 -32.28
C TYR F 296 -24.75 34.99 -33.38
N ALA F 297 -23.52 34.89 -33.88
CA ALA F 297 -23.00 35.87 -34.81
C ALA F 297 -23.38 35.60 -36.26
N ASN F 298 -24.00 34.46 -36.58
CA ASN F 298 -24.41 34.12 -37.94
C ASN F 298 -25.88 33.71 -37.91
N ASN F 299 -26.78 34.70 -37.97
CA ASN F 299 -28.21 34.45 -38.03
C ASN F 299 -28.67 34.71 -39.46
N VAL F 300 -28.51 33.71 -40.32
CA VAL F 300 -28.91 33.86 -41.71
C VAL F 300 -30.43 33.87 -41.79
N MET F 301 -30.99 34.92 -42.39
CA MET F 301 -32.43 35.01 -42.62
C MET F 301 -32.73 34.81 -44.09
N SER F 302 -33.70 33.97 -44.38
CA SER F 302 -34.06 33.65 -45.76
C SER F 302 -35.56 33.79 -45.99
N GLY F 303 -36.02 33.33 -47.15
CA GLY F 303 -37.44 33.29 -47.42
C GLY F 303 -38.06 34.64 -47.67
N GLY F 304 -39.24 34.65 -48.30
CA GLY F 304 -39.85 35.91 -48.68
C GLY F 304 -40.30 36.74 -47.50
N THR F 305 -40.93 36.10 -46.51
CA THR F 305 -41.57 36.81 -45.41
C THR F 305 -40.57 37.59 -44.57
N THR F 306 -39.28 37.28 -44.64
CA THR F 306 -38.28 38.01 -43.90
C THR F 306 -37.80 39.25 -44.63
N MET F 307 -38.60 39.79 -45.54
CA MET F 307 -38.21 40.96 -46.31
C MET F 307 -38.98 42.21 -45.92
N TYR F 308 -39.67 42.20 -44.79
CA TYR F 308 -40.34 43.40 -44.33
C TYR F 308 -39.30 44.46 -43.99
N PRO F 309 -39.54 45.71 -44.35
CA PRO F 309 -38.58 46.75 -44.00
C PRO F 309 -38.43 46.93 -42.50
N GLY F 310 -37.27 46.58 -41.97
CA GLY F 310 -37.01 46.71 -40.55
C GLY F 310 -37.10 45.44 -39.74
N ILE F 311 -37.04 44.28 -40.37
CA ILE F 311 -37.13 43.04 -39.60
C ILE F 311 -35.77 42.64 -39.04
N ALA F 312 -34.68 42.97 -39.74
CA ALA F 312 -33.36 42.63 -39.22
C ALA F 312 -33.03 43.41 -37.96
N ASP F 313 -33.30 44.72 -37.97
CA ASP F 313 -33.02 45.54 -36.78
C ASP F 313 -33.88 45.11 -35.61
N ARG F 314 -35.17 44.86 -35.85
CA ARG F 314 -36.06 44.43 -34.77
C ARG F 314 -35.65 43.08 -34.22
N MET F 315 -35.28 42.15 -35.09
CA MET F 315 -34.91 40.83 -34.60
C MET F 315 -33.59 40.88 -33.83
N GLN F 316 -32.65 41.73 -34.28
CA GLN F 316 -31.43 41.90 -33.51
C GLN F 316 -31.70 42.50 -32.14
N LYS F 317 -32.61 43.48 -32.08
CA LYS F 317 -32.95 44.06 -30.79
C LYS F 317 -33.61 43.03 -29.88
N GLU F 318 -34.48 42.18 -30.45
CA GLU F 318 -35.20 41.21 -29.63
C GLU F 318 -34.28 40.10 -29.13
N ILE F 319 -33.34 39.64 -29.97
CA ILE F 319 -32.44 38.59 -29.53
C ILE F 319 -31.39 39.13 -28.57
N THR F 320 -30.87 40.33 -28.84
CA THR F 320 -29.85 40.90 -27.96
C THR F 320 -30.36 41.06 -26.53
N ALA F 321 -31.67 41.27 -26.37
CA ALA F 321 -32.23 41.37 -25.02
C ALA F 321 -32.33 40.01 -24.35
N LEU F 322 -32.20 38.92 -25.10
CA LEU F 322 -32.26 37.57 -24.53
C LEU F 322 -30.88 36.98 -24.32
N ALA F 323 -29.96 37.18 -25.28
CA ALA F 323 -28.64 36.61 -25.19
C ALA F 323 -27.83 37.32 -24.09
N PRO F 324 -26.77 36.68 -23.60
CA PRO F 324 -25.93 37.33 -22.60
C PRO F 324 -25.32 38.60 -23.13
N SER F 325 -25.08 39.55 -22.21
CA SER F 325 -24.65 40.89 -22.62
C SER F 325 -23.31 40.89 -23.34
N THR F 326 -22.52 39.83 -23.21
CA THR F 326 -21.20 39.79 -23.81
C THR F 326 -21.24 39.40 -25.28
N MET F 327 -22.09 38.46 -25.65
CA MET F 327 -22.06 37.92 -27.01
C MET F 327 -22.50 38.91 -28.07
N LYS F 328 -21.90 38.76 -29.25
CA LYS F 328 -22.09 39.64 -30.39
C LYS F 328 -23.16 39.08 -31.30
N ILE F 329 -24.31 39.75 -31.35
CA ILE F 329 -25.44 39.32 -32.17
C ILE F 329 -25.44 40.15 -33.44
N LYS F 330 -25.51 39.49 -34.58
CA LYS F 330 -25.68 40.21 -35.84
C LYS F 330 -26.46 39.34 -36.81
N ILE F 331 -27.50 39.94 -37.40
CA ILE F 331 -28.41 39.22 -38.28
C ILE F 331 -27.98 39.45 -39.72
N ILE F 332 -27.84 38.37 -40.47
CA ILE F 332 -27.37 38.42 -41.84
C ILE F 332 -28.59 38.40 -42.75
N ALA F 333 -28.83 39.50 -43.47
CA ALA F 333 -29.99 39.64 -44.33
C ALA F 333 -29.53 40.07 -45.71
N PRO F 334 -29.19 39.12 -46.58
CA PRO F 334 -28.76 39.48 -47.91
C PRO F 334 -29.90 40.13 -48.68
N PRO F 335 -29.60 41.06 -49.58
CA PRO F 335 -30.68 41.70 -50.36
C PRO F 335 -31.43 40.74 -51.26
N GLU F 336 -30.85 39.60 -51.60
CA GLU F 336 -31.49 38.62 -52.48
C GLU F 336 -32.14 37.49 -51.70
N ARG F 337 -32.39 37.67 -50.41
CA ARG F 337 -32.75 36.56 -49.55
C ARG F 337 -34.04 35.87 -49.97
N LYS F 338 -34.85 36.49 -50.82
CA LYS F 338 -36.03 35.81 -51.33
C LYS F 338 -35.65 34.57 -52.14
N TYR F 339 -34.51 34.63 -52.84
CA TYR F 339 -34.05 33.53 -53.70
C TYR F 339 -32.87 32.77 -53.11
N SER F 340 -32.65 32.88 -51.79
CA SER F 340 -31.48 32.23 -51.21
C SER F 340 -31.59 30.71 -51.29
N VAL F 341 -32.79 30.16 -51.12
CA VAL F 341 -32.93 28.70 -51.19
C VAL F 341 -32.59 28.20 -52.58
N TRP F 342 -33.05 28.90 -53.61
CA TRP F 342 -32.78 28.43 -54.96
C TRP F 342 -31.30 28.57 -55.32
N ILE F 343 -30.66 29.66 -54.91
CA ILE F 343 -29.23 29.82 -55.18
C ILE F 343 -28.45 28.72 -54.49
N GLY F 344 -28.88 28.34 -53.28
CA GLY F 344 -28.29 27.19 -52.63
C GLY F 344 -28.52 25.91 -53.40
N GLY F 345 -29.68 25.77 -54.03
CA GLY F 345 -29.90 24.61 -54.86
C GLY F 345 -28.99 24.58 -56.07
N SER F 346 -28.71 25.75 -56.64
CA SER F 346 -27.75 25.83 -57.74
C SER F 346 -26.35 25.46 -57.29
N ILE F 347 -25.95 25.92 -56.11
CA ILE F 347 -24.63 25.57 -55.59
C ILE F 347 -24.53 24.08 -55.32
N LEU F 348 -25.58 23.50 -54.73
CA LEU F 348 -25.51 22.09 -54.35
C LEU F 348 -25.58 21.18 -55.56
N ALA F 349 -26.49 21.44 -56.50
CA ALA F 349 -26.72 20.52 -57.59
C ALA F 349 -25.57 20.51 -58.60
N SER F 350 -24.79 21.58 -58.67
CA SER F 350 -23.72 21.69 -59.65
C SER F 350 -22.37 21.29 -59.09
N LEU F 351 -22.32 20.78 -57.86
CA LEU F 351 -21.06 20.41 -57.26
C LEU F 351 -20.50 19.14 -57.89
N SER F 352 -19.16 19.07 -57.94
CA SER F 352 -18.50 17.86 -58.40
C SER F 352 -18.70 16.72 -57.43
N THR F 353 -18.67 17.02 -56.12
CA THR F 353 -18.80 15.98 -55.10
C THR F 353 -20.21 15.41 -55.07
N PHE F 354 -21.21 16.21 -55.41
CA PHE F 354 -22.61 15.84 -55.20
C PHE F 354 -23.11 14.81 -56.19
N GLN F 355 -22.48 14.66 -57.35
CA GLN F 355 -23.04 13.85 -58.43
C GLN F 355 -23.11 12.37 -58.12
N GLN F 356 -22.66 11.93 -56.95
CA GLN F 356 -22.84 10.55 -56.53
C GLN F 356 -24.02 10.39 -55.57
N MET F 357 -24.73 11.47 -55.28
CA MET F 357 -25.80 11.46 -54.30
C MET F 357 -27.18 11.57 -54.89
N TRP F 358 -27.30 11.66 -56.21
CA TRP F 358 -28.61 11.62 -56.83
C TRP F 358 -29.26 10.27 -56.60
N ILE F 359 -30.58 10.26 -56.49
CA ILE F 359 -31.34 9.02 -56.43
C ILE F 359 -31.61 8.59 -57.86
N THR F 360 -30.77 7.71 -58.39
CA THR F 360 -30.91 7.30 -59.78
C THR F 360 -32.18 6.47 -59.96
N LYS F 361 -32.65 6.42 -61.20
CA LYS F 361 -33.89 5.70 -61.49
C LYS F 361 -33.75 4.21 -61.20
N GLN F 362 -32.57 3.65 -61.44
CA GLN F 362 -32.34 2.23 -61.16
C GLN F 362 -32.50 1.93 -59.67
N GLU F 363 -31.99 2.82 -58.82
CA GLU F 363 -32.17 2.63 -57.38
C GLU F 363 -33.63 2.69 -56.99
N TYR F 364 -34.39 3.61 -57.60
CA TYR F 364 -35.82 3.69 -57.30
C TYR F 364 -36.54 2.42 -57.76
N ASP F 365 -36.15 1.88 -58.90
CA ASP F 365 -36.76 0.64 -59.36
C ASP F 365 -36.46 -0.50 -58.39
N GLU F 366 -35.23 -0.55 -57.88
CA GLU F 366 -34.88 -1.61 -56.94
C GLU F 366 -35.64 -1.47 -55.62
N ALA F 367 -35.64 -0.28 -55.03
CA ALA F 367 -36.02 -0.12 -53.64
C ALA F 367 -37.35 0.58 -53.42
N GLY F 368 -38.00 1.09 -54.47
CA GLY F 368 -39.28 1.73 -54.32
C GLY F 368 -39.14 3.14 -53.78
N PRO F 369 -40.27 3.80 -53.49
CA PRO F 369 -40.22 5.21 -53.08
C PRO F 369 -39.68 5.43 -51.68
N SER F 370 -39.32 4.37 -50.96
CA SER F 370 -38.75 4.50 -49.62
C SER F 370 -37.24 4.71 -49.66
N ILE F 371 -36.65 4.82 -50.84
CA ILE F 371 -35.23 5.11 -50.96
C ILE F 371 -34.92 6.55 -50.58
N VAL F 372 -35.91 7.44 -50.69
CA VAL F 372 -35.66 8.86 -50.42
C VAL F 372 -35.36 9.09 -48.96
N HIS F 373 -35.82 8.21 -48.07
CA HIS F 373 -35.53 8.37 -46.66
C HIS F 373 -34.09 7.98 -46.35
N ARG F 374 -33.56 6.97 -47.06
CA ARG F 374 -32.16 6.60 -46.85
C ARG F 374 -31.23 7.62 -47.48
N LYS F 375 -31.51 8.02 -48.72
CA LYS F 375 -30.57 8.88 -49.44
C LYS F 375 -30.57 10.29 -48.90
N CYS F 376 -31.77 10.85 -48.64
CA CYS F 376 -31.88 12.24 -48.24
C CYS F 376 -31.94 12.39 -46.72
N ILE G 14 69.72 3.50 44.80
CA ILE G 14 70.30 3.71 43.49
C ILE G 14 71.37 4.79 43.56
N GLN G 15 71.11 5.81 44.39
CA GLN G 15 72.07 6.89 44.55
C GLN G 15 73.35 6.38 45.21
N ALA G 16 73.24 5.42 46.11
CA ALA G 16 74.42 4.93 46.83
C ALA G 16 75.40 4.24 45.90
N GLN G 17 74.91 3.55 44.88
CA GLN G 17 75.80 2.85 43.95
C GLN G 17 76.70 3.83 43.20
N ILE G 18 76.16 4.98 42.83
CA ILE G 18 77.00 6.02 42.24
C ILE G 18 77.86 6.69 43.30
N ASP G 19 77.31 6.89 44.50
CA ASP G 19 78.00 7.64 45.53
C ASP G 19 79.29 6.97 46.00
N ILE G 20 79.48 5.69 45.71
CA ILE G 20 80.74 5.04 46.08
C ILE G 20 81.83 5.28 45.05
N PHE G 21 81.53 5.98 43.96
CA PHE G 21 82.56 6.40 43.02
C PHE G 21 83.32 7.58 43.62
N LYS G 22 84.65 7.51 43.58
CA LYS G 22 85.50 8.58 44.06
C LYS G 22 86.54 8.92 43.01
N VAL G 23 86.99 10.18 43.05
CA VAL G 23 87.96 10.67 42.08
C VAL G 23 89.33 10.82 42.72
N LYS G 34 88.92 4.62 26.87
CA LYS G 34 88.72 3.81 28.07
C LYS G 34 88.36 4.68 29.27
N TRP G 35 88.42 4.07 30.46
CA TRP G 35 88.15 4.82 31.68
C TRP G 35 89.25 5.83 31.94
N ASP G 36 88.95 6.80 32.80
CA ASP G 36 89.80 7.94 33.16
C ASP G 36 89.97 8.92 32.00
N GLU G 37 89.44 8.60 30.82
CA GLU G 37 89.34 9.54 29.70
C GLU G 37 87.91 9.92 29.41
N THR G 38 87.01 8.93 29.35
CA THR G 38 85.57 9.16 29.23
C THR G 38 84.82 8.80 30.50
N GLY G 39 85.53 8.47 31.58
CA GLY G 39 84.85 8.10 32.81
C GLY G 39 84.13 9.26 33.46
N ASN G 40 84.76 10.44 33.45
CA ASN G 40 84.16 11.60 34.10
C ASN G 40 82.84 11.98 33.45
N ASP G 41 82.78 11.92 32.12
CA ASP G 41 81.54 12.22 31.41
C ASP G 41 80.42 11.28 31.84
N ILE G 42 80.72 9.98 31.92
CA ILE G 42 79.71 8.99 32.25
C ILE G 42 79.22 9.18 33.68
N ILE G 43 80.15 9.39 34.63
CA ILE G 43 79.73 9.58 36.01
C ILE G 43 78.91 10.86 36.16
N SER G 44 79.29 11.92 35.44
CA SER G 44 78.52 13.16 35.49
C SER G 44 77.12 12.95 34.94
N LEU G 45 76.99 12.22 33.82
CA LEU G 45 75.68 11.95 33.25
C LEU G 45 74.82 11.15 34.21
N ALA G 46 75.40 10.12 34.84
CA ALA G 46 74.64 9.32 35.80
C ALA G 46 74.20 10.15 36.99
N ASN G 47 75.05 11.06 37.46
CA ASN G 47 74.67 11.90 38.57
C ASN G 47 73.53 12.84 38.20
N ASN G 48 73.57 13.40 37.00
CA ASN G 48 72.45 14.22 36.53
C ASN G 48 71.17 13.38 36.48
N MET G 49 71.28 12.15 35.99
CA MET G 49 70.12 11.26 35.94
C MET G 49 69.53 11.06 37.32
N CYS G 50 70.37 10.78 38.31
CA CYS G 50 69.87 10.56 39.67
C CYS G 50 69.23 11.82 40.24
N LYS G 51 69.82 12.99 39.94
CA LYS G 51 69.23 14.24 40.43
C LYS G 51 67.84 14.44 39.87
N ILE G 52 67.68 14.23 38.56
CA ILE G 52 66.36 14.36 37.95
C ILE G 52 65.43 13.28 38.47
N MET G 53 65.97 12.09 38.72
CA MET G 53 65.13 10.99 39.18
C MET G 53 64.50 11.33 40.51
N MET G 54 65.30 11.83 41.46
CA MET G 54 64.69 12.17 42.74
C MET G 54 63.87 13.45 42.65
N SER G 55 64.15 14.30 41.65
CA SER G 55 63.20 15.38 41.35
C SER G 55 61.81 14.82 41.09
N MET G 56 61.72 13.84 40.20
CA MET G 56 60.42 13.24 39.86
C MET G 56 59.86 12.42 41.04
N THR G 57 60.73 11.78 41.80
CA THR G 57 60.28 11.07 43.00
C THR G 57 59.68 12.02 44.02
N GLU G 58 60.31 13.17 44.23
CA GLU G 58 59.77 14.17 45.13
C GLU G 58 58.46 14.73 44.60
N PHE G 59 58.34 14.84 43.28
CA PHE G 59 57.04 15.16 42.70
C PHE G 59 55.99 14.14 43.08
N THR G 60 56.37 12.85 43.05
CA THR G 60 55.45 11.80 43.48
C THR G 60 55.06 11.98 44.93
N ARG G 61 56.03 12.28 45.80
CA ARG G 61 55.74 12.46 47.22
C ARG G 61 55.01 13.77 47.51
N GLY G 62 54.94 14.67 46.54
CA GLY G 62 54.14 15.88 46.70
C GLY G 62 54.93 17.18 46.65
N CYS G 63 56.10 17.20 47.29
CA CYS G 63 56.92 18.40 47.39
C CYS G 63 58.20 18.19 46.58
N GLY G 64 58.47 19.07 45.64
CA GLY G 64 59.64 18.96 44.80
C GLY G 64 59.88 20.19 43.94
N PRO G 65 61.02 20.23 43.27
CA PRO G 65 61.32 21.38 42.40
C PRO G 65 60.30 21.60 41.30
N LEU G 66 59.75 20.52 40.74
CA LEU G 66 58.82 20.58 39.63
C LEU G 66 57.46 20.10 40.09
N LYS G 67 56.41 20.85 39.72
CA LYS G 67 55.07 20.60 40.23
C LYS G 67 54.01 20.39 39.16
N THR G 68 54.30 20.71 37.90
CA THR G 68 53.35 20.52 36.81
C THR G 68 53.69 19.24 36.05
N THR G 69 52.66 18.55 35.57
CA THR G 69 52.88 17.36 34.76
C THR G 69 53.71 17.67 33.52
N MET G 70 53.54 18.87 32.96
CA MET G 70 54.40 19.30 31.86
C MET G 70 55.86 19.30 32.28
N ASP G 71 56.14 19.71 33.52
CA ASP G 71 57.50 19.68 34.02
C ASP G 71 58.03 18.24 34.10
N VAL G 72 57.18 17.31 34.52
CA VAL G 72 57.60 15.92 34.59
C VAL G 72 57.90 15.38 33.20
N ILE G 73 57.11 15.78 32.20
CA ILE G 73 57.36 15.34 30.84
C ILE G 73 58.69 15.90 30.33
N ARG G 74 58.97 17.18 30.63
CA ARG G 74 60.25 17.76 30.24
C ARG G 74 61.41 17.04 30.92
N ALA G 75 61.26 16.72 32.20
CA ALA G 75 62.31 15.99 32.91
C ALA G 75 62.53 14.61 32.31
N ALA G 76 61.45 13.92 31.93
CA ALA G 76 61.58 12.62 31.31
C ALA G 76 62.32 12.70 29.99
N GLN G 77 62.01 13.72 29.17
CA GLN G 77 62.74 13.89 27.92
C GLN G 77 64.22 14.18 28.18
N GLU G 78 64.50 14.95 29.22
CA GLU G 78 65.90 15.23 29.57
C GLU G 78 66.64 13.95 29.96
N ILE G 79 65.98 13.10 30.77
CA ILE G 79 66.60 11.83 31.15
C ILE G 79 66.84 10.97 29.92
N SER G 80 65.90 10.97 28.98
CA SER G 80 66.09 10.20 27.75
C SER G 80 67.30 10.70 26.97
N LEU G 81 67.48 12.01 26.88
CA LEU G 81 68.64 12.55 26.17
C LEU G 81 69.94 12.13 26.85
N ASN G 82 69.98 12.26 28.17
CA ASN G 82 71.16 11.81 28.91
C ASN G 82 71.40 10.32 28.71
N GLY G 83 70.33 9.54 28.60
CA GLY G 83 70.48 8.11 28.36
C GLY G 83 71.11 7.82 27.03
N SER G 84 70.70 8.55 25.99
CA SER G 84 71.32 8.38 24.68
C SER G 84 72.81 8.71 24.73
N LYS G 85 73.16 9.81 25.40
CA LYS G 85 74.57 10.20 25.47
C LYS G 85 75.39 9.14 26.22
N LEU G 86 74.89 8.69 27.37
CA LEU G 86 75.61 7.68 28.14
C LEU G 86 75.70 6.37 27.39
N ASN G 87 74.66 6.02 26.63
CA ASN G 87 74.71 4.82 25.81
C ASN G 87 75.84 4.91 24.79
N ALA G 88 75.98 6.06 24.13
CA ALA G 88 77.07 6.20 23.16
C ALA G 88 78.43 6.07 23.83
N LEU G 89 78.62 6.75 24.97
CA LEU G 89 79.91 6.69 25.65
C LEU G 89 80.24 5.26 26.09
N ALA G 90 79.26 4.57 26.68
CA ALA G 90 79.49 3.21 27.15
C ALA G 90 79.72 2.26 26.00
N ARG G 91 79.10 2.49 24.84
CA ARG G 91 79.40 1.67 23.68
C ARG G 91 80.84 1.86 23.22
N GLN G 92 81.33 3.11 23.25
CA GLN G 92 82.72 3.35 22.90
C GLN G 92 83.64 2.58 23.83
N ILE G 93 83.40 2.66 25.14
CA ILE G 93 84.23 1.92 26.10
C ILE G 93 84.11 0.42 25.84
N GLY G 94 82.91 -0.06 25.53
CA GLY G 94 82.71 -1.48 25.33
C GLY G 94 83.48 -2.04 24.16
N GLU G 95 83.53 -1.30 23.05
CA GLU G 95 84.31 -1.78 21.91
C GLU G 95 85.81 -1.53 22.11
N GLU G 96 86.18 -0.56 22.95
CA GLU G 96 87.60 -0.44 23.31
C GLU G 96 88.09 -1.65 24.08
N SER G 97 87.26 -2.20 24.95
CA SER G 97 87.68 -3.25 25.87
C SER G 97 87.84 -4.59 25.15
N ALA G 98 88.26 -5.58 25.91
CA ALA G 98 88.53 -6.93 25.40
C ALA G 98 87.41 -7.89 25.77
N ASP G 99 87.39 -9.02 25.06
CA ASP G 99 86.34 -10.02 25.29
C ASP G 99 86.38 -10.54 26.71
N SER G 100 85.22 -10.59 27.36
CA SER G 100 85.08 -11.05 28.72
C SER G 100 83.59 -11.17 29.02
N GLN G 101 83.27 -11.60 30.23
CA GLN G 101 81.87 -11.71 30.64
C GLN G 101 81.28 -10.35 30.98
N THR G 102 82.09 -9.47 31.56
CA THR G 102 81.59 -8.14 31.90
C THR G 102 81.27 -7.33 30.65
N LYS G 103 81.99 -7.58 29.55
CA LYS G 103 81.64 -6.93 28.29
C LYS G 103 80.26 -7.35 27.83
N LYS G 104 79.93 -8.64 27.95
CA LYS G 104 78.60 -9.10 27.54
C LYS G 104 77.52 -8.54 28.45
N ASP G 105 77.78 -8.45 29.75
CA ASP G 105 76.83 -7.78 30.62
C ASP G 105 76.63 -6.33 30.22
N LEU G 106 77.72 -5.64 29.88
CA LEU G 106 77.64 -4.24 29.47
C LEU G 106 76.79 -4.10 28.22
N LEU G 107 76.98 -4.98 27.23
CA LEU G 107 76.20 -4.89 26.00
C LEU G 107 74.72 -5.14 26.27
N ALA G 108 74.41 -6.11 27.14
CA ALA G 108 73.01 -6.34 27.51
C ALA G 108 72.39 -5.09 28.13
N TYR G 109 73.11 -4.46 29.05
CA TYR G 109 72.57 -3.26 29.68
C TYR G 109 72.43 -2.12 28.70
N LEU G 110 73.31 -2.06 27.69
CA LEU G 110 73.16 -1.04 26.66
C LEU G 110 71.88 -1.25 25.86
N SER G 111 71.56 -2.50 25.52
CA SER G 111 70.30 -2.76 24.83
C SER G 111 69.11 -2.34 25.68
N GLN G 112 69.17 -2.64 26.98
CA GLN G 112 68.07 -2.23 27.86
C GLN G 112 67.94 -0.71 27.88
N ILE G 113 69.06 0.01 27.92
CA ILE G 113 69.00 1.48 27.92
C ILE G 113 68.39 1.99 26.63
N THR G 114 68.73 1.36 25.50
CA THR G 114 68.14 1.78 24.22
C THR G 114 66.62 1.64 24.25
N LEU G 115 66.13 0.49 24.72
CA LEU G 115 64.69 0.29 24.78
C LEU G 115 64.02 1.33 25.68
N TYR G 116 64.60 1.57 26.85
CA TYR G 116 64.01 2.51 27.80
C TYR G 116 64.00 3.94 27.24
N CYS G 117 65.06 4.32 26.54
CA CYS G 117 65.09 5.66 25.95
C CYS G 117 64.01 5.83 24.89
N GLN G 118 63.84 4.82 24.04
CA GLN G 118 62.78 4.92 23.03
C GLN G 118 61.40 5.02 23.69
N GLN G 119 61.17 4.21 24.73
CA GLN G 119 59.91 4.31 25.45
C GLN G 119 59.71 5.69 26.04
N LEU G 120 60.75 6.26 26.64
CA LEU G 120 60.62 7.57 27.26
C LEU G 120 60.27 8.64 26.23
N ASN G 121 60.95 8.62 25.08
CA ASN G 121 60.64 9.59 24.03
C ASN G 121 59.17 9.51 23.63
N ILE G 122 58.75 8.33 23.13
CA ILE G 122 57.42 8.25 22.54
C ILE G 122 56.33 8.46 23.60
N CYS G 123 56.51 7.89 24.78
CA CYS G 123 55.50 8.06 25.83
C CYS G 123 55.44 9.50 26.31
N SER G 124 56.57 10.21 26.35
CA SER G 124 56.54 11.61 26.72
C SER G 124 55.74 12.42 25.71
N LYS G 125 55.94 12.16 24.42
CA LYS G 125 55.16 12.88 23.42
C LYS G 125 53.67 12.57 23.55
N VAL G 126 53.34 11.30 23.80
CA VAL G 126 51.93 10.91 23.92
C VAL G 126 51.29 11.59 25.13
N LYS G 127 51.97 11.59 26.27
CA LYS G 127 51.42 12.23 27.47
C LYS G 127 51.30 13.74 27.28
N ALA G 128 52.24 14.34 26.55
CA ALA G 128 52.13 15.77 26.27
C ALA G 128 50.86 16.06 25.47
N ASP G 129 50.61 15.28 24.42
CA ASP G 129 49.39 15.50 23.64
C ASP G 129 48.13 15.25 24.47
N VAL G 130 48.13 14.20 25.28
CA VAL G 130 46.98 13.90 26.11
C VAL G 130 46.71 15.04 27.09
N THR G 131 47.75 15.62 27.67
CA THR G 131 47.56 16.72 28.60
C THR G 131 47.13 18.00 27.88
N GLN G 132 47.61 18.21 26.65
CA GLN G 132 47.23 19.43 25.93
C GLN G 132 45.78 19.38 25.46
N VAL G 133 45.30 18.21 25.02
CA VAL G 133 43.91 18.13 24.57
C VAL G 133 42.93 18.32 25.72
N GLY G 134 43.39 18.23 26.96
CA GLY G 134 42.53 18.46 28.11
C GLY G 134 41.86 17.20 28.63
N ALA G 141 46.23 13.27 35.76
CA ALA G 141 46.97 14.14 36.66
C ALA G 141 48.27 13.46 37.12
N LEU G 142 48.29 13.02 38.38
CA LEU G 142 49.45 12.30 38.90
C LEU G 142 49.67 10.99 38.15
N ASP G 143 48.58 10.28 37.85
CA ASP G 143 48.69 9.02 37.15
C ASP G 143 49.20 9.19 35.72
N SER G 144 49.12 10.41 35.17
CA SER G 144 49.74 10.66 33.87
C SER G 144 51.26 10.60 33.96
N ALA G 145 51.82 11.05 35.08
CA ALA G 145 53.26 11.04 35.32
C ALA G 145 53.75 9.77 35.99
N MET G 146 52.85 8.94 36.50
CA MET G 146 53.28 7.70 37.16
C MET G 146 54.06 6.80 36.21
N SER G 147 53.58 6.62 34.98
CA SER G 147 54.26 5.71 34.08
C SER G 147 55.59 6.29 33.59
N LEU G 148 55.64 7.61 33.39
CA LEU G 148 56.91 8.24 33.02
C LEU G 148 57.93 8.07 34.13
N ILE G 149 57.52 8.24 35.38
CA ILE G 149 58.42 8.02 36.51
C ILE G 149 58.87 6.57 36.55
N GLN G 150 57.96 5.64 36.30
CA GLN G 150 58.32 4.22 36.30
C GLN G 150 59.35 3.91 35.22
N THR G 151 59.15 4.42 34.01
CA THR G 151 60.09 4.14 32.94
C THR G 151 61.44 4.80 33.20
N ALA G 152 61.44 6.02 33.73
CA ALA G 152 62.71 6.66 34.04
C ALA G 152 63.45 5.92 35.15
N ARG G 153 62.71 5.36 36.11
CA ARG G 153 63.32 4.59 37.18
C ARG G 153 63.91 3.28 36.66
N ASN G 154 63.21 2.63 35.72
CA ASN G 154 63.79 1.48 35.04
C ASN G 154 65.07 1.88 34.31
N LEU G 155 65.06 3.03 33.65
CA LEU G 155 66.25 3.49 32.94
C LEU G 155 67.41 3.71 33.90
N LEU G 156 67.14 4.35 35.03
CA LEU G 156 68.19 4.62 36.00
C LEU G 156 68.76 3.34 36.57
N THR G 157 67.91 2.36 36.90
CA THR G 157 68.42 1.10 37.42
C THR G 157 69.34 0.42 36.42
N ALA G 158 69.11 0.60 35.13
CA ALA G 158 69.94 0.00 34.10
C ALA G 158 71.16 0.84 33.76
N VAL G 159 71.32 2.00 34.39
CA VAL G 159 72.52 2.82 34.20
C VAL G 159 73.56 2.53 35.26
N VAL G 160 73.16 2.46 36.54
CA VAL G 160 74.11 2.17 37.60
C VAL G 160 74.73 0.79 37.44
N GLN G 161 74.11 -0.08 36.65
CA GLN G 161 74.74 -1.33 36.25
C GLN G 161 75.52 -1.21 34.95
N THR G 162 75.40 -0.08 34.26
CA THR G 162 76.20 0.17 33.06
C THR G 162 77.49 0.88 33.39
N VAL G 163 77.49 1.77 34.39
CA VAL G 163 78.72 2.43 34.79
C VAL G 163 79.65 1.42 35.47
N LYS G 164 79.11 0.53 36.30
CA LYS G 164 79.93 -0.45 36.99
C LYS G 164 80.52 -1.45 36.02
N ALA G 165 79.70 -1.98 35.12
CA ALA G 165 80.20 -2.94 34.14
C ALA G 165 81.24 -2.31 33.22
N ALA G 166 80.98 -1.07 32.77
CA ALA G 166 81.96 -0.38 31.93
C ALA G 166 83.25 -0.12 32.69
N TYR G 167 83.14 0.31 33.95
CA TYR G 167 84.34 0.56 34.74
C TYR G 167 85.17 -0.71 34.89
N ILE G 168 84.52 -1.82 35.25
CA ILE G 168 85.26 -3.06 35.45
C ILE G 168 85.86 -3.56 34.14
N ALA G 169 85.09 -3.51 33.05
CA ALA G 169 85.59 -3.99 31.77
C ALA G 169 86.78 -3.19 31.29
N SER G 170 86.74 -1.87 31.48
CA SER G 170 87.84 -1.03 31.02
C SER G 170 89.05 -1.12 31.94
N THR G 171 88.84 -1.24 33.25
CA THR G 171 89.93 -1.14 34.21
C THR G 171 90.52 -2.50 34.57
N LYS G 172 89.71 -3.40 35.14
CA LYS G 172 90.25 -4.61 35.74
C LYS G 172 90.83 -5.56 34.71
N PHE G 173 90.32 -5.53 33.48
CA PHE G 173 90.87 -6.34 32.42
C PHE G 173 91.97 -5.58 31.69
N ARG G 174 92.78 -6.32 30.95
CA ARG G 174 93.88 -5.74 30.20
C ARG G 174 93.55 -5.59 28.72
N TRP G 185 88.44 7.76 37.98
CA TRP G 185 87.64 7.46 39.16
C TRP G 185 87.99 6.12 39.78
N ARG G 186 87.26 5.76 40.84
CA ARG G 186 87.48 4.51 41.54
C ARG G 186 86.20 4.17 42.29
N MET G 187 86.07 2.90 42.68
CA MET G 187 84.98 2.46 43.54
C MET G 187 85.55 1.78 44.78
N ALA G 188 85.09 2.22 45.95
CA ALA G 188 85.58 1.69 47.20
C ALA G 188 85.20 0.22 47.37
N PRO G 189 86.00 -0.56 48.08
CA PRO G 189 85.64 -1.95 48.31
C PRO G 189 84.38 -2.03 49.14
N PRO G 190 83.59 -3.08 48.95
CA PRO G 190 82.28 -3.16 49.62
C PRO G 190 82.43 -3.26 51.13
N LYS G 191 81.39 -2.81 51.82
CA LYS G 191 81.39 -2.80 53.28
C LYS G 191 81.24 -4.20 53.85
N LYS G 192 81.74 -4.38 55.07
CA LYS G 192 81.69 -5.69 55.71
C LYS G 192 80.24 -6.11 55.97
N GLN G 193 79.94 -7.36 55.65
CA GLN G 193 78.61 -7.89 55.93
C GLN G 193 78.45 -8.16 57.42
N PRO G 194 77.28 -7.88 57.99
CA PRO G 194 77.09 -8.14 59.42
C PRO G 194 77.25 -9.62 59.75
N LEU G 195 77.87 -9.90 60.90
CA LEU G 195 78.00 -11.27 61.35
C LEU G 195 76.71 -11.81 61.95
N ILE G 196 75.94 -10.96 62.62
CA ILE G 196 74.64 -11.33 63.16
C ILE G 196 73.59 -10.39 62.58
N ARG G 197 72.54 -10.96 61.99
CA ARG G 197 71.48 -10.16 61.42
C ARG G 197 70.23 -10.27 62.28
N PRO G 198 69.81 -9.20 62.97
CA PRO G 198 68.64 -9.23 63.86
C PRO G 198 67.32 -9.01 63.12
N ILE H 14 16.09 -51.12 26.06
CA ILE H 14 15.11 -50.76 27.07
C ILE H 14 14.52 -52.02 27.69
N GLN H 15 14.32 -53.03 26.85
CA GLN H 15 13.77 -54.29 27.35
C GLN H 15 14.74 -54.97 28.31
N ALA H 16 16.05 -54.83 28.08
CA ALA H 16 17.03 -55.50 28.92
C ALA H 16 17.01 -54.98 30.34
N GLN H 17 16.74 -53.68 30.52
CA GLN H 17 16.72 -53.11 31.87
C GLN H 17 15.62 -53.72 32.72
N ILE H 18 14.46 -54.00 32.12
CA ILE H 18 13.42 -54.72 32.83
C ILE H 18 13.77 -56.20 32.96
N ASP H 19 14.39 -56.77 31.92
CA ASP H 19 14.64 -58.21 31.90
C ASP H 19 15.59 -58.67 32.99
N ILE H 20 16.34 -57.76 33.61
CA ILE H 20 17.21 -58.16 34.70
C ILE H 20 16.47 -58.23 36.03
N PHE H 21 15.19 -57.89 36.04
CA PHE H 21 14.37 -58.11 37.23
C PHE H 21 14.02 -59.58 37.34
N LYS H 22 14.22 -60.15 38.53
CA LYS H 22 13.88 -61.54 38.78
C LYS H 22 13.03 -61.64 40.05
N VAL H 23 12.23 -62.70 40.11
CA VAL H 23 11.32 -62.89 41.24
C VAL H 23 11.82 -64.04 42.12
N LYS H 34 5.36 -50.45 50.06
CA LYS H 34 6.74 -50.53 49.58
C LYS H 34 6.90 -51.63 48.53
N TRP H 35 8.14 -51.97 48.24
CA TRP H 35 8.42 -53.04 47.30
C TRP H 35 8.00 -54.39 47.89
N ASP H 36 7.86 -55.38 47.01
CA ASP H 36 7.39 -56.73 47.30
C ASP H 36 5.92 -56.76 47.70
N GLU H 37 5.27 -55.60 47.82
CA GLU H 37 3.83 -55.50 47.97
C GLU H 37 3.17 -54.88 46.75
N THR H 38 3.73 -53.78 46.24
CA THR H 38 3.30 -53.18 44.99
C THR H 38 4.34 -53.33 43.88
N GLY H 39 5.40 -54.08 44.13
CA GLY H 39 6.43 -54.26 43.11
C GLY H 39 5.95 -55.05 41.91
N ASN H 40 5.18 -56.12 42.16
CA ASN H 40 4.72 -56.96 41.06
C ASN H 40 3.84 -56.18 40.10
N ASP H 41 2.96 -55.32 40.64
CA ASP H 41 2.11 -54.51 39.77
C ASP H 41 2.94 -53.62 38.87
N ILE H 42 3.96 -52.97 39.43
CA ILE H 42 4.77 -52.04 38.65
C ILE H 42 5.56 -52.78 37.58
N ILE H 43 6.16 -53.91 37.92
CA ILE H 43 6.94 -54.64 36.93
C ILE H 43 6.01 -55.18 35.83
N SER H 44 4.80 -55.62 36.19
CA SER H 44 3.86 -56.08 35.18
C SER H 44 3.46 -54.95 34.25
N LEU H 45 3.20 -53.75 34.81
CA LEU H 45 2.84 -52.61 33.97
C LEU H 45 3.97 -52.25 33.03
N ALA H 46 5.21 -52.24 33.53
CA ALA H 46 6.34 -51.91 32.67
C ALA H 46 6.52 -52.95 31.56
N ASN H 47 6.30 -54.22 31.88
CA ASN H 47 6.40 -55.26 30.86
C ASN H 47 5.34 -55.09 29.78
N ASN H 48 4.10 -54.76 30.19
CA ASN H 48 3.07 -54.47 29.21
C ASN H 48 3.46 -53.29 28.33
N MET H 49 4.04 -52.25 28.94
CA MET H 49 4.50 -51.10 28.18
C MET H 49 5.51 -51.50 27.13
N CYS H 50 6.50 -52.31 27.52
CA CYS H 50 7.52 -52.73 26.56
C CYS H 50 6.93 -53.58 25.44
N LYS H 51 5.96 -54.43 25.77
CA LYS H 51 5.33 -55.25 24.74
C LYS H 51 4.62 -54.38 23.71
N ILE H 52 3.85 -53.39 24.19
CA ILE H 52 3.18 -52.48 23.27
C ILE H 52 4.20 -51.64 22.51
N MET H 53 5.30 -51.29 23.18
CA MET H 53 6.29 -50.45 22.54
C MET H 53 6.89 -51.15 21.34
N MET H 54 7.28 -52.42 21.50
CA MET H 54 7.84 -53.11 20.35
C MET H 54 6.76 -53.49 19.35
N SER H 55 5.50 -53.57 19.80
CA SER H 55 4.40 -53.65 18.82
C SER H 55 4.45 -52.46 17.87
N MET H 56 4.53 -51.26 18.41
CA MET H 56 4.58 -50.05 17.58
C MET H 56 5.89 -49.95 16.81
N THR H 57 6.99 -50.40 17.40
CA THR H 57 8.26 -50.43 16.69
C THR H 57 8.21 -51.37 15.48
N GLU H 58 7.60 -52.54 15.65
CA GLU H 58 7.44 -53.47 14.54
C GLU H 58 6.51 -52.88 13.50
N PHE H 59 5.51 -52.11 13.92
CA PHE H 59 4.72 -51.36 12.96
C PHE H 59 5.59 -50.41 12.15
N THR H 60 6.53 -49.74 12.81
CA THR H 60 7.47 -48.87 12.10
C THR H 60 8.30 -49.66 11.10
N ARG H 61 8.80 -50.84 11.50
CA ARG H 61 9.60 -51.65 10.59
C ARG H 61 8.76 -52.31 9.51
N GLY H 62 7.44 -52.31 9.63
CA GLY H 62 6.59 -52.80 8.56
C GLY H 62 5.72 -53.98 8.93
N CYS H 63 6.29 -54.94 9.67
CA CYS H 63 5.59 -56.16 10.04
C CYS H 63 5.36 -56.17 11.54
N GLY H 64 4.10 -56.31 11.95
CA GLY H 64 3.75 -56.31 13.35
C GLY H 64 2.31 -56.71 13.60
N PRO H 65 1.96 -56.87 14.88
CA PRO H 65 0.58 -57.26 15.21
C PRO H 65 -0.45 -56.25 14.73
N LEU H 66 -0.12 -54.97 14.76
CA LEU H 66 -1.06 -53.90 14.42
C LEU H 66 -0.56 -53.20 13.16
N LYS H 67 -1.48 -52.97 12.21
CA LYS H 67 -1.12 -52.46 10.90
C LYS H 67 -1.83 -51.19 10.50
N THR H 68 -2.89 -50.79 11.19
CA THR H 68 -3.61 -49.57 10.87
C THR H 68 -3.18 -48.45 11.82
N THR H 69 -3.13 -47.23 11.30
CA THR H 69 -2.80 -46.08 12.14
C THR H 69 -3.79 -45.95 13.30
N MET H 70 -5.04 -46.32 13.09
CA MET H 70 -6.01 -46.35 14.20
C MET H 70 -5.54 -47.30 15.29
N ASP H 71 -4.95 -48.43 14.90
CA ASP H 71 -4.41 -49.36 15.88
C ASP H 71 -3.27 -48.73 16.67
N VAL H 72 -2.42 -47.96 15.99
CA VAL H 72 -1.31 -47.31 16.68
C VAL H 72 -1.85 -46.28 17.67
N ILE H 73 -2.91 -45.57 17.30
CA ILE H 73 -3.50 -44.60 18.22
C ILE H 73 -4.10 -45.30 19.43
N ARG H 74 -4.76 -46.43 19.22
CA ARG H 74 -5.29 -47.19 20.35
C ARG H 74 -4.17 -47.69 21.26
N ALA H 75 -3.08 -48.17 20.67
CA ALA H 75 -1.94 -48.62 21.46
C ALA H 75 -1.34 -47.48 22.27
N ALA H 76 -1.24 -46.29 21.66
CA ALA H 76 -0.70 -45.13 22.38
C ALA H 76 -1.59 -44.76 23.56
N GLN H 77 -2.91 -44.79 23.37
CA GLN H 77 -3.80 -44.50 24.49
C GLN H 77 -3.65 -45.56 25.59
N GLU H 78 -3.46 -46.82 25.20
CA GLU H 78 -3.24 -47.87 26.19
C GLU H 78 -1.96 -47.62 26.99
N ILE H 79 -0.88 -47.24 26.31
CA ILE H 79 0.37 -46.95 27.00
C ILE H 79 0.18 -45.77 27.96
N SER H 80 -0.59 -44.76 27.53
CA SER H 80 -0.86 -43.64 28.41
C SER H 80 -1.59 -44.07 29.68
N LEU H 81 -2.58 -44.95 29.54
CA LEU H 81 -3.31 -45.43 30.71
C LEU H 81 -2.38 -46.20 31.65
N ASN H 82 -1.56 -47.07 31.10
CA ASN H 82 -0.59 -47.79 31.92
C ASN H 82 0.37 -46.82 32.60
N GLY H 83 0.73 -45.73 31.91
CA GLY H 83 1.61 -44.75 32.51
C GLY H 83 0.98 -44.06 33.70
N SER H 84 -0.32 -43.73 33.59
CA SER H 84 -1.00 -43.14 34.73
C SER H 84 -1.03 -44.10 35.92
N LYS H 85 -1.33 -45.37 35.66
CA LYS H 85 -1.37 -46.35 36.75
C LYS H 85 0.00 -46.49 37.42
N LEU H 86 1.05 -46.65 36.62
CA LEU H 86 2.40 -46.80 37.17
C LEU H 86 2.83 -45.54 37.90
N ASN H 87 2.44 -44.36 37.42
CA ASN H 87 2.74 -43.12 38.11
C ASN H 87 2.11 -43.13 39.50
N ALA H 88 0.85 -43.55 39.60
CA ALA H 88 0.22 -43.59 40.92
C ALA H 88 0.94 -44.55 41.86
N LEU H 89 1.27 -45.75 41.37
CA LEU H 89 1.93 -46.74 42.22
C LEU H 89 3.29 -46.23 42.68
N ALA H 90 4.07 -45.66 41.76
CA ALA H 90 5.40 -45.18 42.11
C ALA H 90 5.33 -43.97 43.05
N ARG H 91 4.29 -43.15 42.93
CA ARG H 91 4.11 -42.07 43.89
C ARG H 91 3.84 -42.62 45.28
N GLN H 92 3.02 -43.67 45.38
CA GLN H 92 2.79 -44.29 46.68
C GLN H 92 4.09 -44.79 47.29
N ILE H 93 4.89 -45.50 46.50
CA ILE H 93 6.18 -45.98 47.00
C ILE H 93 7.07 -44.80 47.39
N GLY H 94 7.05 -43.73 46.60
CA GLY H 94 7.91 -42.60 46.87
C GLY H 94 7.61 -41.91 48.18
N GLU H 95 6.32 -41.76 48.51
CA GLU H 95 5.98 -41.15 49.79
C GLU H 95 6.12 -42.15 50.95
N GLU H 96 6.05 -43.45 50.67
CA GLU H 96 6.38 -44.42 51.71
C GLU H 96 7.84 -44.33 52.13
N SER H 97 8.73 -44.08 51.17
CA SER H 97 10.17 -44.16 51.41
C SER H 97 10.65 -42.94 52.20
N ALA H 98 11.95 -42.94 52.51
CA ALA H 98 12.58 -41.90 53.30
C ALA H 98 13.39 -40.96 52.42
N ASP H 99 13.72 -39.80 52.98
CA ASP H 99 14.45 -38.79 52.23
C ASP H 99 15.82 -39.31 51.79
N SER H 100 16.14 -39.10 50.53
CA SER H 100 17.40 -39.55 49.95
C SER H 100 17.51 -38.92 48.56
N GLN H 101 18.62 -39.21 47.87
CA GLN H 101 18.79 -38.71 46.51
C GLN H 101 17.97 -39.50 45.51
N THR H 102 17.84 -40.82 45.74
CA THR H 102 17.05 -41.64 44.82
C THR H 102 15.58 -41.26 44.87
N LYS H 103 15.09 -40.80 46.02
CA LYS H 103 13.72 -40.31 46.08
C LYS H 103 13.53 -39.10 45.18
N LYS H 104 14.50 -38.18 45.18
CA LYS H 104 14.39 -37.00 44.33
C LYS H 104 14.47 -37.37 42.85
N ASP H 105 15.33 -38.33 42.51
CA ASP H 105 15.34 -38.83 41.14
C ASP H 105 14.00 -39.43 40.76
N LEU H 106 13.40 -40.21 41.68
CA LEU H 106 12.11 -40.82 41.42
C LEU H 106 11.03 -39.78 41.17
N LEU H 107 11.02 -38.71 41.99
CA LEU H 107 10.02 -37.67 41.80
C LEU H 107 10.21 -36.95 40.47
N ALA H 108 11.46 -36.69 40.07
CA ALA H 108 11.70 -36.09 38.78
C ALA H 108 11.15 -36.97 37.66
N TYR H 109 11.43 -38.27 37.73
CA TYR H 109 10.93 -39.16 36.68
C TYR H 109 9.41 -39.24 36.68
N LEU H 110 8.79 -39.11 37.86
CA LEU H 110 7.32 -39.08 37.91
C LEU H 110 6.77 -37.87 37.18
N SER H 111 7.41 -36.70 37.37
CA SER H 111 6.96 -35.52 36.64
C SER H 111 7.10 -35.71 35.14
N GLN H 112 8.21 -36.33 34.71
CA GLN H 112 8.38 -36.59 33.28
C GLN H 112 7.29 -37.53 32.76
N ILE H 113 6.94 -38.56 33.53
CA ILE H 113 5.88 -39.47 33.11
C ILE H 113 4.55 -38.74 33.00
N THR H 114 4.27 -37.83 33.93
CA THR H 114 3.02 -37.07 33.85
C THR H 114 2.95 -36.26 32.56
N LEU H 115 4.04 -35.57 32.22
CA LEU H 115 4.06 -34.78 30.99
C LEU H 115 3.83 -35.66 29.77
N TYR H 116 4.54 -36.80 29.72
CA TYR H 116 4.44 -37.67 28.56
C TYR H 116 3.04 -38.26 28.43
N CYS H 117 2.40 -38.61 29.54
CA CYS H 117 1.05 -39.14 29.47
C CYS H 117 0.07 -38.11 28.95
N GLN H 118 0.19 -36.86 29.41
CA GLN H 118 -0.70 -35.82 28.90
C GLN H 118 -0.50 -35.62 27.40
N GLN H 119 0.76 -35.60 26.96
CA GLN H 119 1.04 -35.48 25.53
C GLN H 119 0.42 -36.63 24.75
N LEU H 120 0.56 -37.86 25.25
CA LEU H 120 0.02 -39.02 24.55
C LEU H 120 -1.48 -38.92 24.41
N ASN H 121 -2.18 -38.56 25.49
CA ASN H 121 -3.63 -38.41 25.41
C ASN H 121 -4.04 -37.41 24.34
N ILE H 122 -3.58 -36.17 24.47
CA ILE H 122 -4.09 -35.12 23.60
C ILE H 122 -3.66 -35.36 22.15
N CYS H 123 -2.41 -35.77 21.94
CA CYS H 123 -1.94 -36.02 20.58
C CYS H 123 -2.65 -37.22 19.96
N SER H 124 -2.98 -38.24 20.74
CA SER H 124 -3.75 -39.35 20.19
C SER H 124 -5.12 -38.89 19.71
N LYS H 125 -5.79 -38.06 20.51
CA LYS H 125 -7.09 -37.56 20.08
C LYS H 125 -6.96 -36.72 18.81
N VAL H 126 -5.93 -35.89 18.74
CA VAL H 126 -5.73 -35.04 17.56
C VAL H 126 -5.47 -35.87 16.32
N LYS H 127 -4.60 -36.88 16.43
CA LYS H 127 -4.31 -37.73 15.28
C LYS H 127 -5.53 -38.55 14.88
N ALA H 128 -6.35 -38.96 15.84
CA ALA H 128 -7.59 -39.65 15.49
C ALA H 128 -8.50 -38.78 14.65
N ASP H 129 -8.69 -37.52 15.08
CA ASP H 129 -9.54 -36.61 14.30
C ASP H 129 -8.94 -36.35 12.92
N VAL H 130 -7.62 -36.14 12.85
CA VAL H 130 -6.97 -35.89 11.56
C VAL H 130 -7.16 -37.07 10.61
N THR H 131 -7.05 -38.29 11.14
CA THR H 131 -7.24 -39.46 10.29
C THR H 131 -8.69 -39.66 9.90
N GLN H 132 -9.63 -39.30 10.77
CA GLN H 132 -11.04 -39.48 10.45
C GLN H 132 -11.51 -38.48 9.39
N VAL H 133 -11.02 -37.23 9.46
CA VAL H 133 -11.45 -36.25 8.47
C VAL H 133 -10.92 -36.58 7.08
N GLY H 134 -9.95 -37.48 6.96
CA GLY H 134 -9.44 -37.89 5.67
C GLY H 134 -8.26 -37.07 5.21
N ALA H 141 -0.01 -40.83 6.98
CA ALA H 141 0.08 -42.28 7.02
C ALA H 141 1.03 -42.74 8.13
N LEU H 142 2.22 -43.21 7.73
CA LEU H 142 3.23 -43.61 8.70
C LEU H 142 3.69 -42.42 9.54
N ASP H 143 3.86 -41.26 8.90
CA ASP H 143 4.29 -40.07 9.62
C ASP H 143 3.25 -39.59 10.62
N SER H 144 2.00 -40.02 10.49
CA SER H 144 1.00 -39.71 11.50
C SER H 144 1.30 -40.45 12.80
N ALA H 145 1.80 -41.68 12.69
CA ALA H 145 2.14 -42.49 13.85
C ALA H 145 3.58 -42.32 14.32
N MET H 146 4.42 -41.65 13.53
CA MET H 146 5.82 -41.43 13.94
C MET H 146 5.91 -40.66 15.25
N SER H 147 5.13 -39.59 15.40
CA SER H 147 5.25 -38.79 16.61
C SER H 147 4.66 -39.51 17.82
N LEU H 148 3.59 -40.28 17.62
CA LEU H 148 3.04 -41.07 18.71
C LEU H 148 4.05 -42.12 19.17
N ILE H 149 4.73 -42.77 18.24
CA ILE H 149 5.77 -43.72 18.59
C ILE H 149 6.89 -43.02 19.35
N GLN H 150 7.28 -41.83 18.90
CA GLN H 150 8.34 -41.09 19.57
C GLN H 150 7.96 -40.74 21.01
N THR H 151 6.74 -40.26 21.21
CA THR H 151 6.31 -39.90 22.56
C THR H 151 6.18 -41.12 23.46
N ALA H 152 5.68 -42.23 22.92
CA ALA H 152 5.59 -43.44 23.73
C ALA H 152 6.96 -43.97 24.09
N ARG H 153 7.93 -43.81 23.18
CA ARG H 153 9.29 -44.25 23.46
C ARG H 153 9.95 -43.37 24.52
N ASN H 154 9.68 -42.06 24.48
CA ASN H 154 10.12 -41.20 25.57
C ASN H 154 9.49 -41.63 26.88
N LEU H 155 8.20 -41.98 26.86
CA LEU H 155 7.54 -42.43 28.08
C LEU H 155 8.18 -43.69 28.63
N LEU H 156 8.47 -44.64 27.75
CA LEU H 156 9.06 -45.90 28.18
C LEU H 156 10.45 -45.69 28.77
N THR H 157 11.26 -44.84 28.13
CA THR H 157 12.59 -44.58 28.68
C THR H 157 12.51 -43.98 30.08
N ALA H 158 11.47 -43.22 30.37
CA ALA H 158 11.28 -42.62 31.69
C ALA H 158 10.60 -43.56 32.68
N VAL H 159 10.22 -44.76 32.25
CA VAL H 159 9.65 -45.75 33.16
C VAL H 159 10.72 -46.69 33.69
N VAL H 160 11.59 -47.21 32.82
CA VAL H 160 12.65 -48.10 33.27
C VAL H 160 13.60 -47.41 34.23
N GLN H 161 13.61 -46.08 34.25
CA GLN H 161 14.32 -45.34 35.28
C GLN H 161 13.43 -45.02 36.48
N THR H 162 12.13 -45.28 36.39
CA THR H 162 11.23 -45.12 37.52
C THR H 162 11.10 -46.40 38.32
N VAL H 163 11.15 -47.56 37.67
CA VAL H 163 11.11 -48.82 38.40
C VAL H 163 12.41 -49.01 39.19
N LYS H 164 13.54 -48.67 38.58
CA LYS H 164 14.82 -48.84 39.25
C LYS H 164 14.96 -47.90 40.44
N ALA H 165 14.61 -46.62 40.24
CA ALA H 165 14.69 -45.67 41.34
C ALA H 165 13.73 -46.03 42.46
N ALA H 166 12.51 -46.44 42.11
CA ALA H 166 11.56 -46.86 43.14
C ALA H 166 12.05 -48.09 43.88
N TYR H 167 12.59 -49.07 43.14
CA TYR H 167 13.11 -50.27 43.78
C TYR H 167 14.22 -49.94 44.76
N ILE H 168 15.18 -49.12 44.33
CA ILE H 168 16.30 -48.79 45.20
C ILE H 168 15.83 -47.99 46.41
N ALA H 169 14.95 -47.00 46.19
CA ALA H 169 14.49 -46.17 47.30
C ALA H 169 13.72 -46.97 48.32
N SER H 170 12.90 -47.92 47.88
CA SER H 170 12.12 -48.72 48.82
C SER H 170 12.96 -49.79 49.49
N THR H 171 13.92 -50.38 48.78
CA THR H 171 14.64 -51.53 49.30
C THR H 171 15.95 -51.14 50.01
N LYS H 172 16.87 -50.52 49.29
CA LYS H 172 18.22 -50.36 49.82
C LYS H 172 18.26 -49.40 51.00
N PHE H 173 17.34 -48.46 51.06
CA PHE H 173 17.26 -47.56 52.20
C PHE H 173 16.36 -48.15 53.27
N ARG H 174 16.47 -47.61 54.49
CA ARG H 174 15.68 -48.08 55.61
C ARG H 174 14.52 -47.14 55.91
N TRP H 185 10.66 -58.83 44.13
CA TRP H 185 11.58 -58.94 43.01
C TRP H 185 13.02 -58.60 43.40
N ARG H 186 13.91 -58.65 42.41
CA ARG H 186 15.31 -58.36 42.62
C ARG H 186 15.91 -57.96 41.28
N MET H 187 17.08 -57.33 41.33
CA MET H 187 17.85 -57.02 40.13
C MET H 187 19.26 -57.59 40.27
N ALA H 188 19.68 -58.33 39.26
CA ALA H 188 20.98 -58.98 39.29
C ALA H 188 22.09 -57.94 39.27
N PRO H 189 23.25 -58.24 39.86
CA PRO H 189 24.37 -57.31 39.81
C PRO H 189 24.83 -57.13 38.38
N PRO H 190 25.36 -55.97 38.03
CA PRO H 190 25.72 -55.69 36.64
C PRO H 190 26.84 -56.59 36.16
N LYS H 191 26.87 -56.79 34.84
CA LYS H 191 27.85 -57.66 34.22
C LYS H 191 29.23 -57.02 34.21
N LYS H 192 30.27 -57.85 34.17
CA LYS H 192 31.64 -57.36 34.19
C LYS H 192 31.93 -56.56 32.94
N GLN H 193 32.57 -55.41 33.12
CA GLN H 193 32.98 -54.59 31.99
C GLN H 193 34.18 -55.22 31.28
N PRO H 194 34.23 -55.19 29.96
CA PRO H 194 35.37 -55.77 29.25
C PRO H 194 36.68 -55.08 29.62
N LEU H 195 37.73 -55.89 29.75
CA LEU H 195 39.06 -55.33 30.03
C LEU H 195 39.68 -54.70 28.79
N ILE H 196 39.45 -55.28 27.62
CA ILE H 196 39.92 -54.74 26.36
C ILE H 196 38.72 -54.51 25.45
N ARG H 197 38.60 -53.29 24.93
CA ARG H 197 37.50 -52.96 24.04
C ARG H 197 38.02 -52.79 22.62
N PRO H 198 37.66 -53.68 21.69
CA PRO H 198 38.15 -53.65 20.31
C PRO H 198 37.33 -52.72 19.42
N ILE I 14 35.79 21.06 1.39
CA ILE I 14 36.10 20.71 0.01
C ILE I 14 37.35 21.44 -0.44
N GLN I 15 37.48 22.69 0.00
CA GLN I 15 38.66 23.48 -0.36
C GLN I 15 39.93 22.88 0.25
N ALA I 16 39.82 22.29 1.44
CA ALA I 16 41.01 21.77 2.11
C ALA I 16 41.61 20.58 1.36
N GLN I 17 40.77 19.77 0.71
CA GLN I 17 41.28 18.62 -0.02
C GLN I 17 42.17 19.05 -1.18
N ILE I 18 41.81 20.13 -1.86
CA ILE I 18 42.69 20.68 -2.88
C ILE I 18 43.88 21.40 -2.25
N ASP I 19 43.65 22.08 -1.12
CA ASP I 19 44.70 22.91 -0.53
C ASP I 19 45.89 22.11 -0.04
N ILE I 20 45.76 20.79 0.11
CA ILE I 20 46.91 19.98 0.51
C ILE I 20 47.77 19.60 -0.67
N PHE I 21 47.38 19.98 -1.88
CA PHE I 21 48.25 19.82 -3.05
C PHE I 21 49.34 20.88 -3.02
N LYS I 22 50.59 20.45 -3.21
CA LYS I 22 51.73 21.36 -3.25
C LYS I 22 52.56 21.08 -4.48
N VAL I 23 53.25 22.12 -4.95
CA VAL I 23 54.06 22.02 -6.15
C VAL I 23 55.55 21.99 -5.81
N LYS I 34 50.46 11.59 -18.27
CA LYS I 34 50.37 11.27 -16.85
C LYS I 34 50.46 12.52 -16.00
N TRP I 35 50.65 12.33 -14.70
CA TRP I 35 50.81 13.44 -13.78
C TRP I 35 52.13 14.16 -14.05
N ASP I 36 52.22 15.39 -13.55
CA ASP I 36 53.33 16.33 -13.73
C ASP I 36 53.44 16.81 -15.16
N GLU I 37 52.62 16.31 -16.08
CA GLU I 37 52.47 16.84 -17.43
C GLU I 37 51.11 17.48 -17.63
N THR I 38 50.05 16.80 -17.22
CA THR I 38 48.70 17.35 -17.22
C THR I 38 48.17 17.61 -15.80
N GLY I 39 49.02 17.44 -14.79
CA GLY I 39 48.56 17.66 -13.43
C GLY I 39 48.25 19.11 -13.13
N ASN I 40 49.09 20.02 -13.63
CA ASN I 40 48.89 21.44 -13.35
C ASN I 40 47.55 21.93 -13.91
N ASP I 41 47.20 21.49 -15.12
CA ASP I 41 45.92 21.87 -15.71
C ASP I 41 44.76 21.42 -14.82
N ILE I 42 44.80 20.18 -14.34
CA ILE I 42 43.71 19.65 -13.54
C ILE I 42 43.59 20.38 -12.21
N ILE I 43 44.73 20.62 -11.55
CA ILE I 43 44.66 21.32 -10.27
C ILE I 43 44.17 22.76 -10.46
N SER I 44 44.59 23.41 -11.56
CA SER I 44 44.11 24.75 -11.83
C SER I 44 42.60 24.77 -12.08
N LEU I 45 42.10 23.79 -12.84
CA LEU I 45 40.67 23.72 -13.10
C LEU I 45 39.89 23.50 -11.80
N ALA I 46 40.38 22.60 -10.95
CA ALA I 46 39.71 22.35 -9.68
C ALA I 46 39.71 23.59 -8.80
N ASN I 47 40.81 24.34 -8.79
CA ASN I 47 40.86 25.57 -8.00
C ASN I 47 39.87 26.59 -8.52
N ASN I 48 39.76 26.73 -9.84
CA ASN I 48 38.75 27.63 -10.40
C ASN I 48 37.35 27.19 -9.99
N MET I 49 37.11 25.88 -10.01
CA MET I 49 35.81 25.36 -9.60
C MET I 49 35.50 25.76 -8.16
N CYS I 50 36.47 25.58 -7.26
CA CYS I 50 36.24 25.93 -5.86
C CYS I 50 36.00 27.42 -5.69
N LYS I 51 36.73 28.25 -6.44
CA LYS I 51 36.54 29.69 -6.35
C LYS I 51 35.11 30.07 -6.75
N ILE I 52 34.64 29.52 -7.87
CA ILE I 52 33.27 29.80 -8.30
C ILE I 52 32.27 29.21 -7.31
N MET I 53 32.61 28.06 -6.73
CA MET I 53 31.69 27.41 -5.82
C MET I 53 31.45 28.30 -4.61
N MET I 54 32.51 28.84 -4.01
CA MET I 54 32.28 29.69 -2.85
C MET I 54 31.74 31.04 -3.28
N SER I 55 31.94 31.45 -4.54
CA SER I 55 31.20 32.59 -5.06
C SER I 55 29.70 32.36 -4.91
N MET I 56 29.22 31.21 -5.38
CA MET I 56 27.80 30.91 -5.31
C MET I 56 27.34 30.67 -3.87
N THR I 57 28.21 30.09 -3.05
CA THR I 57 27.90 29.92 -1.64
C THR I 57 27.74 31.26 -0.93
N GLU I 58 28.62 32.21 -1.23
CA GLU I 58 28.50 33.55 -0.66
C GLU I 58 27.25 34.23 -1.17
N PHE I 59 26.87 33.95 -2.41
CA PHE I 59 25.57 34.42 -2.89
C PHE I 59 24.44 33.87 -2.03
N THR I 60 24.53 32.59 -1.67
CA THR I 60 23.54 32.00 -0.77
C THR I 60 23.52 32.71 0.56
N ARG I 61 24.69 33.00 1.13
CA ARG I 61 24.76 33.67 2.42
C ARG I 61 24.38 35.15 2.33
N GLY I 62 24.29 35.70 1.13
CA GLY I 62 23.81 37.06 0.96
C GLY I 62 24.81 38.02 0.36
N CYS I 63 26.07 37.94 0.79
CA CYS I 63 27.11 38.85 0.34
C CYS I 63 28.13 38.07 -0.50
N GLY I 64 28.35 38.53 -1.73
CA GLY I 64 29.27 37.87 -2.62
C GLY I 64 29.55 38.66 -3.88
N PRO I 65 30.51 38.19 -4.68
CA PRO I 65 30.83 38.90 -5.93
C PRO I 65 29.67 39.03 -6.88
N LEU I 66 28.80 38.02 -6.94
CA LEU I 66 27.69 37.98 -7.87
C LEU I 66 26.38 38.03 -7.10
N LYS I 67 25.46 38.88 -7.55
CA LYS I 67 24.24 39.16 -6.80
C LYS I 67 22.96 38.92 -7.58
N THR I 68 23.02 38.76 -8.90
CA THR I 68 21.84 38.49 -9.70
C THR I 68 21.75 37.00 -10.02
N THR I 69 20.51 36.50 -10.08
CA THR I 69 20.31 35.10 -10.44
C THR I 69 20.89 34.79 -11.82
N MET I 70 20.85 35.76 -12.73
CA MET I 70 21.51 35.59 -14.01
C MET I 70 23.01 35.34 -13.83
N ASP I 71 23.63 36.02 -12.86
CA ASP I 71 25.03 35.78 -12.58
C ASP I 71 25.26 34.36 -12.08
N VAL I 72 24.35 33.85 -11.24
CA VAL I 72 24.49 32.49 -10.75
C VAL I 72 24.36 31.49 -11.90
N ILE I 73 23.47 31.77 -12.85
CA ILE I 73 23.33 30.88 -14.00
C ILE I 73 24.60 30.90 -14.84
N ARG I 74 25.18 32.09 -15.04
CA ARG I 74 26.43 32.16 -15.79
C ARG I 74 27.55 31.40 -15.07
N ALA I 75 27.63 31.54 -13.74
CA ALA I 75 28.63 30.81 -12.98
C ALA I 75 28.44 29.31 -13.08
N ALA I 76 27.19 28.85 -13.05
CA ALA I 76 26.92 27.42 -13.19
C ALA I 76 27.35 26.91 -14.55
N GLN I 77 27.08 27.66 -15.61
CA GLN I 77 27.53 27.26 -16.93
C GLN I 77 29.06 27.21 -17.00
N GLU I 78 29.73 28.17 -16.34
CA GLU I 78 31.19 28.16 -16.31
C GLU I 78 31.72 26.92 -15.60
N ILE I 79 31.10 26.55 -14.47
CA ILE I 79 31.52 25.34 -13.76
C ILE I 79 31.31 24.12 -14.62
N SER I 80 30.21 24.09 -15.37
CA SER I 80 29.97 22.95 -16.26
C SER I 80 31.05 22.84 -17.33
N LEU I 81 31.47 23.98 -17.90
CA LEU I 81 32.53 23.95 -18.90
C LEU I 81 33.84 23.44 -18.30
N ASN I 82 34.19 23.94 -17.12
CA ASN I 82 35.38 23.45 -16.45
C ASN I 82 35.27 21.95 -16.15
N GLY I 83 34.07 21.49 -15.83
CA GLY I 83 33.88 20.07 -15.57
C GLY I 83 34.13 19.23 -16.80
N SER I 84 33.65 19.69 -17.96
CA SER I 84 33.93 18.97 -19.19
C SER I 84 35.43 18.90 -19.47
N LYS I 85 36.13 20.02 -19.29
CA LYS I 85 37.57 20.03 -19.54
C LYS I 85 38.30 19.08 -18.59
N LEU I 86 37.99 19.15 -17.31
CA LEU I 86 38.64 18.27 -16.34
C LEU I 86 38.29 16.81 -16.58
N ASN I 87 37.07 16.54 -17.03
CA ASN I 87 36.69 15.17 -17.38
C ASN I 87 37.57 14.65 -18.51
N ALA I 88 37.79 15.46 -19.54
CA ALA I 88 38.65 15.01 -20.64
C ALA I 88 40.08 14.74 -20.16
N LEU I 89 40.64 15.65 -19.36
CA LEU I 89 42.01 15.47 -18.88
C LEU I 89 42.13 14.21 -18.03
N ALA I 90 41.18 14.02 -17.11
CA ALA I 90 41.24 12.85 -16.23
C ALA I 90 41.01 11.56 -16.99
N ARG I 91 40.22 11.60 -18.06
CA ARG I 91 40.07 10.41 -18.90
C ARG I 91 41.39 10.07 -19.58
N GLN I 92 42.11 11.09 -20.07
CA GLN I 92 43.41 10.84 -20.66
C GLN I 92 44.36 10.18 -19.66
N ILE I 93 44.42 10.72 -18.44
CA ILE I 93 45.27 10.11 -17.41
C ILE I 93 44.81 8.69 -17.10
N GLY I 94 43.49 8.47 -17.06
CA GLY I 94 42.98 7.16 -16.72
C GLY I 94 43.34 6.09 -17.73
N GLU I 95 43.30 6.41 -19.02
CA GLU I 95 43.70 5.42 -20.01
C GLU I 95 45.22 5.31 -20.12
N GLU I 96 45.96 6.36 -19.73
CA GLU I 96 47.41 6.22 -19.64
C GLU I 96 47.81 5.22 -18.56
N SER I 97 47.09 5.20 -17.45
CA SER I 97 47.49 4.41 -16.30
C SER I 97 47.20 2.92 -16.51
N ALA I 98 47.57 2.12 -15.52
CA ALA I 98 47.46 0.67 -15.57
C ALA I 98 46.28 0.20 -14.74
N ASP I 99 45.86 -1.04 -14.98
CA ASP I 99 44.71 -1.62 -14.29
C ASP I 99 44.96 -1.67 -12.79
N SER I 100 43.98 -1.22 -12.03
CA SER I 100 44.05 -1.18 -10.57
C SER I 100 42.66 -0.82 -10.05
N GLN I 101 42.54 -0.76 -8.73
CA GLN I 101 41.27 -0.37 -8.12
C GLN I 101 41.05 1.13 -8.21
N THR I 102 42.13 1.92 -8.08
CA THR I 102 41.99 3.36 -8.16
C THR I 102 41.58 3.81 -9.56
N LYS I 103 41.97 3.06 -10.58
CA LYS I 103 41.50 3.36 -11.94
C LYS I 103 39.99 3.20 -12.03
N LYS I 104 39.45 2.14 -11.42
CA LYS I 104 38.00 1.93 -11.46
C LYS I 104 37.27 3.01 -10.67
N ASP I 105 37.82 3.41 -9.52
CA ASP I 105 37.24 4.55 -8.81
C ASP I 105 37.25 5.81 -9.67
N LEU I 106 38.36 6.05 -10.37
CA LEU I 106 38.46 7.22 -11.23
C LEU I 106 37.42 7.20 -12.33
N LEU I 107 37.22 6.04 -12.96
CA LEU I 107 36.21 5.96 -14.02
C LEU I 107 34.80 6.19 -13.48
N ALA I 108 34.50 5.65 -12.29
CA ALA I 108 33.20 5.91 -11.68
C ALA I 108 33.00 7.40 -11.45
N TYR I 109 34.02 8.07 -10.92
CA TYR I 109 33.87 9.51 -10.68
C TYR I 109 33.75 10.29 -11.98
N LEU I 110 34.39 9.82 -13.04
CA LEU I 110 34.23 10.46 -14.34
C LEU I 110 32.79 10.36 -14.83
N SER I 111 32.16 9.20 -14.66
CA SER I 111 30.75 9.08 -15.04
C SER I 111 29.88 10.03 -14.23
N GLN I 112 30.16 10.14 -12.93
CA GLN I 112 29.39 11.08 -12.11
C GLN I 112 29.56 12.51 -12.60
N ILE I 113 30.79 12.90 -12.96
CA ILE I 113 31.03 14.25 -13.46
C ILE I 113 30.27 14.48 -14.77
N THR I 114 30.22 13.48 -15.64
CA THR I 114 29.46 13.62 -16.88
C THR I 114 28.00 13.91 -16.60
N LEU I 115 27.40 13.12 -15.69
CA LEU I 115 25.99 13.34 -15.37
C LEU I 115 25.76 14.74 -14.81
N TYR I 116 26.62 15.16 -13.88
CA TYR I 116 26.44 16.47 -13.26
C TYR I 116 26.60 17.60 -14.27
N CYS I 117 27.54 17.47 -15.20
CA CYS I 117 27.71 18.51 -16.22
C CYS I 117 26.48 18.61 -17.10
N GLN I 118 25.92 17.47 -17.53
CA GLN I 118 24.71 17.53 -18.34
C GLN I 118 23.57 18.20 -17.59
N GLN I 119 23.40 17.83 -16.32
CA GLN I 119 22.38 18.47 -15.49
C GLN I 119 22.59 19.96 -15.40
N LEU I 120 23.83 20.40 -15.18
CA LEU I 120 24.11 21.82 -15.05
C LEU I 120 23.76 22.57 -16.33
N ASN I 121 24.16 22.03 -17.48
CA ASN I 121 23.83 22.68 -18.75
C ASN I 121 22.32 22.86 -18.90
N ILE I 122 21.58 21.75 -18.88
CA ILE I 122 20.16 21.84 -19.22
C ILE I 122 19.39 22.64 -18.18
N CYS I 123 19.70 22.43 -16.89
CA CYS I 123 19.01 23.18 -15.85
C CYS I 123 19.34 24.66 -15.89
N SER I 124 20.58 25.02 -16.26
CA SER I 124 20.90 26.43 -16.40
C SER I 124 20.07 27.07 -17.51
N LYS I 125 19.94 26.39 -18.64
CA LYS I 125 19.12 26.94 -19.71
C LYS I 125 17.67 27.09 -19.27
N VAL I 126 17.15 26.09 -18.56
CA VAL I 126 15.76 26.14 -18.12
C VAL I 126 15.54 27.29 -17.15
N LYS I 127 16.44 27.46 -16.18
CA LYS I 127 16.30 28.56 -15.22
C LYS I 127 16.45 29.91 -15.90
N ALA I 128 17.30 30.00 -16.92
CA ALA I 128 17.42 31.25 -17.67
C ALA I 128 16.10 31.60 -18.33
N ASP I 129 15.47 30.64 -18.99
CA ASP I 129 14.18 30.92 -19.63
C ASP I 129 13.11 31.28 -18.60
N VAL I 130 13.08 30.55 -17.48
CA VAL I 130 12.10 30.84 -16.44
C VAL I 130 12.28 32.25 -15.90
N THR I 131 13.52 32.68 -15.71
CA THR I 131 13.75 34.03 -15.20
C THR I 131 13.45 35.08 -16.25
N GLN I 132 13.68 34.79 -17.53
CA GLN I 132 13.40 35.78 -18.57
C GLN I 132 11.91 35.97 -18.79
N VAL I 133 11.12 34.89 -18.72
CA VAL I 133 9.68 35.05 -18.93
C VAL I 133 9.03 35.82 -17.80
N GLY I 134 9.72 36.01 -16.68
CA GLY I 134 9.19 36.79 -15.57
C GLY I 134 8.42 35.96 -14.55
N ALA I 141 13.35 33.40 -7.17
CA ALA I 141 14.43 34.27 -6.75
C ALA I 141 15.63 33.46 -6.27
N LEU I 142 15.83 33.44 -4.95
CA LEU I 142 16.91 32.63 -4.38
C LEU I 142 16.69 31.15 -4.64
N ASP I 143 15.45 30.70 -4.52
CA ASP I 143 15.14 29.29 -4.76
C ASP I 143 15.36 28.88 -6.20
N SER I 144 15.42 29.84 -7.13
CA SER I 144 15.77 29.51 -8.50
C SER I 144 17.23 29.09 -8.60
N ALA I 145 18.09 29.70 -7.79
CA ALA I 145 19.51 29.39 -7.79
C ALA I 145 19.89 28.30 -6.78
N MET I 146 18.97 27.93 -5.88
CA MET I 146 19.27 26.89 -4.91
C MET I 146 19.62 25.56 -5.58
N SER I 147 18.87 25.15 -6.60
CA SER I 147 19.14 23.87 -7.21
C SER I 147 20.41 23.90 -8.05
N LEU I 148 20.69 25.02 -8.70
CA LEU I 148 21.94 25.16 -9.43
C LEU I 148 23.14 25.08 -8.49
N ILE I 149 23.04 25.73 -7.33
CA ILE I 149 24.10 25.64 -6.33
C ILE I 149 24.26 24.20 -5.85
N GLN I 150 23.14 23.51 -5.63
CA GLN I 150 23.20 22.12 -5.18
C GLN I 150 23.89 21.23 -6.22
N THR I 151 23.54 21.39 -7.49
CA THR I 151 24.14 20.55 -8.52
C THR I 151 25.62 20.88 -8.70
N ALA I 152 25.98 22.16 -8.63
CA ALA I 152 27.40 22.51 -8.73
C ALA I 152 28.19 21.98 -7.55
N ARG I 153 27.58 21.95 -6.37
CA ARG I 153 28.24 21.41 -5.19
C ARG I 153 28.42 19.90 -5.31
N ASN I 154 27.42 19.21 -5.83
CA ASN I 154 27.60 17.79 -6.15
C ASN I 154 28.75 17.60 -7.14
N LEU I 155 28.82 18.46 -8.16
CA LEU I 155 29.90 18.34 -9.14
C LEU I 155 31.25 18.53 -8.48
N LEU I 156 31.37 19.54 -7.62
CA LEU I 156 32.64 19.81 -6.97
C LEU I 156 33.06 18.65 -6.06
N THR I 157 32.11 18.08 -5.31
CA THR I 157 32.46 16.96 -4.46
C THR I 157 33.00 15.78 -5.27
N ALA I 158 32.52 15.62 -6.50
CA ALA I 158 32.97 14.53 -7.37
C ALA I 158 34.24 14.89 -8.14
N VAL I 159 34.76 16.09 -7.98
CA VAL I 159 36.03 16.48 -8.60
C VAL I 159 37.20 16.26 -7.66
N VAL I 160 37.07 16.69 -6.39
CA VAL I 160 38.15 16.50 -5.44
C VAL I 160 38.42 15.02 -5.19
N GLN I 161 37.49 14.15 -5.54
CA GLN I 161 37.76 12.71 -5.55
C GLN I 161 38.25 12.23 -6.91
N THR I 162 38.21 13.08 -7.93
CA THR I 162 38.75 12.74 -9.24
C THR I 162 40.21 13.15 -9.36
N VAL I 163 40.60 14.27 -8.74
CA VAL I 163 42.00 14.67 -8.76
C VAL I 163 42.84 13.71 -7.92
N LYS I 164 42.32 13.30 -6.76
CA LYS I 164 43.06 12.40 -5.89
C LYS I 164 43.21 11.02 -6.52
N ALA I 165 42.12 10.48 -7.06
CA ALA I 165 42.20 9.17 -7.71
C ALA I 165 43.11 9.19 -8.92
N ALA I 166 43.01 10.26 -9.73
CA ALA I 166 43.90 10.38 -10.89
C ALA I 166 45.36 10.51 -10.46
N TYR I 167 45.62 11.31 -9.43
CA TYR I 167 46.98 11.48 -8.94
C TYR I 167 47.55 10.14 -8.46
N ILE I 168 46.79 9.40 -7.66
CA ILE I 168 47.29 8.14 -7.15
C ILE I 168 47.48 7.13 -8.27
N ALA I 169 46.52 7.05 -9.19
CA ALA I 169 46.61 6.07 -10.27
C ALA I 169 47.80 6.35 -11.17
N SER I 170 48.08 7.63 -11.45
CA SER I 170 49.20 7.96 -12.32
C SER I 170 50.54 7.85 -11.60
N THR I 171 50.59 8.20 -10.31
CA THR I 171 51.86 8.29 -9.60
C THR I 171 52.23 7.00 -8.89
N LYS I 172 51.39 6.57 -7.92
CA LYS I 172 51.81 5.51 -7.03
C LYS I 172 51.94 4.17 -7.72
N PHE I 173 51.19 3.95 -8.81
CA PHE I 173 51.32 2.74 -9.58
C PHE I 173 52.38 2.93 -10.68
N ARG I 174 52.84 1.80 -11.22
CA ARG I 174 53.85 1.82 -12.27
C ARG I 174 53.23 1.59 -13.64
N TRP I 185 53.06 17.99 -9.00
CA TRP I 185 52.48 18.28 -7.70
C TRP I 185 52.68 17.15 -6.70
N ARG I 186 52.14 17.33 -5.50
CA ARG I 186 52.24 16.34 -4.44
C ARG I 186 51.12 16.59 -3.45
N MET I 187 50.83 15.59 -2.63
CA MET I 187 49.89 15.73 -1.53
C MET I 187 50.56 15.34 -0.22
N ALA I 188 50.46 16.21 0.78
CA ALA I 188 51.10 15.98 2.05
C ALA I 188 50.47 14.79 2.76
N PRO I 189 51.25 14.09 3.59
CA PRO I 189 50.66 12.98 4.34
C PRO I 189 49.62 13.48 5.30
N PRO I 190 48.62 12.68 5.62
CA PRO I 190 47.50 13.15 6.44
C PRO I 190 47.95 13.48 7.86
N LYS I 191 47.20 14.37 8.49
CA LYS I 191 47.52 14.83 9.82
C LYS I 191 47.22 13.75 10.86
N LYS I 192 47.92 13.83 11.99
CA LYS I 192 47.75 12.84 13.05
C LYS I 192 46.34 12.92 13.63
N GLN I 193 45.72 11.76 13.81
CA GLN I 193 44.41 11.72 14.43
C GLN I 193 44.52 11.96 15.94
N PRO I 194 43.59 12.69 16.53
CA PRO I 194 43.67 12.94 17.98
C PRO I 194 43.59 11.65 18.78
N LEU I 195 44.38 11.58 19.85
CA LEU I 195 44.33 10.43 20.73
C LEU I 195 43.12 10.46 21.64
N ILE I 196 42.69 11.63 22.08
CA ILE I 196 41.50 11.80 22.90
C ILE I 196 40.56 12.76 22.17
N ARG I 197 39.32 12.34 21.97
CA ARG I 197 38.33 13.18 21.30
C ARG I 197 37.30 13.65 22.31
N PRO I 198 37.26 14.96 22.63
CA PRO I 198 36.34 15.52 23.63
C PRO I 198 34.98 15.83 23.05
N ILE J 14 -2.59 32.81 -40.32
CA ILE J 14 -2.66 31.98 -41.51
C ILE J 14 -1.41 32.18 -42.37
N GLN J 15 -0.94 33.43 -42.41
CA GLN J 15 0.26 33.74 -43.17
C GLN J 15 1.49 33.04 -42.58
N ALA J 16 1.53 32.89 -41.26
CA ALA J 16 2.69 32.30 -40.61
C ALA J 16 2.87 30.83 -40.99
N GLN J 17 1.76 30.12 -41.19
CA GLN J 17 1.86 28.71 -41.53
C GLN J 17 2.55 28.51 -42.88
N ILE J 18 2.28 29.39 -43.83
CA ILE J 18 3.00 29.35 -45.10
C ILE J 18 4.42 29.88 -44.92
N ASP J 19 4.59 30.91 -44.09
CA ASP J 19 5.88 31.59 -43.97
C ASP J 19 6.96 30.68 -43.40
N ILE J 20 6.60 29.55 -42.78
CA ILE J 20 7.62 28.63 -42.29
C ILE J 20 8.12 27.70 -43.38
N PHE J 21 7.56 27.78 -44.59
CA PHE J 21 8.10 27.05 -45.72
C PHE J 21 9.36 27.75 -46.21
N LYS J 22 10.42 26.96 -46.41
CA LYS J 22 11.69 27.49 -46.93
C LYS J 22 12.15 26.64 -48.09
N VAL J 23 12.92 27.26 -48.98
CA VAL J 23 13.41 26.59 -50.17
C VAL J 23 14.90 26.28 -50.05
N LYS J 34 5.24 14.30 -57.26
CA LYS J 34 5.39 14.45 -55.83
C LYS J 34 5.91 15.84 -55.48
N TRP J 35 6.34 16.01 -54.23
CA TRP J 35 6.92 17.27 -53.80
C TRP J 35 8.26 17.50 -54.48
N ASP J 36 8.71 18.75 -54.45
CA ASP J 36 9.91 19.26 -55.10
C ASP J 36 9.81 19.24 -56.62
N GLU J 37 8.72 18.71 -57.17
CA GLU J 37 8.39 18.83 -58.59
C GLU J 37 7.17 19.71 -58.82
N THR J 38 6.11 19.49 -58.05
CA THR J 38 4.93 20.35 -58.05
C THR J 38 4.80 21.15 -56.76
N GLY J 39 5.79 21.08 -55.88
CA GLY J 39 5.69 21.82 -54.63
C GLY J 39 5.76 23.32 -54.81
N ASN J 40 6.63 23.78 -55.71
CA ASN J 40 6.78 25.22 -55.92
C ASN J 40 5.48 25.85 -56.42
N ASP J 41 4.80 25.17 -57.34
CA ASP J 41 3.52 25.67 -57.84
C ASP J 41 2.52 25.84 -56.71
N ILE J 42 2.41 24.84 -55.83
CA ILE J 42 1.44 24.89 -54.76
C ILE J 42 1.76 25.99 -53.77
N ILE J 43 3.03 26.13 -53.39
CA ILE J 43 3.40 27.17 -52.44
C ILE J 43 3.18 28.55 -53.05
N SER J 44 3.47 28.70 -54.35
CA SER J 44 3.22 29.97 -55.00
C SER J 44 1.73 30.30 -55.03
N LEU J 45 0.89 29.31 -55.33
CA LEU J 45 -0.55 29.54 -55.34
C LEU J 45 -1.05 29.94 -53.96
N ALA J 46 -0.58 29.25 -52.92
CA ALA J 46 -1.01 29.59 -51.57
C ALA J 46 -0.56 30.99 -51.18
N ASN J 47 0.64 31.38 -51.59
CA ASN J 47 1.12 32.73 -51.29
C ASN J 47 0.27 33.79 -51.99
N ASN J 48 -0.10 33.53 -53.26
CA ASN J 48 -1.00 34.45 -53.95
C ASN J 48 -2.34 34.54 -53.22
N MET J 49 -2.84 33.40 -52.75
CA MET J 49 -4.10 33.39 -52.00
C MET J 49 -4.00 34.27 -50.77
N CYS J 50 -2.91 34.12 -50.00
CA CYS J 50 -2.77 34.93 -48.79
C CYS J 50 -2.65 36.41 -49.12
N LYS J 51 -1.95 36.76 -50.21
CA LYS J 51 -1.83 38.15 -50.60
C LYS J 51 -3.20 38.74 -50.91
N ILE J 52 -4.00 38.02 -51.69
CA ILE J 52 -5.35 38.51 -52.00
C ILE J 52 -6.20 38.53 -50.73
N MET J 53 -5.99 37.58 -49.84
CA MET J 53 -6.79 37.50 -48.64
C MET J 53 -6.59 38.74 -47.79
N MET J 54 -5.33 39.13 -47.58
CA MET J 54 -5.12 40.34 -46.77
C MET J 54 -5.47 41.59 -47.56
N SER J 55 -5.46 41.52 -48.90
CA SER J 55 -6.05 42.60 -49.68
C SER J 55 -7.50 42.84 -49.25
N MET J 56 -8.29 41.76 -49.23
CA MET J 56 -9.70 41.88 -48.85
C MET J 56 -9.87 42.22 -47.37
N THR J 57 -8.97 41.71 -46.53
CA THR J 57 -9.00 42.07 -45.11
C THR J 57 -8.73 43.55 -44.90
N GLU J 58 -7.77 44.10 -45.64
CA GLU J 58 -7.48 45.52 -45.56
C GLU J 58 -8.64 46.33 -46.10
N PHE J 59 -9.34 45.80 -47.10
CA PHE J 59 -10.59 46.42 -47.53
C PHE J 59 -11.59 46.47 -46.38
N THR J 60 -11.68 45.39 -45.61
CA THR J 60 -12.56 45.37 -44.44
C THR J 60 -12.15 46.44 -43.44
N ARG J 61 -10.84 46.57 -43.17
CA ARG J 61 -10.36 47.56 -42.22
C ARG J 61 -10.44 48.98 -42.77
N GLY J 62 -10.68 49.15 -44.07
CA GLY J 62 -10.90 50.47 -44.64
C GLY J 62 -9.88 50.90 -45.67
N CYS J 63 -8.61 50.62 -45.41
CA CYS J 63 -7.52 51.05 -46.29
C CYS J 63 -6.89 49.82 -46.93
N GLY J 64 -6.86 49.81 -48.26
CA GLY J 64 -6.31 48.68 -48.99
C GLY J 64 -6.15 48.95 -50.47
N PRO J 65 -5.51 48.02 -51.18
CA PRO J 65 -5.32 48.21 -52.62
C PRO J 65 -6.62 48.34 -53.40
N LEU J 66 -7.67 47.63 -52.98
CA LEU J 66 -8.94 47.59 -53.68
C LEU J 66 -10.01 48.23 -52.79
N LYS J 67 -10.81 49.11 -53.38
CA LYS J 67 -11.76 49.91 -52.62
C LYS J 67 -13.21 49.78 -53.08
N THR J 68 -13.46 49.22 -54.26
CA THR J 68 -14.82 49.05 -54.74
C THR J 68 -15.28 47.61 -54.50
N THR J 69 -16.58 47.45 -54.21
CA THR J 69 -17.13 46.11 -54.03
C THR J 69 -16.94 45.26 -55.28
N MET J 70 -16.97 45.88 -56.46
CA MET J 70 -16.66 45.16 -57.68
C MET J 70 -15.24 44.58 -57.63
N ASP J 71 -14.31 45.34 -57.05
CA ASP J 71 -12.95 44.85 -56.91
C ASP J 71 -12.90 43.65 -55.97
N VAL J 72 -13.68 43.68 -54.90
CA VAL J 72 -13.73 42.53 -53.99
C VAL J 72 -14.29 41.31 -54.69
N ILE J 73 -15.30 41.50 -55.54
CA ILE J 73 -15.87 40.37 -56.27
C ILE J 73 -14.84 39.79 -57.25
N ARG J 74 -14.09 40.67 -57.92
CA ARG J 74 -13.03 40.18 -58.81
C ARG J 74 -11.96 39.42 -58.04
N ALA J 75 -11.58 39.92 -56.86
CA ALA J 75 -10.59 39.23 -56.04
C ALA J 75 -11.11 37.87 -55.59
N ALA J 76 -12.38 37.79 -55.23
CA ALA J 76 -12.97 36.52 -54.81
C ALA J 76 -12.94 35.52 -55.96
N GLN J 77 -13.29 35.95 -57.17
CA GLN J 77 -13.22 35.06 -58.32
C GLN J 77 -11.79 34.59 -58.57
N GLU J 78 -10.81 35.49 -58.39
CA GLU J 78 -9.42 35.11 -58.55
C GLU J 78 -9.01 34.06 -57.53
N ILE J 79 -9.42 34.22 -56.27
CA ILE J 79 -9.10 33.23 -55.26
C ILE J 79 -9.74 31.90 -55.60
N SER J 80 -10.96 31.93 -56.13
CA SER J 80 -11.62 30.69 -56.54
C SER J 80 -10.83 29.97 -57.62
N LEU J 81 -10.33 30.72 -58.61
CA LEU J 81 -9.55 30.11 -59.68
C LEU J 81 -8.27 29.49 -59.13
N ASN J 82 -7.57 30.22 -58.25
CA ASN J 82 -6.38 29.66 -57.62
C ASN J 82 -6.72 28.41 -56.81
N GLY J 83 -7.90 28.40 -56.18
CA GLY J 83 -8.30 27.23 -55.43
C GLY J 83 -8.52 26.02 -56.31
N SER J 84 -9.13 26.21 -57.48
CA SER J 84 -9.28 25.10 -58.41
C SER J 84 -7.92 24.56 -58.85
N LYS J 85 -6.98 25.46 -59.17
CA LYS J 85 -5.65 25.01 -59.60
C LYS J 85 -4.94 24.23 -58.50
N LEU J 86 -4.95 24.77 -57.27
CA LEU J 86 -4.29 24.09 -56.16
C LEU J 86 -4.97 22.78 -55.84
N ASN J 87 -6.29 22.70 -55.98
CA ASN J 87 -7.00 21.45 -55.79
C ASN J 87 -6.51 20.40 -56.77
N ALA J 88 -6.36 20.77 -58.04
CA ALA J 88 -5.87 19.81 -59.02
C ALA J 88 -4.47 19.33 -58.68
N LEU J 89 -3.58 20.26 -58.33
CA LEU J 89 -2.20 19.87 -58.02
C LEU J 89 -2.14 18.95 -56.80
N ALA J 90 -2.89 19.30 -55.75
CA ALA J 90 -2.88 18.49 -54.54
C ALA J 90 -3.52 17.14 -54.77
N ARG J 91 -4.51 17.05 -55.66
CA ARG J 91 -5.06 15.74 -56.01
C ARG J 91 -4.02 14.88 -56.70
N GLN J 92 -3.23 15.47 -57.60
CA GLN J 92 -2.17 14.72 -58.25
C GLN J 92 -1.18 14.18 -57.21
N ILE J 93 -0.75 15.03 -56.28
CA ILE J 93 0.16 14.56 -55.24
C ILE J 93 -0.50 13.47 -54.40
N GLY J 94 -1.79 13.64 -54.10
CA GLY J 94 -2.47 12.68 -53.25
C GLY J 94 -2.55 11.30 -53.86
N GLU J 95 -2.80 11.21 -55.17
CA GLU J 95 -2.84 9.88 -55.79
C GLU J 95 -1.44 9.36 -56.07
N GLU J 96 -0.44 10.24 -56.18
CA GLU J 96 0.94 9.76 -56.24
C GLU J 96 1.35 9.06 -54.95
N SER J 97 0.91 9.58 -53.80
CA SER J 97 1.39 9.10 -52.51
C SER J 97 0.76 7.74 -52.17
N ALA J 98 1.18 7.22 -51.02
CA ALA J 98 0.75 5.91 -50.54
C ALA J 98 -0.29 6.04 -49.44
N ASP J 99 -0.98 4.93 -49.18
CA ASP J 99 -2.04 4.93 -48.18
C ASP J 99 -1.49 5.27 -46.80
N SER J 100 -2.17 6.18 -46.12
CA SER J 100 -1.78 6.63 -44.78
C SER J 100 -2.91 7.48 -44.24
N GLN J 101 -2.73 7.97 -43.02
CA GLN J 101 -3.74 8.85 -42.42
C GLN J 101 -3.66 10.26 -42.99
N THR J 102 -2.45 10.73 -43.29
CA THR J 102 -2.30 12.07 -43.85
C THR J 102 -2.91 12.15 -45.25
N LYS J 103 -2.91 11.05 -45.99
CA LYS J 103 -3.60 11.05 -47.29
C LYS J 103 -5.10 11.26 -47.11
N LYS J 104 -5.69 10.62 -46.10
CA LYS J 104 -7.12 10.80 -45.86
C LYS J 104 -7.43 12.21 -45.40
N ASP J 105 -6.57 12.79 -44.57
CA ASP J 105 -6.75 14.20 -44.21
C ASP J 105 -6.67 15.09 -45.44
N LEU J 106 -5.71 14.80 -46.34
CA LEU J 106 -5.56 15.59 -47.55
C LEU J 106 -6.81 15.51 -48.42
N LEU J 107 -7.37 14.31 -48.57
CA LEU J 107 -8.58 14.17 -49.38
C LEU J 107 -9.76 14.91 -48.77
N ALA J 108 -9.89 14.86 -47.44
CA ALA J 108 -10.95 15.64 -46.79
C ALA J 108 -10.80 17.13 -47.07
N TYR J 109 -9.58 17.63 -46.95
CA TYR J 109 -9.36 19.06 -47.20
C TYR J 109 -9.61 19.40 -48.67
N LEU J 110 -9.34 18.48 -49.58
CA LEU J 110 -9.64 18.72 -50.98
C LEU J 110 -11.14 18.86 -51.20
N SER J 111 -11.93 18.00 -50.56
CA SER J 111 -13.39 18.15 -50.67
C SER J 111 -13.85 19.50 -50.12
N GLN J 112 -13.28 19.93 -49.00
CA GLN J 112 -13.65 21.23 -48.46
C GLN J 112 -13.30 22.35 -49.44
N ILE J 113 -12.13 22.27 -50.08
CA ILE J 113 -11.74 23.28 -51.05
C ILE J 113 -12.70 23.31 -52.23
N THR J 114 -13.14 22.13 -52.68
CA THR J 114 -14.10 22.08 -53.78
C THR J 114 -15.40 22.81 -53.42
N LEU J 115 -15.92 22.54 -52.22
CA LEU J 115 -17.15 23.20 -51.80
C LEU J 115 -16.96 24.70 -51.74
N TYR J 116 -15.86 25.16 -51.15
CA TYR J 116 -15.63 26.59 -50.99
C TYR J 116 -15.47 27.27 -52.34
N CYS J 117 -14.81 26.63 -53.30
CA CYS J 117 -14.65 27.22 -54.62
C CYS J 117 -16.00 27.36 -55.32
N GLN J 118 -16.86 26.34 -55.23
CA GLN J 118 -18.18 26.47 -55.84
C GLN J 118 -18.98 27.60 -55.21
N GLN J 119 -18.92 27.70 -53.88
CA GLN J 119 -19.60 28.80 -53.20
C GLN J 119 -19.08 30.14 -53.67
N LEU J 120 -17.75 30.28 -53.79
CA LEU J 120 -17.17 31.55 -54.20
C LEU J 120 -17.64 31.94 -55.59
N ASN J 121 -17.61 30.99 -56.54
CA ASN J 121 -18.07 31.29 -57.88
C ASN J 121 -19.51 31.80 -57.89
N ILE J 122 -20.44 30.98 -57.38
CA ILE J 122 -21.85 31.33 -57.53
C ILE J 122 -22.19 32.59 -56.73
N CYS J 123 -21.66 32.71 -55.51
CA CYS J 123 -21.95 33.89 -54.71
C CYS J 123 -21.35 35.14 -55.31
N SER J 124 -20.17 35.04 -55.94
CA SER J 124 -19.61 36.21 -56.61
C SER J 124 -20.50 36.67 -57.75
N LYS J 125 -21.02 35.72 -58.54
CA LYS J 125 -21.92 36.13 -59.61
C LYS J 125 -23.19 36.78 -59.06
N VAL J 126 -23.73 36.21 -57.98
CA VAL J 126 -24.96 36.76 -57.39
C VAL J 126 -24.72 38.17 -56.87
N LYS J 127 -23.61 38.38 -56.15
CA LYS J 127 -23.31 39.71 -55.62
C LYS J 127 -23.05 40.70 -56.75
N ALA J 128 -22.44 40.26 -57.84
CA ALA J 128 -22.23 41.14 -58.98
C ALA J 128 -23.57 41.61 -59.54
N ASP J 129 -24.51 40.69 -59.74
CA ASP J 129 -25.82 41.09 -60.24
C ASP J 129 -26.54 42.01 -59.27
N VAL J 130 -26.48 41.70 -57.97
CA VAL J 130 -27.13 42.54 -56.97
C VAL J 130 -26.57 43.95 -56.98
N THR J 131 -25.25 44.07 -57.13
CA THR J 131 -24.64 45.40 -57.17
C THR J 131 -24.95 46.13 -58.47
N GLN J 132 -25.07 45.40 -59.58
CA GLN J 132 -25.36 46.06 -60.85
C GLN J 132 -26.80 46.57 -60.91
N VAL J 133 -27.75 45.81 -60.36
CA VAL J 133 -29.14 46.26 -60.41
C VAL J 133 -29.36 47.49 -59.53
N GLY J 134 -28.42 47.82 -58.66
CA GLY J 134 -28.53 49.01 -57.84
C GLY J 134 -29.20 48.77 -56.50
N ALA J 141 -23.41 47.38 -49.45
CA ALA J 141 -22.10 48.03 -49.50
C ALA J 141 -21.01 47.11 -48.95
N LEU J 142 -20.53 47.43 -47.75
CA LEU J 142 -19.54 46.59 -47.08
C LEU J 142 -20.10 45.22 -46.78
N ASP J 143 -21.36 45.16 -46.34
CA ASP J 143 -21.99 43.88 -46.02
C ASP J 143 -22.18 43.01 -47.25
N SER J 144 -22.13 43.59 -48.45
CA SER J 144 -22.16 42.78 -49.66
C SER J 144 -20.87 41.99 -49.81
N ALA J 145 -19.75 42.56 -49.40
CA ALA J 145 -18.45 41.90 -49.47
C ALA J 145 -18.10 41.12 -48.21
N MET J 146 -18.85 41.29 -47.13
CA MET J 146 -18.56 40.56 -45.90
C MET J 146 -18.64 39.05 -46.10
N SER J 147 -19.66 38.56 -46.80
CA SER J 147 -19.80 37.12 -46.96
C SER J 147 -18.76 36.56 -47.92
N LEU J 148 -18.41 37.33 -48.96
CA LEU J 148 -17.34 36.90 -49.86
C LEU J 148 -16.02 36.80 -49.12
N ILE J 149 -15.72 37.77 -48.25
CA ILE J 149 -14.51 37.71 -47.45
C ILE J 149 -14.55 36.50 -46.53
N GLN J 150 -15.70 36.22 -45.93
CA GLN J 150 -15.83 35.07 -45.03
C GLN J 150 -15.57 33.77 -45.78
N THR J 151 -16.16 33.61 -46.96
CA THR J 151 -15.97 32.38 -47.72
C THR J 151 -14.53 32.23 -48.19
N ALA J 152 -13.91 33.33 -48.63
CA ALA J 152 -12.52 33.25 -49.04
C ALA J 152 -11.61 32.91 -47.88
N ARG J 153 -11.93 33.41 -46.67
CA ARG J 153 -11.16 33.11 -45.49
C ARG J 153 -11.31 31.64 -45.09
N ASN J 154 -12.53 31.10 -45.21
CA ASN J 154 -12.70 29.66 -45.03
C ASN J 154 -11.86 28.89 -46.03
N LEU J 155 -11.84 29.34 -47.29
CA LEU J 155 -11.05 28.65 -48.31
C LEU J 155 -9.57 28.67 -47.96
N LEU J 156 -9.08 29.83 -47.52
CA LEU J 156 -7.66 29.93 -47.18
C LEU J 156 -7.30 29.05 -46.01
N THR J 157 -8.15 29.01 -44.98
CA THR J 157 -7.86 28.14 -43.84
C THR J 157 -7.77 26.68 -44.26
N ALA J 158 -8.52 26.27 -45.27
CA ALA J 158 -8.49 24.90 -45.77
C ALA J 158 -7.38 24.66 -46.78
N VAL J 159 -6.61 25.67 -47.13
CA VAL J 159 -5.46 25.50 -48.01
C VAL J 159 -4.18 25.29 -47.22
N VAL J 160 -3.94 26.09 -46.18
CA VAL J 160 -2.73 25.93 -45.38
C VAL J 160 -2.72 24.59 -44.67
N GLN J 161 -3.86 23.91 -44.56
CA GLN J 161 -3.90 22.53 -44.11
C GLN J 161 -3.82 21.54 -45.26
N THR J 162 -3.91 22.03 -46.51
CA THR J 162 -3.74 21.17 -47.67
C THR J 162 -2.29 21.12 -48.13
N VAL J 163 -1.56 22.23 -48.01
CA VAL J 163 -0.15 22.23 -48.36
C VAL J 163 0.63 21.39 -47.36
N LYS J 164 0.30 21.50 -46.07
CA LYS J 164 1.03 20.75 -45.05
C LYS J 164 0.76 19.26 -45.17
N ALA J 165 -0.51 18.88 -45.35
CA ALA J 165 -0.83 17.47 -45.49
C ALA J 165 -0.23 16.89 -46.75
N ALA J 166 -0.28 17.63 -47.85
CA ALA J 166 0.34 17.16 -49.09
C ALA J 166 1.85 17.02 -48.93
N TYR J 167 2.49 18.01 -48.30
CA TYR J 167 3.92 17.94 -48.09
C TYR J 167 4.30 16.73 -47.27
N ILE J 168 3.61 16.49 -46.16
CA ILE J 168 3.94 15.35 -45.31
C ILE J 168 3.67 14.03 -46.02
N ALA J 169 2.54 13.93 -46.72
CA ALA J 169 2.20 12.68 -47.39
C ALA J 169 3.20 12.36 -48.49
N SER J 170 3.65 13.37 -49.24
CA SER J 170 4.60 13.11 -50.31
C SER J 170 6.01 12.88 -49.79
N THR J 171 6.41 13.57 -48.72
CA THR J 171 7.80 13.54 -48.28
C THR J 171 8.04 12.48 -47.20
N LYS J 172 7.38 12.60 -46.06
CA LYS J 172 7.76 11.80 -44.90
C LYS J 172 7.46 10.32 -45.10
N PHE J 173 6.47 10.00 -45.92
CA PHE J 173 6.18 8.61 -46.25
C PHE J 173 6.98 8.17 -47.47
N ARG J 174 7.07 6.86 -47.64
CA ARG J 174 7.82 6.29 -48.76
C ARG J 174 6.88 5.82 -49.88
N TRP J 185 11.02 22.29 -51.27
CA TRP J 185 10.81 23.11 -50.08
C TRP J 185 10.99 22.33 -48.79
N ARG J 186 10.78 23.00 -47.66
CA ARG J 186 10.91 22.39 -46.35
C ARG J 186 10.10 23.22 -45.37
N MET J 187 9.81 22.62 -44.21
CA MET J 187 9.18 23.35 -43.11
C MET J 187 10.03 23.20 -41.86
N ALA J 188 10.31 24.33 -41.22
CA ALA J 188 11.17 24.35 -40.05
C ALA J 188 10.49 23.64 -38.89
N PRO J 189 11.25 23.04 -37.99
CA PRO J 189 10.64 22.41 -36.82
C PRO J 189 9.95 23.44 -35.96
N PRO J 190 8.91 23.06 -35.25
CA PRO J 190 8.11 24.03 -34.50
C PRO J 190 8.92 24.65 -33.36
N LYS J 191 8.52 25.86 -32.98
CA LYS J 191 9.21 26.60 -31.95
C LYS J 191 8.93 26.01 -30.57
N LYS J 192 9.86 26.25 -29.64
CA LYS J 192 9.73 25.71 -28.29
C LYS J 192 8.53 26.32 -27.58
N GLN J 193 7.74 25.48 -26.93
CA GLN J 193 6.62 25.97 -26.16
C GLN J 193 7.11 26.62 -24.87
N PRO J 194 6.49 27.72 -24.43
CA PRO J 194 6.93 28.37 -23.19
C PRO J 194 6.77 27.44 -22.00
N LEU J 195 7.75 27.51 -21.09
CA LEU J 195 7.66 26.74 -19.86
C LEU J 195 6.70 27.36 -18.86
N ILE J 196 6.63 28.68 -18.80
CA ILE J 196 5.70 29.39 -17.94
C ILE J 196 4.85 30.30 -18.82
N ARG J 197 3.53 30.18 -18.68
CA ARG J 197 2.61 31.00 -19.46
C ARG J 197 1.95 32.02 -18.55
N PRO J 198 2.23 33.31 -18.70
CA PRO J 198 1.69 34.37 -17.85
C PRO J 198 0.31 34.85 -18.30
N ILE K 14 -72.21 14.94 -8.19
CA ILE K 14 -72.44 16.21 -7.52
C ILE K 14 -73.02 15.98 -6.13
N GLN K 15 -73.89 14.97 -6.03
CA GLN K 15 -74.48 14.65 -4.74
C GLN K 15 -73.43 14.16 -3.75
N ALA K 16 -72.41 13.44 -4.23
CA ALA K 16 -71.40 12.88 -3.34
C ALA K 16 -70.59 13.98 -2.66
N GLN K 17 -70.34 15.09 -3.35
CA GLN K 17 -69.55 16.16 -2.75
C GLN K 17 -70.24 16.76 -1.53
N ILE K 18 -71.57 16.88 -1.59
CA ILE K 18 -72.32 17.31 -0.41
C ILE K 18 -72.41 16.17 0.60
N ASP K 19 -72.55 14.93 0.13
CA ASP K 19 -72.79 13.80 1.02
C ASP K 19 -71.62 13.54 1.96
N ILE K 20 -70.43 14.07 1.68
CA ILE K 20 -69.31 13.88 2.59
C ILE K 20 -69.32 14.89 3.72
N PHE K 21 -70.28 15.82 3.72
CA PHE K 21 -70.47 16.71 4.87
C PHE K 21 -71.15 15.94 5.99
N LYS K 22 -70.60 16.04 7.21
CA LYS K 22 -71.17 15.40 8.37
C LYS K 22 -71.30 16.42 9.50
N VAL K 23 -72.25 16.16 10.38
CA VAL K 23 -72.53 17.07 11.49
C VAL K 23 -72.05 16.48 12.80
N LYS K 34 -69.59 33.16 10.59
CA LYS K 34 -68.70 32.13 10.06
C LYS K 34 -69.39 30.78 10.01
N TRP K 35 -68.60 29.73 9.82
CA TRP K 35 -69.14 28.38 9.80
C TRP K 35 -69.60 27.99 11.20
N ASP K 36 -70.43 26.95 11.25
CA ASP K 36 -71.10 26.41 12.44
C ASP K 36 -72.14 27.38 13.00
N GLU K 37 -72.27 28.57 12.43
CA GLU K 37 -73.37 29.48 12.72
C GLU K 37 -74.30 29.63 11.53
N THR K 38 -73.75 29.84 10.34
CA THR K 38 -74.51 29.85 9.09
C THR K 38 -74.22 28.64 8.22
N GLY K 39 -73.44 27.67 8.72
CA GLY K 39 -73.13 26.51 7.92
C GLY K 39 -74.32 25.61 7.66
N ASN K 40 -75.16 25.42 8.68
CA ASN K 40 -76.32 24.54 8.54
C ASN K 40 -77.27 25.06 7.46
N ASP K 41 -77.50 26.37 7.43
CA ASP K 41 -78.37 26.95 6.41
C ASP K 41 -77.83 26.67 5.01
N ILE K 42 -76.53 26.85 4.81
CA ILE K 42 -75.94 26.66 3.49
C ILE K 42 -76.01 25.19 3.07
N ILE K 43 -75.69 24.27 3.98
CA ILE K 43 -75.74 22.86 3.61
C ILE K 43 -77.18 22.43 3.33
N SER K 44 -78.14 22.96 4.10
CA SER K 44 -79.54 22.65 3.83
C SER K 44 -79.97 23.16 2.47
N LEU K 45 -79.57 24.39 2.12
CA LEU K 45 -79.92 24.94 0.81
C LEU K 45 -79.32 24.10 -0.31
N ALA K 46 -78.05 23.71 -0.17
CA ALA K 46 -77.42 22.90 -1.20
C ALA K 46 -78.11 21.55 -1.34
N ASN K 47 -78.53 20.96 -0.21
CA ASN K 47 -79.23 19.67 -0.29
C ASN K 47 -80.57 19.82 -0.99
N ASN K 48 -81.30 20.91 -0.71
CA ASN K 48 -82.54 21.15 -1.44
C ASN K 48 -82.27 21.32 -2.93
N MET K 49 -81.19 22.02 -3.27
CA MET K 49 -80.82 22.18 -4.68
C MET K 49 -80.60 20.84 -5.34
N CYS K 50 -79.84 19.96 -4.69
CA CYS K 50 -79.57 18.64 -5.28
C CYS K 50 -80.84 17.82 -5.42
N LYS K 51 -81.74 17.91 -4.44
CA LYS K 51 -83.00 17.18 -4.54
C LYS K 51 -83.81 17.63 -5.73
N ILE K 52 -83.92 18.95 -5.92
CA ILE K 52 -84.64 19.47 -7.08
C ILE K 52 -83.91 19.12 -8.37
N MET K 53 -82.58 19.11 -8.31
CA MET K 53 -81.81 18.84 -9.51
C MET K 53 -82.08 17.44 -10.00
N MET K 54 -82.06 16.44 -9.11
CA MET K 54 -82.35 15.10 -9.58
C MET K 54 -83.83 14.91 -9.86
N SER K 55 -84.69 15.75 -9.28
CA SER K 55 -86.09 15.79 -9.73
C SER K 55 -86.14 16.09 -11.23
N MET K 56 -85.45 17.14 -11.65
CA MET K 56 -85.45 17.53 -13.06
C MET K 56 -84.69 16.50 -13.92
N THR K 57 -83.64 15.92 -13.38
CA THR K 57 -82.93 14.87 -14.09
C THR K 57 -83.82 13.64 -14.33
N GLU K 58 -84.59 13.25 -13.33
CA GLU K 58 -85.53 12.15 -13.48
C GLU K 58 -86.62 12.51 -14.46
N PHE K 59 -87.01 13.78 -14.51
CA PHE K 59 -87.90 14.24 -15.57
C PHE K 59 -87.28 14.02 -16.94
N THR K 60 -85.98 14.30 -17.07
CA THR K 60 -85.28 14.03 -18.32
C THR K 60 -85.31 12.55 -18.66
N ARG K 61 -85.05 11.69 -17.67
CA ARG K 61 -85.06 10.25 -17.92
C ARG K 61 -86.46 9.70 -18.13
N GLY K 62 -87.50 10.47 -17.82
CA GLY K 62 -88.85 10.05 -18.11
C GLY K 62 -89.75 9.88 -16.90
N CYS K 63 -89.23 9.31 -15.83
CA CYS K 63 -89.99 9.02 -14.63
C CYS K 63 -89.48 9.90 -13.48
N GLY K 64 -90.37 10.68 -12.89
CA GLY K 64 -90.00 11.57 -11.82
C GLY K 64 -91.19 12.19 -11.12
N PRO K 65 -90.93 12.90 -10.02
CA PRO K 65 -92.04 13.54 -9.29
C PRO K 65 -92.82 14.54 -10.13
N LEU K 66 -92.15 15.26 -11.02
CA LEU K 66 -92.76 16.31 -11.83
C LEU K 66 -92.74 15.90 -13.29
N LYS K 67 -93.87 16.05 -13.97
CA LYS K 67 -94.04 15.55 -15.32
C LYS K 67 -94.45 16.60 -16.34
N THR K 68 -94.88 17.77 -15.92
CA THR K 68 -95.26 18.83 -16.85
C THR K 68 -94.12 19.84 -16.98
N THR K 69 -93.96 20.39 -18.18
CA THR K 69 -92.95 21.43 -18.40
C THR K 69 -93.16 22.62 -17.48
N MET K 70 -94.43 22.94 -17.17
CA MET K 70 -94.71 23.97 -16.19
C MET K 70 -94.09 23.62 -14.84
N ASP K 71 -94.13 22.34 -14.47
CA ASP K 71 -93.50 21.93 -13.22
C ASP K 71 -91.99 22.14 -13.27
N VAL K 72 -91.37 21.87 -14.42
CA VAL K 72 -89.93 22.08 -14.54
C VAL K 72 -89.61 23.56 -14.42
N ILE K 73 -90.45 24.43 -14.98
CA ILE K 73 -90.21 25.86 -14.87
C ILE K 73 -90.34 26.30 -13.42
N ARG K 74 -91.33 25.78 -12.70
CA ARG K 74 -91.47 26.11 -11.28
C ARG K 74 -90.26 25.64 -10.48
N ALA K 75 -89.77 24.43 -10.78
CA ALA K 75 -88.59 23.92 -10.10
C ALA K 75 -87.37 24.78 -10.38
N ALA K 76 -87.22 25.23 -11.63
CA ALA K 76 -86.10 26.09 -11.98
C ALA K 76 -86.15 27.41 -11.22
N GLN K 77 -87.34 28.00 -11.11
CA GLN K 77 -87.47 29.22 -10.33
C GLN K 77 -87.14 28.99 -8.85
N GLU K 78 -87.55 27.82 -8.33
CA GLU K 78 -87.21 27.50 -6.94
C GLU K 78 -85.70 27.38 -6.75
N ILE K 79 -85.01 26.73 -7.69
CA ILE K 79 -83.56 26.62 -7.59
C ILE K 79 -82.92 27.99 -7.67
N SER K 80 -83.46 28.88 -8.49
CA SER K 80 -82.92 30.23 -8.57
C SER K 80 -83.06 30.96 -7.24
N LEU K 81 -84.22 30.82 -6.59
CA LEU K 81 -84.42 31.46 -5.29
C LEU K 81 -83.43 30.93 -4.26
N ASN K 82 -83.27 29.60 -4.21
CA ASN K 82 -82.29 29.02 -3.31
C ASN K 82 -80.88 29.51 -3.63
N GLY K 83 -80.59 29.71 -4.91
CA GLY K 83 -79.28 30.22 -5.29
C GLY K 83 -79.04 31.63 -4.77
N SER K 84 -80.06 32.49 -4.86
CA SER K 84 -79.92 33.83 -4.30
C SER K 84 -79.67 33.78 -2.80
N LYS K 85 -80.41 32.94 -2.08
CA LYS K 85 -80.22 32.85 -0.63
C LYS K 85 -78.82 32.36 -0.28
N LEU K 86 -78.37 31.29 -0.95
CA LEU K 86 -77.04 30.75 -0.68
C LEU K 86 -75.95 31.74 -1.06
N ASN K 87 -76.16 32.51 -2.14
CA ASN K 87 -75.22 33.54 -2.50
C ASN K 87 -75.08 34.58 -1.40
N ALA K 88 -76.20 35.01 -0.82
CA ALA K 88 -76.12 35.98 0.27
C ALA K 88 -75.37 35.41 1.47
N LEU K 89 -75.68 34.17 1.86
CA LEU K 89 -75.02 33.58 3.02
C LEU K 89 -73.52 33.42 2.79
N ALA K 90 -73.15 32.94 1.60
CA ALA K 90 -71.73 32.74 1.31
C ALA K 90 -70.99 34.06 1.19
N ARG K 91 -71.67 35.12 0.74
CA ARG K 91 -71.03 36.43 0.74
C ARG K 91 -70.76 36.90 2.16
N GLN K 92 -71.71 36.66 3.07
CA GLN K 92 -71.48 37.03 4.47
C GLN K 92 -70.26 36.30 5.02
N ILE K 93 -70.18 34.98 4.78
CA ILE K 93 -69.01 34.24 5.25
C ILE K 93 -67.74 34.75 4.60
N GLY K 94 -67.81 35.10 3.31
CA GLY K 94 -66.62 35.55 2.61
C GLY K 94 -66.06 36.84 3.15
N GLU K 95 -66.93 37.80 3.50
CA GLU K 95 -66.42 39.03 4.09
C GLU K 95 -66.05 38.86 5.56
N GLU K 96 -66.64 37.87 6.24
CA GLU K 96 -66.17 37.56 7.59
C GLU K 96 -64.73 37.04 7.58
N SER K 97 -64.37 36.25 6.57
CA SER K 97 -63.08 35.58 6.56
C SER K 97 -61.95 36.54 6.22
N ALA K 98 -60.73 36.01 6.22
CA ALA K 98 -59.52 36.78 6.00
C ALA K 98 -58.98 36.55 4.59
N ASP K 99 -58.09 37.44 4.16
CA ASP K 99 -57.54 37.36 2.82
C ASP K 99 -56.77 36.07 2.63
N SER K 100 -57.03 35.40 1.50
CA SER K 100 -56.40 34.13 1.16
C SER K 100 -56.78 33.80 -0.28
N GLN K 101 -56.27 32.67 -0.76
CA GLN K 101 -56.62 32.23 -2.11
C GLN K 101 -58.01 31.63 -2.17
N THR K 102 -58.40 30.92 -1.10
CA THR K 102 -59.73 30.32 -1.09
C THR K 102 -60.82 31.37 -1.04
N LYS K 103 -60.54 32.53 -0.44
CA LYS K 103 -61.50 33.62 -0.49
C LYS K 103 -61.71 34.11 -1.92
N LYS K 104 -60.64 34.21 -2.71
CA LYS K 104 -60.78 34.65 -4.09
C LYS K 104 -61.53 33.60 -4.92
N ASP K 105 -61.26 32.32 -4.68
CA ASP K 105 -62.05 31.29 -5.35
C ASP K 105 -63.52 31.40 -4.98
N LEU K 106 -63.81 31.65 -3.69
CA LEU K 106 -65.19 31.79 -3.25
C LEU K 106 -65.87 32.95 -3.94
N LEU K 107 -65.19 34.09 -4.06
CA LEU K 107 -65.80 35.25 -4.72
C LEU K 107 -66.05 34.97 -6.21
N ALA K 108 -65.13 34.28 -6.87
CA ALA K 108 -65.37 33.91 -8.26
C ALA K 108 -66.61 33.03 -8.40
N TYR K 109 -66.74 32.04 -7.52
CA TYR K 109 -67.90 31.16 -7.59
C TYR K 109 -69.18 31.92 -7.28
N LEU K 110 -69.12 32.93 -6.40
CA LEU K 110 -70.30 33.75 -6.14
C LEU K 110 -70.73 34.52 -7.38
N SER K 111 -69.77 35.07 -8.12
CA SER K 111 -70.12 35.75 -9.37
C SER K 111 -70.78 34.77 -10.35
N GLN K 112 -70.24 33.56 -10.45
CA GLN K 112 -70.86 32.57 -11.32
C GLN K 112 -72.29 32.25 -10.90
N ILE K 113 -72.52 32.12 -9.59
CA ILE K 113 -73.87 31.85 -9.10
C ILE K 113 -74.81 32.99 -9.45
N THR K 114 -74.34 34.23 -9.33
CA THR K 114 -75.17 35.37 -9.69
C THR K 114 -75.61 35.31 -11.15
N LEU K 115 -74.65 35.04 -12.05
CA LEU K 115 -74.98 34.95 -13.46
C LEU K 115 -76.01 33.85 -13.72
N TYR K 116 -75.78 32.68 -13.12
CA TYR K 116 -76.68 31.55 -13.36
C TYR K 116 -78.08 31.83 -12.82
N CYS K 117 -78.18 32.49 -11.67
CA CYS K 117 -79.50 32.81 -11.13
C CYS K 117 -80.25 33.78 -12.04
N GLN K 118 -79.56 34.79 -12.55
CA GLN K 118 -80.23 35.72 -13.47
C GLN K 118 -80.70 34.99 -14.73
N GLN K 119 -79.86 34.11 -15.27
CA GLN K 119 -80.27 33.33 -16.43
C GLN K 119 -81.49 32.48 -16.12
N LEU K 120 -81.50 31.83 -14.95
CA LEU K 120 -82.63 30.97 -14.61
C LEU K 120 -83.92 31.76 -14.52
N ASN K 121 -83.88 32.92 -13.86
CA ASN K 121 -85.08 33.76 -13.76
C ASN K 121 -85.62 34.11 -15.13
N ILE K 122 -84.80 34.79 -15.95
CA ILE K 122 -85.33 35.33 -17.19
C ILE K 122 -85.72 34.21 -18.15
N CYS K 123 -84.91 33.16 -18.25
CA CYS K 123 -85.24 32.06 -19.14
C CYS K 123 -86.48 31.31 -18.68
N SER K 124 -86.70 31.19 -17.37
CA SER K 124 -87.92 30.56 -16.90
C SER K 124 -89.14 31.36 -17.32
N LYS K 125 -89.07 32.69 -17.18
CA LYS K 125 -90.21 33.50 -17.61
C LYS K 125 -90.45 33.36 -19.10
N VAL K 126 -89.37 33.35 -19.89
CA VAL K 126 -89.51 33.23 -21.35
C VAL K 126 -90.13 31.89 -21.73
N LYS K 127 -89.66 30.80 -21.12
CA LYS K 127 -90.22 29.49 -21.44
C LYS K 127 -91.66 29.38 -20.98
N ALA K 128 -92.02 30.02 -19.87
CA ALA K 128 -93.41 30.02 -19.44
C ALA K 128 -94.30 30.70 -20.48
N ASP K 129 -93.88 31.86 -20.97
CA ASP K 129 -94.68 32.54 -22.00
C ASP K 129 -94.75 31.71 -23.29
N VAL K 130 -93.64 31.11 -23.70
CA VAL K 130 -93.63 30.29 -24.91
C VAL K 130 -94.59 29.12 -24.77
N THR K 131 -94.61 28.49 -23.60
CA THR K 131 -95.51 27.36 -23.39
C THR K 131 -96.97 27.80 -23.30
N GLN K 132 -97.22 28.99 -22.75
CA GLN K 132 -98.61 29.44 -22.62
C GLN K 132 -99.18 29.85 -23.98
N VAL K 133 -98.38 30.48 -24.84
CA VAL K 133 -98.90 30.87 -26.15
C VAL K 133 -99.22 29.68 -27.02
N GLY K 134 -98.74 28.49 -26.66
CA GLY K 134 -99.05 27.28 -27.41
C GLY K 134 -98.04 26.98 -28.51
N ALA K 141 -91.49 20.92 -26.12
CA ALA K 141 -91.83 19.90 -25.13
C ALA K 141 -90.65 19.64 -24.19
N LEU K 142 -90.00 18.50 -24.36
CA LEU K 142 -88.83 18.17 -23.56
C LEU K 142 -87.70 19.16 -23.83
N ASP K 143 -87.50 19.54 -25.10
CA ASP K 143 -86.45 20.47 -25.45
C ASP K 143 -86.70 21.86 -24.87
N SER K 144 -87.93 22.17 -24.46
CA SER K 144 -88.19 23.42 -23.76
C SER K 144 -87.55 23.41 -22.38
N ALA K 145 -87.54 22.25 -21.73
CA ALA K 145 -86.96 22.09 -20.41
C ALA K 145 -85.49 21.69 -20.43
N MET K 146 -84.97 21.30 -21.59
CA MET K 146 -83.57 20.91 -21.67
C MET K 146 -82.62 22.04 -21.26
N SER K 147 -82.89 23.26 -21.72
CA SER K 147 -81.98 24.36 -21.40
C SER K 147 -82.11 24.78 -19.95
N LEU K 148 -83.33 24.74 -19.39
CA LEU K 148 -83.50 25.03 -17.98
C LEU K 148 -82.76 24.01 -17.12
N ILE K 149 -82.83 22.74 -17.49
CA ILE K 149 -82.08 21.72 -16.76
C ILE K 149 -80.59 21.97 -16.87
N GLN K 150 -80.13 22.35 -18.06
CA GLN K 150 -78.70 22.63 -18.25
C GLN K 150 -78.24 23.79 -17.38
N THR K 151 -79.02 24.87 -17.35
CA THR K 151 -78.63 26.03 -16.54
C THR K 151 -78.67 25.71 -15.06
N ALA K 152 -79.68 24.96 -14.61
CA ALA K 152 -79.74 24.58 -13.20
C ALA K 152 -78.58 23.68 -12.83
N ARG K 153 -78.16 22.81 -13.75
CA ARG K 153 -77.02 21.92 -13.49
C ARG K 153 -75.72 22.71 -13.43
N ASN K 154 -75.56 23.72 -14.29
CA ASN K 154 -74.43 24.63 -14.15
C ASN K 154 -74.46 25.32 -12.79
N LEU K 155 -75.64 25.76 -12.35
CA LEU K 155 -75.76 26.42 -11.06
C LEU K 155 -75.34 25.49 -9.94
N LEU K 156 -75.82 24.25 -9.98
CA LEU K 156 -75.49 23.30 -8.92
C LEU K 156 -74.00 23.00 -8.89
N THR K 157 -73.36 22.83 -10.05
CA THR K 157 -71.92 22.58 -10.06
C THR K 157 -71.16 23.73 -9.42
N ALA K 158 -71.66 24.95 -9.54
CA ALA K 158 -71.00 26.12 -8.96
C ALA K 158 -71.39 26.34 -7.50
N VAL K 159 -72.25 25.51 -6.94
CA VAL K 159 -72.60 25.59 -5.52
C VAL K 159 -71.74 24.64 -4.69
N VAL K 160 -71.58 23.40 -5.14
CA VAL K 160 -70.77 22.45 -4.38
C VAL K 160 -69.32 22.89 -4.32
N GLN K 161 -68.90 23.81 -5.19
CA GLN K 161 -67.60 24.46 -5.05
C GLN K 161 -67.68 25.74 -4.25
N THR K 162 -68.89 26.20 -3.92
CA THR K 162 -69.05 27.36 -3.06
C THR K 162 -69.15 26.97 -1.60
N VAL K 163 -69.78 25.83 -1.30
CA VAL K 163 -69.83 25.35 0.08
C VAL K 163 -68.45 24.93 0.55
N LYS K 164 -67.68 24.26 -0.32
CA LYS K 164 -66.36 23.79 0.07
C LYS K 164 -65.41 24.97 0.27
N ALA K 165 -65.41 25.92 -0.66
CA ALA K 165 -64.54 27.07 -0.51
C ALA K 165 -64.91 27.90 0.70
N ALA K 166 -66.21 28.10 0.94
CA ALA K 166 -66.64 28.83 2.12
C ALA K 166 -66.25 28.11 3.39
N TYR K 167 -66.45 26.79 3.43
CA TYR K 167 -66.08 26.01 4.60
C TYR K 167 -64.59 26.14 4.90
N ILE K 168 -63.75 25.97 3.88
CA ILE K 168 -62.32 26.03 4.10
C ILE K 168 -61.90 27.44 4.51
N ALA K 169 -62.43 28.47 3.85
CA ALA K 169 -62.05 29.84 4.16
C ALA K 169 -62.44 30.21 5.58
N SER K 170 -63.62 29.77 6.03
CA SER K 170 -64.05 30.12 7.37
C SER K 170 -63.36 29.29 8.44
N THR K 171 -63.07 28.01 8.15
CA THR K 171 -62.57 27.10 9.17
C THR K 171 -61.04 27.03 9.21
N LYS K 172 -60.43 26.61 8.11
CA LYS K 172 -59.02 26.25 8.16
C LYS K 172 -58.13 27.48 8.36
N PHE K 173 -58.59 28.65 7.94
CA PHE K 173 -57.85 29.88 8.18
C PHE K 173 -58.27 30.50 9.50
N ARG K 174 -57.44 31.41 10.01
CA ARG K 174 -57.70 32.08 11.26
C ARG K 174 -58.25 33.49 11.05
N TRP K 185 -70.50 21.65 10.99
CA TRP K 185 -70.30 20.52 10.09
C TRP K 185 -68.82 20.18 9.90
N ARG K 186 -68.57 19.18 9.07
CA ARG K 186 -67.21 18.73 8.78
C ARG K 186 -67.23 18.01 7.44
N MET K 187 -66.06 17.85 6.85
CA MET K 187 -65.89 17.04 5.65
C MET K 187 -64.83 15.98 5.89
N ALA K 188 -65.17 14.74 5.58
CA ALA K 188 -64.27 13.62 5.81
C ALA K 188 -63.04 13.73 4.91
N PRO K 189 -61.90 13.21 5.35
CA PRO K 189 -60.73 13.23 4.49
C PRO K 189 -60.95 12.38 3.26
N PRO K 190 -60.33 12.72 2.15
CA PRO K 190 -60.61 12.02 0.89
C PRO K 190 -60.17 10.56 0.95
N LYS K 191 -60.83 9.75 0.12
CA LYS K 191 -60.56 8.33 0.08
C LYS K 191 -59.23 8.03 -0.59
N LYS K 192 -58.65 6.88 -0.23
CA LYS K 192 -57.36 6.50 -0.78
C LYS K 192 -57.46 6.26 -2.28
N GLN K 193 -56.50 6.80 -3.03
CA GLN K 193 -56.46 6.57 -4.46
C GLN K 193 -55.98 5.15 -4.75
N PRO K 194 -56.55 4.47 -5.75
CA PRO K 194 -56.11 3.11 -6.06
C PRO K 194 -54.65 3.07 -6.47
N LEU K 195 -53.95 2.03 -6.03
CA LEU K 195 -52.56 1.85 -6.43
C LEU K 195 -52.43 1.32 -7.85
N ILE K 196 -53.36 0.46 -8.28
CA ILE K 196 -53.40 -0.06 -9.63
C ILE K 196 -54.75 0.28 -10.24
N ARG K 197 -54.73 0.91 -11.41
CA ARG K 197 -55.97 1.29 -12.08
C ARG K 197 -56.15 0.41 -13.31
N PRO K 198 -57.16 -0.48 -13.32
CA PRO K 198 -57.39 -1.41 -14.44
C PRO K 198 -58.22 -0.79 -15.56
N ILE L 14 -30.46 -20.52 10.45
CA ILE L 14 -31.10 -19.62 11.41
C ILE L 14 -31.79 -20.44 12.50
N GLN L 15 -32.37 -21.57 12.11
CA GLN L 15 -33.03 -22.44 13.08
C GLN L 15 -32.03 -23.02 14.08
N ALA L 16 -30.80 -23.29 13.63
CA ALA L 16 -29.81 -23.91 14.50
C ALA L 16 -29.42 -22.99 15.64
N GLN L 17 -29.38 -21.68 15.39
CA GLN L 17 -28.99 -20.74 16.44
C GLN L 17 -29.98 -20.77 17.61
N ILE L 18 -31.27 -20.90 17.31
CA ILE L 18 -32.26 -21.06 18.36
C ILE L 18 -32.18 -22.47 18.94
N ASP L 19 -31.93 -23.48 18.09
CA ASP L 19 -31.99 -24.86 18.53
C ASP L 19 -30.93 -25.21 19.56
N ILE L 20 -29.89 -24.38 19.72
CA ILE L 20 -28.89 -24.64 20.76
C ILE L 20 -29.34 -24.11 22.12
N PHE L 21 -30.49 -23.45 22.19
CA PHE L 21 -31.06 -23.08 23.47
C PHE L 21 -31.66 -24.31 24.15
N LYS L 22 -31.33 -24.52 25.42
CA LYS L 22 -31.87 -25.63 26.19
C LYS L 22 -32.41 -25.12 27.51
N VAL L 23 -33.38 -25.85 28.05
CA VAL L 23 -34.04 -25.46 29.29
C VAL L 23 -33.60 -26.37 30.43
N LYS L 34 -35.33 -9.82 33.98
CA LYS L 34 -34.13 -10.40 33.38
C LYS L 34 -34.43 -11.76 32.77
N TRP L 35 -33.37 -12.49 32.43
CA TRP L 35 -33.53 -13.84 31.90
C TRP L 35 -34.06 -14.78 32.98
N ASP L 36 -34.59 -15.91 32.53
CA ASP L 36 -35.24 -16.95 33.33
C ASP L 36 -36.57 -16.47 33.91
N GLU L 37 -36.93 -15.20 33.71
CA GLU L 37 -38.26 -14.69 34.02
C GLU L 37 -39.02 -14.33 32.76
N THR L 38 -38.38 -13.62 31.83
CA THR L 38 -38.95 -13.33 30.53
C THR L 38 -38.23 -14.07 29.41
N GLY L 39 -37.31 -14.97 29.75
CA GLY L 39 -36.59 -15.70 28.72
C GLY L 39 -37.46 -16.67 27.95
N ASN L 40 -38.36 -17.36 28.66
CA ASN L 40 -39.20 -18.36 27.99
C ASN L 40 -40.10 -17.70 26.96
N ASP L 41 -40.66 -16.53 27.28
CA ASP L 41 -41.49 -15.83 26.32
C ASP L 41 -40.72 -15.50 25.05
N ILE L 42 -39.50 -14.99 25.20
CA ILE L 42 -38.71 -14.59 24.04
C ILE L 42 -38.33 -15.80 23.19
N ILE L 43 -37.90 -16.89 23.82
CA ILE L 43 -37.53 -18.07 23.05
C ILE L 43 -38.76 -18.65 22.34
N SER L 44 -39.92 -18.62 23.00
CA SER L 44 -41.14 -19.11 22.36
C SER L 44 -41.50 -18.24 21.15
N LEU L 45 -41.39 -16.92 21.30
CA LEU L 45 -41.69 -16.04 20.17
C LEU L 45 -40.74 -16.29 19.01
N ALA L 46 -39.45 -16.44 19.30
CA ALA L 46 -38.48 -16.70 18.23
C ALA L 46 -38.78 -18.03 17.54
N ASN L 47 -39.17 -19.05 18.31
CA ASN L 47 -39.49 -20.33 17.71
C ASN L 47 -40.71 -20.22 16.80
N ASN L 48 -41.74 -19.48 17.23
CA ASN L 48 -42.88 -19.24 16.36
C ASN L 48 -42.47 -18.53 15.09
N MET L 49 -41.57 -17.54 15.21
CA MET L 49 -41.07 -16.83 14.05
C MET L 49 -40.41 -17.79 13.07
N CYS L 50 -39.55 -18.67 13.57
CA CYS L 50 -38.87 -19.61 12.68
C CYS L 50 -39.85 -20.57 12.02
N LYS L 51 -40.87 -21.00 12.77
CA LYS L 51 -41.86 -21.90 12.19
C LYS L 51 -42.59 -21.22 11.03
N ILE L 52 -43.02 -19.98 11.23
CA ILE L 52 -43.68 -19.24 10.15
C ILE L 52 -42.71 -18.98 9.02
N MET L 53 -41.44 -18.73 9.36
CA MET L 53 -40.46 -18.41 8.34
C MET L 53 -40.30 -19.58 7.39
N MET L 54 -40.14 -20.79 7.92
CA MET L 54 -39.99 -21.92 7.01
C MET L 54 -41.32 -22.29 6.37
N SER L 55 -42.45 -21.91 6.99
CA SER L 55 -43.72 -21.98 6.27
C SER L 55 -43.65 -21.20 4.96
N MET L 56 -43.20 -19.95 5.04
CA MET L 56 -43.12 -19.11 3.85
C MET L 56 -42.01 -19.59 2.90
N THR L 57 -40.92 -20.12 3.46
CA THR L 57 -39.87 -20.69 2.63
C THR L 57 -40.37 -21.90 1.84
N GLU L 58 -41.14 -22.76 2.50
CA GLU L 58 -41.72 -23.91 1.81
C GLU L 58 -42.72 -23.45 0.77
N PHE L 59 -43.43 -22.35 1.03
CA PHE L 59 -44.25 -21.74 -0.01
C PHE L 59 -43.40 -21.35 -1.21
N THR L 60 -42.22 -20.78 -0.96
CA THR L 60 -41.31 -20.46 -2.05
C THR L 60 -40.90 -21.69 -2.82
N ARG L 61 -40.57 -22.77 -2.11
CA ARG L 61 -40.16 -24.01 -2.78
C ARG L 61 -41.33 -24.72 -3.45
N GLY L 62 -42.56 -24.34 -3.16
CA GLY L 62 -43.71 -24.89 -3.85
C GLY L 62 -44.69 -25.64 -2.97
N CYS L 63 -44.19 -26.44 -2.05
CA CYS L 63 -45.01 -27.27 -1.18
C CYS L 63 -44.90 -26.76 0.25
N GLY L 64 -46.05 -26.44 0.85
CA GLY L 64 -46.08 -25.92 2.20
C GLY L 64 -47.47 -25.83 2.77
N PRO L 65 -47.56 -25.50 4.07
CA PRO L 65 -48.89 -25.39 4.70
C PRO L 65 -49.78 -24.35 4.06
N LEU L 66 -49.20 -23.25 3.60
CA LEU L 66 -49.95 -22.13 3.03
C LEU L 66 -49.61 -22.00 1.56
N LYS L 67 -50.65 -21.83 0.73
CA LYS L 67 -50.50 -21.87 -0.71
C LYS L 67 -51.02 -20.64 -1.43
N THR L 68 -51.80 -19.79 -0.77
CA THR L 68 -52.30 -18.57 -1.39
C THR L 68 -51.46 -17.38 -0.96
N THR L 69 -51.30 -16.42 -1.88
CA THR L 69 -50.57 -15.20 -1.54
C THR L 69 -51.22 -14.46 -0.37
N MET L 70 -52.54 -14.54 -0.26
CA MET L 70 -53.22 -13.99 0.91
C MET L 70 -52.73 -14.65 2.19
N ASP L 71 -52.47 -15.96 2.13
CA ASP L 71 -51.93 -16.65 3.30
C ASP L 71 -50.54 -16.14 3.64
N VAL L 72 -49.72 -15.87 2.63
CA VAL L 72 -48.39 -15.33 2.89
C VAL L 72 -48.48 -13.95 3.52
N ILE L 73 -49.44 -13.13 3.08
CA ILE L 73 -49.61 -11.82 3.68
C ILE L 73 -50.05 -11.93 5.13
N ARG L 74 -50.95 -12.86 5.42
CA ARG L 74 -51.36 -13.08 6.81
C ARG L 74 -50.19 -13.55 7.66
N ALA L 75 -49.37 -14.45 7.13
CA ALA L 75 -48.20 -14.92 7.86
C ALA L 75 -47.22 -13.79 8.12
N ALA L 76 -47.02 -12.91 7.14
CA ALA L 76 -46.13 -11.77 7.33
C ALA L 76 -46.64 -10.84 8.42
N GLN L 77 -47.94 -10.58 8.44
CA GLN L 77 -48.50 -9.75 9.50
C GLN L 77 -48.32 -10.42 10.87
N GLU L 78 -48.47 -11.75 10.92
CA GLU L 78 -48.26 -12.46 12.17
C GLU L 78 -46.81 -12.33 12.65
N ILE L 79 -45.86 -12.47 11.73
CA ILE L 79 -44.45 -12.31 12.10
C ILE L 79 -44.19 -10.89 12.59
N SER L 80 -44.81 -9.90 11.97
CA SER L 80 -44.65 -8.53 12.43
C SER L 80 -45.17 -8.35 13.85
N LEU L 81 -46.32 -8.94 14.17
CA LEU L 81 -46.86 -8.84 15.52
C LEU L 81 -45.91 -9.49 16.53
N ASN L 82 -45.41 -10.69 16.20
CA ASN L 82 -44.46 -11.34 17.08
C ASN L 82 -43.19 -10.49 17.24
N GLY L 83 -42.78 -9.81 16.18
CA GLY L 83 -41.62 -8.94 16.27
C GLY L 83 -41.83 -7.79 17.22
N SER L 84 -43.02 -7.18 17.19
CA SER L 84 -43.30 -6.11 18.14
C SER L 84 -43.26 -6.63 19.57
N LYS L 85 -43.85 -7.80 19.81
CA LYS L 85 -43.86 -8.35 21.17
C LYS L 85 -42.43 -8.64 21.66
N LEU L 86 -41.63 -9.29 20.81
CA LEU L 86 -40.26 -9.62 21.19
C LEU L 86 -39.42 -8.35 21.37
N ASN L 87 -39.69 -7.32 20.56
CA ASN L 87 -38.99 -6.05 20.74
C ASN L 87 -39.29 -5.47 22.11
N ALA L 88 -40.54 -5.49 22.54
CA ALA L 88 -40.87 -4.97 23.86
C ALA L 88 -40.18 -5.76 24.96
N LEU L 89 -40.21 -7.09 24.87
CA LEU L 89 -39.58 -7.90 25.91
C LEU L 89 -38.07 -7.66 25.97
N ALA L 90 -37.42 -7.62 24.81
CA ALA L 90 -35.98 -7.41 24.79
C ALA L 90 -35.61 -6.01 25.24
N ARG L 91 -36.46 -5.02 25.00
CA ARG L 91 -36.21 -3.69 25.54
C ARG L 91 -36.26 -3.70 27.06
N GLN L 92 -37.23 -4.42 27.63
CA GLN L 92 -37.30 -4.53 29.08
C GLN L 92 -36.02 -5.15 29.64
N ILE L 93 -35.57 -6.25 29.04
CA ILE L 93 -34.32 -6.86 29.49
C ILE L 93 -33.15 -5.91 29.31
N GLY L 94 -33.13 -5.16 28.22
CA GLY L 94 -32.03 -4.26 27.96
C GLY L 94 -31.90 -3.15 28.97
N GLU L 95 -33.02 -2.58 29.41
CA GLU L 95 -32.94 -1.54 30.43
C GLU L 95 -32.75 -2.14 31.83
N GLU L 96 -33.14 -3.40 32.03
CA GLU L 96 -32.79 -4.06 33.29
C GLU L 96 -31.29 -4.23 33.43
N SER L 97 -30.60 -4.54 32.33
CA SER L 97 -29.19 -4.90 32.39
C SER L 97 -28.31 -3.67 32.62
N ALA L 98 -27.01 -3.92 32.73
CA ALA L 98 -26.02 -2.89 33.01
C ALA L 98 -25.26 -2.50 31.76
N ASP L 99 -24.58 -1.35 31.82
CA ASP L 99 -23.84 -0.84 30.68
C ASP L 99 -22.75 -1.81 30.26
N SER L 100 -22.67 -2.09 28.97
CA SER L 100 -21.68 -3.01 28.41
C SER L 100 -21.76 -2.88 26.89
N GLN L 101 -20.91 -3.64 26.20
CA GLN L 101 -20.94 -3.64 24.74
C GLN L 101 -22.10 -4.46 24.20
N THR L 102 -22.44 -5.56 24.88
CA THR L 102 -23.55 -6.39 24.43
C THR L 102 -24.87 -5.64 24.56
N LYS L 103 -24.99 -4.75 25.53
CA LYS L 103 -26.19 -3.92 25.61
C LYS L 103 -26.33 -3.02 24.38
N LYS L 104 -25.22 -2.44 23.92
CA LYS L 104 -25.28 -1.59 22.74
C LYS L 104 -25.60 -2.40 21.49
N ASP L 105 -25.04 -3.60 21.38
CA ASP L 105 -25.44 -4.48 20.28
C ASP L 105 -26.92 -4.79 20.33
N LEU L 106 -27.44 -5.08 21.53
CA LEU L 106 -28.86 -5.38 21.69
C LEU L 106 -29.72 -4.21 21.26
N LEU L 107 -29.35 -2.99 21.64
CA LEU L 107 -30.14 -1.83 21.24
C LEU L 107 -30.11 -1.62 19.73
N ALA L 108 -28.96 -1.83 19.11
CA ALA L 108 -28.89 -1.73 17.65
C ALA L 108 -29.83 -2.74 16.99
N TYR L 109 -29.82 -3.98 17.48
CA TYR L 109 -30.68 -4.99 16.88
C TYR L 109 -32.15 -4.67 17.14
N LEU L 110 -32.46 -4.03 18.26
CA LEU L 110 -33.85 -3.61 18.50
C LEU L 110 -34.28 -2.56 17.49
N SER L 111 -33.41 -1.61 17.16
CA SER L 111 -33.76 -0.62 16.14
C SER L 111 -34.00 -1.31 14.80
N GLN L 112 -33.16 -2.28 14.46
CA GLN L 112 -33.37 -3.01 13.20
C GLN L 112 -34.71 -3.73 13.19
N ILE L 113 -35.07 -4.35 14.31
CA ILE L 113 -36.35 -5.04 14.39
C ILE L 113 -37.51 -4.06 14.22
N THR L 114 -37.39 -2.87 14.80
CA THR L 114 -38.45 -1.87 14.64
C THR L 114 -38.64 -1.51 13.18
N LEU L 115 -37.53 -1.25 12.47
CA LEU L 115 -37.64 -0.91 11.06
C LEU L 115 -38.28 -2.03 10.26
N TYR L 116 -37.85 -3.27 10.51
CA TYR L 116 -38.38 -4.40 9.75
C TYR L 116 -39.86 -4.61 10.03
N CYS L 117 -40.29 -4.43 11.28
CA CYS L 117 -41.71 -4.59 11.59
C CYS L 117 -42.55 -3.54 10.87
N GLN L 118 -42.09 -2.29 10.85
CA GLN L 118 -42.84 -1.26 10.14
C GLN L 118 -42.94 -1.58 8.65
N GLN L 119 -41.83 -2.03 8.06
CA GLN L 119 -41.84 -2.42 6.66
C GLN L 119 -42.84 -3.56 6.43
N LEU L 120 -42.84 -4.56 7.30
CA LEU L 120 -43.74 -5.70 7.11
C LEU L 120 -45.19 -5.26 7.16
N ASN L 121 -45.55 -4.42 8.14
CA ASN L 121 -46.92 -3.93 8.22
C ASN L 121 -47.34 -3.24 6.94
N ILE L 122 -46.63 -2.17 6.57
CA ILE L 122 -47.10 -1.34 5.46
C ILE L 122 -47.05 -2.12 4.15
N CYS L 123 -45.99 -2.89 3.91
CA CYS L 123 -45.89 -3.64 2.68
C CYS L 123 -46.94 -4.75 2.61
N SER L 124 -47.30 -5.35 3.74
CA SER L 124 -48.37 -6.34 3.72
C SER L 124 -49.69 -5.71 3.32
N LYS L 125 -49.99 -4.53 3.86
CA LYS L 125 -51.22 -3.86 3.46
C LYS L 125 -51.21 -3.52 1.97
N VAL L 126 -50.07 -3.04 1.47
CA VAL L 126 -49.97 -2.66 0.06
C VAL L 126 -50.16 -3.88 -0.83
N LYS L 127 -49.51 -5.00 -0.51
CA LYS L 127 -49.65 -6.21 -1.31
C LYS L 127 -51.07 -6.75 -1.24
N ALA L 128 -51.73 -6.63 -0.09
CA ALA L 128 -53.12 -7.05 0.00
C ALA L 128 -54.00 -6.25 -0.94
N ASP L 129 -53.84 -4.93 -0.97
CA ASP L 129 -54.64 -4.12 -1.89
C ASP L 129 -54.32 -4.44 -3.34
N VAL L 130 -53.04 -4.62 -3.66
CA VAL L 130 -52.65 -4.94 -5.03
C VAL L 130 -53.27 -6.27 -5.47
N THR L 131 -53.29 -7.26 -4.58
CA THR L 131 -53.89 -8.54 -4.92
C THR L 131 -55.41 -8.46 -5.02
N GLN L 132 -56.04 -7.62 -4.20
CA GLN L 132 -57.49 -7.53 -4.25
C GLN L 132 -57.97 -6.80 -5.50
N VAL L 133 -57.24 -5.76 -5.94
CA VAL L 133 -57.67 -5.05 -7.15
C VAL L 133 -57.53 -5.91 -8.39
N GLY L 134 -56.81 -7.03 -8.32
CA GLY L 134 -56.69 -7.92 -9.45
C GLY L 134 -55.50 -7.62 -10.33
N ALA L 141 -47.98 -12.68 -8.54
CA ALA L 141 -48.18 -14.03 -8.00
C ALA L 141 -47.12 -14.36 -6.95
N LEU L 142 -46.16 -15.22 -7.34
CA LEU L 142 -45.06 -15.55 -6.43
C LEU L 142 -44.20 -14.33 -6.14
N ASP L 143 -43.96 -13.50 -7.15
CA ASP L 143 -43.14 -12.31 -6.95
C ASP L 143 -43.82 -11.28 -6.06
N SER L 144 -45.13 -11.40 -5.84
CA SER L 144 -45.80 -10.54 -4.88
C SER L 144 -45.38 -10.90 -3.46
N ALA L 145 -45.16 -12.19 -3.20
CA ALA L 145 -44.75 -12.68 -1.91
C ALA L 145 -43.24 -12.74 -1.73
N MET L 146 -42.47 -12.60 -2.80
CA MET L 146 -41.02 -12.65 -2.70
C MET L 146 -40.47 -11.55 -1.77
N SER L 147 -40.99 -10.33 -1.88
CA SER L 147 -40.44 -9.26 -1.05
C SER L 147 -40.89 -9.40 0.40
N LEU L 148 -42.10 -9.88 0.62
CA LEU L 148 -42.55 -10.14 1.99
C LEU L 148 -41.70 -11.22 2.64
N ILE L 149 -41.37 -12.28 1.90
CA ILE L 149 -40.50 -13.31 2.42
C ILE L 149 -39.12 -12.74 2.72
N GLN L 150 -38.60 -11.88 1.83
CA GLN L 150 -37.29 -11.27 2.06
C GLN L 150 -37.28 -10.43 3.32
N THR L 151 -38.31 -9.60 3.51
CA THR L 151 -38.35 -8.74 4.69
C THR L 151 -38.51 -9.56 5.96
N ALA L 152 -39.34 -10.61 5.93
CA ALA L 152 -39.48 -11.45 7.10
C ALA L 152 -38.19 -12.18 7.43
N ARG L 153 -37.44 -12.58 6.40
CA ARG L 153 -36.17 -13.24 6.62
C ARG L 153 -35.14 -12.28 7.20
N ASN L 154 -35.13 -11.02 6.74
CA ASN L 154 -34.31 -10.01 7.40
C ASN L 154 -34.70 -9.85 8.86
N LEU L 155 -36.01 -9.85 9.14
CA LEU L 155 -36.47 -9.71 10.52
C LEU L 155 -35.99 -10.87 11.37
N LEU L 156 -36.09 -12.08 10.85
CA LEU L 156 -35.69 -13.26 11.60
C LEU L 156 -34.19 -13.25 11.88
N THR L 157 -33.38 -12.87 10.88
CA THR L 157 -31.94 -12.81 11.11
C THR L 157 -31.58 -11.82 12.22
N ALA L 158 -32.37 -10.76 12.37
CA ALA L 158 -32.13 -9.77 13.40
C ALA L 158 -32.76 -10.14 14.74
N VAL L 159 -33.45 -11.27 14.82
CA VAL L 159 -33.99 -11.76 16.08
C VAL L 159 -33.05 -12.74 16.76
N VAL L 160 -32.50 -13.70 15.99
CA VAL L 160 -31.58 -14.67 16.58
C VAL L 160 -30.31 -13.99 17.09
N GLN L 161 -30.04 -12.77 16.66
CA GLN L 161 -28.99 -11.95 17.26
C GLN L 161 -29.51 -11.07 18.38
N THR L 162 -30.83 -11.01 18.57
CA THR L 162 -31.41 -10.28 19.68
C THR L 162 -31.60 -11.17 20.90
N VAL L 163 -31.93 -12.44 20.69
CA VAL L 163 -32.06 -13.36 21.81
C VAL L 163 -30.69 -13.64 22.42
N LYS L 164 -29.67 -13.80 21.58
CA LYS L 164 -28.34 -14.09 22.08
C LYS L 164 -27.76 -12.90 22.83
N ALA L 165 -27.89 -11.70 22.26
CA ALA L 165 -27.36 -10.52 22.93
C ALA L 165 -28.11 -10.25 24.23
N ALA L 166 -29.44 -10.42 24.23
CA ALA L 166 -30.21 -10.24 25.46
C ALA L 166 -29.82 -11.28 26.50
N TYR L 167 -29.66 -12.54 26.08
CA TYR L 167 -29.27 -13.58 27.02
C TYR L 167 -27.92 -13.28 27.65
N ILE L 168 -26.94 -12.90 26.84
CA ILE L 168 -25.61 -12.63 27.38
C ILE L 168 -25.64 -11.40 28.28
N ALA L 169 -26.32 -10.33 27.86
CA ALA L 169 -26.36 -9.11 28.65
C ALA L 169 -27.03 -9.34 30.00
N SER L 170 -28.10 -10.14 30.03
CA SER L 170 -28.79 -10.37 31.28
C SER L 170 -28.06 -11.37 32.16
N THR L 171 -27.41 -12.38 31.57
CA THR L 171 -26.84 -13.46 32.35
C THR L 171 -25.36 -13.23 32.70
N LYS L 172 -24.51 -13.12 31.68
CA LYS L 172 -23.08 -13.17 31.93
C LYS L 172 -22.58 -11.94 32.68
N PHE L 173 -23.26 -10.81 32.54
CA PHE L 173 -22.91 -9.63 33.30
C PHE L 173 -23.66 -9.61 34.63
N ARG L 174 -23.17 -8.78 35.55
CA ARG L 174 -23.78 -8.65 36.87
C ARG L 174 -24.63 -7.40 36.98
N TRP L 185 -33.22 -20.68 30.65
CA TRP L 185 -32.61 -21.37 29.53
C TRP L 185 -31.10 -21.32 29.57
N ARG L 186 -30.47 -21.89 28.54
CA ARG L 186 -29.02 -21.93 28.43
C ARG L 186 -28.66 -22.13 26.97
N MET L 187 -27.41 -21.83 26.63
CA MET L 187 -26.88 -22.12 25.30
C MET L 187 -25.62 -22.95 25.43
N ALA L 188 -25.58 -24.06 24.69
CA ALA L 188 -24.46 -24.98 24.77
C ALA L 188 -23.19 -24.33 24.23
N PRO L 189 -22.02 -24.72 24.72
CA PRO L 189 -20.79 -24.17 24.19
C PRO L 189 -20.62 -24.56 22.74
N PRO L 190 -19.95 -23.74 21.94
CA PRO L 190 -19.86 -24.01 20.50
C PRO L 190 -19.07 -25.26 20.20
N LYS L 191 -19.37 -25.85 19.05
CA LYS L 191 -18.74 -27.10 18.65
C LYS L 191 -17.30 -26.87 18.22
N LYS L 192 -16.49 -27.92 18.34
CA LYS L 192 -15.08 -27.82 17.98
C LYS L 192 -14.91 -27.53 16.49
N GLN L 193 -14.02 -26.60 16.17
CA GLN L 193 -13.74 -26.30 14.79
C GLN L 193 -12.86 -27.41 14.19
N PRO L 194 -13.09 -27.79 12.94
CA PRO L 194 -12.28 -28.84 12.32
C PRO L 194 -10.81 -28.43 12.25
N LEU L 195 -9.93 -29.40 12.49
CA LEU L 195 -8.50 -29.14 12.37
C LEU L 195 -8.05 -29.12 10.92
N ILE L 196 -8.65 -29.95 10.07
CA ILE L 196 -8.36 -29.96 8.63
C ILE L 196 -9.65 -29.70 7.89
N ARG L 197 -9.64 -28.71 7.00
CA ARG L 197 -10.82 -28.39 6.22
C ARG L 197 -10.61 -28.80 4.77
N PRO L 198 -11.33 -29.82 4.27
CA PRO L 198 -11.16 -30.32 2.90
C PRO L 198 -11.96 -29.54 1.88
PB ADP M . 42.34 -42.81 36.89
O1B ADP M . 41.60 -41.53 36.65
O2B ADP M . 43.48 -42.72 37.87
O3B ADP M . 41.46 -44.01 37.09
PA ADP M . 42.23 -43.58 34.24
O1A ADP M . 40.81 -43.18 34.50
O2A ADP M . 42.60 -45.00 33.90
O3A ADP M . 43.07 -43.09 35.49
O5' ADP M . 42.76 -42.63 33.07
C5' ADP M . 41.83 -42.04 32.18
C4' ADP M . 42.57 -40.99 31.38
O4' ADP M . 43.50 -41.65 30.54
C3' ADP M . 41.64 -40.22 30.49
O3' ADP M . 41.50 -38.89 31.01
C2' ADP M . 42.30 -40.17 29.14
O2' ADP M . 42.80 -38.86 28.89
C1' ADP M . 43.47 -41.14 29.21
N9 ADP M . 43.24 -42.28 28.30
C8 ADP M . 42.34 -43.24 28.50
N7 ADP M . 42.36 -44.15 27.50
C5 ADP M . 43.31 -43.77 26.64
C6 ADP M . 43.85 -44.28 25.37
N6 ADP M . 43.37 -45.42 24.81
N1 ADP M . 44.84 -43.59 24.79
C2 ADP M . 45.32 -42.46 25.34
N3 ADP M . 44.88 -41.94 26.48
C4 ADP M . 43.89 -42.54 27.17
MG MG N . 44.75 -44.75 38.02
PB ADP O . 40.52 -3.34 17.45
O1B ADP O . 39.34 -3.67 16.58
O2B ADP O . 41.27 -4.52 17.99
O3B ADP O . 41.40 -2.25 16.90
PA ADP O . 39.24 -1.21 18.67
O1A ADP O . 38.96 -0.94 17.23
O2A ADP O . 40.07 -0.27 19.50
O3A ADP O . 39.85 -2.68 18.76
O5' ADP O . 37.83 -1.39 19.39
C5' ADP O . 36.68 -0.80 18.80
C4' ADP O . 35.47 -1.36 19.52
O4' ADP O . 35.47 -0.88 20.86
C3' ADP O . 34.19 -0.88 18.88
O3' ADP O . 33.57 -1.98 18.21
C2' ADP O . 33.32 -0.42 20.03
O2' ADP O . 32.27 -1.38 20.23
C1' ADP O . 34.20 -0.41 21.26
N9 ADP O . 34.37 0.98 21.73
C8 ADP O . 35.08 1.92 21.11
N7 ADP O . 35.06 3.09 21.78
C5 ADP O . 34.31 2.90 22.88
C6 ADP O . 33.87 3.72 24.01
N6 ADP O . 34.24 5.02 24.13
N1 ADP O . 33.09 3.14 24.94
C2 ADP O . 32.73 1.86 24.84
N3 ADP O . 33.07 1.05 23.84
C4 ADP O . 33.86 1.51 22.84
MG MG P . 42.97 -3.86 19.60
PB ADP Q . -1.38 -16.50 14.02
O1B ADP Q . -1.88 -15.21 13.46
O2B ADP Q . -0.06 -16.41 14.75
O3B ADP Q . -2.42 -17.31 14.75
PA ADP Q . -2.22 -17.99 11.85
O1A ADP Q . -3.45 -17.17 12.15
O2A ADP Q . -2.23 -19.49 11.99
O3A ADP Q . -1.04 -17.38 12.72
O5' ADP Q . -1.79 -17.62 10.37
C5' ADP Q . -2.74 -17.10 9.47
C4' ADP Q . -2.00 -16.59 8.25
O4' ADP Q . -1.43 -17.69 7.57
C3' ADP Q . -2.94 -15.91 7.29
O3' ADP Q . -2.69 -14.50 7.31
C2' ADP Q . -2.58 -16.47 5.92
O2' ADP Q . -1.91 -15.47 5.17
C1' ADP Q . -1.65 -17.63 6.17
N9 ADP Q . -2.30 -18.89 5.76
C8 ADP Q . -3.31 -19.47 6.40
N7 ADP Q . -3.69 -20.61 5.79
C5 ADP Q . -2.90 -20.78 4.73
C6 ADP Q . -2.76 -21.79 3.66
N6 ADP Q . -3.58 -22.86 3.61
N1 ADP Q . -1.81 -21.59 2.74
C2 ADP Q . -1.00 -20.51 2.79
N3 ADP Q . -1.07 -19.56 3.73
C4 ADP Q . -1.98 -19.64 4.71
MG MG R . 0.73 -18.52 15.42
PB ADP S . 0.55 14.14 -17.56
O1B ADP S . -0.84 13.88 -18.08
O2B ADP S . 1.15 13.02 -16.75
O3B ADP S . 1.49 14.74 -18.57
PA ADP S . 0.03 16.80 -16.99
O1A ADP S . -0.52 16.67 -18.39
O2A ADP S . 1.19 17.70 -16.68
O3A ADP S . 0.33 15.32 -16.50
O5' ADP S . -1.21 17.22 -16.08
C5' ADP S . -2.31 17.88 -16.67
C4' ADP S . -3.42 17.92 -15.64
O4' ADP S . -3.02 18.76 -14.57
C3' ADP S . -4.69 18.49 -16.21
O3' ADP S . -5.65 17.45 -16.36
C2' ADP S . -5.17 19.49 -15.19
O2' ADP S . -6.32 18.96 -14.52
C1' ADP S . -4.06 19.65 -14.18
N9 ADP S . -3.51 21.02 -14.25
C8 ADP S . -2.78 21.50 -15.26
N7 ADP S . -2.42 22.79 -15.04
C5 ADP S . -2.94 23.14 -13.85
C6 ADP S . -2.93 24.36 -13.03
N6 ADP S . -2.30 25.48 -13.43
N1 ADP S . -3.59 24.32 -11.85
C2 ADP S . -4.22 23.21 -11.45
N3 ADP S . -4.27 22.07 -12.14
C4 ADP S . -3.65 21.98 -13.34
MG MG T . 3.27 13.78 -15.67
PB ADP U . -42.84 12.08 -10.31
O1B ADP U . -43.18 13.22 -11.22
O2B ADP U . -41.41 12.04 -9.86
O3B ADP U . -43.84 11.84 -9.22
PA ADP U . -44.43 10.28 -11.68
O1A ADP U . -45.36 11.45 -11.53
O2A ADP U . -44.70 8.95 -11.04
O3A ADP U . -42.98 10.80 -11.26
O5' ADP U . -44.26 10.05 -13.25
C5' ADP U . -45.26 10.50 -14.14
C4' ADP U . -44.72 10.41 -15.55
O4' ADP U . -44.54 9.03 -15.87
C3' ADP U . -45.68 10.98 -16.56
O3' ADP U . -45.16 12.20 -17.05
C2' ADP U . -45.76 9.96 -17.67
O2' ADP U . -45.06 10.47 -18.80
C1' ADP U . -45.04 8.73 -17.16
N9 ADP U . -46.01 7.61 -17.02
C8 ADP U . -46.96 7.55 -16.07
N7 ADP U . -47.68 6.41 -16.18
C5 ADP U . -47.19 5.73 -17.22
C6 ADP U . -47.50 4.45 -17.88
N6 ADP U . -48.50 3.66 -17.43
N1 ADP U . -46.74 4.10 -18.93
C2 ADP U . -45.75 4.88 -19.37
N3 ADP U . -45.41 6.06 -18.83
C4 ADP U . -46.08 6.53 -17.76
MG MG V . -41.17 10.05 -8.58
PB ADP W . -41.77 29.94 -50.56
O1B ADP W . -43.25 29.89 -50.76
O2B ADP W . -41.24 29.01 -49.50
O3B ADP W . -40.96 29.92 -51.84
PA ADP W . -41.60 32.67 -50.90
O1A ADP W . -42.44 32.27 -52.06
O2A ADP W . -40.24 33.28 -51.07
O3A ADP W . -41.50 31.39 -49.94
O5' ADP W . -42.49 33.67 -50.02
C5' ADP W . -43.54 34.39 -50.64
C4' ADP W . -44.37 35.02 -49.54
O4' ADP W . -43.58 36.01 -48.90
C3' ADP W . -45.59 35.71 -50.10
O3' ADP W . -46.75 34.96 -49.75
C2' ADP W . -45.63 37.07 -49.44
O2' ADP W . -46.69 37.08 -48.48
C1' ADP W . -44.31 37.21 -48.71
N9 ADP W . -43.52 38.31 -49.33
C8 ADP W . -42.95 38.25 -50.53
N7 ADP W . -42.30 39.40 -50.83
C5 ADP W . -42.46 40.22 -49.78
C6 ADP W . -42.03 41.58 -49.45
N6 ADP W . -41.28 42.32 -50.30
N1 ADP W . -42.41 42.08 -48.25
C2 ADP W . -43.15 41.36 -47.40
N3 ADP W . -43.57 40.11 -47.65
C4 ADP W . -43.26 39.50 -48.80
MG MG X . -39.01 29.22 -49.15
#